data_2N1E
#
_entry.id   2N1E
#
_entity_poly.entity_id   1
_entity_poly.type   'polypeptide(L)'
_entity_poly.pdbx_seq_one_letter_code
;VKVKVKVKV(DPR)PTKVKVKVKV(NH2)
;
_entity_poly.pdbx_strand_id   A,B,C,D,E,F,G,H
#
loop_
_chem_comp.id
_chem_comp.type
_chem_comp.name
_chem_comp.formula
NH2 non-polymer 'AMINO GROUP' 'H2 N'
#
# COMPACT_ATOMS: atom_id res chain seq x y z
N VAL A 1 -13.27 -1.05 -14.81
CA VAL A 1 -12.41 -0.81 -13.53
C VAL A 1 -13.33 -0.60 -12.27
N LYS A 2 -13.14 -1.33 -11.16
CA LYS A 2 -13.86 -1.24 -9.93
C LYS A 2 -12.91 -0.83 -8.80
N VAL A 3 -13.09 0.47 -8.35
CA VAL A 3 -12.27 1.07 -7.36
C VAL A 3 -13.07 1.32 -6.10
N LYS A 4 -12.73 0.66 -5.02
CA LYS A 4 -13.52 0.90 -3.76
C LYS A 4 -12.65 1.59 -2.79
N VAL A 5 -13.21 2.44 -1.86
CA VAL A 5 -12.49 3.03 -0.78
C VAL A 5 -13.37 3.04 0.45
N LYS A 6 -12.89 2.64 1.63
CA LYS A 6 -13.67 2.78 2.80
C LYS A 6 -12.69 3.18 3.91
N VAL A 7 -13.05 4.18 4.63
CA VAL A 7 -12.20 4.82 5.58
C VAL A 7 -13.03 5.09 6.89
N LYS A 8 -12.43 4.76 8.01
CA LYS A 8 -12.89 4.95 9.35
C LYS A 8 -11.83 5.80 10.06
N VAL A 9 -12.20 7.01 10.30
CA VAL A 9 -11.25 8.06 10.49
C VAL A 9 -11.82 9.08 11.49
N DPR A 10 -11.14 9.54 12.55
CA DPR A 10 -11.72 10.09 13.79
CB DPR A 10 -10.66 9.75 14.76
CG DPR A 10 -9.30 9.93 14.03
CD DPR A 10 -9.65 9.30 12.67
C DPR A 10 -13.09 9.63 14.20
O DPR A 10 -13.25 8.39 14.33
HA DPR A 10 -11.78 11.12 13.52
HB2 DPR A 10 -10.92 10.35 15.65
HB3 DPR A 10 -10.67 8.67 15.06
HG2 DPR A 10 -9.14 11.03 13.98
HG3 DPR A 10 -8.44 9.52 14.61
HD2 DPR A 10 -9.01 9.74 11.88
HD3 DPR A 10 -9.38 8.24 12.86
N PRO A 11 -14.07 10.48 14.36
CA PRO A 11 -15.42 10.12 14.65
C PRO A 11 -16.16 10.27 13.35
N THR A 12 -15.79 9.57 12.28
CA THR A 12 -16.56 9.48 11.03
C THR A 12 -16.15 8.28 10.24
N LYS A 13 -17.07 7.91 9.33
CA LYS A 13 -16.79 6.86 8.27
C LYS A 13 -17.44 7.22 6.90
N VAL A 14 -16.62 7.07 5.88
CA VAL A 14 -16.84 7.67 4.58
C VAL A 14 -16.51 6.48 3.72
N LYS A 15 -17.52 6.06 2.87
CA LYS A 15 -17.28 5.12 1.83
C LYS A 15 -17.50 5.74 0.45
N VAL A 16 -16.90 5.14 -0.56
CA VAL A 16 -17.01 5.68 -1.92
C VAL A 16 -16.58 4.61 -2.90
N LYS A 17 -17.13 4.76 -4.21
CA LYS A 17 -16.59 4.03 -5.37
C LYS A 17 -16.18 4.97 -6.52
N VAL A 18 -15.34 4.38 -7.37
CA VAL A 18 -15.15 4.89 -8.69
C VAL A 18 -15.39 3.69 -9.58
N LYS A 19 -16.29 3.77 -10.52
CA LYS A 19 -16.47 2.71 -11.51
C LYS A 19 -16.18 3.36 -12.86
N VAL A 20 -15.09 2.86 -13.49
CA VAL A 20 -14.66 3.37 -14.77
C VAL A 20 -14.93 2.36 -15.83
N NH2 A 21 -15.55 2.66 -17.01
HN1 NH2 A 21 -15.59 1.96 -17.72
HN2 NH2 A 21 -15.83 3.59 -17.18
N VAL B 1 -5.76 -9.19 -12.75
CA VAL B 1 -4.95 -8.94 -11.49
C VAL B 1 -5.76 -8.21 -10.45
N LYS B 2 -5.97 -8.65 -9.15
CA LYS B 2 -6.83 -7.96 -8.21
C LYS B 2 -5.99 -7.52 -6.93
N VAL B 3 -6.20 -6.31 -6.38
CA VAL B 3 -5.36 -5.66 -5.37
C VAL B 3 -6.15 -5.17 -4.18
N LYS B 4 -5.73 -5.51 -2.96
CA LYS B 4 -6.30 -4.91 -1.77
C LYS B 4 -5.13 -4.15 -1.06
N VAL B 5 -5.43 -2.92 -0.61
CA VAL B 5 -4.49 -2.11 0.17
C VAL B 5 -5.06 -1.57 1.45
N LYS B 6 -4.41 -1.72 2.59
CA LYS B 6 -4.88 -1.33 3.87
C LYS B 6 -3.78 -0.62 4.55
N VAL B 7 -4.05 0.63 5.05
CA VAL B 7 -3.10 1.47 5.85
C VAL B 7 -3.89 1.80 7.17
N LYS B 8 -3.22 1.64 8.35
CA LYS B 8 -3.77 1.93 9.64
C LYS B 8 -2.64 2.77 10.29
N VAL B 9 -2.92 4.00 10.70
CA VAL B 9 -2.10 4.89 11.50
C VAL B 9 -2.86 5.22 12.78
N DPR B 10 -2.58 4.81 13.98
CA DPR B 10 -3.57 4.80 15.09
CB DPR B 10 -3.06 3.71 16.03
CG DPR B 10 -1.60 3.61 15.83
CD DPR B 10 -1.44 3.98 14.37
C DPR B 10 -4.99 4.65 14.67
O DPR B 10 -5.25 3.70 13.92
HA DPR B 10 -3.42 5.76 15.57
HB2 DPR B 10 -3.45 3.83 17.06
HB3 DPR B 10 -3.36 2.71 15.68
HG2 DPR B 10 -1.03 4.23 16.56
HG3 DPR B 10 -1.30 2.54 15.85
HD2 DPR B 10 -0.56 4.65 14.31
HD3 DPR B 10 -1.21 3.14 13.71
N PRO B 11 -6.02 5.48 15.07
CA PRO B 11 -7.41 5.27 14.60
C PRO B 11 -7.74 5.40 13.11
N THR B 12 -6.99 6.23 12.39
CA THR B 12 -7.14 6.38 10.94
C THR B 12 -6.93 5.10 10.20
N LYS B 13 -7.96 4.42 9.74
CA LYS B 13 -7.72 3.27 8.85
C LYS B 13 -8.62 3.37 7.56
N VAL B 14 -7.91 3.14 6.42
CA VAL B 14 -8.39 3.20 5.04
C VAL B 14 -8.13 1.79 4.44
N LYS B 15 -9.16 1.22 3.76
CA LYS B 15 -8.98 0.10 2.91
C LYS B 15 -9.44 0.52 1.50
N VAL B 16 -8.61 0.16 0.53
CA VAL B 16 -8.68 0.49 -0.88
C VAL B 16 -8.60 -0.73 -1.70
N LYS B 17 -9.43 -0.85 -2.77
CA LYS B 17 -9.48 -2.08 -3.51
C LYS B 17 -9.36 -1.61 -4.94
N VAL B 18 -8.65 -2.35 -5.77
CA VAL B 18 -8.46 -1.96 -7.15
C VAL B 18 -8.63 -3.27 -7.99
N LYS B 19 -9.72 -3.34 -8.83
CA LYS B 19 -9.94 -4.34 -9.86
C LYS B 19 -10.14 -3.73 -11.21
N VAL B 20 -9.39 -4.12 -12.24
CA VAL B 20 -9.43 -3.71 -13.57
C VAL B 20 -10.58 -4.46 -14.38
N NH2 B 21 -10.71 -5.81 -14.37
HN1 NH2 B 21 -11.33 -6.13 -15.09
HN2 NH2 B 21 -10.06 -6.36 -13.85
N VAL C 1 -0.59 -17.31 -8.68
CA VAL C 1 0.29 -16.63 -7.66
C VAL C 1 -0.36 -15.55 -6.87
N LYS C 2 -0.07 -15.55 -5.53
CA LYS C 2 -0.65 -14.55 -4.62
C LYS C 2 0.53 -13.93 -3.89
N VAL C 3 0.64 -12.57 -3.71
CA VAL C 3 1.65 -11.95 -2.95
C VAL C 3 1.02 -11.17 -1.81
N LYS C 4 1.60 -11.32 -0.63
CA LYS C 4 1.19 -10.63 0.57
C LYS C 4 2.44 -9.93 1.15
N VAL C 5 2.28 -8.66 1.33
CA VAL C 5 3.38 -7.81 1.83
C VAL C 5 2.87 -7.15 3.12
N LYS C 6 3.58 -7.34 4.26
CA LYS C 6 3.13 -6.77 5.51
C LYS C 6 4.22 -5.98 6.21
N VAL C 7 3.96 -4.73 6.55
CA VAL C 7 4.87 -3.85 7.25
C VAL C 7 4.36 -2.92 8.37
N LYS C 8 5.08 -2.81 9.44
CA LYS C 8 4.87 -1.80 10.48
C LYS C 8 6.12 -1.23 10.81
N VAL C 9 6.12 0.15 10.89
CA VAL C 9 7.27 1.00 11.08
C VAL C 9 6.72 2.20 11.86
N DPR C 10 7.34 2.91 12.81
CA DPR C 10 6.68 3.89 13.78
CB DPR C 10 7.66 3.74 15.01
CG DPR C 10 8.96 3.69 14.29
CD DPR C 10 8.75 2.63 13.15
C DPR C 10 5.19 3.74 14.14
O DPR C 10 4.74 2.66 14.40
HA DPR C 10 6.87 4.82 13.26
HB2 DPR C 10 7.45 4.63 15.62
HB3 DPR C 10 7.49 2.79 15.56
HG2 DPR C 10 9.10 4.68 13.80
HG3 DPR C 10 9.85 3.40 14.89
HD2 DPR C 10 9.36 2.73 12.23
HD3 DPR C 10 8.84 1.57 13.47
N PRO C 11 4.35 4.77 14.00
CA PRO C 11 2.89 4.56 14.22
C PRO C 11 2.24 4.48 12.84
N THR C 12 2.63 3.44 12.04
CA THR C 12 1.99 3.09 10.86
C THR C 12 2.00 1.59 10.65
N LYS C 13 0.87 1.08 10.12
CA LYS C 13 0.73 -0.24 9.59
C LYS C 13 0.29 -0.11 8.18
N VAL C 14 0.99 -0.73 7.24
CA VAL C 14 0.58 -0.91 5.82
C VAL C 14 0.57 -2.38 5.35
N LYS C 15 -0.54 -2.80 4.76
CA LYS C 15 -0.68 -4.17 4.26
C LYS C 15 -1.14 -4.09 2.85
N VAL C 16 -0.45 -4.81 1.90
CA VAL C 16 -0.83 -4.93 0.51
C VAL C 16 -0.97 -6.36 0.13
N LYS C 17 -2.07 -6.71 -0.55
CA LYS C 17 -2.25 -7.98 -1.04
C LYS C 17 -2.56 -7.90 -2.52
N VAL C 18 -1.88 -8.68 -3.35
CA VAL C 18 -2.08 -8.60 -4.76
C VAL C 18 -2.12 -10.07 -5.25
N LYS C 19 -3.24 -10.47 -5.93
CA LYS C 19 -3.39 -11.78 -6.62
C LYS C 19 -3.19 -11.55 -8.14
N VAL C 20 -2.22 -12.29 -8.76
CA VAL C 20 -1.91 -12.11 -10.13
C VAL C 20 -2.94 -12.76 -11.09
N NH2 C 21 -2.71 -14.04 -11.17
HN1 NH2 C 21 -3.41 -14.57 -11.66
HN2 NH2 C 21 -1.91 -14.49 -10.77
N VAL D 1 4.49 -24.28 -3.53
CA VAL D 1 5.79 -23.65 -3.19
C VAL D 1 5.49 -22.37 -2.51
N LYS D 2 5.96 -22.11 -1.27
CA LYS D 2 5.55 -20.92 -0.49
C LYS D 2 6.91 -20.20 -0.18
N VAL D 3 7.14 -18.93 -0.46
CA VAL D 3 8.42 -18.22 -0.26
C VAL D 3 8.37 -16.96 0.52
N LYS D 4 9.07 -16.97 1.63
CA LYS D 4 9.03 -15.92 2.66
C LYS D 4 10.29 -15.13 2.89
N VAL D 5 10.14 -13.82 2.89
CA VAL D 5 11.18 -12.87 3.20
C VAL D 5 10.71 -12.18 4.46
N LYS D 6 11.46 -12.26 5.54
CA LYS D 6 11.18 -11.44 6.70
C LYS D 6 12.45 -10.99 7.41
N VAL D 7 12.44 -9.72 7.93
CA VAL D 7 13.34 -9.13 8.94
C VAL D 7 12.59 -8.17 9.85
N LYS D 8 12.90 -8.35 11.15
CA LYS D 8 12.19 -7.56 12.13
C LYS D 8 13.12 -7.09 13.21
N VAL D 9 13.38 -5.83 13.24
CA VAL D 9 14.27 -5.19 14.20
C VAL D 9 13.43 -4.12 15.01
N DPR D 10 13.03 -4.43 16.28
CA DPR D 10 12.11 -3.61 17.09
CB DPR D 10 11.32 -4.71 17.81
CG DPR D 10 12.40 -5.65 18.26
CD DPR D 10 13.31 -5.71 16.95
C DPR D 10 11.25 -2.58 16.35
O DPR D 10 10.26 -3.12 15.97
HA DPR D 10 12.78 -3.03 17.70
HB2 DPR D 10 10.70 -4.40 18.67
HB3 DPR D 10 10.54 -5.21 17.19
HG2 DPR D 10 13.06 -5.16 19.00
HG3 DPR D 10 12.17 -6.70 18.53
HD2 DPR D 10 14.37 -5.79 17.28
HD3 DPR D 10 13.00 -6.54 16.28
N PRO D 11 11.46 -1.30 16.21
CA PRO D 11 10.65 -0.48 15.46
C PRO D 11 10.33 -0.98 14.01
N THR D 12 11.24 -1.60 13.21
CA THR D 12 11.07 -1.90 11.82
C THR D 12 10.69 -3.36 11.64
N LYS D 13 9.43 -3.69 11.20
CA LYS D 13 8.92 -5.05 11.11
C LYS D 13 8.40 -5.43 9.78
N VAL D 14 9.19 -6.07 8.92
CA VAL D 14 8.88 -6.28 7.51
C VAL D 14 8.64 -7.74 7.25
N LYS D 15 7.46 -8.18 6.79
CA LYS D 15 7.32 -9.52 6.27
C LYS D 15 6.57 -9.68 4.95
N VAL D 16 7.27 -10.27 4.00
CA VAL D 16 6.81 -10.43 2.66
C VAL D 16 6.65 -11.94 2.35
N LYS D 17 5.52 -12.37 1.77
CA LYS D 17 5.37 -13.81 1.47
C LYS D 17 4.68 -14.02 0.07
N VAL D 18 5.12 -15.03 -0.67
CA VAL D 18 4.57 -15.32 -1.91
C VAL D 18 4.16 -16.82 -2.06
N LYS D 19 2.91 -17.18 -2.43
CA LYS D 19 2.52 -18.55 -2.69
C LYS D 19 2.71 -18.69 -4.18
N VAL D 20 3.19 -19.91 -4.58
CA VAL D 20 3.14 -20.36 -6.01
C VAL D 20 2.63 -21.83 -5.95
N NH2 D 21 1.70 -22.25 -6.84
HN1 NH2 D 21 1.50 -23.23 -6.82
HN2 NH2 D 21 1.30 -21.66 -7.53
N VAL E 1 -6.78 16.18 9.87
CA VAL E 1 -6.68 14.80 9.47
C VAL E 1 -7.08 14.68 7.97
N LYS E 2 -6.24 14.48 7.00
CA LYS E 2 -6.72 14.21 5.68
C LYS E 2 -6.54 12.86 5.02
N VAL E 3 -7.43 12.36 4.20
CA VAL E 3 -7.13 11.19 3.38
C VAL E 3 -7.56 11.52 2.01
N LYS E 4 -6.72 11.31 1.01
CA LYS E 4 -6.90 11.69 -0.39
C LYS E 4 -6.52 10.49 -1.27
N VAL E 5 -7.44 10.16 -2.25
CA VAL E 5 -7.32 9.15 -3.22
C VAL E 5 -7.51 9.78 -4.57
N LYS E 6 -6.57 9.44 -5.48
CA LYS E 6 -6.63 9.91 -6.89
C LYS E 6 -6.33 8.77 -7.97
N VAL E 7 -7.27 8.48 -8.86
CA VAL E 7 -7.21 7.41 -9.80
C VAL E 7 -7.18 7.96 -11.19
N LYS E 8 -6.34 7.32 -12.07
CA LYS E 8 -6.16 7.69 -13.42
C LYS E 8 -6.30 6.46 -14.26
N VAL E 9 -7.28 6.47 -15.17
CA VAL E 9 -7.45 5.52 -16.26
C VAL E 9 -7.42 6.21 -17.58
N DPR E 10 -6.35 6.16 -18.40
CA DPR E 10 -6.19 6.88 -19.67
CB DPR E 10 -4.64 6.86 -19.97
CG DPR E 10 -4.22 5.54 -19.38
CD DPR E 10 -5.11 5.38 -18.15
C DPR E 10 -6.88 8.22 -19.86
O DPR E 10 -6.48 9.14 -19.18
HA DPR E 10 -6.74 6.24 -20.35
HB2 DPR E 10 -4.37 7.01 -21.03
HB3 DPR E 10 -4.09 7.68 -19.46
HG2 DPR E 10 -4.41 4.64 -20.01
HG3 DPR E 10 -3.13 5.37 -19.25
HD2 DPR E 10 -5.37 4.30 -18.03
HD3 DPR E 10 -4.59 5.69 -17.21
N PRO E 11 -7.95 8.39 -20.71
CA PRO E 11 -8.62 9.75 -20.82
C PRO E 11 -9.41 10.22 -19.52
N THR E 12 -9.32 9.48 -18.40
CA THR E 12 -10.11 9.64 -17.16
C THR E 12 -9.24 9.88 -15.95
N LYS E 13 -9.40 11.05 -15.30
CA LYS E 13 -8.72 11.43 -14.11
C LYS E 13 -9.72 11.83 -13.01
N VAL E 14 -9.94 11.00 -11.97
CA VAL E 14 -10.87 11.36 -10.92
C VAL E 14 -10.12 11.43 -9.58
N LYS E 15 -10.55 12.38 -8.72
CA LYS E 15 -10.01 12.44 -7.30
C LYS E 15 -11.15 12.48 -6.23
N VAL E 16 -10.93 11.92 -4.97
CA VAL E 16 -11.87 11.96 -3.84
C VAL E 16 -11.00 12.53 -2.72
N LYS E 17 -11.46 13.59 -1.95
CA LYS E 17 -10.80 14.12 -0.82
C LYS E 17 -11.58 13.97 0.51
N VAL E 18 -11.07 13.43 1.67
CA VAL E 18 -11.93 13.03 2.81
C VAL E 18 -11.20 13.56 4.05
N LYS E 19 -11.88 14.38 4.81
CA LYS E 19 -11.19 14.95 6.01
C LYS E 19 -12.16 14.92 7.19
N VAL E 20 -11.64 15.14 8.32
CA VAL E 20 -12.37 15.16 9.65
C VAL E 20 -12.80 16.59 9.85
N NH2 E 21 -14.10 16.95 9.80
HN1 NH2 E 21 -14.20 17.93 9.97
HN2 NH2 E 21 -14.83 16.33 9.53
N VAL F 1 2.32 12.26 10.91
CA VAL F 1 2.57 10.96 10.11
C VAL F 1 2.09 11.23 8.72
N LYS F 2 2.91 10.96 7.70
CA LYS F 2 2.43 11.10 6.26
C LYS F 2 2.59 9.78 5.60
N VAL F 3 1.63 9.12 4.98
CA VAL F 3 1.71 7.84 4.34
C VAL F 3 1.35 8.09 2.89
N LYS F 4 2.15 7.59 1.95
CA LYS F 4 1.75 7.53 0.61
C LYS F 4 1.86 6.08 0.26
N VAL F 5 0.79 5.49 -0.19
CA VAL F 5 0.72 4.14 -0.90
C VAL F 5 0.34 4.30 -2.29
N LYS F 6 1.19 3.78 -3.23
CA LYS F 6 0.95 4.12 -4.65
C LYS F 6 1.01 2.94 -5.53
N VAL F 7 -0.01 2.75 -6.42
CA VAL F 7 -0.17 1.48 -7.06
C VAL F 7 -0.60 1.62 -8.54
N LYS F 8 0.04 0.86 -9.43
CA LYS F 8 -0.47 0.74 -10.84
C LYS F 8 -0.87 -0.71 -11.12
N VAL F 9 -2.06 -0.82 -11.68
CA VAL F 9 -2.71 -2.11 -11.86
C VAL F 9 -3.33 -2.04 -13.20
N DPR F 10 -3.01 -2.92 -14.12
CA DPR F 10 -3.33 -2.74 -15.60
CB DPR F 10 -2.19 -3.54 -16.24
CG DPR F 10 -2.02 -4.76 -15.26
CD DPR F 10 -2.31 -4.16 -13.90
C DPR F 10 -3.49 -1.25 -16.12
O DPR F 10 -2.44 -0.61 -16.12
HA DPR F 10 -4.33 -3.14 -15.68
HB2 DPR F 10 -2.47 -3.93 -17.24
HB3 DPR F 10 -1.19 -3.03 -16.23
HG2 DPR F 10 -2.66 -5.64 -15.47
HG3 DPR F 10 -0.97 -5.13 -15.28
HD2 DPR F 10 -2.89 -4.77 -13.18
HD3 DPR F 10 -1.35 -3.94 -13.40
N PRO F 11 -4.55 -0.61 -16.70
CA PRO F 11 -4.45 0.76 -17.26
C PRO F 11 -4.47 1.82 -16.05
N THR F 12 -4.78 1.35 -14.86
CA THR F 12 -5.18 2.06 -13.69
C THR F 12 -3.96 2.45 -12.96
N LYS F 13 -3.91 3.75 -12.64
CA LYS F 13 -2.91 4.18 -11.73
C LYS F 13 -3.61 4.86 -10.55
N VAL F 14 -3.16 4.56 -9.31
CA VAL F 14 -3.82 5.05 -8.12
C VAL F 14 -2.89 5.67 -7.08
N LYS F 15 -3.08 6.91 -6.67
CA LYS F 15 -2.33 7.53 -5.59
C LYS F 15 -3.24 7.51 -4.36
N VAL F 16 -2.83 7.00 -3.16
CA VAL F 16 -3.56 7.07 -1.91
C VAL F 16 -2.63 7.84 -1.01
N LYS F 17 -3.05 8.96 -0.32
CA LYS F 17 -2.33 9.81 0.61
C LYS F 17 -3.17 9.87 1.90
N VAL F 18 -2.54 9.53 3.02
CA VAL F 18 -3.03 9.67 4.39
C VAL F 18 -2.08 10.57 5.12
N LYS F 19 -2.58 11.64 5.75
CA LYS F 19 -1.94 12.67 6.51
C LYS F 19 -2.53 12.97 7.88
N VAL F 20 -1.92 12.52 8.94
CA VAL F 20 -2.44 12.48 10.31
C VAL F 20 -1.45 13.36 11.13
N NH2 F 21 -1.94 14.52 11.56
HN1 NH2 F 21 -1.56 14.94 12.38
HN2 NH2 F 21 -2.63 15.00 11.03
N VAL G 1 12.42 9.88 10.57
CA VAL G 1 12.75 8.71 9.74
C VAL G 1 11.95 8.76 8.53
N LYS G 2 12.49 8.39 7.34
CA LYS G 2 11.88 8.17 6.09
C LYS G 2 11.96 6.67 5.64
N VAL G 3 10.90 6.05 5.13
CA VAL G 3 10.77 4.63 5.01
C VAL G 3 10.32 4.44 3.55
N LYS G 4 10.82 3.40 2.91
CA LYS G 4 10.37 3.02 1.50
C LYS G 4 10.25 1.50 1.52
N VAL G 5 9.20 0.98 0.84
CA VAL G 5 9.10 -0.45 0.56
C VAL G 5 8.49 -0.45 -0.83
N LYS G 6 9.03 -1.18 -1.82
CA LYS G 6 8.43 -1.32 -3.14
C LYS G 6 8.55 -2.68 -3.65
N VAL G 7 7.51 -3.16 -4.44
CA VAL G 7 7.29 -4.49 -4.90
C VAL G 7 6.70 -4.47 -6.29
N LYS G 8 7.27 -5.35 -7.16
CA LYS G 8 6.69 -5.65 -8.45
C LYS G 8 6.00 -7.02 -8.44
N VAL G 9 4.64 -6.99 -8.56
CA VAL G 9 3.84 -8.20 -8.41
C VAL G 9 3.32 -8.60 -9.80
N DPR G 10 3.78 -9.61 -10.53
CA DPR G 10 3.86 -9.55 -12.06
CB DPR G 10 4.92 -10.54 -12.45
CG DPR G 10 4.75 -11.56 -11.36
CD DPR G 10 4.68 -10.74 -10.13
C DPR G 10 3.89 -8.20 -12.69
O DPR G 10 4.90 -7.47 -12.66
HA DPR G 10 2.93 -9.97 -12.40
HB2 DPR G 10 4.74 -10.84 -13.51
HB3 DPR G 10 5.95 -10.15 -12.42
HG2 DPR G 10 3.88 -12.24 -11.51
HG3 DPR G 10 5.67 -12.17 -11.27
HD2 DPR G 10 4.37 -11.27 -9.20
HD3 DPR G 10 5.68 -10.31 -9.91
N PRO G 11 2.81 -7.71 -13.33
CA PRO G 11 2.80 -6.39 -13.95
C PRO G 11 2.62 -5.27 -12.94
N THR G 12 1.96 -5.56 -11.79
CA THR G 12 1.63 -4.61 -10.73
C THR G 12 2.93 -4.01 -10.23
N LYS G 13 2.96 -2.66 -10.08
CA LYS G 13 4.09 -1.97 -9.39
C LYS G 13 3.62 -1.26 -8.19
N VAL G 14 3.96 -1.53 -6.93
CA VAL G 14 3.41 -0.97 -5.64
C VAL G 14 4.57 -0.25 -5.05
N LYS G 15 4.36 1.06 -4.76
CA LYS G 15 5.32 1.77 -3.94
C LYS G 15 4.64 2.24 -2.67
N VAL G 16 5.31 1.96 -1.57
CA VAL G 16 4.88 2.36 -0.23
C VAL G 16 6.00 3.35 0.30
N LYS G 17 5.73 4.63 0.62
CA LYS G 17 6.61 5.54 1.25
C LYS G 17 5.96 6.22 2.40
N VAL G 18 6.60 6.10 3.60
CA VAL G 18 6.14 6.59 4.86
C VAL G 18 7.14 7.51 5.43
N LYS G 19 6.69 8.61 5.99
CA LYS G 19 7.37 9.42 7.05
C LYS G 19 6.60 9.26 8.36
N VAL G 20 7.30 8.55 9.31
CA VAL G 20 6.73 8.34 10.67
C VAL G 20 6.99 9.61 11.68
N NH2 G 21 6.51 10.77 11.28
HN1 NH2 G 21 6.45 11.51 11.96
HN2 NH2 G 21 6.05 10.88 10.40
N VAL H 1 21.02 3.40 12.65
CA VAL H 1 19.57 2.87 12.63
C VAL H 1 19.12 2.84 11.20
N LYS H 2 18.79 1.67 10.71
CA LYS H 2 18.36 1.59 9.38
C LYS H 2 17.78 0.21 9.28
N VAL H 3 17.16 -0.08 8.09
CA VAL H 3 17.05 -1.47 7.57
C VAL H 3 17.25 -1.34 6.09
N LYS H 4 18.02 -2.22 5.48
CA LYS H 4 18.04 -2.40 4.02
C LYS H 4 17.98 -3.88 3.73
N VAL H 5 17.15 -4.21 2.71
CA VAL H 5 17.09 -5.56 2.13
C VAL H 5 16.74 -5.26 0.58
N LYS H 6 17.44 -5.82 -0.44
CA LYS H 6 17.06 -5.93 -1.84
C LYS H 6 17.03 -7.46 -2.02
N VAL H 7 15.95 -7.98 -2.63
CA VAL H 7 15.88 -9.44 -2.87
C VAL H 7 14.94 -9.73 -3.99
N LYS H 8 15.29 -10.78 -4.73
CA LYS H 8 14.38 -11.37 -5.79
C LYS H 8 13.89 -12.62 -5.14
N VAL H 9 12.53 -12.70 -4.95
CA VAL H 9 11.84 -13.79 -4.25
C VAL H 9 11.11 -14.59 -5.28
N DPR H 10 11.38 -15.92 -5.63
CA DPR H 10 10.83 -16.68 -6.79
CB DPR H 10 11.90 -17.76 -7.22
CG DPR H 10 12.50 -18.07 -5.84
CD DPR H 10 12.58 -16.64 -5.15
C DPR H 10 10.49 -15.75 -8.03
O DPR H 10 11.43 -15.18 -8.60
HA DPR H 10 9.98 -17.05 -6.23
HB2 DPR H 10 11.36 -18.58 -7.74
HB3 DPR H 10 12.66 -17.31 -7.90
HG2 DPR H 10 11.93 -18.74 -5.15
HG3 DPR H 10 13.50 -18.52 -5.93
HD2 DPR H 10 12.77 -16.67 -4.06
HD3 DPR H 10 13.50 -16.23 -5.61
N PRO H 11 9.28 -15.53 -8.53
CA PRO H 11 8.91 -14.55 -9.56
C PRO H 11 8.61 -13.08 -9.11
N THR H 12 8.86 -12.61 -7.86
CA THR H 12 8.55 -11.21 -7.43
C THR H 12 9.84 -10.44 -7.48
N LYS H 13 9.80 -9.18 -7.21
CA LYS H 13 10.99 -8.42 -6.97
C LYS H 13 10.79 -7.30 -5.93
N VAL H 14 11.62 -7.36 -4.86
CA VAL H 14 11.37 -6.68 -3.59
C VAL H 14 12.53 -5.81 -3.14
N LYS H 15 12.24 -4.51 -2.66
CA LYS H 15 13.33 -3.74 -2.00
C LYS H 15 12.73 -2.95 -0.85
N VAL H 16 13.52 -2.76 0.25
CA VAL H 16 13.06 -2.28 1.60
C VAL H 16 14.08 -1.21 1.96
N LYS H 17 13.63 -0.05 2.55
CA LYS H 17 14.58 0.96 2.97
C LYS H 17 14.04 1.71 4.19
N VAL H 18 14.87 1.85 5.30
CA VAL H 18 14.56 2.80 6.43
C VAL H 18 15.75 3.69 6.53
N LYS H 19 15.54 5.07 6.45
CA LYS H 19 16.68 6.03 6.47
C LYS H 19 16.51 6.94 7.64
N VAL H 20 17.33 6.86 8.65
CA VAL H 20 17.31 7.76 9.80
C VAL H 20 18.36 8.87 9.42
N NH2 H 21 19.74 8.63 9.57
HN1 NH2 H 21 20.33 9.43 9.64
HN2 NH2 H 21 20.14 7.72 9.66
N VAL A 1 -13.36 -2.11 -14.77
CA VAL A 1 -12.74 -1.41 -13.63
C VAL A 1 -13.56 -0.86 -12.50
N LYS A 2 -13.40 -1.44 -11.28
CA LYS A 2 -14.10 -1.07 -10.05
C LYS A 2 -13.09 -0.76 -8.87
N VAL A 3 -13.21 0.37 -8.24
CA VAL A 3 -12.38 0.80 -7.12
C VAL A 3 -13.37 1.00 -6.00
N LYS A 4 -13.23 0.26 -4.87
CA LYS A 4 -13.97 0.56 -3.74
C LYS A 4 -13.07 1.20 -2.69
N VAL A 5 -13.63 2.31 -2.12
CA VAL A 5 -13.01 2.97 -1.05
C VAL A 5 -13.93 3.00 0.25
N LYS A 6 -13.33 2.67 1.37
CA LYS A 6 -14.02 2.81 2.69
C LYS A 6 -13.01 3.27 3.68
N VAL A 7 -13.33 4.38 4.36
CA VAL A 7 -12.45 5.02 5.28
C VAL A 7 -13.23 5.54 6.53
N LYS A 8 -12.63 5.31 7.76
CA LYS A 8 -13.13 5.90 9.00
C LYS A 8 -12.00 6.74 9.41
N VAL A 9 -12.20 8.07 9.68
CA VAL A 9 -11.25 8.99 10.11
C VAL A 9 -11.69 10.01 11.11
N DPR A 10 -11.09 10.32 12.27
CA DPR A 10 -11.80 10.93 13.51
CB DPR A 10 -11.04 10.33 14.72
CG DPR A 10 -9.66 10.33 14.18
CD DPR A 10 -9.79 9.83 12.75
C DPR A 10 -13.35 10.69 13.70
O DPR A 10 -13.72 9.45 13.71
HA DPR A 10 -11.65 12.00 13.44
HB2 DPR A 10 -11.00 11.06 15.57
HB3 DPR A 10 -11.43 9.36 15.09
HG2 DPR A 10 -9.37 11.40 14.10
HG3 DPR A 10 -8.91 9.82 14.82
HD2 DPR A 10 -8.98 10.31 12.17
HD3 DPR A 10 -9.76 8.72 12.70
N PRO A 11 -14.24 11.67 13.62
CA PRO A 11 -15.71 11.52 13.93
C PRO A 11 -16.53 11.43 12.68
N THR A 12 -15.95 11.21 11.49
CA THR A 12 -16.68 11.07 10.20
C THR A 12 -16.12 9.85 9.39
N LYS A 13 -16.77 9.45 8.28
CA LYS A 13 -16.47 8.28 7.55
C LYS A 13 -17.05 8.42 6.08
N VAL A 14 -16.44 7.70 5.12
CA VAL A 14 -16.96 7.71 3.73
C VAL A 14 -16.70 6.38 3.09
N LYS A 15 -17.69 6.02 2.29
CA LYS A 15 -17.56 4.86 1.39
C LYS A 15 -18.11 5.22 0.07
N VAL A 16 -17.38 4.80 -0.95
CA VAL A 16 -17.74 5.20 -2.29
C VAL A 16 -17.30 4.12 -3.22
N LYS A 17 -18.07 3.94 -4.33
CA LYS A 17 -17.78 3.03 -5.42
C LYS A 17 -17.55 3.71 -6.73
N VAL A 18 -16.48 3.47 -7.44
CA VAL A 18 -16.09 4.15 -8.64
C VAL A 18 -16.01 3.08 -9.66
N LYS A 19 -16.70 3.27 -10.84
CA LYS A 19 -16.60 2.40 -12.00
C LYS A 19 -16.02 3.15 -13.04
N VAL A 20 -14.87 2.71 -13.53
CA VAL A 20 -14.17 3.35 -14.65
C VAL A 20 -14.44 2.56 -15.93
N NH2 A 21 -15.54 2.59 -16.64
HN1 NH2 A 21 -15.70 1.77 -17.20
HN2 NH2 A 21 -16.36 3.14 -16.50
N VAL B 1 -5.72 -8.98 -12.94
CA VAL B 1 -5.10 -8.58 -11.60
C VAL B 1 -5.93 -7.93 -10.56
N LYS B 2 -5.92 -8.59 -9.36
CA LYS B 2 -6.66 -8.04 -8.17
C LYS B 2 -5.77 -7.57 -7.11
N VAL B 3 -5.96 -6.26 -6.64
CA VAL B 3 -5.05 -5.74 -5.66
C VAL B 3 -6.05 -5.25 -4.64
N LYS B 4 -5.70 -5.50 -3.30
CA LYS B 4 -6.37 -4.97 -2.15
C LYS B 4 -5.34 -4.30 -1.19
N VAL B 5 -5.49 -3.05 -0.82
CA VAL B 5 -4.58 -2.18 -0.08
C VAL B 5 -5.23 -1.76 1.22
N LYS B 6 -4.63 -2.03 2.39
CA LYS B 6 -5.12 -1.50 3.68
C LYS B 6 -3.90 -0.77 4.23
N VAL B 7 -4.30 0.35 4.85
CA VAL B 7 -3.47 1.41 5.52
C VAL B 7 -4.09 1.79 6.81
N LYS B 8 -3.35 1.86 7.91
CA LYS B 8 -3.85 2.32 9.17
C LYS B 8 -2.86 3.30 9.89
N VAL B 9 -3.33 4.55 10.27
CA VAL B 9 -2.41 5.45 11.03
C VAL B 9 -3.14 5.69 12.33
N DPR B 10 -2.71 5.07 13.48
CA DPR B 10 -3.60 4.92 14.68
CB DPR B 10 -3.09 3.56 15.24
CG DPR B 10 -1.62 3.64 14.90
CD DPR B 10 -1.56 4.19 13.48
C DPR B 10 -5.11 4.82 14.48
O DPR B 10 -5.58 3.71 13.98
HA DPR B 10 -3.27 5.68 15.38
HB2 DPR B 10 -3.23 3.71 16.33
HB3 DPR B 10 -3.48 2.60 14.82
HG2 DPR B 10 -1.05 4.35 15.54
HG3 DPR B 10 -1.02 2.71 14.95
HD2 DPR B 10 -0.55 4.60 13.21
HD3 DPR B 10 -1.80 3.42 12.73
N PRO B 11 -5.93 5.76 14.83
CA PRO B 11 -7.40 5.74 14.80
C PRO B 11 -7.92 5.77 13.41
N THR B 12 -7.11 6.11 12.39
CA THR B 12 -7.55 6.49 11.03
C THR B 12 -7.26 5.39 10.09
N LYS B 13 -8.31 4.79 9.49
CA LYS B 13 -8.21 3.50 8.76
C LYS B 13 -8.92 3.39 7.43
N VAL B 14 -8.25 2.84 6.35
CA VAL B 14 -8.74 2.92 4.99
C VAL B 14 -8.60 1.55 4.38
N LYS B 15 -9.61 0.96 3.72
CA LYS B 15 -9.46 -0.17 2.90
C LYS B 15 -9.80 0.21 1.50
N VAL B 16 -8.97 -0.28 0.55
CA VAL B 16 -9.16 0.01 -0.84
C VAL B 16 -9.00 -1.25 -1.72
N LYS B 17 -9.89 -1.41 -2.72
CA LYS B 17 -10.04 -2.57 -3.52
C LYS B 17 -10.03 -2.22 -4.96
N VAL B 18 -9.15 -2.86 -5.67
CA VAL B 18 -9.04 -2.68 -7.12
C VAL B 18 -9.20 -3.98 -7.87
N LYS B 19 -10.30 -4.06 -8.68
CA LYS B 19 -10.51 -5.10 -9.69
C LYS B 19 -10.51 -4.45 -11.03
N VAL B 20 -9.46 -4.72 -11.88
CA VAL B 20 -9.40 -4.20 -13.16
C VAL B 20 -10.36 -4.84 -14.10
N NH2 B 21 -10.24 -6.15 -14.48
HN1 NH2 B 21 -10.84 -6.54 -15.19
HN2 NH2 B 21 -9.53 -6.79 -14.20
N VAL C 1 -0.10 -16.71 -8.94
CA VAL C 1 0.87 -15.85 -8.16
C VAL C 1 0.16 -14.77 -7.31
N LYS C 2 0.17 -15.05 -5.98
CA LYS C 2 -0.28 -14.13 -4.97
C LYS C 2 0.92 -13.67 -4.05
N VAL C 3 0.80 -12.41 -3.64
CA VAL C 3 1.80 -11.71 -2.80
C VAL C 3 0.98 -11.00 -1.84
N LYS C 4 1.52 -10.97 -0.57
CA LYS C 4 1.03 -10.20 0.51
C LYS C 4 2.25 -9.60 1.18
N VAL C 5 2.19 -8.26 1.57
CA VAL C 5 3.17 -7.46 2.16
C VAL C 5 2.55 -6.98 3.51
N LYS C 6 3.36 -6.93 4.61
CA LYS C 6 2.94 -6.44 5.90
C LYS C 6 4.03 -5.50 6.27
N VAL C 7 3.66 -4.38 6.80
CA VAL C 7 4.65 -3.46 7.30
C VAL C 7 4.13 -2.60 8.43
N LYS C 8 4.95 -2.44 9.53
CA LYS C 8 4.66 -1.60 10.61
C LYS C 8 5.95 -0.85 10.98
N VAL C 9 5.89 0.52 11.00
CA VAL C 9 6.98 1.32 11.41
C VAL C 9 6.38 2.51 12.17
N DPR C 10 7.10 3.21 13.00
CA DPR C 10 6.49 4.12 13.93
CB DPR C 10 7.54 4.35 15.05
CG DPR C 10 8.90 4.07 14.32
CD DPR C 10 8.58 3.11 13.21
C DPR C 10 5.10 3.80 14.40
O DPR C 10 4.80 2.70 14.77
HA DPR C 10 6.34 5.08 13.47
HB2 DPR C 10 7.52 5.31 15.60
HB3 DPR C 10 7.43 3.52 15.76
HG2 DPR C 10 9.32 4.96 13.81
HG3 DPR C 10 9.67 3.72 15.03
HD2 DPR C 10 9.18 3.27 12.28
HD3 DPR C 10 8.75 2.06 13.53
N PRO C 11 4.13 4.73 14.40
CA PRO C 11 2.73 4.42 14.50
C PRO C 11 2.10 4.46 13.15
N THR C 12 1.87 3.32 12.45
CA THR C 12 1.42 3.23 11.09
C THR C 12 1.53 1.76 10.84
N LYS C 13 0.53 1.14 10.23
CA LYS C 13 0.56 -0.18 9.62
C LYS C 13 0.14 -0.11 8.04
N VAL C 14 0.78 -0.77 7.11
CA VAL C 14 0.27 -1.01 5.76
C VAL C 14 0.10 -2.49 5.55
N LYS C 15 -0.92 -3.06 4.91
CA LYS C 15 -0.80 -4.45 4.39
C LYS C 15 -1.54 -4.38 3.04
N VAL C 16 -0.89 -4.86 1.99
CA VAL C 16 -1.39 -4.95 0.67
C VAL C 16 -1.41 -6.34 0.23
N LYS C 17 -2.54 -6.77 -0.30
CA LYS C 17 -2.63 -8.10 -0.86
C LYS C 17 -2.76 -7.94 -2.35
N VAL C 18 -2.00 -8.77 -3.12
CA VAL C 18 -1.92 -8.69 -4.60
C VAL C 18 -2.10 -10.09 -5.16
N LYS C 19 -2.91 -10.25 -6.27
CA LYS C 19 -3.05 -11.45 -7.05
C LYS C 19 -2.90 -11.08 -8.56
N VAL C 20 -1.95 -11.75 -9.28
CA VAL C 20 -1.88 -11.48 -10.70
C VAL C 20 -3.12 -12.10 -11.46
N NH2 C 21 -3.42 -13.36 -11.19
HN1 NH2 C 21 -4.24 -13.59 -11.72
HN2 NH2 C 21 -2.75 -14.10 -11.04
N VAL D 1 4.03 -23.58 -3.36
CA VAL D 1 5.43 -23.22 -3.26
C VAL D 1 5.60 -21.87 -2.72
N LYS D 2 6.33 -21.78 -1.59
CA LYS D 2 6.38 -20.53 -0.78
C LYS D 2 7.80 -20.08 -0.73
N VAL D 3 7.89 -18.79 -0.94
CA VAL D 3 9.09 -17.92 -0.82
C VAL D 3 8.73 -16.60 -0.11
N LYS D 4 9.75 -16.02 0.53
CA LYS D 4 9.58 -15.09 1.57
C LYS D 4 10.79 -14.15 1.76
N VAL D 5 10.46 -12.95 2.33
CA VAL D 5 11.47 -12.02 2.84
C VAL D 5 10.96 -11.32 4.11
N LYS D 6 11.83 -11.04 5.17
CA LYS D 6 11.33 -10.41 6.35
C LYS D 6 12.46 -9.88 7.21
N VAL D 7 12.02 -8.81 7.98
CA VAL D 7 13.00 -8.09 8.89
C VAL D 7 12.23 -7.56 10.06
N LYS D 8 12.73 -7.73 11.31
CA LYS D 8 12.11 -7.19 12.54
C LYS D 8 13.29 -6.48 13.32
N VAL D 9 13.10 -5.14 13.44
CA VAL D 9 13.91 -4.36 14.35
C VAL D 9 13.10 -3.59 15.27
N DPR D 10 12.83 -3.99 16.54
CA DPR D 10 11.79 -3.28 17.42
CB DPR D 10 11.36 -4.48 18.29
CG DPR D 10 12.60 -5.32 18.46
CD DPR D 10 13.16 -5.39 17.05
C DPR D 10 10.52 -2.64 16.80
O DPR D 10 9.79 -3.47 16.24
HA DPR D 10 12.35 -2.54 17.99
HB2 DPR D 10 10.87 -4.40 19.28
HB3 DPR D 10 10.71 -5.10 17.63
HG2 DPR D 10 13.40 -4.80 19.01
HG3 DPR D 10 12.45 -6.29 18.99
HD2 DPR D 10 14.24 -5.62 17.05
HD3 DPR D 10 12.54 -6.15 16.53
N PRO D 11 10.22 -1.31 16.75
CA PRO D 11 9.00 -0.77 16.15
C PRO D 11 8.99 -0.89 14.60
N THR D 12 10.04 -1.40 13.97
CA THR D 12 10.27 -1.47 12.51
C THR D 12 10.12 -2.99 12.04
N LYS D 13 9.02 -3.37 11.40
CA LYS D 13 8.81 -4.80 10.94
C LYS D 13 8.26 -4.74 9.54
N VAL D 14 8.89 -5.47 8.57
CA VAL D 14 8.44 -5.58 7.17
C VAL D 14 8.43 -6.99 6.83
N LYS D 15 7.48 -7.48 6.03
CA LYS D 15 7.52 -8.84 5.46
C LYS D 15 6.85 -8.94 4.11
N VAL D 16 7.44 -9.70 3.14
CA VAL D 16 6.91 -9.97 1.77
C VAL D 16 6.93 -11.45 1.58
N LYS D 17 5.76 -12.13 1.46
CA LYS D 17 5.61 -13.54 1.14
C LYS D 17 4.75 -13.77 -0.12
N VAL D 18 5.17 -14.81 -0.85
CA VAL D 18 4.65 -15.22 -2.12
C VAL D 18 4.17 -16.58 -2.14
N LYS D 19 2.90 -16.84 -2.61
CA LYS D 19 2.23 -18.13 -2.77
C LYS D 19 2.21 -18.36 -4.30
N VAL D 20 3.12 -19.32 -4.68
CA VAL D 20 3.29 -19.70 -6.02
C VAL D 20 2.80 -21.20 -6.05
N NH2 D 21 2.25 -21.71 -7.16
HN1 NH2 D 21 1.97 -22.68 -7.15
HN2 NH2 D 21 2.00 -21.17 -7.96
N VAL E 1 -6.03 15.96 9.97
CA VAL E 1 -6.05 14.62 9.36
C VAL E 1 -6.66 14.70 7.91
N LYS E 2 -5.94 14.19 6.96
CA LYS E 2 -6.46 14.11 5.65
C LYS E 2 -6.26 12.68 5.05
N VAL E 3 -7.35 12.14 4.43
CA VAL E 3 -7.23 10.89 3.68
C VAL E 3 -7.66 11.18 2.21
N LYS E 4 -6.75 11.02 1.25
CA LYS E 4 -6.97 11.40 -0.16
C LYS E 4 -6.64 10.26 -1.16
N VAL E 5 -7.63 9.74 -1.86
CA VAL E 5 -7.42 8.55 -2.67
C VAL E 5 -7.68 9.02 -4.06
N LYS E 6 -6.74 8.72 -4.98
CA LYS E 6 -6.87 9.30 -6.36
C LYS E 6 -6.67 8.11 -7.48
N VAL E 7 -7.65 7.81 -8.36
CA VAL E 7 -7.64 6.84 -9.36
C VAL E 7 -7.47 7.43 -10.75
N LYS E 8 -6.49 6.98 -11.59
CA LYS E 8 -6.29 7.44 -12.95
C LYS E 8 -6.23 6.28 -13.88
N VAL E 9 -7.12 6.27 -14.96
CA VAL E 9 -7.16 5.28 -16.08
C VAL E 9 -7.24 6.05 -17.38
N DPR E 10 -6.37 5.98 -18.37
CA DPR E 10 -6.30 6.86 -19.55
CB DPR E 10 -4.87 6.59 -20.05
CG DPR E 10 -4.75 5.11 -19.80
CD DPR E 10 -5.30 4.94 -18.42
C DPR E 10 -6.81 8.23 -19.37
O DPR E 10 -6.12 9.01 -18.72
HA DPR E 10 -6.89 6.47 -20.36
HB2 DPR E 10 -4.91 6.84 -21.13
HB3 DPR E 10 -4.10 7.01 -19.38
HG2 DPR E 10 -5.53 4.60 -20.41
HG3 DPR E 10 -3.82 4.66 -20.20
HD2 DPR E 10 -5.67 3.91 -18.20
HD3 DPR E 10 -4.60 5.31 -17.64
N PRO E 11 -7.92 8.71 -19.95
CA PRO E 11 -8.29 10.12 -19.79
C PRO E 11 -8.94 10.57 -18.44
N THR E 12 -9.19 9.59 -17.58
CA THR E 12 -10.04 9.47 -16.47
C THR E 12 -9.34 9.70 -15.18
N LYS E 13 -9.74 10.77 -14.33
CA LYS E 13 -9.08 11.22 -13.10
C LYS E 13 -10.04 11.66 -12.04
N VAL E 14 -10.12 10.94 -10.99
CA VAL E 14 -11.30 10.94 -10.14
C VAL E 14 -10.79 10.81 -8.69
N LYS E 15 -10.99 11.80 -7.84
CA LYS E 15 -10.37 11.91 -6.55
C LYS E 15 -11.37 11.83 -5.41
N VAL E 16 -11.03 11.01 -4.37
CA VAL E 16 -11.84 10.78 -3.17
C VAL E 16 -11.06 11.51 -2.06
N LYS E 17 -11.68 12.35 -1.19
CA LYS E 17 -10.90 12.84 -0.10
C LYS E 17 -11.76 13.18 1.09
N VAL E 18 -11.32 12.92 2.33
CA VAL E 18 -11.92 13.32 3.55
C VAL E 18 -10.91 14.10 4.40
N LYS E 19 -11.20 15.36 4.75
CA LYS E 19 -10.38 16.08 5.74
C LYS E 19 -11.13 16.13 7.05
N VAL E 20 -10.37 15.92 8.13
CA VAL E 20 -10.69 16.12 9.48
C VAL E 20 -9.65 17.00 10.17
N NH2 E 21 -9.96 18.27 10.23
HN1 NH2 E 21 -9.22 18.91 10.42
HN2 NH2 E 21 -10.84 18.68 10.03
N VAL F 1 2.96 12.77 10.60
CA VAL F 1 3.14 11.50 10.03
C VAL F 1 2.58 11.65 8.61
N LYS F 2 3.26 11.19 7.52
CA LYS F 2 2.61 11.15 6.21
C LYS F 2 2.94 9.84 5.60
N VAL F 3 2.01 9.17 5.01
CA VAL F 3 2.16 7.81 4.48
C VAL F 3 1.66 7.86 3.04
N LYS F 4 2.52 7.43 2.10
CA LYS F 4 2.26 7.57 0.66
C LYS F 4 2.19 6.16 0.07
N VAL F 5 1.06 5.76 -0.45
CA VAL F 5 0.95 4.43 -1.09
C VAL F 5 0.43 4.65 -2.50
N LYS F 6 1.27 4.09 -3.48
CA LYS F 6 1.12 4.33 -4.93
C LYS F 6 1.10 2.98 -5.54
N VAL F 7 0.06 2.63 -6.29
CA VAL F 7 -0.08 1.32 -6.93
C VAL F 7 -0.65 1.38 -8.34
N LYS F 8 0.14 0.84 -9.34
CA LYS F 8 -0.39 0.53 -10.67
C LYS F 8 -0.99 -0.84 -10.72
N VAL F 9 -2.25 -1.01 -11.20
CA VAL F 9 -2.98 -2.21 -11.41
C VAL F 9 -3.42 -2.24 -12.84
N DPR F 10 -2.90 -3.06 -13.78
CA DPR F 10 -3.01 -2.69 -15.20
CB DPR F 10 -1.70 -3.34 -15.75
CG DPR F 10 -1.58 -4.59 -14.86
CD DPR F 10 -1.73 -3.94 -13.48
C DPR F 10 -3.07 -1.18 -15.58
O DPR F 10 -2.14 -0.44 -15.21
HA DPR F 10 -3.92 -3.22 -15.47
HB2 DPR F 10 -1.67 -3.44 -16.85
HB3 DPR F 10 -0.87 -2.61 -15.58
HG2 DPR F 10 -2.45 -5.26 -15.12
HG3 DPR F 10 -0.63 -5.15 -14.98
HD2 DPR F 10 -1.93 -4.72 -12.71
HD3 DPR F 10 -0.80 -3.37 -13.31
N PRO F 11 -4.07 -0.68 -16.31
CA PRO F 11 -4.12 0.66 -16.81
C PRO F 11 -4.52 1.60 -15.70
N THR F 12 -5.05 1.08 -14.58
CA THR F 12 -5.58 1.74 -13.36
C THR F 12 -4.39 2.02 -12.45
N LYS F 13 -4.12 3.28 -12.21
CA LYS F 13 -3.20 3.70 -11.25
C LYS F 13 -3.89 4.34 -10.08
N VAL F 14 -3.60 3.94 -8.85
CA VAL F 14 -4.33 4.41 -7.65
C VAL F 14 -3.23 4.97 -6.67
N LYS F 15 -3.53 6.06 -6.00
CA LYS F 15 -2.60 6.63 -5.01
C LYS F 15 -3.50 6.72 -3.83
N VAL F 16 -2.99 6.35 -2.68
CA VAL F 16 -3.71 6.55 -1.40
C VAL F 16 -2.61 7.08 -0.51
N LYS F 17 -2.91 8.31 -0.01
CA LYS F 17 -2.07 9.16 0.87
C LYS F 17 -2.87 9.41 2.14
N VAL F 18 -2.28 9.31 3.34
CA VAL F 18 -2.94 9.59 4.58
C VAL F 18 -1.90 10.50 5.27
N LYS F 19 -2.40 11.64 5.71
CA LYS F 19 -1.60 12.69 6.25
C LYS F 19 -2.09 13.21 7.59
N VAL F 20 -1.22 13.29 8.60
CA VAL F 20 -1.68 13.46 9.99
C VAL F 20 -0.55 14.43 10.53
N NH2 F 21 -0.95 15.69 10.89
HN1 NH2 F 21 -0.18 16.13 11.35
HN2 NH2 F 21 -1.89 15.99 10.80
N VAL G 1 12.61 9.91 9.88
CA VAL G 1 12.69 8.52 9.41
C VAL G 1 11.68 8.24 8.33
N LYS G 2 12.20 8.34 7.08
CA LYS G 2 11.48 7.87 5.88
C LYS G 2 11.89 6.44 5.62
N VAL G 3 10.80 5.62 5.35
CA VAL G 3 10.90 4.16 5.19
C VAL G 3 10.46 3.96 3.79
N LYS G 4 11.21 3.11 3.09
CA LYS G 4 10.82 2.72 1.74
C LYS G 4 10.61 1.25 1.57
N VAL G 5 9.41 0.76 1.26
CA VAL G 5 9.25 -0.64 0.84
C VAL G 5 8.75 -0.41 -0.57
N LYS G 6 9.31 -1.08 -1.56
CA LYS G 6 8.61 -1.21 -2.93
C LYS G 6 8.80 -2.59 -3.49
N VAL G 7 7.83 -3.00 -4.29
CA VAL G 7 7.82 -4.37 -4.88
C VAL G 7 7.15 -4.35 -6.32
N LYS G 8 7.62 -5.28 -7.17
CA LYS G 8 7.13 -5.55 -8.50
C LYS G 8 6.56 -6.91 -8.50
N VAL G 9 5.25 -7.08 -8.90
CA VAL G 9 4.63 -8.37 -8.90
C VAL G 9 4.01 -8.60 -10.29
N DPR G 10 4.57 -9.38 -11.20
CA DPR G 10 4.37 -9.21 -12.65
CB DPR G 10 5.48 -10.13 -13.21
CG DPR G 10 5.55 -11.24 -12.16
CD DPR G 10 5.40 -10.57 -10.85
C DPR G 10 4.26 -7.76 -13.14
O DPR G 10 5.14 -6.94 -12.71
HA DPR G 10 3.39 -9.64 -12.81
HB2 DPR G 10 5.28 -10.49 -14.25
HB3 DPR G 10 6.46 -9.61 -13.21
HG2 DPR G 10 4.62 -11.83 -12.32
HG3 DPR G 10 6.35 -12.00 -12.25
HD2 DPR G 10 4.85 -11.33 -10.27
HD3 DPR G 10 6.32 -10.25 -10.31
N PRO G 11 3.29 -7.39 -13.95
CA PRO G 11 3.04 -5.96 -14.39
C PRO G 11 2.47 -5.00 -13.36
N THR G 12 2.07 -5.57 -12.22
CA THR G 12 1.83 -4.83 -10.98
C THR G 12 3.03 -4.16 -10.39
N LYS G 13 2.86 -2.87 -10.03
CA LYS G 13 4.03 -2.11 -9.46
C LYS G 13 3.57 -1.34 -8.20
N VAL G 14 4.13 -1.61 -7.04
CA VAL G 14 3.72 -1.04 -5.77
C VAL G 14 4.94 -0.36 -5.09
N LYS G 15 4.70 0.84 -4.47
CA LYS G 15 5.66 1.47 -3.58
C LYS G 15 4.91 1.96 -2.29
N VAL G 16 5.46 1.73 -1.12
CA VAL G 16 4.92 2.28 0.18
C VAL G 16 6.04 3.15 0.73
N LYS G 17 5.74 4.42 0.97
CA LYS G 17 6.65 5.33 1.68
C LYS G 17 6.00 5.76 2.98
N VAL G 18 6.73 5.65 4.10
CA VAL G 18 6.17 6.00 5.41
C VAL G 18 7.09 6.94 6.08
N LYS G 19 6.67 8.15 6.50
CA LYS G 19 7.46 9.13 7.24
C LYS G 19 6.79 9.35 8.56
N VAL G 20 7.41 9.05 9.70
CA VAL G 20 6.72 8.71 10.96
C VAL G 20 6.90 9.75 12.06
N NH2 G 21 6.39 11.01 11.70
HN1 NH2 G 21 6.52 11.67 12.44
HN2 NH2 G 21 6.16 11.26 10.75
N VAL H 1 20.30 2.07 13.85
CA VAL H 1 19.18 1.42 13.13
C VAL H 1 19.20 1.71 11.66
N LYS H 2 19.47 0.64 10.92
CA LYS H 2 19.51 0.59 9.47
C LYS H 2 18.84 -0.73 8.92
N VAL H 3 18.04 -0.65 7.85
CA VAL H 3 17.63 -1.80 7.16
C VAL H 3 17.97 -1.67 5.74
N LYS H 4 18.49 -2.71 5.12
CA LYS H 4 18.61 -2.57 3.67
C LYS H 4 18.43 -3.92 3.09
N VAL H 5 17.54 -4.25 2.17
CA VAL H 5 17.31 -5.69 1.67
C VAL H 5 17.01 -5.39 0.18
N LYS H 6 17.68 -6.12 -0.70
CA LYS H 6 17.32 -6.20 -2.05
C LYS H 6 17.47 -7.56 -2.53
N VAL H 7 16.36 -8.03 -3.08
CA VAL H 7 16.30 -9.43 -3.47
C VAL H 7 15.14 -9.68 -4.46
N LYS H 8 15.26 -10.67 -5.39
CA LYS H 8 14.14 -11.18 -6.13
C LYS H 8 14.01 -12.70 -5.76
N VAL H 9 12.83 -13.21 -5.33
CA VAL H 9 12.55 -14.57 -4.99
C VAL H 9 11.43 -15.14 -5.83
N DPR H 10 11.31 -16.37 -6.37
CA DPR H 10 10.43 -16.75 -7.45
CB DPR H 10 11.16 -17.96 -8.06
CG DPR H 10 11.72 -18.67 -6.84
CD DPR H 10 12.27 -17.41 -6.04
C DPR H 10 10.13 -15.67 -8.51
O DPR H 10 11.09 -15.06 -8.92
HA DPR H 10 9.52 -16.79 -6.88
HB2 DPR H 10 10.45 -18.45 -8.76
HB3 DPR H 10 12.00 -17.75 -8.75
HG2 DPR H 10 10.92 -19.24 -6.31
HG3 DPR H 10 12.60 -19.32 -7.04
HD2 DPR H 10 12.28 -17.69 -4.97
HD3 DPR H 10 13.31 -17.17 -6.39
N PRO H 11 8.93 -15.33 -8.81
CA PRO H 11 8.69 -14.38 -9.83
C PRO H 11 8.16 -13.06 -9.01
N THR H 12 9.04 -12.33 -8.30
CA THR H 12 8.70 -11.17 -7.49
C THR H 12 9.87 -10.50 -6.90
N LYS H 13 10.10 -9.21 -7.29
CA LYS H 13 11.27 -8.40 -7.02
C LYS H 13 11.03 -7.45 -5.84
N VAL H 14 11.88 -7.40 -4.80
CA VAL H 14 11.63 -6.71 -3.52
C VAL H 14 12.82 -5.80 -3.09
N LYS H 15 12.41 -4.59 -2.71
CA LYS H 15 13.31 -3.68 -2.03
C LYS H 15 12.81 -3.19 -0.70
N VAL H 16 13.57 -3.33 0.39
CA VAL H 16 13.16 -2.83 1.67
C VAL H 16 14.24 -1.90 2.08
N LYS H 17 13.93 -0.64 2.38
CA LYS H 17 14.97 0.28 3.01
C LYS H 17 14.45 1.22 4.08
N VAL H 18 15.15 1.28 5.18
CA VAL H 18 15.02 2.21 6.22
C VAL H 18 16.38 2.73 6.58
N LYS H 19 16.55 4.06 6.81
CA LYS H 19 17.74 4.68 7.29
C LYS H 19 17.36 5.85 8.15
N VAL H 20 18.02 6.03 9.27
CA VAL H 20 17.71 6.94 10.34
C VAL H 20 18.75 8.10 10.27
N NH2 H 21 20.09 7.85 10.36
HN1 NH2 H 21 20.79 8.56 10.28
HN2 NH2 H 21 20.29 6.86 10.43
N VAL A 1 -13.12 -1.44 -15.28
CA VAL A 1 -12.47 -1.08 -13.95
C VAL A 1 -13.38 -0.41 -12.90
N LYS A 2 -13.34 -1.04 -11.71
CA LYS A 2 -14.23 -0.92 -10.54
C LYS A 2 -13.40 -0.61 -9.28
N VAL A 3 -13.89 0.24 -8.40
CA VAL A 3 -13.12 0.75 -7.24
C VAL A 3 -14.11 0.85 -6.09
N LYS A 4 -13.69 0.41 -4.87
CA LYS A 4 -14.42 0.50 -3.63
C LYS A 4 -13.46 1.16 -2.62
N VAL A 5 -13.80 2.27 -1.98
CA VAL A 5 -13.06 2.98 -0.96
C VAL A 5 -13.96 3.08 0.31
N LYS A 6 -13.44 2.85 1.48
CA LYS A 6 -14.06 3.14 2.74
C LYS A 6 -13.03 3.58 3.79
N VAL A 7 -13.49 4.45 4.69
CA VAL A 7 -12.61 5.05 5.69
C VAL A 7 -13.47 5.45 6.87
N LYS A 8 -12.89 5.38 8.05
CA LYS A 8 -13.44 6.04 9.23
C LYS A 8 -12.25 6.83 9.81
N VAL A 9 -12.59 8.07 10.22
CA VAL A 9 -11.63 9.11 10.51
C VAL A 9 -12.33 10.09 11.41
N DPR A 10 -11.76 10.77 12.42
CA DPR A 10 -12.43 11.67 13.35
CB DPR A 10 -11.42 11.74 14.57
CG DPR A 10 -10.10 11.64 13.84
CD DPR A 10 -10.43 10.44 12.89
C DPR A 10 -13.93 11.43 13.79
O DPR A 10 -14.27 10.29 14.29
HA DPR A 10 -12.45 12.59 12.78
HB2 DPR A 10 -11.51 12.73 15.07
HB3 DPR A 10 -11.65 10.87 15.22
HG2 DPR A 10 -9.84 12.45 13.14
HG3 DPR A 10 -9.22 11.38 14.47
HD2 DPR A 10 -9.73 10.51 12.02
HD3 DPR A 10 -10.44 9.44 13.37
N PRO A 11 -14.89 12.39 13.57
CA PRO A 11 -16.29 12.14 13.87
C PRO A 11 -16.93 11.92 12.52
N THR A 12 -16.37 11.21 11.49
CA THR A 12 -16.98 11.01 10.15
C THR A 12 -16.60 9.71 9.58
N LYS A 13 -17.39 9.35 8.51
CA LYS A 13 -17.08 8.13 7.82
C LYS A 13 -17.56 8.32 6.37
N VAL A 14 -17.06 7.56 5.44
CA VAL A 14 -17.58 7.41 4.12
C VAL A 14 -17.38 6.02 3.66
N LYS A 15 -18.30 5.49 2.85
CA LYS A 15 -18.17 4.34 1.95
C LYS A 15 -18.51 4.76 0.56
N VAL A 16 -17.66 4.61 -0.47
CA VAL A 16 -17.95 5.14 -1.74
C VAL A 16 -17.40 4.17 -2.82
N LYS A 17 -18.20 3.96 -3.87
CA LYS A 17 -17.82 3.06 -5.04
C LYS A 17 -17.56 3.91 -6.25
N VAL A 18 -16.59 3.60 -7.09
CA VAL A 18 -16.36 4.28 -8.33
C VAL A 18 -16.15 3.26 -9.46
N LYS A 19 -16.76 3.49 -10.66
CA LYS A 19 -16.48 2.75 -11.85
C LYS A 19 -15.99 3.71 -13.03
N VAL A 20 -14.71 3.62 -13.36
CA VAL A 20 -14.04 4.58 -14.17
C VAL A 20 -14.00 3.97 -15.62
N NH2 A 21 -14.43 4.73 -16.65
HN1 NH2 A 21 -14.39 4.25 -17.52
HN2 NH2 A 21 -14.88 5.60 -16.43
N VAL B 1 -5.64 -8.69 -12.71
CA VAL B 1 -5.05 -8.40 -11.35
C VAL B 1 -6.15 -7.84 -10.46
N LYS B 2 -6.34 -8.36 -9.24
CA LYS B 2 -7.25 -7.89 -8.13
C LYS B 2 -6.44 -7.40 -6.96
N VAL B 3 -6.81 -6.20 -6.40
CA VAL B 3 -5.92 -5.57 -5.35
C VAL B 3 -6.62 -5.02 -4.14
N LYS B 4 -6.20 -5.25 -2.84
CA LYS B 4 -6.79 -4.59 -1.71
C LYS B 4 -5.64 -4.02 -0.83
N VAL B 5 -5.76 -2.75 -0.53
CA VAL B 5 -4.74 -1.92 0.10
C VAL B 5 -5.38 -1.40 1.35
N LYS B 6 -4.66 -1.45 2.47
CA LYS B 6 -5.14 -0.97 3.73
C LYS B 6 -4.01 -0.23 4.47
N VAL B 7 -4.28 0.94 5.03
CA VAL B 7 -3.37 1.66 5.85
C VAL B 7 -4.11 2.24 7.07
N LYS B 8 -3.49 2.00 8.30
CA LYS B 8 -4.09 2.43 9.57
C LYS B 8 -3.15 3.24 10.37
N VAL B 9 -3.55 4.47 10.83
CA VAL B 9 -2.69 5.35 11.52
C VAL B 9 -3.37 5.64 12.89
N DPR B 10 -3.00 4.86 13.97
CA DPR B 10 -3.87 4.63 15.12
CB DPR B 10 -3.16 3.35 15.73
CG DPR B 10 -1.70 3.45 15.31
CD DPR B 10 -1.82 3.96 13.95
C DPR B 10 -5.36 4.53 14.86
O DPR B 10 -5.59 3.50 14.18
HA DPR B 10 -3.76 5.35 15.92
HB2 DPR B 10 -3.38 3.39 16.81
HB3 DPR B 10 -3.47 2.37 15.30
HG2 DPR B 10 -1.26 4.24 15.96
HG3 DPR B 10 -1.15 2.49 15.34
HD2 DPR B 10 -0.92 4.55 13.67
HD3 DPR B 10 -1.95 3.10 13.25
N PRO B 11 -6.33 5.36 15.32
CA PRO B 11 -7.73 5.28 14.99
C PRO B 11 -8.15 5.41 13.55
N THR B 12 -7.41 6.18 12.77
CA THR B 12 -7.61 6.34 11.29
C THR B 12 -7.34 5.16 10.44
N LYS B 13 -8.44 4.55 9.80
CA LYS B 13 -8.44 3.36 9.01
C LYS B 13 -8.96 3.49 7.62
N VAL B 14 -8.15 3.17 6.68
CA VAL B 14 -8.44 3.39 5.29
C VAL B 14 -8.26 2.19 4.52
N LYS B 15 -9.34 1.78 3.79
CA LYS B 15 -9.21 0.69 2.84
C LYS B 15 -9.42 1.19 1.44
N VAL B 16 -8.71 0.57 0.46
CA VAL B 16 -8.99 0.78 -0.98
C VAL B 16 -8.92 -0.56 -1.72
N LYS B 17 -10.04 -1.01 -2.29
CA LYS B 17 -10.09 -2.14 -3.19
C LYS B 17 -9.89 -1.63 -4.62
N VAL B 18 -9.23 -2.42 -5.51
CA VAL B 18 -9.25 -2.01 -6.91
C VAL B 18 -9.42 -3.29 -7.74
N LYS B 19 -10.19 -3.23 -8.85
CA LYS B 19 -10.32 -4.36 -9.82
C LYS B 19 -10.35 -3.82 -11.17
N VAL B 20 -9.47 -4.38 -12.04
CA VAL B 20 -9.35 -4.09 -13.39
C VAL B 20 -10.50 -4.71 -14.29
N NH2 B 21 -10.69 -6.05 -14.22
HN1 NH2 B 21 -11.32 -6.49 -14.87
HN2 NH2 B 21 -9.97 -6.63 -13.85
N VAL C 1 -0.89 -16.75 -8.69
CA VAL C 1 0.23 -15.85 -8.09
C VAL C 1 -0.38 -14.77 -7.19
N LYS C 2 -0.03 -14.72 -5.89
CA LYS C 2 -0.59 -13.83 -4.92
C LYS C 2 0.71 -13.20 -4.24
N VAL C 3 0.77 -11.95 -3.88
CA VAL C 3 1.88 -11.37 -3.11
C VAL C 3 1.23 -10.60 -1.98
N LYS C 4 1.73 -10.77 -0.76
CA LYS C 4 1.12 -10.02 0.32
C LYS C 4 2.32 -9.29 0.88
N VAL C 5 2.02 -7.99 1.15
CA VAL C 5 2.95 -7.09 1.70
C VAL C 5 2.46 -6.55 3.07
N LYS C 6 3.29 -6.48 4.06
CA LYS C 6 3.07 -5.93 5.42
C LYS C 6 4.23 -5.11 5.86
N VAL C 7 4.06 -3.85 6.35
CA VAL C 7 5.06 -3.05 7.05
C VAL C 7 4.41 -2.36 8.22
N LYS C 8 4.98 -2.59 9.46
CA LYS C 8 4.53 -1.97 10.71
C LYS C 8 5.69 -1.15 11.17
N VAL C 9 5.42 0.13 11.41
CA VAL C 9 6.48 1.12 11.68
C VAL C 9 5.91 2.19 12.62
N DPR C 10 6.73 2.76 13.56
CA DPR C 10 6.25 3.75 14.59
CB DPR C 10 7.24 3.67 15.74
CG DPR C 10 8.53 3.23 15.02
CD DPR C 10 8.14 2.42 13.79
C DPR C 10 4.85 3.63 15.11
O DPR C 10 4.63 2.70 15.81
HA DPR C 10 6.27 4.68 14.03
HB2 DPR C 10 7.52 4.60 16.25
HB3 DPR C 10 7.03 2.99 16.58
HG2 DPR C 10 8.93 4.18 14.60
HG3 DPR C 10 9.33 2.78 15.64
HD2 DPR C 10 8.74 2.64 12.89
HD3 DPR C 10 8.19 1.31 13.92
N PRO C 11 3.99 4.58 14.71
CA PRO C 11 2.57 4.41 14.87
C PRO C 11 1.97 4.55 13.51
N THR C 12 2.17 3.60 12.59
CA THR C 12 1.57 3.57 11.26
C THR C 12 1.71 2.03 10.89
N LYS C 13 0.75 1.52 10.10
CA LYS C 13 0.79 0.24 9.49
C LYS C 13 0.25 0.38 8.08
N VAL C 14 0.92 -0.25 7.13
CA VAL C 14 0.44 -0.43 5.84
C VAL C 14 0.47 -1.94 5.51
N LYS C 15 -0.55 -2.43 4.80
CA LYS C 15 -0.51 -3.77 4.19
C LYS C 15 -1.27 -3.78 2.88
N VAL C 16 -0.95 -4.78 2.03
CA VAL C 16 -1.55 -4.91 0.77
C VAL C 16 -1.67 -6.39 0.41
N LYS C 17 -2.65 -6.79 -0.34
CA LYS C 17 -2.83 -8.09 -0.93
C LYS C 17 -3.16 -7.91 -2.40
N VAL C 18 -2.37 -8.63 -3.26
CA VAL C 18 -2.33 -8.63 -4.66
C VAL C 18 -2.56 -10.04 -5.17
N LYS C 19 -3.22 -10.22 -6.31
CA LYS C 19 -3.29 -11.43 -7.04
C LYS C 19 -3.15 -11.07 -8.47
N VAL C 20 -2.36 -11.75 -9.25
CA VAL C 20 -2.00 -11.53 -10.67
C VAL C 20 -3.04 -12.06 -11.65
N NH2 C 21 -3.10 -13.40 -11.78
HN1 NH2 C 21 -3.84 -13.76 -12.36
HN2 NH2 C 21 -2.52 -14.11 -11.40
N VAL D 1 3.71 -23.73 -3.57
CA VAL D 1 5.18 -23.21 -3.40
C VAL D 1 5.13 -21.78 -2.75
N LYS D 2 6.14 -21.47 -1.91
CA LYS D 2 6.30 -20.13 -1.36
C LYS D 2 7.68 -19.68 -1.07
N VAL D 3 7.99 -18.33 -1.15
CA VAL D 3 9.15 -17.62 -0.73
C VAL D 3 8.74 -16.40 0.07
N LYS D 4 9.60 -15.93 0.91
CA LYS D 4 9.37 -14.81 1.83
C LYS D 4 10.53 -13.84 1.98
N VAL D 5 10.28 -12.58 2.37
CA VAL D 5 11.29 -11.58 2.71
C VAL D 5 10.80 -11.18 4.14
N LYS D 6 11.73 -11.26 5.13
CA LYS D 6 11.30 -10.79 6.45
C LYS D 6 12.51 -10.15 7.13
N VAL D 7 12.30 -8.89 7.72
CA VAL D 7 13.31 -8.19 8.55
C VAL D 7 12.56 -7.60 9.68
N LYS D 8 13.10 -7.66 10.93
CA LYS D 8 12.36 -7.16 12.06
C LYS D 8 13.49 -6.50 12.92
N VAL D 9 13.46 -5.15 13.07
CA VAL D 9 14.19 -4.44 14.17
C VAL D 9 13.32 -3.78 15.18
N DPR D 10 13.03 -4.28 16.43
CA DPR D 10 11.94 -3.90 17.27
CB DPR D 10 11.59 -5.15 18.02
CG DPR D 10 12.94 -5.81 18.19
CD DPR D 10 13.55 -5.60 16.83
C DPR D 10 10.60 -3.33 16.66
O DPR D 10 9.96 -4.13 15.94
HA DPR D 10 12.36 -3.06 17.82
HB2 DPR D 10 11.08 -5.14 19.00
HB3 DPR D 10 11.09 -5.76 17.25
HG2 DPR D 10 13.56 -5.31 18.96
HG3 DPR D 10 12.82 -6.88 18.47
HD2 DPR D 10 14.65 -5.63 16.90
HD3 DPR D 10 13.20 -6.39 16.12
N PRO D 11 10.21 -2.10 16.90
CA PRO D 11 9.07 -1.50 16.14
C PRO D 11 9.12 -1.40 14.61
N THR D 12 10.15 -1.79 13.88
CA THR D 12 10.20 -1.65 12.40
C THR D 12 10.06 -3.07 11.95
N LYS D 13 8.89 -3.54 11.60
CA LYS D 13 8.63 -4.85 11.11
C LYS D 13 8.28 -4.74 9.71
N VAL D 14 8.89 -5.58 8.86
CA VAL D 14 8.62 -5.56 7.41
C VAL D 14 8.47 -7.05 6.99
N LYS D 15 7.44 -7.40 6.21
CA LYS D 15 7.29 -8.72 5.62
C LYS D 15 6.57 -8.82 4.28
N VAL D 16 7.17 -9.45 3.28
CA VAL D 16 6.62 -9.62 2.00
C VAL D 16 6.63 -11.13 1.68
N LYS D 17 5.60 -11.74 1.12
CA LYS D 17 5.68 -13.12 0.88
C LYS D 17 4.93 -13.50 -0.39
N VAL D 18 5.32 -14.60 -0.92
CA VAL D 18 4.75 -14.93 -2.20
C VAL D 18 4.06 -16.28 -2.18
N LYS D 19 2.85 -16.45 -2.61
CA LYS D 19 2.24 -17.77 -2.86
C LYS D 19 2.35 -18.11 -4.39
N VAL D 20 3.16 -19.06 -4.77
CA VAL D 20 3.23 -19.72 -6.05
C VAL D 20 2.55 -21.08 -5.73
N NH2 D 21 1.18 -21.21 -5.93
HN1 NH2 D 21 0.93 -22.16 -6.12
HN2 NH2 D 21 0.65 -20.43 -6.26
N VAL E 1 -5.95 15.62 10.56
CA VAL E 1 -6.02 14.32 9.85
C VAL E 1 -6.74 14.45 8.54
N LYS E 2 -6.19 13.91 7.43
CA LYS E 2 -6.84 14.04 6.07
C LYS E 2 -6.41 12.85 5.26
N VAL E 3 -7.24 12.26 4.43
CA VAL E 3 -7.00 11.00 3.71
C VAL E 3 -7.39 11.25 2.28
N LYS E 4 -6.57 10.93 1.29
CA LYS E 4 -6.89 11.01 -0.17
C LYS E 4 -6.76 9.66 -0.80
N VAL E 5 -7.72 9.31 -1.64
CA VAL E 5 -7.46 8.28 -2.62
C VAL E 5 -7.57 8.89 -4.04
N LYS E 6 -6.61 8.74 -4.92
CA LYS E 6 -6.73 9.15 -6.35
C LYS E 6 -6.53 8.08 -7.29
N VAL E 7 -7.55 7.90 -8.21
CA VAL E 7 -7.64 6.76 -9.03
C VAL E 7 -7.63 7.11 -10.52
N LYS E 8 -6.66 6.62 -11.33
CA LYS E 8 -6.40 7.15 -12.64
C LYS E 8 -6.43 6.03 -13.60
N VAL E 9 -7.31 6.09 -14.65
CA VAL E 9 -7.19 5.15 -15.79
C VAL E 9 -7.24 5.89 -17.09
N DPR E 10 -6.24 5.85 -17.98
CA DPR E 10 -5.95 6.80 -19.05
CB DPR E 10 -4.43 6.52 -19.48
CG DPR E 10 -4.47 5.04 -19.36
CD DPR E 10 -5.32 4.75 -18.08
C DPR E 10 -6.40 8.28 -18.83
O DPR E 10 -5.85 8.89 -17.91
HA DPR E 10 -6.44 6.54 -19.97
HB2 DPR E 10 -4.22 6.80 -20.53
HB3 DPR E 10 -3.61 7.03 -18.91
HG2 DPR E 10 -5.03 4.56 -20.19
HG3 DPR E 10 -3.49 4.54 -19.42
HD2 DPR E 10 -5.87 3.79 -18.11
HD3 DPR E 10 -4.60 4.75 -17.24
N PRO E 11 -7.42 8.80 -19.46
CA PRO E 11 -7.63 10.26 -19.44
C PRO E 11 -8.54 10.57 -18.27
N THR E 12 -8.99 9.58 -17.54
CA THR E 12 -10.02 9.69 -16.48
C THR E 12 -9.37 9.59 -15.12
N LYS E 13 -9.38 10.73 -14.46
CA LYS E 13 -8.62 10.90 -13.23
C LYS E 13 -9.69 11.29 -12.18
N VAL E 14 -9.69 10.73 -10.99
CA VAL E 14 -10.66 11.00 -9.93
C VAL E 14 -10.10 11.04 -8.56
N LYS E 15 -10.46 12.03 -7.67
CA LYS E 15 -9.91 11.96 -6.35
C LYS E 15 -11.13 11.79 -5.39
N VAL E 16 -11.00 10.95 -4.37
CA VAL E 16 -11.98 10.79 -3.31
C VAL E 16 -11.19 11.42 -2.16
N LYS E 17 -11.65 12.38 -1.39
CA LYS E 17 -10.79 13.07 -0.47
C LYS E 17 -11.53 13.45 0.82
N VAL E 18 -10.99 13.13 2.06
CA VAL E 18 -11.66 13.31 3.35
C VAL E 18 -10.77 14.23 4.17
N LYS E 19 -11.32 15.17 4.98
CA LYS E 19 -10.60 16.01 5.89
C LYS E 19 -11.23 16.20 7.26
N VAL E 20 -10.45 16.34 8.38
CA VAL E 20 -10.90 16.53 9.77
C VAL E 20 -10.01 17.69 10.31
N NH2 E 21 -10.52 18.78 10.92
HN1 NH2 E 21 -9.85 19.48 11.11
HN2 NH2 E 21 -11.50 18.88 11.11
N VAL F 1 3.13 12.22 10.52
CA VAL F 1 2.90 10.92 9.72
C VAL F 1 2.27 11.13 8.34
N LYS F 2 2.96 10.89 7.26
CA LYS F 2 2.47 11.06 5.88
C LYS F 2 2.74 9.69 5.25
N VAL F 3 1.61 8.97 4.77
CA VAL F 3 1.68 7.61 4.12
C VAL F 3 1.19 7.66 2.70
N LYS F 4 1.99 6.96 1.83
CA LYS F 4 1.74 6.94 0.40
C LYS F 4 1.76 5.46 -0.03
N VAL F 5 0.72 4.99 -0.75
CA VAL F 5 0.79 3.67 -1.45
C VAL F 5 0.36 3.94 -2.87
N LYS F 6 1.27 3.73 -3.79
CA LYS F 6 0.97 3.84 -5.19
C LYS F 6 1.05 2.41 -5.73
N VAL F 7 0.10 2.10 -6.69
CA VAL F 7 0.21 0.81 -7.30
C VAL F 7 -0.31 0.97 -8.72
N LYS F 8 0.34 0.25 -9.65
CA LYS F 8 -0.09 0.19 -11.03
C LYS F 8 -0.58 -1.24 -11.35
N VAL F 9 -1.89 -1.33 -11.55
CA VAL F 9 -2.66 -2.59 -11.44
C VAL F 9 -3.09 -2.76 -12.86
N DPR F 10 -2.48 -3.60 -13.69
CA DPR F 10 -2.53 -3.41 -15.14
CB DPR F 10 -1.24 -4.17 -15.62
CG DPR F 10 -1.01 -5.23 -14.58
CD DPR F 10 -1.35 -4.45 -13.30
C DPR F 10 -2.62 -1.98 -15.78
O DPR F 10 -1.58 -1.36 -15.81
HA DPR F 10 -3.33 -4.02 -15.51
HB2 DPR F 10 -1.42 -4.61 -16.62
HB3 DPR F 10 -0.42 -3.42 -15.70
HG2 DPR F 10 -1.65 -6.13 -14.70
HG3 DPR F 10 0.07 -5.46 -14.54
HD2 DPR F 10 -1.50 -5.10 -12.41
HD3 DPR F 10 -0.47 -3.83 -13.05
N PRO F 11 -3.73 -1.48 -16.30
CA PRO F 11 -3.83 -0.15 -16.90
C PRO F 11 -4.32 0.91 -15.88
N THR F 12 -4.31 0.64 -14.59
CA THR F 12 -5.10 1.39 -13.61
C THR F 12 -4.09 1.87 -12.63
N LYS F 13 -3.87 3.16 -12.53
CA LYS F 13 -2.78 3.68 -11.71
C LYS F 13 -3.45 4.34 -10.45
N VAL F 14 -3.14 3.83 -9.22
CA VAL F 14 -3.73 4.25 -8.01
C VAL F 14 -2.78 4.79 -7.07
N LYS F 15 -3.16 5.98 -6.51
CA LYS F 15 -2.50 6.66 -5.42
C LYS F 15 -3.40 6.71 -4.18
N VAL F 16 -2.92 6.27 -2.95
CA VAL F 16 -3.69 6.23 -1.74
C VAL F 16 -2.82 7.00 -0.77
N LYS F 17 -3.37 8.01 -0.02
CA LYS F 17 -2.47 8.81 0.94
C LYS F 17 -3.14 9.02 2.29
N VAL F 18 -2.50 8.78 3.45
CA VAL F 18 -2.97 9.27 4.81
C VAL F 18 -2.05 10.40 5.31
N LYS F 19 -2.63 11.54 5.80
CA LYS F 19 -1.84 12.55 6.34
C LYS F 19 -2.43 12.81 7.79
N VAL F 20 -1.57 12.70 8.89
CA VAL F 20 -1.68 12.97 10.28
C VAL F 20 -0.53 13.96 10.67
N NH2 F 21 -0.97 15.05 11.38
HN1 NH2 F 21 -0.29 15.64 11.81
HN2 NH2 F 21 -1.94 15.12 11.59
N VAL G 1 12.53 10.02 10.36
CA VAL G 1 12.63 8.67 9.67
C VAL G 1 11.72 8.52 8.50
N LYS G 2 12.33 8.04 7.42
CA LYS G 2 11.71 7.81 6.19
C LYS G 2 11.84 6.24 5.90
N VAL G 3 10.83 5.63 5.29
CA VAL G 3 10.82 4.28 4.98
C VAL G 3 10.38 4.11 3.49
N LYS G 4 11.12 3.38 2.64
CA LYS G 4 10.84 3.10 1.30
C LYS G 4 10.60 1.59 1.23
N VAL G 5 9.43 1.11 0.74
CA VAL G 5 9.23 -0.29 0.38
C VAL G 5 8.84 -0.29 -1.06
N LYS G 6 9.49 -1.03 -1.97
CA LYS G 6 9.10 -1.03 -3.35
C LYS G 6 9.15 -2.45 -3.82
N VAL G 7 8.15 -2.96 -4.62
CA VAL G 7 8.07 -4.40 -4.81
C VAL G 7 7.29 -4.63 -6.13
N LYS G 8 7.83 -5.51 -6.96
CA LYS G 8 7.32 -5.86 -8.26
C LYS G 8 6.70 -7.25 -8.10
N VAL G 9 5.44 -7.39 -8.59
CA VAL G 9 4.56 -8.48 -8.45
C VAL G 9 4.15 -8.94 -9.86
N DPR G 10 4.91 -9.76 -10.58
CA DPR G 10 5.01 -9.75 -12.09
CB DPR G 10 6.34 -10.35 -12.43
CG DPR G 10 6.61 -11.24 -11.17
CD DPR G 10 6.06 -10.42 -10.00
C DPR G 10 4.77 -8.36 -12.79
O DPR G 10 5.55 -7.48 -12.43
HA DPR G 10 4.14 -10.33 -12.37
HB2 DPR G 10 6.30 -10.91 -13.39
HB3 DPR G 10 7.13 -9.58 -12.57
HG2 DPR G 10 6.03 -12.18 -11.31
HG3 DPR G 10 7.67 -11.52 -11.00
HD2 DPR G 10 5.80 -11.15 -9.21
HD3 DPR G 10 6.77 -9.70 -9.52
N PRO G 11 3.73 -8.15 -13.69
CA PRO G 11 3.47 -6.83 -14.29
C PRO G 11 2.90 -5.85 -13.27
N THR G 12 2.39 -6.25 -12.13
CA THR G 12 2.02 -5.37 -11.00
C THR G 12 3.13 -4.71 -10.25
N LYS G 13 3.13 -3.36 -10.32
CA LYS G 13 4.18 -2.60 -9.77
C LYS G 13 3.61 -1.93 -8.50
N VAL G 14 4.16 -2.10 -7.28
CA VAL G 14 3.70 -1.62 -5.95
C VAL G 14 4.83 -0.81 -5.43
N LYS G 15 4.52 0.49 -5.00
CA LYS G 15 5.45 1.33 -4.27
C LYS G 15 4.76 1.72 -2.97
N VAL G 16 5.30 1.47 -1.78
CA VAL G 16 4.71 1.90 -0.45
C VAL G 16 5.78 2.82 0.14
N LYS G 17 5.39 3.87 0.80
CA LYS G 17 6.36 4.74 1.38
C LYS G 17 5.69 5.32 2.67
N VAL G 18 6.50 5.63 3.72
CA VAL G 18 5.90 6.09 4.96
C VAL G 18 6.86 7.02 5.56
N LYS G 19 6.47 8.25 5.99
CA LYS G 19 7.31 9.14 6.68
C LYS G 19 6.54 9.36 7.95
N VAL G 20 7.18 8.97 9.02
CA VAL G 20 6.78 8.85 10.44
C VAL G 20 7.50 9.99 11.30
N NH2 G 21 7.75 11.17 10.79
HN1 NH2 G 21 8.46 11.67 11.28
HN2 NH2 G 21 7.20 11.46 10.01
N VAL H 1 18.56 1.11 13.42
CA VAL H 1 17.79 0.71 12.28
C VAL H 1 18.63 1.17 11.02
N LYS H 2 19.17 0.24 10.19
CA LYS H 2 20.00 0.45 9.04
C LYS H 2 19.68 -0.53 7.87
N VAL H 3 18.38 -0.88 7.77
CA VAL H 3 17.76 -1.87 6.92
C VAL H 3 18.13 -1.54 5.51
N LYS H 4 18.71 -2.54 4.78
CA LYS H 4 18.93 -2.42 3.32
C LYS H 4 18.67 -3.78 2.69
N VAL H 5 17.64 -3.98 1.87
CA VAL H 5 17.35 -5.30 1.27
C VAL H 5 16.92 -5.06 -0.18
N LYS H 6 17.75 -5.56 -1.13
CA LYS H 6 17.48 -5.47 -2.56
C LYS H 6 17.71 -6.94 -3.10
N VAL H 7 16.66 -7.55 -3.45
CA VAL H 7 16.63 -9.02 -3.38
C VAL H 7 15.72 -9.48 -4.46
N LYS H 8 16.04 -10.66 -5.06
CA LYS H 8 15.00 -11.30 -5.84
C LYS H 8 14.82 -12.64 -5.21
N VAL H 9 13.60 -13.06 -4.85
CA VAL H 9 13.27 -14.33 -4.30
C VAL H 9 12.27 -14.93 -5.22
N DPR H 10 12.36 -16.30 -5.53
CA DPR H 10 11.59 -16.96 -6.53
CB DPR H 10 12.32 -18.32 -6.89
CG DPR H 10 13.05 -18.56 -5.52
CD DPR H 10 13.38 -17.13 -4.92
C DPR H 10 11.13 -16.05 -7.69
O DPR H 10 12.00 -15.42 -8.27
HA DPR H 10 10.68 -17.18 -5.99
HB2 DPR H 10 11.55 -19.08 -7.15
HB3 DPR H 10 13.08 -18.10 -7.66
HG2 DPR H 10 12.40 -19.09 -4.79
HG3 DPR H 10 14.01 -19.10 -5.65
HD2 DPR H 10 13.35 -17.24 -3.80
HD3 DPR H 10 14.36 -16.83 -5.34
N PRO H 11 9.81 -15.95 -7.99
CA PRO H 11 9.41 -15.06 -9.08
C PRO H 11 8.86 -13.74 -8.40
N THR H 12 9.73 -12.95 -7.66
CA THR H 12 9.29 -11.62 -7.10
C THR H 12 10.43 -10.72 -6.75
N LYS H 13 10.34 -9.42 -7.10
CA LYS H 13 11.49 -8.54 -7.02
C LYS H 13 11.21 -7.42 -5.98
N VAL H 14 12.14 -7.25 -5.07
CA VAL H 14 11.82 -6.54 -3.83
C VAL H 14 12.99 -5.60 -3.56
N LYS H 15 12.69 -4.37 -3.16
CA LYS H 15 13.59 -3.47 -2.46
C LYS H 15 12.91 -2.86 -1.20
N VAL H 16 13.57 -3.08 -0.05
CA VAL H 16 13.22 -2.45 1.16
C VAL H 16 14.40 -1.71 1.69
N LYS H 17 14.18 -0.47 2.22
CA LYS H 17 15.18 0.37 2.90
C LYS H 17 14.48 1.19 4.02
N VAL H 18 15.15 1.20 5.20
CA VAL H 18 14.93 2.06 6.34
C VAL H 18 16.27 2.56 6.84
N LYS H 19 16.49 3.89 6.73
CA LYS H 19 17.70 4.53 7.09
C LYS H 19 17.45 5.60 8.20
N VAL H 20 18.44 5.78 9.09
CA VAL H 20 18.43 6.69 10.26
C VAL H 20 19.81 7.36 10.48
N NH2 H 21 20.86 6.65 10.98
HN1 NH2 H 21 21.77 7.09 10.92
HN2 NH2 H 21 20.77 5.74 11.38
N VAL A 1 -13.20 -1.31 -14.76
CA VAL A 1 -12.58 -1.00 -13.46
C VAL A 1 -13.62 -0.58 -12.39
N LYS A 2 -13.80 -1.48 -11.41
CA LYS A 2 -14.65 -1.19 -10.21
C LYS A 2 -13.71 -0.95 -9.08
N VAL A 3 -13.80 0.24 -8.35
CA VAL A 3 -12.85 0.50 -7.28
C VAL A 3 -13.65 0.95 -6.07
N LYS A 4 -13.33 0.34 -4.86
CA LYS A 4 -14.07 0.71 -3.70
C LYS A 4 -13.09 1.30 -2.72
N VAL A 5 -13.36 2.58 -2.24
CA VAL A 5 -12.59 3.24 -1.16
C VAL A 5 -13.54 3.46 -0.08
N LYS A 6 -13.12 3.04 1.11
CA LYS A 6 -13.93 3.07 2.31
C LYS A 6 -13.11 3.51 3.50
N VAL A 7 -13.68 4.42 4.32
CA VAL A 7 -12.83 5.09 5.31
C VAL A 7 -13.70 5.50 6.50
N LYS A 8 -13.08 5.25 7.68
CA LYS A 8 -13.43 5.97 8.91
C LYS A 8 -12.28 6.77 9.50
N VAL A 9 -12.67 7.92 10.09
CA VAL A 9 -11.62 8.89 10.27
C VAL A 9 -12.26 9.87 11.28
N DPR A 10 -11.71 10.42 12.40
CA DPR A 10 -12.34 11.18 13.45
CB DPR A 10 -11.46 11.02 14.66
CG DPR A 10 -10.03 10.87 14.03
CD DPR A 10 -10.29 10.09 12.74
C DPR A 10 -13.88 10.87 13.72
O DPR A 10 -14.14 9.71 14.01
HA DPR A 10 -12.22 12.20 13.15
HB2 DPR A 10 -11.58 11.87 15.38
HB3 DPR A 10 -11.71 10.10 15.24
HG2 DPR A 10 -9.50 11.85 13.93
HG3 DPR A 10 -9.30 10.33 14.66
HD2 DPR A 10 -9.54 10.44 12.00
HD3 DPR A 10 -10.27 9.00 12.95
N PRO A 11 -14.92 11.69 13.57
CA PRO A 11 -16.25 11.23 13.91
C PRO A 11 -17.04 11.21 12.66
N THR A 12 -16.36 10.97 11.45
CA THR A 12 -16.96 10.95 10.14
C THR A 12 -16.60 9.64 9.41
N LYS A 13 -17.47 9.30 8.45
CA LYS A 13 -17.39 8.01 7.73
C LYS A 13 -17.87 8.22 6.32
N VAL A 14 -17.22 7.58 5.35
CA VAL A 14 -17.71 7.50 3.95
C VAL A 14 -17.30 6.13 3.37
N LYS A 15 -18.24 5.44 2.64
CA LYS A 15 -17.84 4.38 1.76
C LYS A 15 -18.30 4.78 0.33
N VAL A 16 -17.39 4.59 -0.64
CA VAL A 16 -17.75 5.23 -1.93
C VAL A 16 -17.29 4.30 -3.09
N LYS A 17 -18.10 4.25 -4.19
CA LYS A 17 -17.67 3.40 -5.29
C LYS A 17 -17.32 4.27 -6.44
N VAL A 18 -16.29 3.88 -7.20
CA VAL A 18 -15.81 4.64 -8.33
C VAL A 18 -15.52 3.62 -9.35
N LYS A 19 -16.20 3.85 -10.51
CA LYS A 19 -16.23 2.99 -11.70
C LYS A 19 -15.80 3.67 -12.95
N VAL A 20 -14.83 3.13 -13.62
CA VAL A 20 -14.35 3.60 -14.87
C VAL A 20 -14.44 2.35 -15.81
N NH2 A 21 -15.54 2.12 -16.50
HN1 NH2 A 21 -15.67 1.21 -16.88
HN2 NH2 A 21 -16.39 2.64 -16.44
N VAL B 1 -5.99 -8.73 -12.84
CA VAL B 1 -5.23 -8.53 -11.55
C VAL B 1 -6.13 -7.97 -10.44
N LYS B 2 -6.12 -8.50 -9.17
CA LYS B 2 -7.00 -8.01 -8.11
C LYS B 2 -6.08 -7.58 -6.93
N VAL B 3 -6.20 -6.31 -6.48
CA VAL B 3 -5.41 -5.65 -5.49
C VAL B 3 -6.34 -5.03 -4.41
N LYS B 4 -6.19 -5.42 -3.09
CA LYS B 4 -6.67 -4.89 -1.87
C LYS B 4 -5.50 -4.09 -1.16
N VAL B 5 -5.76 -2.83 -0.92
CA VAL B 5 -4.81 -2.10 -0.12
C VAL B 5 -5.51 -1.69 1.22
N LYS B 6 -4.82 -1.83 2.38
CA LYS B 6 -5.47 -1.57 3.68
C LYS B 6 -4.32 -0.82 4.44
N VAL B 7 -4.74 0.26 5.21
CA VAL B 7 -3.69 1.11 5.84
C VAL B 7 -4.26 1.73 7.07
N LYS B 8 -3.41 1.98 8.04
CA LYS B 8 -3.83 2.53 9.33
C LYS B 8 -2.78 3.41 10.04
N VAL B 9 -3.21 4.60 10.56
CA VAL B 9 -2.39 5.41 11.43
C VAL B 9 -3.38 5.79 12.57
N DPR B 10 -3.24 5.20 13.79
CA DPR B 10 -4.24 5.26 14.94
CB DPR B 10 -3.81 4.18 15.86
CG DPR B 10 -2.30 4.14 15.64
CD DPR B 10 -2.15 4.37 14.14
C DPR B 10 -5.66 5.27 14.60
O DPR B 10 -6.10 4.19 14.25
HA DPR B 10 -3.95 6.27 15.18
HB2 DPR B 10 -4.09 4.58 16.86
HB3 DPR B 10 -4.27 3.17 15.76
HG2 DPR B 10 -1.82 5.09 15.99
HG3 DPR B 10 -1.83 3.23 16.07
HD2 DPR B 10 -1.21 4.96 14.01
HD3 DPR B 10 -2.06 3.46 13.52
N PRO B 11 -6.46 6.34 14.71
CA PRO B 11 -7.90 6.34 14.29
C PRO B 11 -8.11 6.40 12.85
N THR B 12 -7.16 6.58 11.92
CA THR B 12 -7.49 6.85 10.53
C THR B 12 -7.32 5.44 9.90
N LYS B 13 -8.47 4.74 9.58
CA LYS B 13 -8.41 3.47 8.85
C LYS B 13 -9.05 3.54 7.46
N VAL B 14 -8.17 3.25 6.52
CA VAL B 14 -8.54 3.44 5.13
C VAL B 14 -8.49 2.10 4.34
N LYS B 15 -9.34 1.85 3.35
CA LYS B 15 -9.27 0.71 2.49
C LYS B 15 -9.49 0.95 1.00
N VAL B 16 -8.73 0.27 0.09
CA VAL B 16 -8.89 0.30 -1.29
C VAL B 16 -9.10 -1.07 -1.85
N LYS B 17 -10.13 -1.41 -2.60
CA LYS B 17 -10.31 -2.61 -3.34
C LYS B 17 -10.43 -2.38 -4.89
N VAL B 18 -9.41 -2.82 -5.64
CA VAL B 18 -9.30 -2.62 -7.04
C VAL B 18 -9.77 -3.88 -7.70
N LYS B 19 -10.70 -3.73 -8.69
CA LYS B 19 -11.03 -4.84 -9.55
C LYS B 19 -10.98 -4.24 -10.96
N VAL B 20 -10.13 -4.79 -11.76
CA VAL B 20 -9.83 -4.22 -13.10
C VAL B 20 -10.94 -4.64 -14.14
N NH2 B 21 -11.18 -5.95 -14.14
HN1 NH2 B 21 -12.06 -6.25 -14.53
HN2 NH2 B 21 -10.62 -6.55 -13.56
N VAL C 1 -0.39 -16.74 -8.78
CA VAL C 1 0.57 -16.15 -7.76
C VAL C 1 -0.15 -15.16 -6.88
N LYS C 2 -0.53 -15.60 -5.68
CA LYS C 2 -1.07 -14.72 -4.60
C LYS C 2 0.07 -14.21 -3.76
N VAL C 3 0.12 -12.89 -3.54
CA VAL C 3 1.11 -12.07 -2.86
C VAL C 3 0.58 -11.17 -1.76
N LYS C 4 1.33 -11.10 -0.63
CA LYS C 4 0.93 -10.34 0.52
C LYS C 4 2.18 -9.71 1.02
N VAL C 5 1.96 -8.39 1.37
CA VAL C 5 2.98 -7.61 2.06
C VAL C 5 2.44 -6.89 3.32
N LYS C 6 3.10 -7.06 4.53
CA LYS C 6 2.77 -6.27 5.67
C LYS C 6 4.03 -5.51 6.10
N VAL C 7 3.83 -4.26 6.57
CA VAL C 7 4.88 -3.39 7.10
C VAL C 7 4.41 -2.61 8.23
N LYS C 8 5.08 -2.74 9.38
CA LYS C 8 4.70 -1.91 10.53
C LYS C 8 6.06 -1.26 10.94
N VAL C 9 6.11 0.08 11.04
CA VAL C 9 7.27 0.85 11.48
C VAL C 9 6.80 1.98 12.33
N DPR C 10 7.49 2.49 13.32
CA DPR C 10 6.98 3.39 14.41
CB DPR C 10 7.98 3.25 15.55
CG DPR C 10 9.31 3.00 14.81
CD DPR C 10 8.91 2.22 13.56
C DPR C 10 5.52 3.29 14.81
O DPR C 10 5.09 2.17 15.12
HA DPR C 10 7.07 4.32 13.87
HB2 DPR C 10 8.15 4.15 16.17
HB3 DPR C 10 7.74 2.37 16.18
HG2 DPR C 10 9.71 4.02 14.72
HG3 DPR C 10 10.09 2.34 15.26
HD2 DPR C 10 9.57 2.54 12.71
HD3 DPR C 10 9.21 1.16 13.69
N PRO C 11 4.68 4.26 14.73
CA PRO C 11 3.20 4.04 14.92
C PRO C 11 2.37 4.15 13.66
N THR C 12 2.58 3.14 12.70
CA THR C 12 1.89 3.15 11.40
C THR C 12 1.78 1.72 10.88
N LYS C 13 0.72 1.29 10.22
CA LYS C 13 0.52 0.02 9.70
C LYS C 13 0.09 0.12 8.25
N VAL C 14 0.78 -0.70 7.34
CA VAL C 14 0.26 -0.83 5.94
C VAL C 14 0.21 -2.36 5.59
N LYS C 15 -0.79 -2.74 4.80
CA LYS C 15 -0.92 -4.06 4.22
C LYS C 15 -1.61 -4.08 2.87
N VAL C 16 -0.92 -4.88 1.98
CA VAL C 16 -1.16 -4.96 0.61
C VAL C 16 -1.38 -6.43 0.19
N LYS C 17 -2.53 -6.73 -0.50
CA LYS C 17 -2.82 -8.08 -0.92
C LYS C 17 -2.94 -8.03 -2.46
N VAL C 18 -2.26 -8.99 -3.17
CA VAL C 18 -2.44 -9.11 -4.57
C VAL C 18 -2.68 -10.59 -4.99
N LYS C 19 -3.74 -10.77 -5.81
CA LYS C 19 -3.72 -11.95 -6.68
C LYS C 19 -3.51 -11.44 -8.13
N VAL C 20 -2.41 -11.92 -8.76
CA VAL C 20 -2.03 -11.69 -10.14
C VAL C 20 -2.96 -12.41 -11.14
N NH2 C 21 -3.05 -13.76 -11.09
HN1 NH2 C 21 -3.38 -14.17 -11.93
HN2 NH2 C 21 -2.56 -14.21 -10.33
N VAL D 1 4.06 -23.56 -3.08
CA VAL D 1 5.34 -23.12 -2.42
C VAL D 1 5.27 -21.62 -1.97
N LYS D 2 5.73 -21.42 -0.68
CA LYS D 2 5.69 -20.07 -0.15
C LYS D 2 7.11 -19.49 -0.12
N VAL D 3 7.48 -18.50 -1.02
CA VAL D 3 8.77 -17.72 -0.94
C VAL D 3 8.65 -16.40 -0.22
N LYS D 4 9.67 -16.03 0.71
CA LYS D 4 9.42 -14.93 1.62
C LYS D 4 10.60 -14.06 1.79
N VAL D 5 10.40 -12.76 2.18
CA VAL D 5 11.54 -11.91 2.58
C VAL D 5 11.08 -11.02 3.84
N LYS D 6 11.91 -10.99 4.90
CA LYS D 6 11.52 -10.36 6.14
C LYS D 6 12.65 -9.70 6.94
N VAL D 7 12.33 -8.81 7.88
CA VAL D 7 13.35 -8.15 8.69
C VAL D 7 12.54 -7.55 9.79
N LYS D 8 12.88 -7.93 11.03
CA LYS D 8 12.18 -7.56 12.30
C LYS D 8 13.32 -6.79 13.05
N VAL D 9 13.16 -5.49 13.41
CA VAL D 9 14.03 -4.82 14.24
C VAL D 9 13.16 -4.10 15.32
N DPR D 10 12.94 -4.63 16.54
CA DPR D 10 11.92 -4.15 17.49
CB DPR D 10 11.60 -5.39 18.32
CG DPR D 10 12.96 -6.02 18.48
CD DPR D 10 13.51 -5.89 17.04
C DPR D 10 10.66 -3.52 16.94
O DPR D 10 9.88 -4.22 16.35
HA DPR D 10 12.44 -3.36 18.01
HB2 DPR D 10 10.92 -5.04 19.13
HB3 DPR D 10 10.91 -6.04 17.72
HG2 DPR D 10 13.59 -5.35 19.10
HG3 DPR D 10 12.97 -7.06 18.85
HD2 DPR D 10 14.61 -5.74 16.98
HD3 DPR D 10 13.24 -6.84 16.52
N PRO D 11 10.33 -2.23 17.00
CA PRO D 11 9.21 -1.67 16.31
C PRO D 11 9.15 -1.76 14.82
N THR D 12 10.32 -1.77 14.20
CA THR D 12 10.36 -1.90 12.72
C THR D 12 10.24 -3.39 12.28
N LYS D 13 9.13 -3.71 11.56
CA LYS D 13 8.90 -5.03 11.10
C LYS D 13 8.56 -4.89 9.62
N VAL D 14 8.97 -5.84 8.75
CA VAL D 14 8.50 -5.96 7.34
C VAL D 14 8.43 -7.44 7.01
N LYS D 15 7.43 -7.94 6.31
CA LYS D 15 7.43 -9.29 5.83
C LYS D 15 6.82 -9.19 4.41
N VAL D 16 7.48 -9.75 3.37
CA VAL D 16 6.96 -10.03 2.04
C VAL D 16 6.76 -11.47 1.81
N LYS D 17 5.49 -11.90 1.54
CA LYS D 17 5.33 -13.42 1.37
C LYS D 17 4.58 -13.67 0.07
N VAL D 18 5.27 -14.44 -0.82
CA VAL D 18 4.63 -14.83 -2.06
C VAL D 18 4.34 -16.35 -2.19
N LYS D 19 3.01 -16.64 -2.47
CA LYS D 19 2.65 -17.99 -2.87
C LYS D 19 2.68 -18.28 -4.42
N VAL D 20 3.56 -19.19 -4.83
CA VAL D 20 3.73 -19.80 -6.15
C VAL D 20 3.06 -21.19 -6.08
N NH2 D 21 1.92 -21.28 -6.83
HN1 NH2 D 21 1.44 -22.14 -6.87
HN2 NH2 D 21 1.66 -20.56 -7.49
N VAL E 1 -6.24 16.32 10.46
CA VAL E 1 -6.20 14.99 9.66
C VAL E 1 -6.74 15.11 8.22
N LYS E 2 -6.08 14.44 7.17
CA LYS E 2 -6.48 14.62 5.75
C LYS E 2 -6.29 13.21 5.19
N VAL E 3 -7.15 12.81 4.25
CA VAL E 3 -7.07 11.53 3.63
C VAL E 3 -7.35 11.76 2.17
N LYS E 4 -6.42 11.48 1.21
CA LYS E 4 -6.53 11.61 -0.20
C LYS E 4 -6.32 10.34 -1.01
N VAL E 5 -7.27 10.00 -1.94
CA VAL E 5 -7.10 8.82 -2.75
C VAL E 5 -7.37 9.28 -4.19
N LYS E 6 -6.55 8.83 -5.17
CA LYS E 6 -6.80 9.19 -6.50
C LYS E 6 -6.62 7.96 -7.35
N VAL E 7 -7.52 7.80 -8.32
CA VAL E 7 -7.45 6.66 -9.26
C VAL E 7 -7.59 7.12 -10.74
N LYS E 8 -6.59 6.74 -11.57
CA LYS E 8 -6.49 7.19 -12.93
C LYS E 8 -6.52 5.97 -13.85
N VAL E 9 -7.42 6.00 -14.79
CA VAL E 9 -7.55 4.96 -15.80
C VAL E 9 -7.64 5.77 -17.14
N DPR E 10 -6.75 5.53 -18.17
CA DPR E 10 -6.59 6.34 -19.32
CB DPR E 10 -5.24 6.05 -19.89
CG DPR E 10 -4.87 4.62 -19.35
CD DPR E 10 -5.60 4.66 -18.02
C DPR E 10 -6.78 7.93 -19.19
O DPR E 10 -5.87 8.49 -18.54
HA DPR E 10 -7.32 6.01 -20.03
HB2 DPR E 10 -5.25 5.92 -20.99
HB3 DPR E 10 -4.41 6.71 -19.55
HG2 DPR E 10 -5.34 3.90 -20.05
HG3 DPR E 10 -3.77 4.63 -19.21
HD2 DPR E 10 -5.98 3.67 -17.66
HD3 DPR E 10 -4.99 5.16 -17.23
N PRO E 11 -7.91 8.58 -19.67
CA PRO E 11 -8.04 10.06 -19.57
C PRO E 11 -8.98 10.43 -18.48
N THR E 12 -9.60 9.41 -17.83
CA THR E 12 -10.53 9.62 -16.69
C THR E 12 -9.82 9.63 -15.34
N LYS E 13 -9.74 10.77 -14.64
CA LYS E 13 -9.18 10.90 -13.32
C LYS E 13 -10.33 11.17 -12.37
N VAL E 14 -10.29 10.37 -11.28
CA VAL E 14 -11.28 10.39 -10.21
C VAL E 14 -10.40 10.55 -8.98
N LYS E 15 -10.91 11.34 -7.97
CA LYS E 15 -10.28 11.29 -6.70
C LYS E 15 -11.42 11.34 -5.64
N VAL E 16 -11.09 11.00 -4.38
CA VAL E 16 -11.78 11.17 -3.13
C VAL E 16 -10.85 11.92 -2.13
N LYS E 17 -11.29 13.09 -1.76
CA LYS E 17 -10.61 13.93 -0.73
C LYS E 17 -11.48 14.20 0.48
N VAL E 18 -11.02 13.82 1.64
CA VAL E 18 -11.76 13.96 2.92
C VAL E 18 -10.89 14.71 3.90
N LYS E 19 -11.39 15.60 4.75
CA LYS E 19 -10.56 16.30 5.75
C LYS E 19 -11.25 16.38 7.13
N VAL E 20 -10.46 16.29 8.17
CA VAL E 20 -10.88 16.48 9.50
C VAL E 20 -9.89 17.49 10.14
N NH2 E 21 -10.44 18.59 10.66
HN1 NH2 E 21 -9.90 19.34 11.05
HN2 NH2 E 21 -11.42 18.74 10.53
N VAL F 1 2.90 12.28 11.15
CA VAL F 1 2.96 11.08 10.32
C VAL F 1 2.24 11.25 8.98
N LYS F 2 2.84 10.60 7.95
CA LYS F 2 2.35 10.71 6.60
C LYS F 2 2.70 9.39 6.01
N VAL F 3 1.69 8.69 5.42
CA VAL F 3 1.86 7.39 4.86
C VAL F 3 1.34 7.41 3.43
N LYS F 4 2.19 6.99 2.53
CA LYS F 4 1.94 7.04 1.13
C LYS F 4 1.94 5.60 0.62
N VAL F 5 0.95 5.11 -0.20
CA VAL F 5 0.91 3.88 -0.91
C VAL F 5 0.60 4.29 -2.32
N LYS F 6 1.21 3.70 -3.31
CA LYS F 6 0.98 3.97 -4.69
C LYS F 6 1.08 2.74 -5.39
N VAL F 7 0.33 2.60 -6.51
CA VAL F 7 0.40 1.30 -7.14
C VAL F 7 -0.16 1.43 -8.63
N LYS F 8 0.47 0.63 -9.54
CA LYS F 8 0.12 0.49 -10.93
C LYS F 8 -0.32 -0.92 -11.28
N VAL F 9 -1.57 -1.06 -11.78
CA VAL F 9 -2.34 -2.30 -11.75
C VAL F 9 -2.98 -2.37 -13.19
N DPR F 10 -2.58 -3.31 -14.07
CA DPR F 10 -2.79 -3.27 -15.53
CB DPR F 10 -1.89 -4.34 -16.06
CG DPR F 10 -1.85 -5.36 -14.87
CD DPR F 10 -1.72 -4.40 -13.72
C DPR F 10 -2.79 -1.89 -16.22
O DPR F 10 -1.71 -1.31 -16.21
HA DPR F 10 -3.81 -3.56 -15.70
HB2 DPR F 10 -2.28 -4.85 -16.98
HB3 DPR F 10 -0.83 -4.03 -16.17
HG2 DPR F 10 -2.83 -5.87 -14.94
HG3 DPR F 10 -0.97 -6.02 -15.04
HD2 DPR F 10 -1.99 -4.81 -12.72
HD3 DPR F 10 -0.70 -3.98 -13.69
N PRO F 11 -3.78 -1.22 -16.79
CA PRO F 11 -3.65 0.19 -17.18
C PRO F 11 -4.24 1.15 -16.16
N THR F 12 -4.57 0.67 -14.93
CA THR F 12 -5.04 1.50 -13.85
C THR F 12 -3.89 2.00 -12.93
N LYS F 13 -3.87 3.28 -12.44
CA LYS F 13 -2.99 3.82 -11.41
C LYS F 13 -3.82 4.14 -10.19
N VAL F 14 -3.32 3.70 -9.02
CA VAL F 14 -3.98 4.18 -7.78
C VAL F 14 -3.04 4.75 -6.77
N LYS F 15 -3.35 5.86 -6.11
CA LYS F 15 -2.47 6.56 -5.15
C LYS F 15 -3.24 6.82 -3.85
N VAL F 16 -2.66 6.54 -2.68
CA VAL F 16 -3.25 6.93 -1.41
C VAL F 16 -2.22 7.76 -0.58
N LYS F 17 -2.65 8.87 0.03
CA LYS F 17 -1.84 9.57 0.97
C LYS F 17 -2.70 9.86 2.25
N VAL F 18 -2.21 9.43 3.39
CA VAL F 18 -2.81 9.55 4.68
C VAL F 18 -1.91 10.54 5.43
N LYS F 19 -2.51 11.60 5.97
CA LYS F 19 -1.79 12.73 6.49
C LYS F 19 -2.27 12.98 7.92
N VAL F 20 -1.46 12.60 8.94
CA VAL F 20 -1.80 12.73 10.31
C VAL F 20 -0.79 13.52 11.20
N NH2 F 21 -1.20 14.71 11.76
HN1 NH2 F 21 -0.50 15.16 12.31
HN2 NH2 F 21 -2.15 15.02 11.72
N VAL G 1 12.94 10.15 9.72
CA VAL G 1 13.14 8.84 9.11
C VAL G 1 12.13 8.61 8.02
N LYS G 2 12.54 8.02 6.88
CA LYS G 2 11.67 7.54 5.83
C LYS G 2 11.78 6.05 5.75
N VAL G 3 10.68 5.32 5.53
CA VAL G 3 10.63 3.92 5.32
C VAL G 3 10.14 3.70 3.91
N LYS G 4 11.06 3.14 3.11
CA LYS G 4 10.79 3.08 1.66
C LYS G 4 10.70 1.56 1.37
N VAL G 5 9.50 1.00 1.07
CA VAL G 5 9.39 -0.36 0.73
C VAL G 5 8.77 -0.45 -0.66
N LYS G 6 9.27 -1.27 -1.55
CA LYS G 6 8.75 -1.43 -2.87
C LYS G 6 9.00 -2.76 -3.44
N VAL G 7 8.17 -3.18 -4.40
CA VAL G 7 8.12 -4.51 -4.91
C VAL G 7 7.49 -4.56 -6.30
N LYS G 8 7.89 -5.45 -7.17
CA LYS G 8 7.18 -5.55 -8.45
C LYS G 8 6.62 -6.91 -8.29
N VAL G 9 5.44 -7.07 -8.89
CA VAL G 9 4.72 -8.35 -8.88
C VAL G 9 4.28 -8.72 -10.33
N DPR G 10 4.89 -9.50 -11.19
CA DPR G 10 4.69 -9.59 -12.66
CB DPR G 10 6.03 -10.27 -13.20
CG DPR G 10 6.25 -11.17 -12.05
CD DPR G 10 6.07 -10.25 -10.78
C DPR G 10 4.43 -8.15 -13.24
O DPR G 10 5.41 -7.41 -13.25
HA DPR G 10 3.81 -10.14 -12.92
HB2 DPR G 10 5.84 -10.80 -14.16
HB3 DPR G 10 6.78 -9.46 -13.28
HG2 DPR G 10 5.39 -11.87 -12.07
HG3 DPR G 10 7.27 -11.58 -12.01
HD2 DPR G 10 5.92 -10.84 -9.86
HD3 DPR G 10 6.92 -9.52 -10.70
N PRO G 11 3.30 -7.66 -13.71
CA PRO G 11 3.12 -6.28 -14.25
C PRO G 11 2.80 -5.24 -13.31
N THR G 12 2.61 -5.64 -12.01
CA THR G 12 2.03 -4.81 -11.02
C THR G 12 3.20 -4.13 -10.32
N LYS G 13 3.16 -2.81 -10.26
CA LYS G 13 4.17 -1.96 -9.70
C LYS G 13 3.64 -1.30 -8.37
N VAL G 14 4.27 -1.50 -7.19
CA VAL G 14 3.81 -1.24 -5.85
C VAL G 14 4.81 -0.30 -5.15
N LYS G 15 4.41 0.91 -4.57
CA LYS G 15 5.43 1.64 -3.81
C LYS G 15 4.74 1.95 -2.52
N VAL G 16 5.38 1.75 -1.34
CA VAL G 16 4.99 2.18 -0.04
C VAL G 16 5.97 3.13 0.48
N LYS G 17 5.57 4.28 0.99
CA LYS G 17 6.51 5.16 1.66
C LYS G 17 5.96 5.84 2.87
N VAL G 18 6.62 5.59 4.02
CA VAL G 18 6.13 6.01 5.29
C VAL G 18 7.05 6.97 5.99
N LYS G 19 6.48 8.14 6.51
CA LYS G 19 7.36 9.16 7.19
C LYS G 19 6.84 9.21 8.64
N VAL G 20 7.70 8.68 9.57
CA VAL G 20 7.43 8.37 10.98
C VAL G 20 7.77 9.55 11.96
N NH2 G 21 7.93 10.75 11.46
HN1 NH2 G 21 8.19 11.45 12.13
HN2 NH2 G 21 7.47 10.91 10.59
N VAL H 1 18.71 1.12 13.63
CA VAL H 1 18.06 0.72 12.33
C VAL H 1 18.76 1.31 11.08
N LYS H 2 19.12 0.44 10.16
CA LYS H 2 19.75 0.83 8.99
C LYS H 2 19.64 -0.25 7.91
N VAL H 3 18.47 -0.87 7.73
CA VAL H 3 18.15 -1.85 6.75
C VAL H 3 18.33 -1.34 5.33
N LYS H 4 19.00 -2.09 4.50
CA LYS H 4 19.36 -1.68 3.11
C LYS H 4 19.26 -3.03 2.34
N VAL H 5 18.11 -3.31 1.76
CA VAL H 5 17.85 -4.64 1.19
C VAL H 5 17.33 -4.48 -0.22
N LYS H 6 17.90 -5.21 -1.23
CA LYS H 6 17.43 -5.18 -2.55
C LYS H 6 17.73 -6.49 -3.19
N VAL H 7 16.73 -7.35 -3.59
CA VAL H 7 16.96 -8.73 -3.79
C VAL H 7 15.87 -9.25 -4.73
N LYS H 8 16.11 -10.35 -5.47
CA LYS H 8 14.99 -10.99 -6.17
C LYS H 8 14.68 -12.34 -5.67
N VAL H 9 13.36 -12.67 -5.58
CA VAL H 9 13.00 -14.06 -5.16
C VAL H 9 11.83 -14.61 -5.93
N DPR H 10 11.77 -15.93 -6.20
CA DPR H 10 10.87 -16.57 -7.19
CB DPR H 10 11.56 -17.93 -7.63
CG DPR H 10 12.38 -18.18 -6.41
CD DPR H 10 12.94 -16.84 -5.96
C DPR H 10 10.51 -15.60 -8.32
O DPR H 10 11.36 -15.30 -9.19
HA DPR H 10 9.98 -16.79 -6.62
HB2 DPR H 10 10.79 -18.73 -7.71
HB3 DPR H 10 12.13 -17.81 -8.57
HG2 DPR H 10 11.73 -18.54 -5.60
HG3 DPR H 10 13.21 -18.89 -6.64
HD2 DPR H 10 13.21 -16.86 -4.89
HD3 DPR H 10 13.73 -16.57 -6.70
N PRO H 11 9.27 -15.06 -8.36
CA PRO H 11 8.82 -14.28 -9.52
C PRO H 11 9.10 -12.81 -9.37
N THR H 12 9.31 -12.38 -8.13
CA THR H 12 9.25 -11.03 -7.69
C THR H 12 10.62 -10.32 -7.74
N LYS H 13 10.61 -8.99 -7.54
CA LYS H 13 11.87 -8.21 -7.37
C LYS H 13 11.58 -7.21 -6.15
N VAL H 14 12.37 -7.23 -5.00
CA VAL H 14 12.02 -6.53 -3.73
C VAL H 14 13.09 -5.55 -3.30
N LYS H 15 12.66 -4.39 -2.87
CA LYS H 15 13.56 -3.38 -2.24
C LYS H 15 12.95 -2.83 -1.03
N VAL H 16 13.70 -3.02 0.09
CA VAL H 16 13.28 -2.76 1.43
C VAL H 16 14.33 -1.86 2.10
N LYS H 17 14.00 -0.58 2.48
CA LYS H 17 14.95 0.32 3.17
C LYS H 17 14.29 1.13 4.29
N VAL H 18 15.08 1.27 5.41
CA VAL H 18 14.65 2.09 6.57
C VAL H 18 15.87 2.94 7.04
N LYS H 19 15.90 4.31 6.91
CA LYS H 19 17.11 5.10 7.18
C LYS H 19 16.94 6.06 8.30
N VAL H 20 17.62 5.74 9.36
CA VAL H 20 17.62 6.54 10.58
C VAL H 20 18.69 7.76 10.42
N NH2 H 21 20.00 7.39 10.42
HN1 NH2 H 21 20.70 8.10 10.34
HN2 NH2 H 21 20.22 6.43 10.60
N VAL A 1 -13.72 -1.72 -15.09
CA VAL A 1 -12.95 -1.56 -13.83
C VAL A 1 -13.75 -0.89 -12.66
N LYS A 2 -13.69 -1.53 -11.56
CA LYS A 2 -14.25 -1.20 -10.27
C LYS A 2 -13.21 -0.90 -9.23
N VAL A 3 -13.20 0.27 -8.68
CA VAL A 3 -12.44 0.67 -7.48
C VAL A 3 -13.33 1.13 -6.26
N LYS A 4 -13.42 0.34 -5.14
CA LYS A 4 -14.19 0.74 -4.02
C LYS A 4 -13.42 1.40 -2.94
N VAL A 5 -13.92 2.57 -2.42
CA VAL A 5 -13.16 3.29 -1.41
C VAL A 5 -14.03 3.28 -0.14
N LYS A 6 -13.36 3.14 1.07
CA LYS A 6 -13.99 3.25 2.35
C LYS A 6 -13.09 3.81 3.39
N VAL A 7 -13.56 4.78 4.17
CA VAL A 7 -12.69 5.53 5.06
C VAL A 7 -13.40 5.87 6.34
N LYS A 8 -12.71 5.76 7.52
CA LYS A 8 -13.19 6.24 8.85
C LYS A 8 -12.04 7.16 9.30
N VAL A 9 -12.41 8.36 9.80
CA VAL A 9 -11.42 9.36 10.07
C VAL A 9 -12.05 10.32 11.14
N DPR A 10 -11.49 10.78 12.29
CA DPR A 10 -12.17 11.53 13.46
CB DPR A 10 -11.27 11.24 14.66
CG DPR A 10 -9.92 11.11 14.05
CD DPR A 10 -10.18 10.35 12.75
C DPR A 10 -13.64 11.26 13.71
O DPR A 10 -13.91 10.10 14.07
HA DPR A 10 -12.12 12.56 13.16
HB2 DPR A 10 -11.31 12.08 15.40
HB3 DPR A 10 -11.53 10.30 15.21
HG2 DPR A 10 -9.37 12.08 13.96
HG3 DPR A 10 -9.33 10.49 14.76
HD2 DPR A 10 -9.43 10.61 11.97
HD3 DPR A 10 -10.09 9.26 12.92
N PRO A 11 -14.67 12.18 13.65
CA PRO A 11 -16.09 11.68 13.76
C PRO A 11 -16.81 11.66 12.46
N THR A 12 -16.27 11.00 11.43
CA THR A 12 -16.96 10.83 10.13
C THR A 12 -16.44 9.64 9.35
N LYS A 13 -17.20 9.12 8.33
CA LYS A 13 -17.04 7.85 7.66
C LYS A 13 -17.64 8.06 6.29
N VAL A 14 -17.08 7.55 5.19
CA VAL A 14 -17.74 7.64 3.90
C VAL A 14 -17.25 6.45 3.11
N LYS A 15 -18.08 6.00 2.21
CA LYS A 15 -17.89 4.92 1.35
C LYS A 15 -18.41 5.24 -0.03
N VAL A 16 -17.71 4.90 -1.09
CA VAL A 16 -18.23 5.15 -2.43
C VAL A 16 -17.72 3.93 -3.24
N LYS A 17 -18.44 3.61 -4.31
CA LYS A 17 -17.95 2.69 -5.36
C LYS A 17 -17.60 3.45 -6.61
N VAL A 18 -16.38 3.33 -7.11
CA VAL A 18 -15.93 3.95 -8.34
C VAL A 18 -15.85 3.07 -9.58
N LYS A 19 -16.59 3.24 -10.64
CA LYS A 19 -16.63 2.41 -11.81
C LYS A 19 -16.05 3.35 -12.89
N VAL A 20 -14.96 2.85 -13.50
CA VAL A 20 -14.31 3.40 -14.67
C VAL A 20 -14.44 2.41 -15.85
N NH2 A 21 -14.76 2.87 -17.09
HN1 NH2 A 21 -14.64 2.26 -17.87
HN2 NH2 A 21 -14.80 3.86 -17.22
N VAL B 1 -6.47 -8.91 -12.47
CA VAL B 1 -5.55 -8.60 -11.32
C VAL B 1 -6.50 -7.88 -10.30
N LYS B 2 -6.62 -8.42 -9.11
CA LYS B 2 -7.47 -7.92 -8.02
C LYS B 2 -6.52 -7.64 -6.85
N VAL B 3 -6.43 -6.35 -6.53
CA VAL B 3 -5.61 -5.87 -5.35
C VAL B 3 -6.52 -5.37 -4.19
N LYS B 4 -6.09 -5.58 -2.94
CA LYS B 4 -6.84 -5.18 -1.80
C LYS B 4 -5.82 -4.41 -0.90
N VAL B 5 -6.14 -3.18 -0.54
CA VAL B 5 -5.20 -2.29 0.18
C VAL B 5 -5.87 -1.74 1.49
N LYS B 6 -5.13 -1.85 2.64
CA LYS B 6 -5.58 -1.26 3.87
C LYS B 6 -4.50 -0.28 4.28
N VAL B 7 -4.85 0.84 4.90
CA VAL B 7 -3.86 1.63 5.63
C VAL B 7 -4.46 2.13 6.93
N LYS B 8 -3.77 2.05 8.03
CA LYS B 8 -4.19 2.60 9.31
C LYS B 8 -3.17 3.56 9.94
N VAL B 9 -3.59 4.70 10.51
CA VAL B 9 -2.66 5.42 11.38
C VAL B 9 -3.58 5.75 12.59
N DPR B 10 -3.32 5.24 13.83
CA DPR B 10 -4.26 5.14 14.97
CB DPR B 10 -3.58 4.06 15.90
CG DPR B 10 -2.10 4.11 15.63
CD DPR B 10 -2.02 4.48 14.09
C DPR B 10 -5.72 4.95 14.67
O DPR B 10 -5.92 3.88 14.09
HA DPR B 10 -4.19 6.13 15.41
HB2 DPR B 10 -3.87 4.27 16.95
HB3 DPR B 10 -3.94 3.02 15.68
HG2 DPR B 10 -1.68 4.99 16.13
HG3 DPR B 10 -1.52 3.22 15.96
HD2 DPR B 10 -1.19 5.21 13.99
HD3 DPR B 10 -2.00 3.63 13.37
N PRO B 11 -6.75 5.73 14.96
CA PRO B 11 -8.09 5.31 14.51
C PRO B 11 -8.38 5.47 13.05
N THR B 12 -7.69 6.43 12.44
CA THR B 12 -7.97 6.60 11.02
C THR B 12 -7.65 5.34 10.20
N LYS B 13 -8.70 4.85 9.50
CA LYS B 13 -8.59 3.63 8.76
C LYS B 13 -9.26 3.69 7.42
N VAL B 14 -8.51 3.17 6.42
CA VAL B 14 -8.84 3.23 5.01
C VAL B 14 -8.65 1.82 4.42
N LYS B 15 -9.69 1.33 3.71
CA LYS B 15 -9.65 0.19 2.86
C LYS B 15 -9.99 0.60 1.34
N VAL B 16 -9.31 0.07 0.34
CA VAL B 16 -9.53 0.39 -1.03
C VAL B 16 -9.43 -0.86 -1.88
N LYS B 17 -10.37 -1.22 -2.76
CA LYS B 17 -10.41 -2.55 -3.38
C LYS B 17 -10.36 -2.28 -4.84
N VAL B 18 -9.41 -2.83 -5.61
CA VAL B 18 -9.29 -2.50 -7.03
C VAL B 18 -9.56 -3.79 -7.78
N LYS B 19 -10.75 -3.95 -8.42
CA LYS B 19 -10.91 -5.07 -9.35
C LYS B 19 -10.91 -4.51 -10.82
N VAL B 20 -9.84 -4.88 -11.60
CA VAL B 20 -9.58 -4.42 -12.99
C VAL B 20 -10.29 -5.48 -13.96
N NH2 B 21 -10.22 -6.74 -13.53
HN1 NH2 B 21 -10.54 -7.51 -14.07
HN2 NH2 B 21 -9.56 -6.89 -12.78
N VAL C 1 0.10 -16.24 -9.19
CA VAL C 1 0.91 -15.67 -8.10
C VAL C 1 0.16 -14.87 -7.20
N LYS C 2 0.30 -15.07 -5.86
CA LYS C 2 -0.25 -14.32 -4.84
C LYS C 2 0.88 -13.68 -4.00
N VAL C 3 0.81 -12.34 -3.75
CA VAL C 3 1.90 -11.62 -3.02
C VAL C 3 1.35 -10.76 -1.99
N LYS C 4 1.78 -10.94 -0.73
CA LYS C 4 1.20 -10.18 0.41
C LYS C 4 2.30 -9.47 1.10
N VAL C 5 2.07 -8.19 1.37
CA VAL C 5 3.06 -7.21 1.73
C VAL C 5 2.48 -6.50 3.06
N LYS C 6 3.32 -6.47 4.14
CA LYS C 6 2.95 -5.88 5.41
C LYS C 6 4.09 -4.96 5.85
N VAL C 7 3.84 -3.78 6.42
CA VAL C 7 4.89 -2.98 7.03
C VAL C 7 4.35 -2.33 8.28
N LYS C 8 5.02 -2.52 9.44
CA LYS C 8 4.60 -1.80 10.72
C LYS C 8 5.81 -1.08 11.23
N VAL C 9 5.71 0.21 11.55
CA VAL C 9 6.82 1.08 11.87
C VAL C 9 6.20 2.15 12.74
N DPR C 10 6.88 2.72 13.76
CA DPR C 10 6.30 3.64 14.67
CB DPR C 10 7.22 3.47 15.94
CG DPR C 10 8.60 3.10 15.35
CD DPR C 10 8.27 2.29 14.10
C DPR C 10 4.83 3.52 14.99
O DPR C 10 4.39 2.40 15.28
HA DPR C 10 6.41 4.63 14.26
HB2 DPR C 10 7.11 4.36 16.60
HB3 DPR C 10 6.88 2.62 16.57
HG2 DPR C 10 9.25 4.00 15.25
HG3 DPR C 10 9.07 2.36 16.02
HD2 DPR C 10 9.04 2.64 13.37
HD3 DPR C 10 8.39 1.20 14.27
N PRO C 11 3.95 4.44 14.81
CA PRO C 11 2.51 4.23 14.87
C PRO C 11 1.91 4.34 13.47
N THR C 12 2.38 3.58 12.47
CA THR C 12 1.80 3.51 11.14
C THR C 12 1.61 2.09 10.57
N LYS C 13 0.43 1.76 10.00
CA LYS C 13 0.24 0.35 9.45
C LYS C 13 -0.20 0.47 8.08
N VAL C 14 0.56 -0.21 7.20
CA VAL C 14 0.16 -0.38 5.80
C VAL C 14 0.18 -1.83 5.49
N LYS C 15 -0.83 -2.39 4.85
CA LYS C 15 -0.77 -3.71 4.21
C LYS C 15 -1.58 -3.74 2.91
N VAL C 16 -1.03 -4.63 2.06
CA VAL C 16 -1.37 -4.77 0.68
C VAL C 16 -1.51 -6.25 0.39
N LYS C 17 -2.60 -6.73 -0.21
CA LYS C 17 -2.71 -8.12 -0.67
C LYS C 17 -2.98 -8.12 -2.23
N VAL C 18 -2.11 -8.85 -2.97
CA VAL C 18 -2.13 -8.89 -4.41
C VAL C 18 -2.35 -10.31 -4.85
N LYS C 19 -3.32 -10.58 -5.76
CA LYS C 19 -3.38 -11.68 -6.66
C LYS C 19 -3.25 -11.17 -8.03
N VAL C 20 -2.54 -11.84 -8.97
CA VAL C 20 -2.43 -11.50 -10.34
C VAL C 20 -3.50 -12.30 -11.18
N NH2 C 21 -3.32 -13.59 -11.44
HN1 NH2 C 21 -4.09 -14.03 -11.89
HN2 NH2 C 21 -2.60 -14.05 -10.92
N VAL D 1 4.71 -23.87 -4.03
CA VAL D 1 5.95 -23.29 -3.48
C VAL D 1 5.60 -22.01 -2.79
N LYS D 2 6.43 -21.64 -1.74
CA LYS D 2 6.24 -20.36 -1.08
C LYS D 2 7.56 -19.81 -0.58
N VAL D 3 7.71 -18.53 -0.72
CA VAL D 3 8.90 -17.81 -0.44
C VAL D 3 8.73 -16.51 0.28
N LYS D 4 9.78 -16.09 1.06
CA LYS D 4 9.60 -14.80 1.80
C LYS D 4 10.85 -13.98 1.77
N VAL D 5 10.64 -12.66 2.07
CA VAL D 5 11.70 -11.70 2.30
C VAL D 5 11.17 -10.81 3.42
N LYS D 6 11.88 -10.70 4.55
CA LYS D 6 11.37 -10.15 5.72
C LYS D 6 12.49 -9.76 6.61
N VAL D 7 12.22 -8.78 7.52
CA VAL D 7 13.20 -8.16 8.46
C VAL D 7 12.51 -7.57 9.66
N LYS D 8 13.01 -7.74 10.90
CA LYS D 8 12.33 -7.14 12.01
C LYS D 8 13.44 -6.61 12.99
N VAL D 9 13.41 -5.31 13.29
CA VAL D 9 14.45 -4.63 14.22
C VAL D 9 13.60 -3.99 15.30
N DPR D 10 13.38 -4.55 16.49
CA DPR D 10 12.29 -4.28 17.46
CB DPR D 10 12.10 -5.50 18.36
CG DPR D 10 13.40 -6.30 18.14
CD DPR D 10 13.84 -5.89 16.76
C DPR D 10 10.95 -3.70 16.82
O DPR D 10 10.38 -4.57 16.07
HA DPR D 10 12.65 -3.46 18.07
HB2 DPR D 10 11.77 -5.22 19.38
HB3 DPR D 10 11.32 -6.17 17.94
HG2 DPR D 10 14.22 -5.95 18.80
HG3 DPR D 10 13.17 -7.38 18.22
HD2 DPR D 10 14.94 -6.04 16.61
HD3 DPR D 10 13.34 -6.61 16.07
N PRO D 11 10.37 -2.57 17.07
CA PRO D 11 9.25 -1.95 16.37
C PRO D 11 9.20 -1.97 14.85
N THR D 12 10.30 -1.63 14.24
CA THR D 12 10.43 -1.69 12.84
C THR D 12 10.31 -3.14 12.31
N LYS D 13 9.21 -3.45 11.58
CA LYS D 13 9.00 -4.67 10.97
C LYS D 13 8.32 -4.63 9.52
N VAL D 14 8.99 -5.39 8.52
CA VAL D 14 8.61 -5.41 7.12
C VAL D 14 8.65 -6.79 6.57
N LYS D 15 7.60 -7.19 5.79
CA LYS D 15 7.64 -8.50 5.18
C LYS D 15 6.85 -8.55 3.88
N VAL D 16 7.46 -9.27 2.92
CA VAL D 16 6.67 -9.67 1.82
C VAL D 16 6.63 -11.31 1.86
N LYS D 17 5.54 -11.98 1.47
CA LYS D 17 5.53 -13.33 1.33
C LYS D 17 4.77 -13.58 -0.03
N VAL D 18 5.30 -14.50 -0.81
CA VAL D 18 4.95 -14.82 -2.11
C VAL D 18 4.51 -16.32 -2.06
N LYS D 19 3.43 -16.57 -2.80
CA LYS D 19 2.80 -17.85 -2.91
C LYS D 19 2.79 -18.27 -4.39
N VAL D 20 3.32 -19.44 -4.71
CA VAL D 20 3.57 -19.89 -6.05
C VAL D 20 2.96 -21.25 -6.25
N NH2 D 21 2.11 -21.41 -7.29
HN1 NH2 D 21 1.75 -22.33 -7.36
HN2 NH2 D 21 1.82 -20.71 -7.95
N VAL E 1 -6.06 16.58 9.80
CA VAL E 1 -6.02 15.15 9.16
C VAL E 1 -6.64 15.16 7.78
N LYS E 2 -5.86 14.86 6.76
CA LYS E 2 -6.31 14.84 5.33
C LYS E 2 -6.12 13.49 4.68
N VAL E 3 -7.19 12.82 4.22
CA VAL E 3 -7.13 11.45 3.62
C VAL E 3 -7.52 11.55 2.16
N LYS E 4 -6.73 11.04 1.17
CA LYS E 4 -6.93 11.22 -0.21
C LYS E 4 -6.59 9.99 -0.98
N VAL E 5 -7.54 9.60 -1.89
CA VAL E 5 -7.43 8.54 -2.86
C VAL E 5 -7.69 9.13 -4.22
N LYS E 6 -6.82 8.83 -5.19
CA LYS E 6 -6.93 9.23 -6.59
C LYS E 6 -6.78 8.02 -7.47
N VAL E 7 -7.63 7.81 -8.53
CA VAL E 7 -7.40 6.76 -9.54
C VAL E 7 -7.23 7.37 -10.92
N LYS E 8 -6.12 7.09 -11.58
CA LYS E 8 -5.88 7.68 -12.91
C LYS E 8 -5.85 6.52 -13.86
N VAL E 9 -6.91 6.36 -14.76
CA VAL E 9 -6.99 5.46 -15.87
C VAL E 9 -7.11 6.28 -17.06
N DPR E 10 -6.17 6.26 -18.02
CA DPR E 10 -6.12 7.10 -19.22
CB DPR E 10 -4.65 7.06 -19.73
CG DPR E 10 -4.15 5.69 -19.25
CD DPR E 10 -4.95 5.47 -17.96
C DPR E 10 -6.77 8.47 -19.16
O DPR E 10 -6.20 9.36 -18.52
HA DPR E 10 -6.74 6.52 -19.89
HB2 DPR E 10 -4.58 7.11 -20.84
HB3 DPR E 10 -3.96 7.81 -19.29
HG2 DPR E 10 -4.59 5.07 -20.06
HG3 DPR E 10 -3.06 5.55 -19.10
HD2 DPR E 10 -5.16 4.45 -17.59
HD3 DPR E 10 -4.34 5.97 -17.17
N PRO E 11 -7.98 8.71 -19.67
CA PRO E 11 -8.62 9.98 -19.64
C PRO E 11 -9.35 10.22 -18.34
N THR E 12 -9.43 9.23 -17.41
CA THR E 12 -10.29 9.33 -16.24
C THR E 12 -9.44 9.39 -14.97
N LYS E 13 -9.52 10.58 -14.35
CA LYS E 13 -9.04 10.82 -12.98
C LYS E 13 -10.13 11.12 -12.06
N VAL E 14 -10.27 10.41 -10.97
CA VAL E 14 -11.35 10.53 -10.01
C VAL E 14 -10.74 10.55 -8.64
N LYS E 15 -11.10 11.43 -7.67
CA LYS E 15 -10.45 11.42 -6.40
C LYS E 15 -11.52 11.46 -5.31
N VAL E 16 -11.22 10.87 -4.19
CA VAL E 16 -12.00 10.88 -2.97
C VAL E 16 -11.04 11.57 -2.08
N LYS E 17 -11.47 12.71 -1.52
CA LYS E 17 -10.72 13.48 -0.59
C LYS E 17 -11.51 13.94 0.65
N VAL E 18 -11.05 13.48 1.87
CA VAL E 18 -11.79 13.69 3.06
C VAL E 18 -10.82 14.33 4.05
N LYS E 19 -11.34 15.18 4.90
CA LYS E 19 -10.49 15.69 5.92
C LYS E 19 -11.28 15.85 7.21
N VAL E 20 -10.53 15.91 8.34
CA VAL E 20 -10.99 16.43 9.59
C VAL E 20 -9.98 17.56 9.81
N NH2 E 21 -10.56 18.83 9.88
HN1 NH2 E 21 -10.01 19.67 9.91
HN2 NH2 E 21 -11.55 18.91 9.87
N VAL F 1 2.96 12.72 11.02
CA VAL F 1 3.18 11.36 10.47
C VAL F 1 2.50 11.37 9.08
N LYS F 2 3.22 10.73 8.09
CA LYS F 2 2.81 10.86 6.73
C LYS F 2 2.93 9.53 6.00
N VAL F 3 1.93 9.11 5.16
CA VAL F 3 1.85 7.83 4.50
C VAL F 3 1.47 8.08 3.03
N LYS F 4 2.30 7.52 2.17
CA LYS F 4 2.19 7.61 0.76
C LYS F 4 2.17 6.12 0.31
N VAL F 5 1.06 5.67 -0.26
CA VAL F 5 1.04 4.35 -1.00
C VAL F 5 0.87 4.73 -2.42
N LYS F 6 1.62 4.13 -3.29
CA LYS F 6 1.44 4.26 -4.73
C LYS F 6 1.43 2.82 -5.28
N VAL F 7 0.40 2.41 -6.07
CA VAL F 7 0.31 1.16 -6.82
C VAL F 7 -0.01 1.45 -8.30
N LYS F 8 0.50 0.64 -9.24
CA LYS F 8 -0.05 0.41 -10.59
C LYS F 8 -0.55 -1.05 -10.81
N VAL F 9 -1.68 -1.18 -11.59
CA VAL F 9 -2.44 -2.43 -11.71
C VAL F 9 -3.12 -2.40 -13.04
N DPR F 10 -3.07 -3.37 -13.95
CA DPR F 10 -3.44 -3.24 -15.42
CB DPR F 10 -2.80 -4.43 -16.10
CG DPR F 10 -2.42 -5.40 -15.00
CD DPR F 10 -2.13 -4.49 -13.83
C DPR F 10 -3.15 -1.83 -15.97
O DPR F 10 -1.97 -1.37 -15.81
HA DPR F 10 -4.52 -3.19 -15.34
HB2 DPR F 10 -3.57 -4.98 -16.68
HB3 DPR F 10 -1.88 -4.23 -16.69
HG2 DPR F 10 -3.30 -6.00 -14.71
HG3 DPR F 10 -1.58 -6.08 -15.25
HD2 DPR F 10 -2.29 -5.08 -12.90
HD3 DPR F 10 -1.11 -4.13 -14.06
N PRO F 11 -4.04 -1.03 -16.51
CA PRO F 11 -3.78 0.36 -16.89
C PRO F 11 -4.14 1.36 -15.80
N THR F 12 -4.38 0.87 -14.57
CA THR F 12 -5.00 1.65 -13.50
C THR F 12 -3.93 2.10 -12.55
N LYS F 13 -3.78 3.41 -12.32
CA LYS F 13 -2.75 4.00 -11.47
C LYS F 13 -3.45 4.56 -10.29
N VAL F 14 -3.25 4.03 -9.06
CA VAL F 14 -4.01 4.30 -7.84
C VAL F 14 -3.08 4.94 -6.86
N LYS F 15 -3.43 6.10 -6.35
CA LYS F 15 -2.61 6.80 -5.42
C LYS F 15 -3.38 7.01 -4.13
N VAL F 16 -2.71 6.73 -2.96
CA VAL F 16 -3.31 6.85 -1.63
C VAL F 16 -2.40 7.72 -0.77
N LYS F 17 -3.01 8.75 -0.16
CA LYS F 17 -2.29 9.56 0.83
C LYS F 17 -3.03 9.65 2.08
N VAL F 18 -2.31 9.50 3.21
CA VAL F 18 -2.79 9.72 4.58
C VAL F 18 -1.86 10.74 5.25
N LYS F 19 -2.47 11.76 5.83
CA LYS F 19 -1.78 12.79 6.53
C LYS F 19 -2.32 12.92 7.94
N VAL F 20 -1.53 12.61 9.03
CA VAL F 20 -1.95 12.53 10.43
C VAL F 20 -0.98 13.28 11.33
N NH2 F 21 -1.52 14.35 12.08
HN1 NH2 F 21 -0.87 14.80 12.68
HN2 NH2 F 21 -2.51 14.41 12.25
N VAL G 1 12.98 9.72 10.01
CA VAL G 1 13.22 8.35 9.54
C VAL G 1 12.42 8.17 8.29
N LYS G 2 13.09 7.67 7.16
CA LYS G 2 12.45 7.37 5.90
C LYS G 2 12.48 5.88 5.70
N VAL G 3 11.28 5.34 5.55
CA VAL G 3 11.16 3.97 5.18
C VAL G 3 10.74 3.95 3.68
N LYS G 4 11.42 3.15 2.85
CA LYS G 4 11.06 2.91 1.55
C LYS G 4 10.98 1.34 1.34
N VAL G 5 9.79 0.84 1.11
CA VAL G 5 9.45 -0.53 0.92
C VAL G 5 8.87 -0.71 -0.42
N LYS G 6 9.47 -1.47 -1.33
CA LYS G 6 8.76 -1.68 -2.55
C LYS G 6 8.89 -3.05 -3.20
N VAL G 7 8.05 -3.42 -4.17
CA VAL G 7 8.00 -4.80 -4.73
C VAL G 7 7.34 -4.74 -6.14
N LYS G 8 7.81 -5.63 -7.03
CA LYS G 8 7.25 -5.86 -8.37
C LYS G 8 6.65 -7.27 -8.28
N VAL G 9 5.36 -7.34 -8.70
CA VAL G 9 4.70 -8.60 -8.80
C VAL G 9 4.03 -8.77 -10.20
N DPR G 10 4.46 -9.63 -11.06
CA DPR G 10 4.05 -9.60 -12.52
CB DPR G 10 5.25 -10.37 -13.19
CG DPR G 10 5.68 -11.43 -12.14
CD DPR G 10 5.50 -10.70 -10.83
C DPR G 10 3.82 -8.25 -13.09
O DPR G 10 4.84 -7.54 -13.28
HA DPR G 10 3.12 -10.15 -12.60
HB2 DPR G 10 5.19 -10.76 -14.23
HB3 DPR G 10 6.03 -9.58 -13.14
HG2 DPR G 10 4.91 -12.22 -12.25
HG3 DPR G 10 6.72 -11.81 -12.25
HD2 DPR G 10 5.16 -11.27 -9.94
HD3 DPR G 10 6.45 -10.22 -10.50
N PRO G 11 2.60 -7.82 -13.45
CA PRO G 11 2.39 -6.58 -14.21
C PRO G 11 2.03 -5.48 -13.23
N THR G 12 2.24 -5.77 -11.95
CA THR G 12 1.78 -4.95 -10.81
C THR G 12 3.01 -4.44 -10.09
N LYS G 13 3.22 -3.10 -9.86
CA LYS G 13 4.29 -2.53 -9.15
C LYS G 13 3.82 -1.56 -8.03
N VAL G 14 4.33 -1.81 -6.87
CA VAL G 14 3.88 -1.15 -5.61
C VAL G 14 5.03 -0.47 -5.00
N LYS G 15 4.76 0.71 -4.36
CA LYS G 15 5.70 1.42 -3.49
C LYS G 15 4.88 1.82 -2.21
N VAL G 16 5.55 1.51 -1.03
CA VAL G 16 5.01 2.01 0.20
C VAL G 16 6.09 2.87 0.79
N LYS G 17 5.74 4.11 1.18
CA LYS G 17 6.76 5.03 1.71
C LYS G 17 6.07 5.67 2.90
N VAL G 18 6.72 5.64 4.06
CA VAL G 18 6.22 6.10 5.37
C VAL G 18 7.26 7.04 6.09
N LYS G 19 6.87 8.24 6.56
CA LYS G 19 7.65 8.95 7.50
C LYS G 19 6.87 8.93 8.82
N VAL G 20 7.39 8.37 9.94
CA VAL G 20 6.68 8.26 11.25
C VAL G 20 7.09 9.41 12.24
N NH2 G 21 6.91 10.66 11.71
HN1 NH2 G 21 7.28 11.47 12.18
HN2 NH2 G 21 6.52 10.65 10.79
N VAL H 1 18.91 0.47 13.63
CA VAL H 1 18.28 0.13 12.29
C VAL H 1 19.07 0.66 11.13
N LYS H 2 19.34 -0.04 10.05
CA LYS H 2 20.07 0.53 8.94
C LYS H 2 19.92 -0.37 7.78
N VAL H 3 18.72 -0.94 7.56
CA VAL H 3 18.39 -1.81 6.45
C VAL H 3 18.61 -1.32 5.03
N LYS H 4 19.01 -2.20 4.17
CA LYS H 4 19.33 -1.94 2.75
C LYS H 4 19.12 -3.26 2.01
N VAL H 5 18.03 -4.06 2.26
CA VAL H 5 17.78 -5.31 1.65
C VAL H 5 17.23 -5.19 0.20
N LYS H 6 17.96 -5.81 -0.76
CA LYS H 6 17.62 -5.67 -2.23
C LYS H 6 17.75 -7.09 -2.84
N VAL H 7 16.66 -7.70 -3.33
CA VAL H 7 16.74 -9.17 -3.50
C VAL H 7 15.50 -9.58 -4.32
N LYS H 8 15.56 -10.86 -4.76
CA LYS H 8 14.46 -11.47 -5.56
C LYS H 8 14.19 -12.91 -5.09
N VAL H 9 12.89 -13.35 -5.04
CA VAL H 9 12.47 -14.74 -4.81
C VAL H 9 11.32 -15.10 -5.74
N DPR H 10 11.25 -16.40 -6.23
CA DPR H 10 10.49 -16.76 -7.53
CB DPR H 10 11.14 -18.11 -7.99
CG DPR H 10 11.85 -18.66 -6.78
CD DPR H 10 12.25 -17.46 -5.88
C DPR H 10 10.55 -15.72 -8.58
O DPR H 10 11.68 -15.39 -8.93
HA DPR H 10 9.50 -16.90 -7.15
HB2 DPR H 10 10.43 -18.88 -8.37
HB3 DPR H 10 12.03 -17.91 -8.61
HG2 DPR H 10 11.12 -19.25 -6.17
HG3 DPR H 10 12.73 -19.24 -7.13
HD2 DPR H 10 12.01 -17.81 -4.84
HD3 DPR H 10 13.23 -17.00 -6.12
N PRO H 11 9.49 -15.10 -9.10
CA PRO H 11 9.64 -14.12 -10.20
C PRO H 11 9.49 -12.70 -9.69
N THR H 12 9.69 -12.45 -8.38
CA THR H 12 9.33 -11.16 -7.77
C THR H 12 10.61 -10.43 -7.31
N LYS H 13 10.56 -9.10 -7.57
CA LYS H 13 11.65 -8.22 -7.16
C LYS H 13 11.43 -7.24 -6.02
N VAL H 14 12.10 -7.50 -4.90
CA VAL H 14 11.85 -6.93 -3.55
C VAL H 14 12.85 -5.80 -3.08
N LYS H 15 12.40 -4.63 -2.53
CA LYS H 15 13.41 -3.76 -1.95
C LYS H 15 12.96 -3.16 -0.63
N VAL H 16 13.65 -3.38 0.52
CA VAL H 16 13.27 -2.89 1.83
C VAL H 16 14.32 -1.97 2.29
N LYS H 17 14.07 -0.71 2.54
CA LYS H 17 15.02 0.32 3.08
C LYS H 17 14.47 1.09 4.27
N VAL H 18 15.29 1.16 5.33
CA VAL H 18 15.09 2.04 6.53
C VAL H 18 16.43 2.75 6.71
N LYS H 19 16.37 4.14 6.85
CA LYS H 19 17.50 5.03 7.08
C LYS H 19 17.16 5.87 8.42
N VAL H 20 18.10 5.92 9.39
CA VAL H 20 18.00 6.64 10.64
C VAL H 20 19.23 7.58 10.74
N NH2 H 21 20.44 7.08 11.15
HN1 NH2 H 21 21.18 7.74 11.26
HN2 NH2 H 21 20.66 6.13 11.32
N VAL A 1 -12.90 -1.30 -15.34
CA VAL A 1 -12.44 -1.40 -13.92
C VAL A 1 -13.43 -1.01 -12.73
N LYS A 2 -13.18 -1.50 -11.52
CA LYS A 2 -13.93 -1.36 -10.29
C LYS A 2 -12.99 -0.96 -9.17
N VAL A 3 -13.19 0.21 -8.50
CA VAL A 3 -12.31 0.68 -7.40
C VAL A 3 -13.32 1.00 -6.29
N LYS A 4 -13.11 0.37 -5.19
CA LYS A 4 -14.00 0.47 -4.02
C LYS A 4 -13.27 1.03 -2.74
N VAL A 5 -13.50 2.23 -2.30
CA VAL A 5 -12.73 2.88 -1.34
C VAL A 5 -13.52 3.16 -0.07
N LYS A 6 -13.02 2.79 1.13
CA LYS A 6 -13.66 2.99 2.35
C LYS A 6 -12.83 3.60 3.41
N VAL A 7 -13.34 4.65 4.18
CA VAL A 7 -12.49 5.45 5.04
C VAL A 7 -13.27 5.79 6.29
N LYS A 8 -12.71 5.68 7.53
CA LYS A 8 -13.34 6.25 8.68
C LYS A 8 -12.23 7.01 9.36
N VAL A 9 -12.53 8.25 9.69
CA VAL A 9 -11.46 9.24 9.95
C VAL A 9 -12.01 10.23 11.02
N DPR A 10 -11.27 10.72 12.05
CA DPR A 10 -11.89 11.33 13.21
CB DPR A 10 -10.79 11.19 14.30
CG DPR A 10 -9.46 11.06 13.51
CD DPR A 10 -9.83 10.40 12.20
C DPR A 10 -13.28 10.92 13.63
O DPR A 10 -13.45 9.79 13.93
HA DPR A 10 -11.91 12.35 12.86
HB2 DPR A 10 -10.74 12.05 15.01
HB3 DPR A 10 -10.90 10.28 14.94
HG2 DPR A 10 -9.03 12.06 13.31
HG3 DPR A 10 -8.60 10.51 13.97
HD2 DPR A 10 -9.19 10.67 11.34
HD3 DPR A 10 -9.74 9.31 12.39
N PRO A 11 -14.27 11.72 13.64
CA PRO A 11 -15.60 11.37 14.04
C PRO A 11 -16.49 11.22 12.83
N THR A 12 -15.94 10.96 11.63
CA THR A 12 -16.83 10.89 10.41
C THR A 12 -16.45 9.69 9.49
N LYS A 13 -17.38 9.24 8.61
CA LYS A 13 -17.19 8.09 7.79
C LYS A 13 -17.68 8.28 6.31
N VAL A 14 -16.88 7.81 5.27
CA VAL A 14 -17.21 7.85 3.80
C VAL A 14 -17.15 6.41 3.30
N LYS A 15 -18.09 6.01 2.46
CA LYS A 15 -17.93 4.85 1.61
C LYS A 15 -18.34 5.15 0.15
N VAL A 16 -17.39 4.95 -0.76
CA VAL A 16 -17.57 5.35 -2.15
C VAL A 16 -17.08 4.29 -3.17
N LYS A 17 -17.58 4.37 -4.40
CA LYS A 17 -17.12 3.46 -5.40
C LYS A 17 -17.05 4.20 -6.75
N VAL A 18 -16.09 3.82 -7.52
CA VAL A 18 -15.86 4.28 -8.90
C VAL A 18 -15.88 3.14 -9.84
N LYS A 19 -16.78 3.05 -10.89
CA LYS A 19 -16.75 1.99 -11.88
C LYS A 19 -16.34 2.65 -13.18
N VAL A 20 -15.05 2.45 -13.68
CA VAL A 20 -14.53 3.13 -14.84
C VAL A 20 -14.66 2.10 -15.99
N NH2 A 21 -15.44 2.40 -17.05
HN1 NH2 A 21 -15.47 1.78 -17.84
HN2 NH2 A 21 -15.88 3.29 -17.13
N VAL B 1 -6.03 -8.68 -12.95
CA VAL B 1 -5.35 -8.50 -11.61
C VAL B 1 -6.34 -7.93 -10.56
N LYS B 2 -6.27 -8.48 -9.28
CA LYS B 2 -7.17 -8.07 -8.28
C LYS B 2 -6.38 -7.71 -6.97
N VAL B 3 -6.77 -6.63 -6.30
CA VAL B 3 -5.95 -5.95 -5.32
C VAL B 3 -6.76 -5.50 -4.13
N LYS B 4 -6.24 -5.86 -2.94
CA LYS B 4 -6.67 -5.15 -1.77
C LYS B 4 -5.58 -4.33 -1.16
N VAL B 5 -5.81 -3.06 -0.73
CA VAL B 5 -4.89 -2.13 -0.07
C VAL B 5 -5.50 -1.68 1.25
N LYS B 6 -4.72 -1.64 2.32
CA LYS B 6 -5.28 -1.19 3.58
C LYS B 6 -4.15 -0.50 4.41
N VAL B 7 -4.50 0.61 5.12
CA VAL B 7 -3.52 1.45 5.72
C VAL B 7 -4.23 2.14 7.00
N LYS B 8 -3.48 2.27 8.11
CA LYS B 8 -4.04 2.74 9.37
C LYS B 8 -3.00 3.46 10.20
N VAL B 9 -3.44 4.64 10.68
CA VAL B 9 -2.70 5.52 11.53
C VAL B 9 -3.46 5.84 12.71
N DPR B 10 -3.17 5.36 13.89
CA DPR B 10 -4.10 5.27 15.11
CB DPR B 10 -3.47 4.14 15.93
CG DPR B 10 -1.98 4.40 15.70
CD DPR B 10 -1.91 4.72 14.19
C DPR B 10 -5.56 5.13 14.75
O DPR B 10 -5.87 4.08 14.15
HA DPR B 10 -4.04 6.22 15.61
HB2 DPR B 10 -3.88 4.02 16.96
HB3 DPR B 10 -3.57 3.18 15.38
HG2 DPR B 10 -1.58 5.26 16.29
HG3 DPR B 10 -1.33 3.52 15.85
HD2 DPR B 10 -1.06 5.42 14.01
HD3 DPR B 10 -1.86 3.79 13.60
N PRO B 11 -6.55 5.93 15.01
CA PRO B 11 -7.96 5.70 14.68
C PRO B 11 -8.34 5.88 13.20
N THR B 12 -7.48 6.51 12.42
CA THR B 12 -7.65 6.63 10.92
C THR B 12 -7.46 5.29 10.17
N LYS B 13 -8.50 4.65 9.66
CA LYS B 13 -8.52 3.43 9.02
C LYS B 13 -8.98 3.57 7.60
N VAL B 14 -8.20 3.07 6.59
CA VAL B 14 -8.53 3.39 5.15
C VAL B 14 -8.42 2.11 4.31
N LYS B 15 -9.32 1.87 3.42
CA LYS B 15 -9.21 0.66 2.61
C LYS B 15 -9.55 0.81 1.15
N VAL B 16 -8.75 0.20 0.26
CA VAL B 16 -8.83 0.41 -1.16
C VAL B 16 -8.92 -0.89 -1.92
N LYS B 17 -10.07 -1.25 -2.55
CA LYS B 17 -10.08 -2.42 -3.33
C LYS B 17 -10.19 -2.19 -4.85
N VAL B 18 -9.35 -2.85 -5.72
CA VAL B 18 -9.14 -2.51 -7.09
C VAL B 18 -9.23 -3.82 -7.86
N LYS B 19 -10.19 -3.95 -8.77
CA LYS B 19 -10.36 -5.05 -9.68
C LYS B 19 -10.30 -4.56 -11.12
N VAL B 20 -9.47 -5.14 -11.98
CA VAL B 20 -9.45 -4.79 -13.44
C VAL B 20 -10.66 -5.50 -14.13
N NH2 B 21 -10.68 -6.82 -14.46
HN1 NH2 B 21 -11.20 -7.05 -15.29
HN2 NH2 B 21 -9.90 -7.40 -14.21
N VAL C 1 0.35 -16.32 -9.41
CA VAL C 1 1.19 -15.64 -8.44
C VAL C 1 0.36 -14.78 -7.49
N LYS C 2 0.39 -15.17 -6.19
CA LYS C 2 -0.22 -14.50 -5.09
C LYS C 2 0.88 -13.78 -4.22
N VAL C 3 0.72 -12.48 -4.03
CA VAL C 3 1.71 -11.82 -3.15
C VAL C 3 0.94 -10.99 -2.13
N LYS C 4 1.37 -11.07 -0.88
CA LYS C 4 0.79 -10.36 0.20
C LYS C 4 1.89 -9.77 1.05
N VAL C 5 1.87 -8.45 1.28
CA VAL C 5 2.94 -7.65 1.98
C VAL C 5 2.38 -6.98 3.23
N LYS C 6 3.06 -7.12 4.39
CA LYS C 6 2.85 -6.33 5.51
C LYS C 6 4.09 -5.55 6.15
N VAL C 7 3.81 -4.33 6.70
CA VAL C 7 4.83 -3.49 7.13
C VAL C 7 4.18 -2.68 8.24
N LYS C 8 4.93 -2.68 9.49
CA LYS C 8 4.66 -1.86 10.59
C LYS C 8 6.02 -1.18 10.91
N VAL C 9 5.89 0.16 11.05
CA VAL C 9 6.96 1.14 11.18
C VAL C 9 6.40 2.28 12.02
N DPR C 10 7.13 2.90 12.88
CA DPR C 10 6.70 3.86 13.87
CB DPR C 10 7.85 3.88 14.88
CG DPR C 10 9.10 3.54 14.12
CD DPR C 10 8.55 2.53 13.11
C DPR C 10 5.30 3.82 14.41
O DPR C 10 5.04 2.72 14.77
HA DPR C 10 6.64 4.81 13.34
HB2 DPR C 10 7.96 4.92 15.26
HB3 DPR C 10 7.68 3.14 15.69
HG2 DPR C 10 9.52 4.27 13.40
HG3 DPR C 10 9.97 3.09 14.64
HD2 DPR C 10 9.10 2.49 12.15
HD3 DPR C 10 8.54 1.51 13.57
N PRO C 11 4.45 4.75 14.30
CA PRO C 11 3.03 4.55 14.54
C PRO C 11 2.32 4.59 13.22
N THR C 12 2.45 3.51 12.42
CA THR C 12 1.74 3.20 11.13
C THR C 12 1.60 1.76 10.75
N LYS C 13 0.35 1.41 10.38
CA LYS C 13 0.12 0.09 9.79
C LYS C 13 -0.09 0.14 8.28
N VAL C 14 0.68 -0.60 7.49
CA VAL C 14 0.41 -0.81 6.00
C VAL C 14 0.27 -2.32 5.62
N LYS C 15 -0.68 -2.63 4.76
CA LYS C 15 -0.77 -3.94 4.11
C LYS C 15 -1.39 -3.89 2.72
N VAL C 16 -0.88 -4.75 1.77
CA VAL C 16 -1.41 -4.81 0.41
C VAL C 16 -1.44 -6.24 0.05
N LYS C 17 -2.53 -6.67 -0.66
CA LYS C 17 -2.60 -8.04 -1.16
C LYS C 17 -2.85 -7.95 -2.68
N VAL C 18 -2.08 -8.76 -3.45
CA VAL C 18 -2.14 -8.86 -4.85
C VAL C 18 -2.46 -10.31 -5.23
N LYS C 19 -3.55 -10.53 -6.05
CA LYS C 19 -3.69 -11.69 -6.92
C LYS C 19 -3.47 -11.30 -8.41
N VAL C 20 -2.53 -11.98 -9.23
CA VAL C 20 -2.42 -11.83 -10.68
C VAL C 20 -3.51 -12.66 -11.40
N NH2 C 21 -3.26 -13.86 -11.99
HN1 NH2 C 21 -3.96 -14.27 -12.57
HN2 NH2 C 21 -2.34 -14.23 -11.92
N VAL D 1 5.01 -23.65 -4.47
CA VAL D 1 6.20 -22.91 -3.94
C VAL D 1 5.79 -21.58 -3.23
N LYS D 2 6.28 -21.32 -2.01
CA LYS D 2 5.94 -20.15 -1.26
C LYS D 2 7.24 -19.52 -0.65
N VAL D 3 7.48 -18.24 -0.83
CA VAL D 3 8.75 -17.71 -0.44
C VAL D 3 8.49 -16.36 0.20
N LYS D 4 9.49 -15.79 0.89
CA LYS D 4 9.27 -14.79 1.88
C LYS D 4 10.52 -13.83 1.82
N VAL D 5 10.30 -12.51 2.07
CA VAL D 5 11.41 -11.51 2.18
C VAL D 5 10.92 -10.77 3.45
N LYS D 6 11.67 -10.79 4.62
CA LYS D 6 11.27 -10.31 5.90
C LYS D 6 12.40 -9.85 6.86
N VAL D 7 12.29 -8.65 7.39
CA VAL D 7 13.31 -8.13 8.44
C VAL D 7 12.54 -7.49 9.58
N LYS D 8 13.11 -7.58 10.74
CA LYS D 8 12.62 -6.94 11.97
C LYS D 8 13.78 -6.26 12.61
N VAL D 9 13.68 -4.89 12.81
CA VAL D 9 14.45 -4.12 13.73
C VAL D 9 13.56 -3.47 14.75
N DPR D 10 13.38 -3.97 15.97
CA DPR D 10 12.31 -3.61 16.91
CB DPR D 10 12.20 -4.85 17.82
CG DPR D 10 13.64 -5.30 17.94
CD DPR D 10 14.07 -5.19 16.46
C DPR D 10 10.93 -3.18 16.30
O DPR D 10 10.32 -4.04 15.71
HA DPR D 10 12.74 -2.73 17.37
HB2 DPR D 10 11.88 -4.55 18.85
HB3 DPR D 10 11.54 -5.67 17.45
HG2 DPR D 10 14.29 -4.56 18.46
HG3 DPR D 10 13.84 -6.29 18.39
HD2 DPR D 10 15.16 -5.18 16.25
HD3 DPR D 10 13.58 -6.02 15.91
N PRO D 11 10.52 -1.91 16.28
CA PRO D 11 9.25 -1.52 15.66
C PRO D 11 9.12 -1.71 14.15
N THR D 12 10.18 -1.62 13.35
CA THR D 12 10.19 -1.95 11.98
C THR D 12 10.05 -3.45 11.82
N LYS D 13 8.93 -3.82 11.23
CA LYS D 13 8.63 -5.17 10.88
C LYS D 13 8.04 -5.24 9.51
N VAL D 14 8.72 -6.05 8.69
CA VAL D 14 8.40 -6.08 7.27
C VAL D 14 8.29 -7.55 6.94
N LYS D 15 7.20 -7.96 6.25
CA LYS D 15 7.11 -9.27 5.70
C LYS D 15 6.41 -9.21 4.39
N VAL D 16 7.11 -9.52 3.31
CA VAL D 16 6.50 -9.87 2.00
C VAL D 16 6.35 -11.36 2.04
N LYS D 17 5.20 -11.89 1.49
CA LYS D 17 5.12 -13.36 1.20
C LYS D 17 4.56 -13.63 -0.12
N VAL D 18 5.11 -14.65 -0.87
CA VAL D 18 4.75 -14.99 -2.26
C VAL D 18 4.28 -16.39 -2.26
N LYS D 19 3.31 -16.64 -3.15
CA LYS D 19 2.82 -17.92 -3.47
C LYS D 19 2.72 -18.10 -4.93
N VAL D 20 3.35 -19.22 -5.44
CA VAL D 20 3.23 -19.59 -6.84
C VAL D 20 2.57 -20.99 -6.83
N NH2 D 21 1.55 -21.17 -7.68
HN1 NH2 D 21 0.83 -21.80 -7.40
HN2 NH2 D 21 1.37 -20.57 -8.46
N VAL E 1 -5.72 16.33 10.49
CA VAL E 1 -5.87 14.96 9.85
C VAL E 1 -6.70 14.89 8.58
N LYS E 2 -6.01 14.37 7.42
CA LYS E 2 -6.53 14.33 6.06
C LYS E 2 -6.25 12.97 5.27
N VAL E 3 -7.29 12.51 4.57
CA VAL E 3 -7.20 11.27 3.78
C VAL E 3 -7.53 11.60 2.35
N LYS E 4 -6.68 11.43 1.33
CA LYS E 4 -7.06 11.58 -0.06
C LYS E 4 -6.96 10.23 -0.73
N VAL E 5 -7.74 10.00 -1.80
CA VAL E 5 -7.53 8.77 -2.61
C VAL E 5 -7.74 9.31 -4.02
N LYS E 6 -6.84 9.01 -4.96
CA LYS E 6 -6.96 9.39 -6.35
C LYS E 6 -6.76 8.09 -7.17
N VAL E 7 -7.49 8.01 -8.33
CA VAL E 7 -7.38 6.95 -9.32
C VAL E 7 -7.28 7.40 -10.69
N LYS E 8 -6.28 6.95 -11.48
CA LYS E 8 -6.18 7.29 -12.89
C LYS E 8 -6.35 5.95 -13.62
N VAL E 9 -7.24 5.93 -14.67
CA VAL E 9 -7.38 4.84 -15.57
C VAL E 9 -7.37 5.54 -16.95
N DPR E 10 -6.38 5.36 -17.80
CA DPR E 10 -6.02 6.23 -18.93
CB DPR E 10 -4.61 5.96 -19.26
CG DPR E 10 -4.51 4.46 -18.79
CD DPR E 10 -5.26 4.50 -17.50
C DPR E 10 -6.36 7.67 -18.78
O DPR E 10 -5.65 8.25 -18.02
HA DPR E 10 -6.49 5.95 -19.87
HB2 DPR E 10 -4.27 6.03 -20.31
HB3 DPR E 10 -3.82 6.59 -18.82
HG2 DPR E 10 -5.10 3.78 -19.44
HG3 DPR E 10 -3.47 4.06 -18.81
HD2 DPR E 10 -5.69 3.55 -17.14
HD3 DPR E 10 -4.67 4.93 -16.65
N PRO E 11 -7.27 8.37 -19.46
CA PRO E 11 -7.23 9.83 -19.39
C PRO E 11 -8.53 10.26 -18.61
N THR E 12 -9.08 9.34 -17.79
CA THR E 12 -10.11 9.54 -16.78
C THR E 12 -9.46 9.66 -15.39
N LYS E 13 -9.53 10.89 -14.82
CA LYS E 13 -8.81 11.20 -13.55
C LYS E 13 -9.84 11.55 -12.45
N VAL E 14 -9.91 10.79 -11.33
CA VAL E 14 -11.06 10.83 -10.39
C VAL E 14 -10.45 10.84 -8.94
N LYS E 15 -10.99 11.62 -8.05
CA LYS E 15 -10.54 11.68 -6.71
C LYS E 15 -11.59 11.96 -5.58
N VAL E 16 -11.23 11.35 -4.37
CA VAL E 16 -12.02 11.63 -3.17
C VAL E 16 -11.10 12.07 -2.07
N LYS E 17 -11.29 13.32 -1.50
CA LYS E 17 -10.63 13.94 -0.38
C LYS E 17 -11.56 14.04 0.83
N VAL E 18 -11.16 13.47 1.99
CA VAL E 18 -11.95 13.51 3.16
C VAL E 18 -10.98 14.15 4.13
N LYS E 19 -11.53 15.29 4.76
CA LYS E 19 -10.87 16.07 5.79
C LYS E 19 -11.55 16.15 7.08
N VAL E 20 -10.78 16.17 8.15
CA VAL E 20 -11.43 16.37 9.48
C VAL E 20 -11.13 17.91 9.78
N NH2 E 21 -12.14 18.77 9.83
HN1 NH2 E 21 -11.95 19.75 9.94
HN2 NH2 E 21 -13.10 18.50 9.69
N VAL F 1 2.93 12.39 11.11
CA VAL F 1 2.95 11.09 10.33
C VAL F 1 2.46 11.32 8.90
N LYS F 2 3.27 10.84 7.89
CA LYS F 2 2.90 10.89 6.46
C LYS F 2 3.09 9.55 5.81
N VAL F 3 2.02 8.97 5.28
CA VAL F 3 2.11 7.70 4.63
C VAL F 3 1.73 7.87 3.14
N LYS F 4 2.53 7.34 2.20
CA LYS F 4 2.18 7.36 0.84
C LYS F 4 2.14 5.88 0.49
N VAL F 5 0.92 5.48 0.13
CA VAL F 5 0.68 4.09 -0.33
C VAL F 5 0.25 4.03 -1.79
N LYS F 6 1.03 3.41 -2.67
CA LYS F 6 0.75 3.57 -4.14
C LYS F 6 0.88 2.21 -4.85
N VAL F 7 -0.07 1.90 -5.73
CA VAL F 7 -0.03 0.57 -6.42
C VAL F 7 -0.41 0.75 -7.85
N LYS F 8 0.10 -0.07 -8.85
CA LYS F 8 -0.44 0.02 -10.27
C LYS F 8 -1.04 -1.28 -10.78
N VAL F 9 -2.34 -1.34 -11.26
CA VAL F 9 -3.01 -2.61 -11.42
C VAL F 9 -3.57 -2.63 -12.84
N DPR F 10 -3.18 -3.46 -13.76
CA DPR F 10 -3.30 -3.18 -15.25
CB DPR F 10 -2.20 -3.96 -15.85
CG DPR F 10 -2.09 -5.17 -14.83
CD DPR F 10 -2.14 -4.47 -13.51
C DPR F 10 -3.24 -1.69 -15.71
O DPR F 10 -2.16 -1.13 -15.53
HA DPR F 10 -4.33 -3.43 -15.43
HB2 DPR F 10 -2.36 -4.31 -16.89
HB3 DPR F 10 -1.25 -3.39 -15.74
HG2 DPR F 10 -2.89 -5.95 -14.92
HG3 DPR F 10 -1.08 -5.60 -15.00
HD2 DPR F 10 -2.39 -5.18 -12.70
HD3 DPR F 10 -1.15 -4.01 -13.38
N PRO F 11 -4.30 -1.01 -16.18
CA PRO F 11 -4.33 0.40 -16.56
C PRO F 11 -4.58 1.26 -15.32
N THR F 12 -4.67 0.71 -14.10
CA THR F 12 -5.18 1.37 -12.87
C THR F 12 -4.13 1.77 -11.90
N LYS F 13 -3.87 3.08 -11.79
CA LYS F 13 -2.74 3.63 -11.03
C LYS F 13 -3.27 4.37 -9.79
N VAL F 14 -2.98 3.92 -8.62
CA VAL F 14 -3.77 4.26 -7.42
C VAL F 14 -2.83 4.96 -6.40
N LYS F 15 -3.22 6.16 -5.90
CA LYS F 15 -2.47 6.90 -4.96
C LYS F 15 -3.26 7.15 -3.65
N VAL F 16 -2.89 6.58 -2.49
CA VAL F 16 -3.52 6.72 -1.19
C VAL F 16 -2.61 7.62 -0.43
N LYS F 17 -3.20 8.66 0.28
CA LYS F 17 -2.48 9.67 0.99
C LYS F 17 -3.14 9.87 2.32
N VAL F 18 -2.47 9.46 3.43
CA VAL F 18 -3.03 9.54 4.73
C VAL F 18 -2.07 10.60 5.37
N LYS F 19 -2.55 11.76 5.61
CA LYS F 19 -1.81 12.81 6.30
C LYS F 19 -2.26 13.07 7.64
N VAL F 20 -1.51 12.63 8.66
CA VAL F 20 -1.78 12.78 10.07
C VAL F 20 -0.76 13.69 10.83
N NH2 F 21 -1.33 14.66 11.54
HN1 NH2 F 21 -0.68 15.26 12.01
HN2 NH2 F 21 -2.32 14.65 11.67
N VAL G 1 13.17 10.05 10.51
CA VAL G 1 13.12 8.66 10.04
C VAL G 1 12.41 8.38 8.77
N LYS G 2 13.08 7.85 7.66
CA LYS G 2 12.44 7.54 6.33
C LYS G 2 12.27 6.09 5.98
N VAL G 3 11.01 5.64 5.59
CA VAL G 3 10.69 4.25 5.24
C VAL G 3 10.29 4.07 3.83
N LYS G 4 10.87 3.09 3.13
CA LYS G 4 10.49 2.74 1.77
C LYS G 4 10.35 1.21 1.66
N VAL G 5 9.18 0.77 1.38
CA VAL G 5 8.90 -0.55 1.04
C VAL G 5 8.41 -0.71 -0.39
N LYS G 6 8.96 -1.62 -1.11
CA LYS G 6 8.50 -1.74 -2.52
C LYS G 6 8.77 -3.10 -3.07
N VAL G 7 7.85 -3.59 -4.00
CA VAL G 7 7.89 -4.92 -4.67
C VAL G 7 7.24 -4.89 -6.01
N LYS G 8 7.78 -5.66 -7.04
CA LYS G 8 7.13 -5.87 -8.29
C LYS G 8 6.59 -7.29 -8.38
N VAL G 9 5.24 -7.41 -8.61
CA VAL G 9 4.42 -8.63 -8.58
C VAL G 9 3.80 -9.00 -10.00
N DPR G 10 4.23 -9.88 -10.84
CA DPR G 10 4.11 -9.74 -12.34
CB DPR G 10 5.35 -10.42 -12.86
CG DPR G 10 5.65 -11.53 -11.77
CD DPR G 10 5.39 -10.74 -10.46
C DPR G 10 4.00 -8.30 -12.91
O DPR G 10 5.04 -7.63 -12.82
HA DPR G 10 3.22 -10.26 -12.66
HB2 DPR G 10 5.33 -10.81 -13.90
HB3 DPR G 10 6.26 -9.78 -12.77
HG2 DPR G 10 5.02 -12.43 -11.91
HG3 DPR G 10 6.72 -11.81 -11.74
HD2 DPR G 10 5.32 -11.45 -9.60
HD3 DPR G 10 6.23 -10.06 -10.23
N PRO G 11 2.85 -7.87 -13.35
CA PRO G 11 2.71 -6.61 -13.99
C PRO G 11 2.42 -5.58 -12.89
N THR G 12 2.24 -5.90 -11.57
CA THR G 12 1.85 -4.90 -10.58
C THR G 12 3.02 -4.42 -9.81
N LYS G 13 2.98 -3.11 -9.55
CA LYS G 13 4.07 -2.54 -8.89
C LYS G 13 3.51 -2.02 -7.53
N VAL G 14 4.21 -2.25 -6.43
CA VAL G 14 3.78 -1.64 -5.16
C VAL G 14 4.91 -0.81 -4.68
N LYS G 15 4.59 0.39 -4.22
CA LYS G 15 5.46 1.29 -3.42
C LYS G 15 4.78 1.86 -2.16
N VAL G 16 5.42 1.72 -1.01
CA VAL G 16 4.96 2.19 0.32
C VAL G 16 6.06 3.15 0.76
N LYS G 17 5.71 4.45 1.04
CA LYS G 17 6.68 5.49 1.48
C LYS G 17 6.31 6.10 2.78
N VAL G 18 7.01 5.84 3.89
CA VAL G 18 6.54 6.37 5.19
C VAL G 18 7.53 7.28 5.96
N LYS G 19 7.10 8.52 6.29
CA LYS G 19 7.77 9.40 7.15
C LYS G 19 7.28 9.24 8.65
N VAL G 20 7.90 8.28 9.30
CA VAL G 20 7.63 8.00 10.73
C VAL G 20 8.44 8.87 11.74
N NH2 G 21 9.47 9.51 11.13
HN1 NH2 G 21 10.14 10.08 11.60
HN2 NH2 G 21 9.50 9.39 10.13
N VAL H 1 19.71 1.64 13.40
CA VAL H 1 18.65 1.22 12.49
C VAL H 1 19.03 1.67 11.12
N LYS H 2 19.10 0.82 10.10
CA LYS H 2 19.86 1.12 8.90
C LYS H 2 19.61 0.20 7.70
N VAL H 3 18.32 -0.22 7.54
CA VAL H 3 17.87 -1.25 6.62
C VAL H 3 18.16 -0.97 5.15
N LYS H 4 18.73 -1.93 4.45
CA LYS H 4 19.09 -1.86 2.99
C LYS H 4 18.94 -3.30 2.49
N VAL H 5 17.70 -3.95 2.56
CA VAL H 5 17.55 -5.35 2.05
C VAL H 5 17.05 -5.28 0.59
N LYS H 6 17.78 -6.01 -0.27
CA LYS H 6 17.48 -6.05 -1.65
C LYS H 6 17.73 -7.39 -2.09
N VAL H 7 16.77 -8.03 -2.85
CA VAL H 7 16.62 -9.48 -3.11
C VAL H 7 15.45 -9.83 -4.11
N LYS H 8 15.62 -10.83 -5.04
CA LYS H 8 14.62 -11.39 -5.95
C LYS H 8 14.32 -12.78 -5.53
N VAL H 9 13.04 -13.11 -5.48
CA VAL H 9 12.65 -14.41 -5.07
C VAL H 9 11.52 -14.89 -5.98
N DPR H 10 11.51 -16.07 -6.45
CA DPR H 10 10.73 -16.42 -7.62
CB DPR H 10 11.32 -17.83 -8.05
CG DPR H 10 11.66 -18.46 -6.68
CD DPR H 10 12.17 -17.24 -5.90
C DPR H 10 10.46 -15.46 -8.74
O DPR H 10 11.41 -15.09 -9.44
HA DPR H 10 9.80 -16.47 -7.07
HB2 DPR H 10 10.67 -18.37 -8.77
HB3 DPR H 10 12.25 -17.53 -8.57
HG2 DPR H 10 10.75 -18.92 -6.24
HG3 DPR H 10 12.55 -19.13 -6.74
HD2 DPR H 10 12.15 -17.33 -4.79
HD3 DPR H 10 13.26 -17.21 -6.16
N PRO H 11 9.23 -15.02 -9.04
CA PRO H 11 9.04 -14.05 -10.07
C PRO H 11 9.04 -12.61 -9.55
N THR H 12 9.09 -12.36 -8.20
CA THR H 12 9.17 -11.03 -7.52
C THR H 12 10.56 -10.35 -7.51
N LYS H 13 10.60 -9.02 -7.46
CA LYS H 13 11.77 -8.33 -7.10
C LYS H 13 11.40 -7.21 -6.10
N VAL H 14 12.17 -7.16 -4.92
CA VAL H 14 11.79 -6.46 -3.66
C VAL H 14 12.88 -5.55 -3.17
N LYS H 15 12.48 -4.36 -2.68
CA LYS H 15 13.49 -3.62 -1.97
C LYS H 15 13.00 -3.03 -0.71
N VAL H 16 13.70 -3.27 0.43
CA VAL H 16 13.24 -2.93 1.79
C VAL H 16 14.27 -1.94 2.27
N LYS H 17 13.87 -0.65 2.70
CA LYS H 17 14.81 0.39 3.19
C LYS H 17 14.26 1.28 4.30
N VAL H 18 15.07 1.47 5.39
CA VAL H 18 14.77 2.39 6.40
C VAL H 18 16.11 3.03 6.77
N LYS H 19 16.09 4.46 6.76
CA LYS H 19 17.30 5.22 7.12
C LYS H 19 16.76 6.09 8.30
N VAL H 20 17.60 6.21 9.40
CA VAL H 20 17.50 7.15 10.51
C VAL H 20 18.60 8.31 10.27
N NH2 H 21 19.88 7.95 10.14
HN1 NH2 H 21 20.55 8.68 10.28
HN2 NH2 H 21 20.19 7.00 10.12
N VAL A 1 -13.68 -1.51 -15.26
CA VAL A 1 -12.88 -1.63 -14.03
C VAL A 1 -13.74 -1.23 -12.84
N LYS A 2 -13.65 -1.87 -11.70
CA LYS A 2 -14.34 -1.35 -10.51
C LYS A 2 -13.35 -1.00 -9.41
N VAL A 3 -13.58 0.09 -8.65
CA VAL A 3 -12.81 0.46 -7.55
C VAL A 3 -13.57 1.06 -6.35
N LYS A 4 -13.29 0.57 -5.18
CA LYS A 4 -14.03 0.82 -3.94
C LYS A 4 -13.08 1.49 -2.96
N VAL A 5 -13.49 2.60 -2.33
CA VAL A 5 -12.70 3.35 -1.33
C VAL A 5 -13.53 3.50 -0.09
N LYS A 6 -13.12 2.97 1.02
CA LYS A 6 -13.83 3.19 2.32
C LYS A 6 -12.84 3.77 3.42
N VAL A 7 -13.29 4.79 4.15
CA VAL A 7 -12.53 5.35 5.23
C VAL A 7 -13.51 5.67 6.30
N LYS A 8 -13.10 5.36 7.52
CA LYS A 8 -13.55 5.99 8.77
C LYS A 8 -12.39 6.79 9.38
N VAL A 9 -12.65 8.03 9.76
CA VAL A 9 -11.63 9.01 10.11
C VAL A 9 -12.20 9.89 11.24
N DPR A 10 -11.54 10.38 12.30
CA DPR A 10 -12.15 10.91 13.54
CB DPR A 10 -11.09 10.76 14.68
CG DPR A 10 -9.77 10.81 13.87
CD DPR A 10 -10.10 10.14 12.51
C DPR A 10 -13.48 10.34 13.91
O DPR A 10 -13.59 9.13 14.18
HA DPR A 10 -12.31 11.96 13.31
HB2 DPR A 10 -11.12 11.56 15.46
HB3 DPR A 10 -11.16 9.77 15.18
HG2 DPR A 10 -9.42 11.83 13.65
HG3 DPR A 10 -8.94 10.25 14.35
HD2 DPR A 10 -9.50 10.67 11.73
HD3 DPR A 10 -9.86 9.06 12.47
N PRO A 11 -14.57 11.12 14.11
CA PRO A 11 -15.91 10.58 14.42
C PRO A 11 -16.77 10.79 13.16
N THR A 12 -16.23 10.57 11.95
CA THR A 12 -17.03 10.52 10.72
C THR A 12 -16.60 9.49 9.66
N LYS A 13 -17.47 9.26 8.71
CA LYS A 13 -17.41 8.09 7.83
C LYS A 13 -17.79 8.20 6.30
N VAL A 14 -17.04 7.59 5.42
CA VAL A 14 -16.97 7.88 4.03
C VAL A 14 -16.72 6.56 3.36
N LYS A 15 -17.52 6.12 2.30
CA LYS A 15 -17.39 4.91 1.51
C LYS A 15 -17.94 5.37 0.09
N VAL A 16 -17.16 5.09 -1.01
CA VAL A 16 -17.61 5.43 -2.35
C VAL A 16 -17.16 4.34 -3.36
N LYS A 17 -17.93 4.08 -4.50
CA LYS A 17 -17.60 3.17 -5.60
C LYS A 17 -17.42 4.04 -6.87
N VAL A 18 -16.22 3.82 -7.51
CA VAL A 18 -15.81 4.45 -8.74
C VAL A 18 -15.71 3.39 -9.83
N LYS A 19 -16.48 3.51 -11.00
CA LYS A 19 -16.39 2.53 -11.99
C LYS A 19 -16.24 3.18 -13.35
N VAL A 20 -15.15 2.68 -14.05
CA VAL A 20 -14.74 3.17 -15.37
C VAL A 20 -14.68 1.92 -16.29
N NH2 A 21 -15.71 1.70 -17.16
HN1 NH2 A 21 -15.39 1.29 -18.01
HN2 NH2 A 21 -16.46 2.36 -17.12
N VAL B 1 -5.65 -8.85 -12.86
CA VAL B 1 -4.99 -8.63 -11.54
C VAL B 1 -5.91 -7.98 -10.56
N LYS B 2 -6.12 -8.52 -9.32
CA LYS B 2 -7.03 -7.95 -8.35
C LYS B 2 -6.22 -7.73 -6.98
N VAL B 3 -6.18 -6.44 -6.61
CA VAL B 3 -5.29 -5.93 -5.51
C VAL B 3 -6.18 -5.31 -4.45
N LYS B 4 -5.94 -5.69 -3.10
CA LYS B 4 -6.47 -5.06 -1.96
C LYS B 4 -5.39 -4.34 -1.22
N VAL B 5 -5.61 -3.07 -0.81
CA VAL B 5 -4.64 -2.26 -0.17
C VAL B 5 -5.23 -1.60 1.08
N LYS B 6 -4.51 -1.62 2.33
CA LYS B 6 -5.16 -1.15 3.50
C LYS B 6 -4.17 -0.42 4.38
N VAL B 7 -4.54 0.81 4.80
CA VAL B 7 -3.63 1.60 5.71
C VAL B 7 -4.37 2.14 6.94
N LYS B 8 -3.72 2.02 8.11
CA LYS B 8 -4.11 2.58 9.35
C LYS B 8 -3.03 3.44 9.96
N VAL B 9 -3.40 4.74 10.34
CA VAL B 9 -2.61 5.63 11.08
C VAL B 9 -3.34 6.06 12.35
N DPR B 10 -2.95 5.66 13.63
CA DPR B 10 -3.84 5.57 14.80
CB DPR B 10 -3.11 4.54 15.81
CG DPR B 10 -1.68 4.96 15.59
CD DPR B 10 -1.61 5.36 14.05
C DPR B 10 -5.30 5.30 14.57
O DPR B 10 -5.53 4.20 14.01
HA DPR B 10 -3.62 6.53 15.23
HB2 DPR B 10 -3.45 4.60 16.87
HB3 DPR B 10 -3.30 3.52 15.42
HG2 DPR B 10 -1.59 5.81 16.31
HG3 DPR B 10 -1.07 4.07 15.87
HD2 DPR B 10 -0.98 6.26 13.93
HD3 DPR B 10 -1.39 4.52 13.35
N PRO B 11 -6.27 6.14 14.91
CA PRO B 11 -7.70 5.75 14.72
C PRO B 11 -8.24 5.82 13.31
N THR B 12 -7.60 6.59 12.48
CA THR B 12 -7.95 6.76 11.03
C THR B 12 -7.61 5.47 10.24
N LYS B 13 -8.59 4.86 9.54
CA LYS B 13 -8.35 3.64 8.83
C LYS B 13 -8.92 3.73 7.35
N VAL B 14 -8.10 3.57 6.34
CA VAL B 14 -8.38 3.66 4.94
C VAL B 14 -8.28 2.31 4.27
N LYS B 15 -9.04 1.94 3.32
CA LYS B 15 -8.85 0.77 2.58
C LYS B 15 -9.23 0.99 1.14
N VAL B 16 -8.42 0.45 0.17
CA VAL B 16 -8.66 0.57 -1.29
C VAL B 16 -8.68 -0.77 -2.00
N LYS B 17 -9.67 -0.97 -2.86
CA LYS B 17 -9.95 -2.14 -3.65
C LYS B 17 -9.85 -1.85 -5.20
N VAL B 18 -9.14 -2.71 -6.00
CA VAL B 18 -9.12 -2.52 -7.43
C VAL B 18 -9.56 -3.96 -7.92
N LYS B 19 -10.40 -4.00 -8.98
CA LYS B 19 -10.72 -5.13 -9.90
C LYS B 19 -10.72 -4.57 -11.27
N VAL B 20 -10.12 -5.33 -12.20
CA VAL B 20 -9.88 -4.94 -13.54
C VAL B 20 -11.06 -5.39 -14.48
N NH2 B 21 -11.14 -6.72 -14.68
HN1 NH2 B 21 -11.94 -7.01 -15.20
HN2 NH2 B 21 -10.64 -7.26 -14.01
N VAL C 1 0.05 -16.83 -9.25
CA VAL C 1 0.92 -16.35 -8.09
C VAL C 1 0.15 -15.56 -7.09
N LYS C 2 0.33 -15.78 -5.77
CA LYS C 2 -0.28 -14.97 -4.77
C LYS C 2 0.77 -14.46 -3.84
N VAL C 3 0.58 -13.15 -3.51
CA VAL C 3 1.54 -12.40 -2.75
C VAL C 3 0.87 -11.51 -1.72
N LYS C 4 1.36 -11.50 -0.47
CA LYS C 4 0.86 -10.51 0.52
C LYS C 4 2.08 -9.71 1.08
N VAL C 5 1.82 -8.40 1.38
CA VAL C 5 2.85 -7.47 1.92
C VAL C 5 2.33 -6.91 3.16
N LYS C 6 3.12 -6.91 4.27
CA LYS C 6 2.76 -6.38 5.50
C LYS C 6 3.89 -5.43 5.78
N VAL C 7 3.58 -4.19 6.08
CA VAL C 7 4.60 -3.24 6.65
C VAL C 7 3.96 -2.56 7.88
N LYS C 8 4.68 -2.70 9.03
CA LYS C 8 4.38 -2.07 10.35
C LYS C 8 5.57 -1.33 10.91
N VAL C 9 5.58 0.04 10.93
CA VAL C 9 6.78 0.87 11.31
C VAL C 9 6.31 2.09 12.06
N DPR C 10 6.93 2.64 13.15
CA DPR C 10 6.44 3.69 14.02
CB DPR C 10 7.31 3.70 15.32
CG DPR C 10 7.96 2.29 15.26
CD DPR C 10 8.19 2.05 13.78
C DPR C 10 4.91 3.79 14.27
O DPR C 10 4.44 2.78 14.85
HA DPR C 10 6.71 4.58 13.47
HB2 DPR C 10 8.11 4.46 15.27
HB3 DPR C 10 6.72 3.83 16.26
HG2 DPR C 10 8.92 2.15 15.81
HG3 DPR C 10 7.34 1.50 15.74
HD2 DPR C 10 9.01 2.72 13.46
HD3 DPR C 10 8.48 1.00 13.53
N PRO C 11 4.04 4.78 14.06
CA PRO C 11 2.59 4.67 14.32
C PRO C 11 1.91 4.59 12.96
N THR C 12 2.39 3.61 12.12
CA THR C 12 1.69 3.37 10.86
C THR C 12 1.63 1.91 10.50
N LYS C 13 0.46 1.38 10.07
CA LYS C 13 0.49 0.04 9.48
C LYS C 13 -0.08 0.06 8.07
N VAL C 14 0.52 -0.64 7.10
CA VAL C 14 0.07 -0.86 5.72
C VAL C 14 0.04 -2.32 5.41
N LYS C 15 -1.00 -2.94 4.80
CA LYS C 15 -1.04 -4.29 4.31
C LYS C 15 -1.69 -4.37 2.94
N VAL C 16 -1.23 -5.32 2.05
CA VAL C 16 -1.68 -5.39 0.68
C VAL C 16 -1.74 -6.92 0.43
N LYS C 17 -2.71 -7.28 -0.36
CA LYS C 17 -2.97 -8.62 -0.74
C LYS C 17 -3.08 -8.62 -2.25
N VAL C 18 -2.16 -9.26 -3.03
CA VAL C 18 -2.18 -9.23 -4.52
C VAL C 18 -2.54 -10.66 -4.96
N LYS C 19 -3.53 -10.83 -5.87
CA LYS C 19 -3.58 -12.02 -6.74
C LYS C 19 -3.35 -11.48 -8.13
N VAL C 20 -2.32 -12.06 -8.81
CA VAL C 20 -2.10 -11.86 -10.24
C VAL C 20 -3.19 -12.51 -11.07
N NH2 C 21 -3.03 -13.78 -11.53
HN1 NH2 C 21 -3.83 -14.26 -11.92
HN2 NH2 C 21 -2.13 -14.22 -11.55
N VAL D 1 5.01 -24.35 -3.67
CA VAL D 1 6.33 -23.73 -3.18
C VAL D 1 6.04 -22.43 -2.51
N LYS D 2 6.60 -22.21 -1.30
CA LYS D 2 6.55 -20.87 -0.70
C LYS D 2 7.86 -20.26 -0.40
N VAL D 3 7.91 -18.87 -0.48
CA VAL D 3 9.10 -18.16 -0.05
C VAL D 3 8.68 -16.82 0.66
N LYS D 4 9.57 -16.33 1.46
CA LYS D 4 9.30 -15.13 2.15
C LYS D 4 10.58 -14.19 2.15
N VAL D 5 10.32 -12.86 2.21
CA VAL D 5 11.27 -11.87 2.39
C VAL D 5 10.84 -11.21 3.65
N LYS D 6 11.80 -11.08 4.57
CA LYS D 6 11.45 -10.50 5.84
C LYS D 6 12.56 -9.73 6.42
N VAL D 7 12.34 -8.58 7.12
CA VAL D 7 13.29 -7.93 8.01
C VAL D 7 12.62 -7.37 9.22
N LYS D 8 13.12 -7.63 10.39
CA LYS D 8 12.47 -7.20 11.59
C LYS D 8 13.49 -6.48 12.42
N VAL D 9 13.31 -5.21 12.65
CA VAL D 9 14.24 -4.44 13.42
C VAL D 9 13.36 -3.95 14.57
N DPR D 10 13.36 -4.50 15.87
CA DPR D 10 12.42 -4.17 16.89
CB DPR D 10 12.31 -5.55 17.63
CG DPR D 10 13.73 -6.09 17.55
CD DPR D 10 14.34 -5.59 16.28
C DPR D 10 11.02 -3.73 16.50
O DPR D 10 10.39 -4.59 15.90
HA DPR D 10 12.84 -3.32 17.41
HB2 DPR D 10 11.94 -5.31 18.65
HB3 DPR D 10 11.63 -6.33 17.24
HG2 DPR D 10 14.29 -5.57 18.36
HG3 DPR D 10 13.68 -7.20 17.68
HD2 DPR D 10 15.40 -5.27 16.41
HD3 DPR D 10 14.39 -6.30 15.42
N PRO D 11 10.46 -2.53 16.71
CA PRO D 11 9.09 -2.24 16.22
C PRO D 11 8.93 -2.36 14.70
N THR D 12 10.04 -2.30 13.91
CA THR D 12 9.91 -2.03 12.47
C THR D 12 10.03 -3.27 11.76
N LYS D 13 8.89 -3.71 11.19
CA LYS D 13 8.78 -5.00 10.55
C LYS D 13 8.27 -4.84 9.10
N VAL D 14 8.94 -5.42 8.20
CA VAL D 14 8.42 -5.59 6.88
C VAL D 14 8.42 -7.05 6.48
N LYS D 15 7.37 -7.49 5.67
CA LYS D 15 7.33 -8.85 5.11
C LYS D 15 6.64 -8.82 3.81
N VAL D 16 7.18 -9.62 2.86
CA VAL D 16 6.49 -9.94 1.62
C VAL D 16 6.49 -11.48 1.58
N LYS D 17 5.40 -12.14 1.12
CA LYS D 17 5.29 -13.63 1.01
C LYS D 17 4.77 -14.05 -0.36
N VAL D 18 5.33 -15.19 -0.91
CA VAL D 18 4.93 -15.62 -2.17
C VAL D 18 4.49 -17.07 -2.09
N LYS D 19 3.34 -17.41 -2.69
CA LYS D 19 2.88 -18.69 -3.13
C LYS D 19 2.93 -18.85 -4.67
N VAL D 20 3.71 -19.84 -5.09
CA VAL D 20 3.75 -20.46 -6.43
C VAL D 20 3.31 -21.93 -6.14
N NH2 D 21 2.03 -22.18 -6.59
HN1 NH2 D 21 1.67 -23.10 -6.42
HN2 NH2 D 21 1.46 -21.49 -7.02
N VAL E 1 -5.98 15.80 10.54
CA VAL E 1 -5.86 14.59 9.67
C VAL E 1 -6.32 14.87 8.27
N LYS E 2 -5.72 14.35 7.22
CA LYS E 2 -6.28 14.49 5.92
C LYS E 2 -5.94 13.15 5.25
N VAL E 3 -6.87 12.64 4.42
CA VAL E 3 -6.66 11.56 3.52
C VAL E 3 -6.91 12.12 2.13
N LYS E 4 -6.00 11.82 1.12
CA LYS E 4 -6.03 12.17 -0.33
C LYS E 4 -5.94 10.87 -1.10
N VAL E 5 -6.82 10.63 -2.08
CA VAL E 5 -6.83 9.42 -2.78
C VAL E 5 -7.12 9.82 -4.17
N LYS E 6 -6.38 9.24 -5.14
CA LYS E 6 -6.68 9.50 -6.52
C LYS E 6 -6.45 8.23 -7.30
N VAL E 7 -7.24 8.17 -8.34
CA VAL E 7 -7.13 7.18 -9.44
C VAL E 7 -7.06 7.91 -10.74
N LYS E 8 -6.30 7.33 -11.65
CA LYS E 8 -6.17 7.61 -13.10
C LYS E 8 -6.29 6.43 -13.98
N VAL E 9 -7.38 6.35 -14.69
CA VAL E 9 -7.63 5.30 -15.71
C VAL E 9 -7.56 5.92 -17.09
N DPR E 10 -6.69 5.59 -17.94
CA DPR E 10 -6.37 6.48 -19.06
CB DPR E 10 -4.91 6.06 -19.44
CG DPR E 10 -4.97 4.56 -19.27
CD DPR E 10 -5.83 4.43 -17.96
C DPR E 10 -6.52 8.00 -18.86
O DPR E 10 -5.80 8.52 -17.99
HA DPR E 10 -7.06 6.23 -19.85
HB2 DPR E 10 -4.63 6.31 -20.49
HB3 DPR E 10 -4.13 6.55 -18.82
HG2 DPR E 10 -5.58 4.12 -20.08
HG3 DPR E 10 -4.02 3.99 -19.32
HD2 DPR E 10 -6.32 3.45 -17.85
HD3 DPR E 10 -5.14 4.59 -17.11
N PRO E 11 -7.34 8.77 -19.64
CA PRO E 11 -7.34 10.14 -19.46
C PRO E 11 -8.34 10.57 -18.39
N THR E 12 -9.10 9.60 -17.75
CA THR E 12 -10.13 9.97 -16.80
C THR E 12 -9.62 9.96 -15.35
N LYS E 13 -9.69 11.10 -14.72
CA LYS E 13 -9.11 11.32 -13.37
C LYS E 13 -10.15 11.52 -12.23
N VAL E 14 -10.11 10.69 -11.22
CA VAL E 14 -11.05 10.86 -10.06
C VAL E 14 -10.27 11.06 -8.81
N LYS E 15 -10.60 12.09 -7.98
CA LYS E 15 -10.07 12.25 -6.62
C LYS E 15 -11.10 12.15 -5.46
N VAL E 16 -10.66 11.60 -4.37
CA VAL E 16 -11.40 11.43 -3.14
C VAL E 16 -10.56 12.24 -2.12
N LYS E 17 -11.08 13.23 -1.38
CA LYS E 17 -10.32 13.92 -0.36
C LYS E 17 -11.18 14.01 0.91
N VAL E 18 -10.59 13.60 2.04
CA VAL E 18 -11.37 13.39 3.26
C VAL E 18 -10.76 14.24 4.37
N LYS E 19 -11.64 15.04 4.99
CA LYS E 19 -11.30 15.77 6.16
C LYS E 19 -12.12 15.26 7.33
N VAL E 20 -11.73 15.81 8.53
CA VAL E 20 -12.57 15.56 9.69
C VAL E 20 -13.72 16.58 9.75
N NH2 E 21 -15.00 16.18 9.81
HN1 NH2 E 21 -15.61 16.93 9.57
HN2 NH2 E 21 -15.34 15.24 9.76
N VAL F 1 2.88 12.73 11.08
CA VAL F 1 2.97 11.47 10.32
C VAL F 1 2.48 11.63 8.83
N LYS F 2 3.26 11.20 7.85
CA LYS F 2 2.75 11.13 6.53
C LYS F 2 3.21 9.86 5.79
N VAL F 3 2.24 9.28 5.03
CA VAL F 3 2.35 8.00 4.42
C VAL F 3 1.93 8.07 2.97
N LYS F 4 2.73 7.54 2.03
CA LYS F 4 2.34 7.51 0.65
C LYS F 4 2.44 6.18 0.12
N VAL F 5 1.27 5.54 -0.19
CA VAL F 5 0.98 4.20 -0.73
C VAL F 5 0.48 4.37 -2.15
N LYS F 6 1.28 3.94 -3.09
CA LYS F 6 1.00 4.18 -4.50
C LYS F 6 1.07 2.88 -5.23
N VAL F 7 0.15 2.60 -6.17
CA VAL F 7 0.15 1.26 -6.76
C VAL F 7 -0.31 1.34 -8.21
N LYS F 8 0.28 0.49 -9.13
CA LYS F 8 -0.32 0.28 -10.46
C LYS F 8 -0.74 -1.17 -10.67
N VAL F 9 -2.04 -1.27 -11.08
CA VAL F 9 -2.72 -2.52 -11.16
C VAL F 9 -3.42 -2.62 -12.50
N DPR F 10 -3.19 -3.52 -13.44
CA DPR F 10 -3.56 -3.51 -14.91
CB DPR F 10 -2.54 -4.41 -15.63
CG DPR F 10 -2.04 -5.25 -14.52
CD DPR F 10 -1.99 -4.25 -13.36
C DPR F 10 -3.55 -2.08 -15.49
O DPR F 10 -2.49 -1.41 -15.61
HA DPR F 10 -4.56 -3.90 -14.88
HB2 DPR F 10 -3.04 -5.06 -16.38
HB3 DPR F 10 -1.67 -3.81 -15.98
HG2 DPR F 10 -2.80 -6.01 -14.29
HG3 DPR F 10 -1.04 -5.66 -14.78
HD2 DPR F 10 -1.90 -4.84 -12.42
HD3 DPR F 10 -1.15 -3.54 -13.47
N PRO F 11 -4.64 -1.51 -15.96
CA PRO F 11 -4.58 -0.25 -16.70
C PRO F 11 -4.82 0.87 -15.76
N THR F 12 -4.61 0.61 -14.45
CA THR F 12 -5.17 1.49 -13.43
C THR F 12 -4.10 1.84 -12.41
N LYS F 13 -4.05 3.18 -12.15
CA LYS F 13 -3.00 3.75 -11.32
C LYS F 13 -3.66 4.54 -10.14
N VAL F 14 -3.21 4.24 -8.93
CA VAL F 14 -3.70 4.58 -7.61
C VAL F 14 -2.64 5.25 -6.75
N LYS F 15 -3.06 6.40 -6.21
CA LYS F 15 -2.29 6.99 -5.15
C LYS F 15 -3.12 7.10 -3.86
N VAL F 16 -2.48 6.80 -2.75
CA VAL F 16 -3.10 7.01 -1.43
C VAL F 16 -2.17 7.79 -0.52
N LYS F 17 -2.49 9.00 -0.04
CA LYS F 17 -1.89 9.74 1.06
C LYS F 17 -2.70 9.67 2.31
N VAL F 18 -2.08 9.43 3.47
CA VAL F 18 -2.59 9.54 4.87
C VAL F 18 -1.79 10.49 5.71
N LYS F 19 -2.34 11.62 6.25
CA LYS F 19 -1.56 12.74 6.80
C LYS F 19 -2.16 12.93 8.16
N VAL F 20 -1.39 12.77 9.24
CA VAL F 20 -1.82 12.97 10.62
C VAL F 20 -0.83 13.89 11.39
N NH2 F 21 -1.26 15.12 11.84
HN1 NH2 F 21 -0.82 15.62 12.59
HN2 NH2 F 21 -2.22 15.37 11.76
N VAL G 1 13.01 9.64 10.72
CA VAL G 1 13.08 8.19 10.29
C VAL G 1 12.24 8.00 9.04
N LYS G 2 12.86 7.83 7.84
CA LYS G 2 12.10 7.61 6.60
C LYS G 2 12.12 6.06 6.32
N VAL G 3 10.97 5.46 6.05
CA VAL G 3 10.79 4.05 5.62
C VAL G 3 10.36 4.07 4.19
N LYS G 4 10.89 3.10 3.37
CA LYS G 4 10.49 3.02 2.03
C LYS G 4 10.40 1.53 1.71
N VAL G 5 9.35 1.07 1.05
CA VAL G 5 9.07 -0.37 0.72
C VAL G 5 8.52 -0.32 -0.67
N LYS G 6 9.01 -1.28 -1.49
CA LYS G 6 8.48 -1.47 -2.82
C LYS G 6 8.57 -2.89 -3.25
N VAL G 7 7.58 -3.25 -4.06
CA VAL G 7 7.59 -4.66 -4.52
C VAL G 7 6.95 -4.74 -5.94
N LYS G 8 7.40 -5.69 -6.79
CA LYS G 8 6.73 -6.02 -8.08
C LYS G 8 6.04 -7.30 -7.97
N VAL G 9 4.78 -7.41 -8.32
CA VAL G 9 4.06 -8.71 -8.30
C VAL G 9 3.52 -9.03 -9.73
N DPR G 10 3.89 -10.02 -10.53
CA DPR G 10 3.60 -10.01 -11.96
CB DPR G 10 4.76 -10.81 -12.55
CG DPR G 10 4.97 -11.87 -11.52
CD DPR G 10 4.87 -11.08 -10.19
C DPR G 10 3.47 -8.60 -12.70
O DPR G 10 4.49 -7.88 -12.71
HA DPR G 10 2.70 -10.60 -12.10
HB2 DPR G 10 4.40 -11.37 -13.44
HB3 DPR G 10 5.72 -10.30 -12.74
HG2 DPR G 10 4.23 -12.69 -11.62
HG3 DPR G 10 6.05 -12.09 -11.67
HD2 DPR G 10 4.46 -11.66 -9.34
HD3 DPR G 10 5.82 -10.56 -9.95
N PRO G 11 2.40 -8.09 -13.21
CA PRO G 11 2.44 -6.88 -14.01
C PRO G 11 1.91 -5.83 -13.10
N THR G 12 2.26 -5.99 -11.83
CA THR G 12 1.66 -5.06 -10.81
C THR G 12 2.82 -4.36 -10.11
N LYS G 13 2.84 -3.11 -9.78
CA LYS G 13 3.94 -2.49 -9.09
C LYS G 13 3.37 -1.78 -7.82
N VAL G 14 3.90 -2.12 -6.68
CA VAL G 14 3.42 -1.51 -5.33
C VAL G 14 4.56 -0.73 -4.77
N LYS G 15 4.30 0.49 -4.27
CA LYS G 15 5.23 1.39 -3.58
C LYS G 15 4.67 2.03 -2.26
N VAL G 16 5.39 2.09 -1.19
CA VAL G 16 4.91 2.43 0.07
C VAL G 16 6.11 3.29 0.63
N LYS G 17 5.87 4.58 1.07
CA LYS G 17 6.88 5.42 1.62
C LYS G 17 6.28 6.15 2.92
N VAL G 18 6.96 5.98 4.09
CA VAL G 18 6.39 6.44 5.39
C VAL G 18 7.31 7.32 6.15
N LYS G 19 6.87 8.53 6.53
CA LYS G 19 7.51 9.35 7.54
C LYS G 19 6.79 9.20 8.87
N VAL G 20 7.46 8.61 9.89
CA VAL G 20 6.80 8.37 11.18
C VAL G 20 6.66 9.59 12.09
N NH2 G 21 7.17 10.72 11.57
HN1 NH2 G 21 7.03 11.53 12.14
HN2 NH2 G 21 7.59 10.71 10.66
N VAL H 1 19.72 2.09 12.94
CA VAL H 1 19.00 1.38 11.82
C VAL H 1 19.50 1.75 10.46
N LYS H 2 20.03 0.81 9.67
CA LYS H 2 20.45 0.99 8.33
C LYS H 2 20.06 -0.19 7.44
N VAL H 3 18.84 -0.58 7.55
CA VAL H 3 18.24 -1.55 6.64
C VAL H 3 18.29 -1.09 5.22
N LYS H 4 18.88 -1.89 4.33
CA LYS H 4 19.23 -1.51 2.94
C LYS H 4 19.10 -2.80 2.15
N VAL H 5 18.05 -3.52 2.35
CA VAL H 5 17.78 -4.79 1.77
C VAL H 5 17.28 -4.79 0.29
N LYS H 6 18.02 -5.50 -0.58
CA LYS H 6 17.73 -5.62 -2.04
C LYS H 6 17.69 -7.06 -2.48
N VAL H 7 16.50 -7.70 -2.84
CA VAL H 7 16.59 -9.11 -3.39
C VAL H 7 15.39 -9.47 -4.17
N LYS H 8 15.43 -10.41 -5.08
CA LYS H 8 14.27 -11.04 -5.72
C LYS H 8 14.01 -12.50 -5.08
N VAL H 9 12.73 -12.97 -5.03
CA VAL H 9 12.45 -14.32 -4.63
C VAL H 9 11.31 -14.79 -5.51
N DPR H 10 11.33 -16.06 -6.06
CA DPR H 10 10.57 -16.41 -7.24
CB DPR H 10 11.22 -17.70 -7.74
CG DPR H 10 11.60 -18.41 -6.50
CD DPR H 10 12.14 -17.21 -5.71
C DPR H 10 10.30 -15.37 -8.28
O DPR H 10 11.31 -14.95 -8.86
HA DPR H 10 9.60 -16.61 -6.83
HB2 DPR H 10 10.62 -18.29 -8.46
HB3 DPR H 10 12.10 -17.50 -8.39
HG2 DPR H 10 10.70 -18.68 -5.92
HG3 DPR H 10 12.26 -19.28 -6.71
HD2 DPR H 10 12.01 -17.35 -4.62
HD3 DPR H 10 13.22 -17.06 -5.88
N PRO H 11 9.05 -14.94 -8.61
CA PRO H 11 8.88 -13.93 -9.71
C PRO H 11 9.05 -12.53 -9.28
N THR H 12 9.21 -12.30 -7.96
CA THR H 12 8.95 -10.95 -7.35
C THR H 12 10.23 -10.25 -6.74
N LYS H 13 10.45 -8.99 -6.99
CA LYS H 13 11.57 -8.13 -6.79
C LYS H 13 11.19 -7.17 -5.75
N VAL H 14 12.05 -6.97 -4.76
CA VAL H 14 11.80 -6.19 -3.60
C VAL H 14 12.88 -5.33 -3.23
N LYS H 15 12.65 -4.02 -2.86
CA LYS H 15 13.55 -3.26 -2.00
C LYS H 15 12.84 -2.78 -0.75
N VAL H 16 13.68 -2.78 0.36
CA VAL H 16 13.07 -2.37 1.67
C VAL H 16 14.12 -1.46 2.31
N LYS H 17 13.80 -0.21 2.58
CA LYS H 17 14.61 0.83 3.24
C LYS H 17 14.03 1.39 4.50
N VAL H 18 14.93 1.55 5.52
CA VAL H 18 14.60 2.24 6.74
C VAL H 18 15.85 3.04 7.14
N LYS H 19 15.76 4.41 7.18
CA LYS H 19 17.04 5.25 7.27
C LYS H 19 16.75 6.26 8.40
N VAL H 20 17.72 6.43 9.35
CA VAL H 20 17.61 7.37 10.42
C VAL H 20 18.54 8.59 10.12
N NH2 H 21 19.89 8.42 10.10
HN1 NH2 H 21 20.40 9.26 10.01
HN2 NH2 H 21 20.35 7.55 9.94
N VAL A 1 -12.58 -0.93 -15.16
CA VAL A 1 -12.01 -0.64 -13.83
C VAL A 1 -13.10 -0.50 -12.81
N LYS A 2 -12.89 -1.05 -11.57
CA LYS A 2 -13.61 -0.79 -10.33
C LYS A 2 -12.64 -0.53 -9.23
N VAL A 3 -12.84 0.61 -8.52
CA VAL A 3 -12.06 1.01 -7.32
C VAL A 3 -13.14 1.32 -6.29
N LYS A 4 -13.02 0.70 -5.10
CA LYS A 4 -13.92 0.90 -3.96
C LYS A 4 -13.17 1.50 -2.84
N VAL A 5 -13.59 2.67 -2.24
CA VAL A 5 -12.82 3.43 -1.29
C VAL A 5 -13.65 3.46 0.01
N LYS A 6 -13.16 2.95 1.12
CA LYS A 6 -13.88 3.12 2.37
C LYS A 6 -12.89 3.55 3.44
N VAL A 7 -13.25 4.57 4.25
CA VAL A 7 -12.42 5.17 5.27
C VAL A 7 -13.30 5.46 6.49
N LYS A 8 -12.72 5.32 7.69
CA LYS A 8 -13.24 5.82 8.96
C LYS A 8 -12.06 6.66 9.54
N VAL A 9 -12.43 7.84 9.93
CA VAL A 9 -11.43 8.85 10.15
C VAL A 9 -12.04 9.74 11.29
N DPR A 10 -11.34 10.38 12.23
CA DPR A 10 -12.02 10.87 13.47
CB DPR A 10 -10.91 11.02 14.55
CG DPR A 10 -9.63 10.91 13.75
CD DPR A 10 -9.95 10.16 12.45
C DPR A 10 -13.29 10.13 13.97
O DPR A 10 -13.18 8.97 14.31
HA DPR A 10 -12.41 11.83 13.18
HB2 DPR A 10 -10.93 12.03 15.01
HB3 DPR A 10 -10.90 10.27 15.36
HG2 DPR A 10 -9.17 11.86 13.43
HG3 DPR A 10 -8.82 10.37 14.31
HD2 DPR A 10 -9.35 10.71 11.69
HD3 DPR A 10 -9.64 9.10 12.56
N PRO A 11 -14.48 10.76 14.06
CA PRO A 11 -15.72 10.09 14.31
C PRO A 11 -16.62 10.09 13.09
N THR A 12 -16.09 10.02 11.86
CA THR A 12 -16.79 10.16 10.62
C THR A 12 -16.33 9.08 9.65
N LYS A 13 -17.05 8.88 8.53
CA LYS A 13 -16.95 7.72 7.63
C LYS A 13 -17.30 8.16 6.22
N VAL A 14 -16.73 7.46 5.26
CA VAL A 14 -16.87 7.80 3.88
C VAL A 14 -16.67 6.44 3.15
N LYS A 15 -17.69 5.89 2.50
CA LYS A 15 -17.60 4.80 1.56
C LYS A 15 -18.24 5.20 0.27
N VAL A 16 -17.61 4.82 -0.87
CA VAL A 16 -17.92 5.40 -2.12
C VAL A 16 -17.47 4.32 -3.08
N LYS A 17 -18.24 3.97 -4.20
CA LYS A 17 -17.62 3.15 -5.25
C LYS A 17 -17.32 4.04 -6.42
N VAL A 18 -16.23 3.74 -7.18
CA VAL A 18 -15.90 4.42 -8.43
C VAL A 18 -15.67 3.40 -9.55
N LYS A 19 -16.18 3.69 -10.77
CA LYS A 19 -16.09 2.78 -11.85
C LYS A 19 -15.82 3.49 -13.11
N VAL A 20 -14.94 2.92 -13.97
CA VAL A 20 -14.40 3.55 -15.16
C VAL A 20 -14.35 2.42 -16.27
N NH2 A 21 -14.71 2.73 -17.54
HN1 NH2 A 21 -14.58 2.05 -18.26
HN2 NH2 A 21 -15.10 3.58 -17.90
N VAL B 1 -5.60 -9.04 -12.62
CA VAL B 1 -4.79 -8.68 -11.39
C VAL B 1 -5.77 -8.11 -10.41
N LYS B 2 -5.80 -8.54 -9.15
CA LYS B 2 -6.72 -8.06 -8.15
C LYS B 2 -5.84 -7.50 -7.02
N VAL B 3 -6.07 -6.28 -6.49
CA VAL B 3 -5.24 -5.57 -5.46
C VAL B 3 -6.21 -5.03 -4.41
N LYS B 4 -5.92 -5.34 -3.11
CA LYS B 4 -6.47 -4.59 -1.92
C LYS B 4 -5.33 -3.97 -1.11
N VAL B 5 -5.40 -2.66 -0.83
CA VAL B 5 -4.50 -1.86 0.02
C VAL B 5 -5.33 -1.59 1.33
N LYS B 6 -4.87 -1.93 2.57
CA LYS B 6 -5.44 -1.56 3.84
C LYS B 6 -4.39 -0.95 4.77
N VAL B 7 -4.68 0.17 5.48
CA VAL B 7 -3.75 0.83 6.27
C VAL B 7 -4.45 1.37 7.49
N LYS B 8 -3.78 1.37 8.66
CA LYS B 8 -4.25 2.07 9.75
C LYS B 8 -3.22 3.02 10.30
N VAL B 9 -3.62 4.32 10.49
CA VAL B 9 -2.74 5.24 11.19
C VAL B 9 -3.59 5.77 12.28
N DPR B 10 -3.14 5.75 13.56
CA DPR B 10 -3.94 5.98 14.79
CB DPR B 10 -3.06 5.54 15.99
CG DPR B 10 -1.65 5.68 15.43
CD DPR B 10 -1.76 5.28 13.94
C DPR B 10 -5.38 5.57 14.76
O DPR B 10 -5.60 4.47 14.42
HA DPR B 10 -4.03 7.06 14.85
HB2 DPR B 10 -3.17 6.17 16.91
HB3 DPR B 10 -3.29 4.51 16.35
HG2 DPR B 10 -1.34 6.75 15.48
HG3 DPR B 10 -0.99 5.09 16.10
HD2 DPR B 10 -0.93 5.84 13.46
HD3 DPR B 10 -1.76 4.18 13.89
N PRO B 11 -6.40 6.37 14.93
CA PRO B 11 -7.77 5.93 14.67
C PRO B 11 -8.14 5.72 13.18
N THR B 12 -7.53 6.48 12.21
CA THR B 12 -7.86 6.52 10.80
C THR B 12 -7.51 5.24 10.20
N LYS B 13 -8.54 4.54 9.62
CA LYS B 13 -8.39 3.23 8.95
C LYS B 13 -8.92 3.43 7.57
N VAL B 14 -8.20 2.89 6.63
CA VAL B 14 -8.38 3.11 5.22
C VAL B 14 -8.37 1.70 4.45
N LYS B 15 -9.38 1.36 3.59
CA LYS B 15 -9.37 0.25 2.69
C LYS B 15 -9.66 0.71 1.23
N VAL B 16 -8.78 0.33 0.28
CA VAL B 16 -8.91 0.65 -1.10
C VAL B 16 -8.74 -0.69 -1.89
N LYS B 17 -9.75 -1.02 -2.67
CA LYS B 17 -9.80 -2.30 -3.38
C LYS B 17 -9.71 -1.81 -4.80
N VAL B 18 -8.86 -2.45 -5.61
CA VAL B 18 -8.60 -2.04 -7.02
C VAL B 18 -8.76 -3.28 -7.87
N LYS B 19 -9.64 -3.22 -8.89
CA LYS B 19 -9.90 -4.26 -9.85
C LYS B 19 -10.07 -3.61 -11.24
N VAL B 20 -9.71 -4.41 -12.24
CA VAL B 20 -9.66 -4.01 -13.66
C VAL B 20 -11.04 -4.35 -14.33
N NH2 B 21 -11.43 -5.64 -14.38
HN1 NH2 B 21 -12.23 -5.87 -14.93
HN2 NH2 B 21 -10.81 -6.38 -14.12
N VAL C 1 -0.27 -16.85 -8.86
CA VAL C 1 0.78 -16.17 -8.02
C VAL C 1 0.16 -15.20 -7.07
N LYS C 2 0.43 -15.24 -5.76
CA LYS C 2 -0.37 -14.59 -4.76
C LYS C 2 0.64 -13.96 -3.87
N VAL C 3 0.71 -12.61 -3.81
CA VAL C 3 1.80 -11.85 -3.20
C VAL C 3 1.26 -10.90 -2.09
N LYS C 4 1.68 -10.95 -0.85
CA LYS C 4 1.02 -10.16 0.17
C LYS C 4 2.15 -9.51 1.11
N VAL C 5 1.97 -8.17 1.47
CA VAL C 5 2.97 -7.27 2.07
C VAL C 5 2.46 -6.63 3.33
N LYS C 6 3.19 -6.77 4.49
CA LYS C 6 2.92 -6.14 5.72
C LYS C 6 4.23 -5.36 6.06
N VAL C 7 4.01 -4.06 6.36
CA VAL C 7 5.02 -3.23 7.03
C VAL C 7 4.42 -2.53 8.28
N LYS C 8 5.05 -2.80 9.47
CA LYS C 8 4.68 -2.02 10.69
C LYS C 8 5.90 -1.14 11.02
N VAL C 9 5.71 0.15 11.05
CA VAL C 9 6.79 1.09 11.24
C VAL C 9 6.29 2.19 12.15
N DPR C 10 7.02 2.80 13.07
CA DPR C 10 6.51 3.76 14.04
CB DPR C 10 7.58 3.75 15.14
CG DPR C 10 8.92 3.45 14.37
CD DPR C 10 8.45 2.44 13.34
C DPR C 10 5.04 3.71 14.54
O DPR C 10 4.69 2.63 15.04
HA DPR C 10 6.59 4.72 13.55
HB2 DPR C 10 7.53 4.68 15.75
HB3 DPR C 10 7.41 2.79 15.68
HG2 DPR C 10 9.29 4.37 13.86
HG3 DPR C 10 9.65 2.92 15.01
HD2 DPR C 10 9.08 2.61 12.44
HD3 DPR C 10 8.64 1.40 13.66
N PRO C 11 4.21 4.73 14.39
CA PRO C 11 2.76 4.56 14.65
C PRO C 11 2.05 4.51 13.31
N THR C 12 2.30 3.58 12.40
CA THR C 12 1.67 3.31 11.12
C THR C 12 1.85 1.80 10.87
N LYS C 13 0.75 1.22 10.39
CA LYS C 13 0.71 -0.11 9.89
C LYS C 13 0.09 -0.26 8.50
N VAL C 14 0.83 -0.85 7.54
CA VAL C 14 0.35 -1.03 6.19
C VAL C 14 0.20 -2.54 5.89
N LYS C 15 -0.97 -2.98 5.21
CA LYS C 15 -1.03 -4.31 4.45
C LYS C 15 -1.73 -4.40 3.14
N VAL C 16 -1.08 -5.17 2.26
CA VAL C 16 -1.35 -5.20 0.82
C VAL C 16 -1.41 -6.60 0.36
N LYS C 17 -2.53 -6.93 -0.33
CA LYS C 17 -2.74 -8.22 -0.90
C LYS C 17 -2.81 -8.19 -2.42
N VAL C 18 -1.84 -8.73 -3.24
CA VAL C 18 -1.76 -8.69 -4.75
C VAL C 18 -1.88 -10.02 -5.35
N LYS C 19 -2.84 -10.21 -6.31
CA LYS C 19 -3.00 -11.47 -7.01
C LYS C 19 -2.85 -11.21 -8.47
N VAL C 20 -1.96 -11.96 -9.17
CA VAL C 20 -1.72 -11.87 -10.64
C VAL C 20 -2.90 -12.46 -11.42
N NH2 C 21 -3.16 -13.78 -11.22
HN1 NH2 C 21 -3.75 -14.34 -11.80
HN2 NH2 C 21 -2.52 -14.33 -10.67
N VAL D 1 4.86 -23.77 -3.79
CA VAL D 1 5.92 -22.92 -3.18
C VAL D 1 5.33 -21.80 -2.34
N LYS D 2 5.76 -21.70 -1.08
CA LYS D 2 5.60 -20.53 -0.29
C LYS D 2 6.96 -20.15 0.22
N VAL D 3 7.41 -18.90 -0.16
CA VAL D 3 8.66 -18.32 0.41
C VAL D 3 8.37 -16.89 0.84
N LYS D 4 9.29 -16.39 1.74
CA LYS D 4 9.09 -15.05 2.24
C LYS D 4 10.32 -14.16 2.29
N VAL D 5 10.17 -12.90 2.58
CA VAL D 5 11.14 -11.92 2.97
C VAL D 5 10.73 -11.44 4.29
N LYS D 6 11.56 -11.48 5.34
CA LYS D 6 11.21 -10.87 6.64
C LYS D 6 12.42 -10.18 7.01
N VAL D 7 12.24 -8.98 7.58
CA VAL D 7 13.22 -8.28 8.36
C VAL D 7 12.58 -7.55 9.48
N LYS D 8 13.14 -7.78 10.77
CA LYS D 8 12.54 -7.30 12.02
C LYS D 8 13.69 -6.70 12.72
N VAL D 9 13.55 -5.41 13.00
CA VAL D 9 14.62 -4.66 13.67
C VAL D 9 13.86 -3.80 14.78
N DPR D 10 13.84 -4.13 16.04
CA DPR D 10 12.79 -3.59 16.98
CB DPR D 10 12.71 -4.66 18.16
CG DPR D 10 13.99 -5.57 17.96
CD DPR D 10 14.46 -5.38 16.47
C DPR D 10 11.43 -3.17 16.50
O DPR D 10 10.67 -4.01 16.02
HA DPR D 10 13.22 -2.70 17.42
HB2 DPR D 10 12.77 -4.29 19.20
HB3 DPR D 10 11.85 -5.36 18.06
HG2 DPR D 10 14.83 -5.25 18.60
HG3 DPR D 10 13.66 -6.56 18.34
HD2 DPR D 10 15.56 -5.38 16.35
HD3 DPR D 10 14.11 -6.27 15.92
N PRO D 11 11.01 -1.88 16.55
CA PRO D 11 9.67 -1.49 16.22
C PRO D 11 9.49 -1.40 14.69
N THR D 12 10.51 -1.62 13.82
CA THR D 12 10.38 -1.72 12.40
C THR D 12 10.36 -3.16 11.93
N LYS D 13 9.32 -3.59 11.27
CA LYS D 13 9.05 -4.94 10.88
C LYS D 13 8.48 -4.94 9.61
N VAL D 14 9.07 -5.63 8.65
CA VAL D 14 8.62 -5.69 7.31
C VAL D 14 8.57 -7.25 7.01
N LYS D 15 7.51 -7.73 6.34
CA LYS D 15 7.40 -9.01 5.79
C LYS D 15 6.74 -8.98 4.46
N VAL D 16 7.17 -9.86 3.54
CA VAL D 16 6.62 -10.07 2.20
C VAL D 16 6.48 -11.54 2.05
N LYS D 17 5.26 -12.06 1.79
CA LYS D 17 5.16 -13.53 1.57
C LYS D 17 4.55 -13.82 0.17
N VAL D 18 5.09 -14.87 -0.50
CA VAL D 18 4.87 -15.22 -1.89
C VAL D 18 4.43 -16.64 -2.14
N LYS D 19 3.20 -16.82 -2.66
CA LYS D 19 2.60 -18.14 -2.72
C LYS D 19 2.47 -18.40 -4.21
N VAL D 20 3.12 -19.51 -4.70
CA VAL D 20 3.13 -19.85 -6.11
C VAL D 20 2.75 -21.38 -6.19
N NH2 D 21 1.79 -21.75 -7.05
HN1 NH2 D 21 1.77 -22.75 -7.14
HN2 NH2 D 21 1.25 -21.12 -7.61
N VAL E 1 -6.28 15.97 10.32
CA VAL E 1 -6.12 14.68 9.54
C VAL E 1 -6.76 14.75 8.15
N LYS E 2 -6.10 14.29 7.09
CA LYS E 2 -6.68 14.23 5.73
C LYS E 2 -6.37 12.81 5.12
N VAL E 3 -7.44 12.14 4.60
CA VAL E 3 -7.24 10.91 3.71
C VAL E 3 -7.62 11.33 2.31
N LYS E 4 -6.77 11.03 1.38
CA LYS E 4 -7.02 11.33 0.01
C LYS E 4 -6.76 10.05 -0.76
N VAL E 5 -7.67 9.69 -1.71
CA VAL E 5 -7.66 8.51 -2.51
C VAL E 5 -7.89 9.12 -3.92
N LYS E 6 -7.02 8.84 -4.88
CA LYS E 6 -7.14 9.30 -6.19
C LYS E 6 -7.05 8.09 -7.17
N VAL E 7 -7.76 8.01 -8.29
CA VAL E 7 -7.58 7.05 -9.39
C VAL E 7 -7.35 7.79 -10.71
N LYS E 8 -6.32 7.38 -11.53
CA LYS E 8 -6.14 7.91 -12.89
C LYS E 8 -6.21 6.75 -13.85
N VAL E 9 -7.11 6.75 -14.85
CA VAL E 9 -7.22 5.60 -15.73
C VAL E 9 -7.32 6.23 -17.12
N DPR E 10 -6.37 6.00 -18.09
CA DPR E 10 -6.06 6.87 -19.13
CB DPR E 10 -4.50 6.56 -19.44
CG DPR E 10 -4.46 5.04 -19.27
CD DPR E 10 -5.36 4.90 -18.00
C DPR E 10 -6.28 8.42 -18.97
O DPR E 10 -5.52 8.95 -18.20
HA DPR E 10 -6.71 6.44 -19.88
HB2 DPR E 10 -4.32 6.95 -20.47
HB3 DPR E 10 -3.80 7.06 -18.74
HG2 DPR E 10 -4.83 4.42 -20.11
HG3 DPR E 10 -3.42 4.74 -18.99
HD2 DPR E 10 -5.90 3.94 -18.05
HD3 DPR E 10 -4.84 4.98 -17.03
N PRO E 11 -7.17 9.20 -19.67
CA PRO E 11 -6.95 10.63 -19.53
C PRO E 11 -7.90 11.06 -18.41
N THR E 12 -8.73 10.20 -17.81
CA THR E 12 -9.68 10.46 -16.82
C THR E 12 -9.09 10.33 -15.45
N LYS E 13 -9.45 11.33 -14.62
CA LYS E 13 -9.06 11.31 -13.24
C LYS E 13 -10.30 11.37 -12.35
N VAL E 14 -10.48 10.43 -11.38
CA VAL E 14 -11.59 10.51 -10.40
C VAL E 14 -10.94 10.63 -9.03
N LYS E 15 -11.41 11.40 -8.06
CA LYS E 15 -10.84 11.56 -6.74
C LYS E 15 -11.76 11.77 -5.54
N VAL E 16 -11.41 11.30 -4.34
CA VAL E 16 -12.08 11.61 -3.05
C VAL E 16 -11.04 12.22 -2.15
N LYS E 17 -11.28 13.35 -1.58
CA LYS E 17 -10.56 13.79 -0.42
C LYS E 17 -11.53 13.71 0.82
N VAL E 18 -10.94 13.39 1.96
CA VAL E 18 -11.72 13.18 3.18
C VAL E 18 -11.05 13.81 4.36
N LYS E 19 -11.90 14.45 5.18
CA LYS E 19 -11.40 15.41 6.19
C LYS E 19 -12.37 15.16 7.34
N VAL E 20 -12.04 15.61 8.55
CA VAL E 20 -13.01 15.66 9.63
C VAL E 20 -13.68 17.06 9.59
N NH2 E 21 -14.97 17.18 9.37
HN1 NH2 E 21 -15.50 17.98 9.66
HN2 NH2 E 21 -15.50 16.54 8.81
N VAL F 1 2.74 12.66 10.77
CA VAL F 1 2.85 11.31 10.13
C VAL F 1 2.32 11.17 8.76
N LYS F 2 3.18 11.00 7.72
CA LYS F 2 2.63 10.84 6.36
C LYS F 2 2.82 9.54 5.63
N VAL F 3 1.81 8.98 4.95
CA VAL F 3 1.81 7.72 4.35
C VAL F 3 1.24 7.83 2.99
N LYS F 4 2.07 7.48 2.06
CA LYS F 4 1.67 7.47 0.68
C LYS F 4 1.91 6.14 0.00
N VAL F 5 0.83 5.60 -0.59
CA VAL F 5 0.83 4.26 -1.16
C VAL F 5 0.55 4.37 -2.69
N LYS F 6 1.48 3.91 -3.55
CA LYS F 6 1.27 4.00 -4.98
C LYS F 6 1.27 2.60 -5.54
N VAL F 7 0.29 2.36 -6.38
CA VAL F 7 0.27 1.07 -7.02
C VAL F 7 -0.20 1.38 -8.44
N LYS F 8 0.33 0.55 -9.37
CA LYS F 8 -0.01 0.58 -10.68
C LYS F 8 -0.64 -0.80 -11.07
N VAL F 9 -1.97 -0.88 -11.42
CA VAL F 9 -2.64 -2.12 -11.57
C VAL F 9 -3.29 -2.25 -12.93
N DPR F 10 -2.69 -2.87 -13.96
CA DPR F 10 -2.87 -2.60 -15.40
CB DPR F 10 -1.51 -3.02 -16.02
CG DPR F 10 -1.18 -4.22 -15.16
CD DPR F 10 -1.48 -3.70 -13.75
C DPR F 10 -3.24 -1.16 -15.80
O DPR F 10 -2.48 -0.20 -15.65
HA DPR F 10 -3.74 -3.21 -15.59
HB2 DPR F 10 -1.55 -3.31 -17.09
HB3 DPR F 10 -0.73 -2.24 -15.89
HG2 DPR F 10 -1.88 -5.01 -15.51
HG3 DPR F 10 -0.21 -4.75 -15.28
HD2 DPR F 10 -1.56 -4.52 -13.00
HD3 DPR F 10 -0.71 -3.01 -13.34
N PRO F 11 -4.42 -0.79 -16.39
CA PRO F 11 -4.76 0.60 -16.70
C PRO F 11 -4.86 1.54 -15.59
N THR F 12 -4.90 1.11 -14.34
CA THR F 12 -5.37 1.88 -13.22
C THR F 12 -4.25 2.21 -12.35
N LYS F 13 -3.93 3.57 -12.24
CA LYS F 13 -2.89 4.25 -11.50
C LYS F 13 -3.47 4.82 -10.19
N VAL F 14 -3.02 4.19 -9.03
CA VAL F 14 -3.62 4.53 -7.85
C VAL F 14 -2.64 5.23 -6.93
N LYS F 15 -3.07 6.40 -6.37
CA LYS F 15 -2.25 7.17 -5.38
C LYS F 15 -3.16 7.36 -4.20
N VAL F 16 -2.77 6.74 -3.08
CA VAL F 16 -3.39 6.95 -1.74
C VAL F 16 -2.50 7.91 -0.97
N LYS F 17 -3.04 8.85 -0.22
CA LYS F 17 -2.28 9.74 0.70
C LYS F 17 -3.01 9.72 2.02
N VAL F 18 -2.29 9.35 3.11
CA VAL F 18 -2.94 9.41 4.50
C VAL F 18 -2.14 10.36 5.23
N LYS F 19 -2.77 11.37 5.87
CA LYS F 19 -2.10 12.35 6.65
C LYS F 19 -2.56 12.40 8.08
N VAL F 20 -1.66 12.22 9.03
CA VAL F 20 -2.00 12.52 10.43
C VAL F 20 -0.94 13.50 11.02
N NH2 F 21 -1.40 14.49 11.79
HN1 NH2 F 21 -0.74 15.20 12.08
HN2 NH2 F 21 -2.34 14.49 12.13
N VAL G 1 12.84 9.91 9.95
CA VAL G 1 12.85 8.52 9.51
C VAL G 1 12.00 8.25 8.32
N LYS G 2 12.66 7.76 7.26
CA LYS G 2 12.02 7.53 5.97
C LYS G 2 12.01 6.04 5.66
N VAL G 3 10.86 5.48 5.41
CA VAL G 3 10.68 4.05 5.24
C VAL G 3 10.21 3.87 3.87
N LYS G 4 10.82 2.90 3.08
CA LYS G 4 10.39 2.68 1.70
C LYS G 4 10.36 1.23 1.44
N VAL G 5 9.20 0.67 0.99
CA VAL G 5 9.02 -0.69 0.49
C VAL G 5 8.42 -0.69 -0.88
N LYS G 6 9.02 -1.53 -1.74
CA LYS G 6 8.43 -1.71 -3.05
C LYS G 6 8.58 -3.24 -3.55
N VAL G 7 7.67 -3.69 -4.46
CA VAL G 7 7.77 -5.02 -4.97
C VAL G 7 7.21 -4.99 -6.38
N LYS G 8 7.74 -5.78 -7.29
CA LYS G 8 7.20 -6.09 -8.60
C LYS G 8 6.56 -7.41 -8.56
N VAL G 9 5.24 -7.40 -8.68
CA VAL G 9 4.37 -8.57 -8.39
C VAL G 9 3.66 -8.80 -9.76
N DPR G 10 3.91 -9.84 -10.51
CA DPR G 10 3.70 -9.94 -11.95
CB DPR G 10 4.81 -10.89 -12.40
CG DPR G 10 5.07 -11.87 -11.21
CD DPR G 10 4.87 -10.90 -10.06
C DPR G 10 3.74 -8.66 -12.77
O DPR G 10 4.68 -7.92 -12.58
HA DPR G 10 2.72 -10.38 -12.06
HB2 DPR G 10 4.51 -11.42 -13.33
HB3 DPR G 10 5.77 -10.35 -12.54
HG2 DPR G 10 4.27 -12.64 -11.14
HG3 DPR G 10 6.06 -12.37 -11.39
HD2 DPR G 10 4.52 -11.47 -9.17
HD3 DPR G 10 5.83 -10.40 -9.78
N PRO G 11 2.77 -8.26 -13.62
CA PRO G 11 2.85 -7.00 -14.33
C PRO G 11 2.67 -5.76 -13.42
N THR G 12 2.25 -6.03 -12.15
CA THR G 12 1.91 -4.99 -11.19
C THR G 12 3.20 -4.43 -10.48
N LYS G 13 3.26 -3.08 -10.32
CA LYS G 13 4.31 -2.41 -9.57
C LYS G 13 3.70 -1.74 -8.31
N VAL G 14 4.12 -2.15 -7.18
CA VAL G 14 3.61 -1.58 -5.83
C VAL G 14 4.67 -0.72 -5.01
N LYS G 15 4.33 0.48 -4.48
CA LYS G 15 5.16 1.29 -3.68
C LYS G 15 4.62 1.93 -2.38
N VAL G 16 5.24 1.61 -1.16
CA VAL G 16 4.88 2.25 0.09
C VAL G 16 5.99 3.21 0.56
N LYS G 17 5.62 4.44 1.04
CA LYS G 17 6.50 5.36 1.54
C LYS G 17 5.96 5.98 2.80
N VAL G 18 6.72 5.96 3.89
CA VAL G 18 6.18 6.50 5.16
C VAL G 18 7.22 7.48 5.67
N LYS G 19 6.81 8.73 6.03
CA LYS G 19 7.52 9.58 6.97
C LYS G 19 6.82 9.47 8.33
N VAL G 20 7.51 8.77 9.28
CA VAL G 20 6.89 8.58 10.57
C VAL G 20 6.86 9.80 11.57
N NH2 G 21 7.87 10.72 11.40
HN1 NH2 G 21 7.73 11.66 11.69
HN2 NH2 G 21 8.64 10.51 10.79
N VAL H 1 19.76 1.64 12.70
CA VAL H 1 18.86 1.33 11.54
C VAL H 1 19.49 1.63 10.19
N LYS H 2 19.80 0.60 9.37
CA LYS H 2 20.64 0.65 8.24
C LYS H 2 20.09 -0.40 7.24
N VAL H 3 18.77 -0.66 7.31
CA VAL H 3 18.19 -1.72 6.52
C VAL H 3 18.22 -1.37 4.98
N LYS H 4 19.03 -2.19 4.19
CA LYS H 4 19.49 -1.93 2.91
C LYS H 4 19.13 -3.14 1.98
N VAL H 5 17.92 -3.81 2.13
CA VAL H 5 17.54 -5.08 1.53
C VAL H 5 17.32 -4.94 0.03
N LYS H 6 17.86 -5.82 -0.83
CA LYS H 6 17.47 -6.00 -2.20
C LYS H 6 17.65 -7.45 -2.56
N VAL H 7 16.51 -8.04 -2.80
CA VAL H 7 16.32 -9.45 -3.08
C VAL H 7 15.18 -9.73 -4.03
N LYS H 8 15.20 -10.89 -4.55
CA LYS H 8 14.10 -11.44 -5.33
C LYS H 8 13.74 -12.79 -4.66
N VAL H 9 12.43 -13.04 -4.43
CA VAL H 9 11.85 -14.31 -3.89
C VAL H 9 10.99 -14.97 -4.98
N DPR H 10 11.09 -16.30 -5.31
CA DPR H 10 10.43 -16.93 -6.48
CB DPR H 10 11.15 -18.22 -6.65
CG DPR H 10 11.56 -18.59 -5.20
CD DPR H 10 11.96 -17.28 -4.66
C DPR H 10 10.22 -16.05 -7.76
O DPR H 10 11.24 -15.76 -8.38
HA DPR H 10 9.45 -17.06 -6.05
HB2 DPR H 10 10.45 -19.00 -7.03
HB3 DPR H 10 12.04 -18.16 -7.31
HG2 DPR H 10 10.71 -19.11 -4.69
HG3 DPR H 10 12.31 -19.40 -5.11
HD2 DPR H 10 11.75 -17.13 -3.58
HD3 DPR H 10 13.01 -17.02 -4.91
N PRO H 11 9.01 -15.57 -8.15
CA PRO H 11 8.81 -14.72 -9.29
C PRO H 11 8.78 -13.30 -9.03
N THR H 12 9.06 -12.83 -7.81
CA THR H 12 8.97 -11.43 -7.49
C THR H 12 10.26 -10.73 -7.08
N LYS H 13 10.58 -9.55 -7.62
CA LYS H 13 11.69 -8.61 -7.23
C LYS H 13 11.27 -7.65 -6.06
N VAL H 14 12.01 -7.68 -4.91
CA VAL H 14 11.55 -6.99 -3.72
C VAL H 14 12.71 -6.15 -3.11
N LYS H 15 12.34 -4.91 -2.59
CA LYS H 15 13.45 -4.08 -2.13
C LYS H 15 12.96 -3.21 -0.93
N VAL H 16 13.68 -3.17 0.24
CA VAL H 16 13.22 -2.49 1.46
C VAL H 16 14.32 -1.59 1.81
N LYS H 17 13.96 -0.32 2.09
CA LYS H 17 14.95 0.67 2.49
C LYS H 17 14.51 1.54 3.71
N VAL H 18 15.32 1.64 4.87
CA VAL H 18 14.98 2.45 6.02
C VAL H 18 16.12 3.30 6.40
N LYS H 19 15.95 4.64 6.39
CA LYS H 19 16.98 5.70 6.68
C LYS H 19 16.47 6.62 7.82
N VAL H 20 17.38 6.92 8.84
CA VAL H 20 17.24 7.82 9.94
C VAL H 20 17.73 9.21 9.55
N NH2 H 21 18.92 9.37 8.91
HN1 NH2 H 21 19.21 10.32 8.77
HN2 NH2 H 21 19.53 8.59 8.93
N VAL A 1 -12.72 -0.96 -15.06
CA VAL A 1 -12.02 -0.74 -13.72
C VAL A 1 -12.90 -0.24 -12.60
N LYS A 2 -12.80 -0.99 -11.46
CA LYS A 2 -13.66 -0.75 -10.30
C LYS A 2 -12.76 -0.36 -9.12
N VAL A 3 -13.06 0.74 -8.38
CA VAL A 3 -12.34 1.07 -7.21
C VAL A 3 -13.36 1.27 -6.18
N LYS A 4 -13.24 0.46 -5.13
CA LYS A 4 -14.02 0.65 -3.95
C LYS A 4 -13.14 1.27 -2.82
N VAL A 5 -13.62 2.31 -2.14
CA VAL A 5 -12.88 3.05 -1.13
C VAL A 5 -13.85 3.12 0.13
N LYS A 6 -13.30 2.84 1.25
CA LYS A 6 -13.86 2.96 2.54
C LYS A 6 -12.88 3.59 3.55
N VAL A 7 -13.39 4.61 4.33
CA VAL A 7 -12.59 5.40 5.21
C VAL A 7 -13.33 5.86 6.37
N LYS A 8 -12.82 5.70 7.62
CA LYS A 8 -13.22 6.33 8.80
C LYS A 8 -12.04 7.16 9.26
N VAL A 9 -12.30 8.32 9.72
CA VAL A 9 -11.31 9.22 10.26
C VAL A 9 -12.26 9.93 11.30
N DPR A 10 -11.79 10.39 12.51
CA DPR A 10 -12.60 10.97 13.58
CB DPR A 10 -11.84 10.70 14.93
CG DPR A 10 -10.44 10.37 14.52
CD DPR A 10 -10.57 9.84 13.09
C DPR A 10 -14.10 10.46 13.69
O DPR A 10 -14.28 9.26 13.57
HA DPR A 10 -12.67 11.99 13.25
HB2 DPR A 10 -11.88 11.60 15.58
HB3 DPR A 10 -12.31 9.83 15.43
HG2 DPR A 10 -9.82 11.28 14.45
HG3 DPR A 10 -9.95 9.82 15.35
HD2 DPR A 10 -9.66 10.12 12.53
HD3 DPR A 10 -10.63 8.73 13.07
N PRO A 11 -15.17 11.31 13.96
CA PRO A 11 -16.50 10.87 13.92
C PRO A 11 -17.19 11.08 12.64
N THR A 12 -16.57 10.69 11.50
CA THR A 12 -17.21 10.63 10.22
C THR A 12 -16.96 9.33 9.51
N LYS A 13 -17.93 8.89 8.65
CA LYS A 13 -17.69 7.64 7.94
C LYS A 13 -18.18 7.70 6.53
N VAL A 14 -17.29 7.13 5.60
CA VAL A 14 -17.61 7.37 4.19
C VAL A 14 -17.17 6.16 3.48
N LYS A 15 -18.06 5.67 2.58
CA LYS A 15 -17.90 4.45 1.76
C LYS A 15 -18.33 4.89 0.36
N VAL A 16 -17.60 4.57 -0.77
CA VAL A 16 -17.85 5.14 -2.06
C VAL A 16 -17.29 4.24 -3.15
N LYS A 17 -17.91 4.17 -4.31
CA LYS A 17 -17.56 3.33 -5.40
C LYS A 17 -17.46 4.04 -6.75
N VAL A 18 -16.27 3.84 -7.34
CA VAL A 18 -15.84 4.54 -8.58
C VAL A 18 -15.65 3.54 -9.70
N LYS A 19 -16.52 3.55 -10.72
CA LYS A 19 -16.46 2.58 -11.78
C LYS A 19 -16.20 3.26 -13.11
N VAL A 20 -14.97 2.91 -13.60
CA VAL A 20 -14.51 3.48 -14.89
C VAL A 20 -14.63 2.39 -16.02
N NH2 A 21 -15.51 2.60 -17.04
HN1 NH2 A 21 -15.41 1.95 -17.79
HN2 NH2 A 21 -15.91 3.50 -17.25
N VAL B 1 -5.89 -9.04 -13.11
CA VAL B 1 -5.03 -8.55 -11.96
C VAL B 1 -5.72 -7.89 -10.80
N LYS B 2 -5.90 -8.60 -9.67
CA LYS B 2 -6.70 -8.24 -8.49
C LYS B 2 -5.82 -7.84 -7.27
N VAL B 3 -5.97 -6.63 -6.73
CA VAL B 3 -5.13 -6.00 -5.74
C VAL B 3 -5.88 -5.11 -4.77
N LYS B 4 -5.37 -5.01 -3.54
CA LYS B 4 -6.01 -4.23 -2.42
C LYS B 4 -4.95 -3.53 -1.58
N VAL B 5 -5.28 -2.41 -0.98
CA VAL B 5 -4.41 -1.65 -0.11
C VAL B 5 -5.15 -1.51 1.19
N LYS B 6 -4.58 -1.58 2.38
CA LYS B 6 -5.37 -1.45 3.60
C LYS B 6 -4.46 -0.79 4.58
N VAL B 7 -4.91 0.22 5.36
CA VAL B 7 -3.85 0.93 6.11
C VAL B 7 -4.40 1.63 7.42
N LYS B 8 -3.59 1.74 8.43
CA LYS B 8 -4.08 2.39 9.57
C LYS B 8 -2.94 3.10 10.18
N VAL B 9 -3.18 4.33 10.57
CA VAL B 9 -2.18 5.26 11.11
C VAL B 9 -2.78 5.73 12.43
N DPR B 10 -2.39 5.31 13.60
CA DPR B 10 -3.22 5.29 14.83
CB DPR B 10 -2.48 4.31 15.86
CG DPR B 10 -1.02 4.28 15.33
CD DPR B 10 -1.08 4.64 13.81
C DPR B 10 -4.72 5.08 14.79
O DPR B 10 -5.06 4.01 14.32
HA DPR B 10 -3.08 6.28 15.25
HB2 DPR B 10 -2.47 4.77 16.88
HB3 DPR B 10 -3.04 3.37 16.02
HG2 DPR B 10 -0.41 4.99 15.93
HG3 DPR B 10 -0.47 3.34 15.52
HD2 DPR B 10 -0.17 5.22 13.50
HD3 DPR B 10 -1.01 3.66 13.31
N PRO B 11 -5.65 5.88 15.25
CA PRO B 11 -7.11 5.58 15.08
C PRO B 11 -7.62 5.45 13.63
N THR B 12 -7.12 6.33 12.69
CA THR B 12 -7.63 6.50 11.25
C THR B 12 -7.30 5.26 10.37
N LYS B 13 -8.25 4.82 9.47
CA LYS B 13 -8.19 3.54 8.81
C LYS B 13 -8.82 3.50 7.43
N VAL B 14 -8.06 2.96 6.52
CA VAL B 14 -8.43 3.00 5.10
C VAL B 14 -8.40 1.63 4.49
N LYS B 15 -9.38 1.33 3.65
CA LYS B 15 -9.24 0.23 2.72
C LYS B 15 -9.73 0.68 1.28
N VAL B 16 -8.99 0.29 0.25
CA VAL B 16 -9.24 0.59 -1.09
C VAL B 16 -9.12 -0.83 -1.75
N LYS B 17 -10.11 -1.22 -2.59
CA LYS B 17 -10.04 -2.47 -3.35
C LYS B 17 -9.96 -2.23 -4.89
N VAL B 18 -9.01 -2.87 -5.59
CA VAL B 18 -8.82 -2.57 -7.00
C VAL B 18 -9.23 -3.86 -7.77
N LYS B 19 -9.97 -3.69 -8.93
CA LYS B 19 -10.12 -4.72 -9.98
C LYS B 19 -10.21 -4.09 -11.33
N VAL B 20 -9.89 -4.78 -12.38
CA VAL B 20 -9.80 -4.25 -13.70
C VAL B 20 -11.07 -4.62 -14.49
N NH2 B 21 -11.40 -5.91 -14.74
HN1 NH2 B 21 -12.11 -6.02 -15.43
HN2 NH2 B 21 -10.93 -6.60 -14.20
N VAL C 1 0.04 -17.47 -8.51
CA VAL C 1 0.85 -16.54 -7.75
C VAL C 1 0.00 -15.57 -6.97
N LYS C 2 0.17 -15.55 -5.64
CA LYS C 2 -0.46 -14.60 -4.72
C LYS C 2 0.66 -14.06 -3.72
N VAL C 3 0.69 -12.74 -3.47
CA VAL C 3 1.62 -12.10 -2.59
C VAL C 3 0.85 -11.28 -1.57
N LYS C 4 1.33 -11.34 -0.34
CA LYS C 4 0.78 -10.55 0.80
C LYS C 4 1.94 -9.81 1.40
N VAL C 5 1.74 -8.52 1.66
CA VAL C 5 2.75 -7.58 2.07
C VAL C 5 2.41 -6.87 3.31
N LYS C 6 3.31 -6.70 4.29
CA LYS C 6 3.04 -5.90 5.45
C LYS C 6 4.22 -5.05 5.87
N VAL C 7 3.93 -3.85 6.37
CA VAL C 7 5.03 -2.98 6.86
C VAL C 7 4.61 -2.25 8.07
N LYS C 8 5.35 -2.30 9.19
CA LYS C 8 4.98 -1.68 10.43
C LYS C 8 6.08 -0.90 10.95
N VAL C 9 6.03 0.43 10.99
CA VAL C 9 7.15 1.29 11.35
C VAL C 9 6.63 2.42 12.22
N DPR C 10 7.26 2.70 13.39
CA DPR C 10 6.67 3.52 14.47
CB DPR C 10 7.44 2.99 15.68
CG DPR C 10 8.88 2.85 15.11
CD DPR C 10 8.55 2.14 13.84
C DPR C 10 5.12 3.57 14.53
O DPR C 10 4.50 2.47 14.74
HA DPR C 10 6.97 4.52 14.17
HB2 DPR C 10 7.33 3.75 16.49
HB3 DPR C 10 7.08 2.02 16.04
HG2 DPR C 10 9.32 3.85 14.85
HG3 DPR C 10 9.54 2.26 15.78
HD2 DPR C 10 9.39 2.25 13.12
HD3 DPR C 10 8.35 1.11 14.23
N PRO C 11 4.40 4.62 14.31
CA PRO C 11 2.95 4.55 14.32
C PRO C 11 2.39 4.69 12.91
N THR C 12 2.42 3.63 12.09
CA THR C 12 1.81 3.31 10.80
C THR C 12 1.98 1.86 10.59
N LYS C 13 0.83 1.23 10.23
CA LYS C 13 0.78 -0.13 9.81
C LYS C 13 0.15 -0.12 8.37
N VAL C 14 0.88 -0.43 7.33
CA VAL C 14 0.42 -0.47 6.00
C VAL C 14 0.44 -1.90 5.39
N LYS C 15 -0.57 -2.36 4.64
CA LYS C 15 -0.59 -3.68 4.01
C LYS C 15 -1.18 -3.63 2.67
N VAL C 16 -0.57 -4.46 1.75
CA VAL C 16 -1.08 -4.42 0.43
C VAL C 16 -1.21 -5.89 0.07
N LYS C 17 -2.23 -6.28 -0.64
CA LYS C 17 -2.34 -7.67 -1.09
C LYS C 17 -2.51 -7.71 -2.55
N VAL C 18 -1.79 -8.65 -3.13
CA VAL C 18 -1.71 -8.74 -4.63
C VAL C 18 -1.94 -10.16 -5.03
N LYS C 19 -2.67 -10.35 -6.10
CA LYS C 19 -2.82 -11.61 -6.83
C LYS C 19 -2.48 -11.46 -8.34
N VAL C 20 -1.63 -12.32 -9.00
CA VAL C 20 -1.36 -12.11 -10.36
C VAL C 20 -2.59 -12.52 -11.30
N NH2 C 21 -2.78 -13.82 -11.33
HN1 NH2 C 21 -3.71 -14.13 -11.56
HN2 NH2 C 21 -2.08 -14.48 -11.04
N VAL D 1 4.59 -23.94 -3.86
CA VAL D 1 5.85 -23.41 -3.25
C VAL D 1 5.42 -22.13 -2.56
N LYS D 2 5.68 -21.98 -1.24
CA LYS D 2 5.46 -20.71 -0.56
C LYS D 2 6.72 -20.27 0.15
N VAL D 3 7.18 -19.07 -0.18
CA VAL D 3 8.43 -18.55 0.19
C VAL D 3 8.26 -17.14 0.74
N LYS D 4 9.14 -16.65 1.56
CA LYS D 4 9.04 -15.38 2.16
C LYS D 4 10.34 -14.53 2.22
N VAL D 5 10.15 -13.23 2.45
CA VAL D 5 11.16 -12.17 2.72
C VAL D 5 10.71 -11.64 4.06
N LYS D 6 11.66 -11.51 5.05
CA LYS D 6 11.30 -10.76 6.28
C LYS D 6 12.54 -10.07 6.87
N VAL D 7 12.23 -8.91 7.30
CA VAL D 7 13.11 -8.20 8.19
C VAL D 7 12.38 -7.60 9.38
N LYS D 8 13.03 -7.74 10.56
CA LYS D 8 12.51 -7.13 11.75
C LYS D 8 13.60 -6.42 12.54
N VAL D 9 13.47 -5.12 12.87
CA VAL D 9 14.41 -4.47 13.84
C VAL D 9 13.56 -3.88 14.95
N DPR D 10 13.48 -4.54 16.09
CA DPR D 10 12.30 -4.22 17.01
CB DPR D 10 12.20 -5.47 17.91
CG DPR D 10 13.59 -6.11 17.80
CD DPR D 10 14.02 -5.85 16.30
C DPR D 10 10.99 -3.72 16.49
O DPR D 10 10.24 -4.56 15.94
HA DPR D 10 12.73 -3.42 17.59
HB2 DPR D 10 11.95 -5.02 18.90
HB3 DPR D 10 11.34 -6.10 17.61
HG2 DPR D 10 14.40 -5.62 18.39
HG3 DPR D 10 13.64 -7.16 18.17
HD2 DPR D 10 15.13 -5.86 16.30
HD3 DPR D 10 13.64 -6.52 15.51
N PRO D 11 10.54 -2.53 16.65
CA PRO D 11 9.16 -2.17 16.27
C PRO D 11 9.03 -2.00 14.77
N THR D 12 10.09 -1.69 14.06
CA THR D 12 10.09 -1.80 12.65
C THR D 12 9.99 -3.25 12.08
N LYS D 13 8.93 -3.65 11.43
CA LYS D 13 8.84 -5.05 10.88
C LYS D 13 8.29 -5.08 9.46
N VAL D 14 8.99 -5.82 8.44
CA VAL D 14 8.41 -5.93 7.05
C VAL D 14 8.40 -7.39 6.73
N LYS D 15 7.35 -7.81 6.02
CA LYS D 15 7.01 -9.16 5.69
C LYS D 15 6.48 -9.09 4.23
N VAL D 16 7.08 -9.83 3.27
CA VAL D 16 6.47 -9.99 1.95
C VAL D 16 6.41 -11.56 1.90
N LYS D 17 5.30 -12.16 1.51
CA LYS D 17 5.24 -13.60 1.45
C LYS D 17 4.54 -13.92 0.17
N VAL D 18 5.16 -14.85 -0.58
CA VAL D 18 4.93 -15.19 -1.94
C VAL D 18 4.40 -16.65 -1.95
N LYS D 19 3.29 -16.92 -2.62
CA LYS D 19 2.59 -18.20 -2.78
C LYS D 19 2.61 -18.55 -4.27
N VAL D 20 3.38 -19.57 -4.66
CA VAL D 20 3.40 -20.17 -5.93
C VAL D 20 2.56 -21.46 -5.90
N NH2 D 21 1.72 -21.77 -6.98
HN1 NH2 D 21 1.25 -22.64 -6.98
HN2 NH2 D 21 1.50 -21.11 -7.70
N VAL E 1 -6.11 15.88 10.47
CA VAL E 1 -6.00 14.75 9.49
C VAL E 1 -6.69 14.90 8.13
N LYS E 2 -6.02 14.58 7.04
CA LYS E 2 -6.46 14.60 5.70
C LYS E 2 -6.27 13.22 5.13
N VAL E 3 -7.28 12.48 4.53
CA VAL E 3 -7.25 11.28 3.77
C VAL E 3 -7.72 11.60 2.37
N LYS E 4 -6.83 11.55 1.36
CA LYS E 4 -7.22 11.78 -0.02
C LYS E 4 -6.89 10.57 -0.94
N VAL E 5 -7.83 10.04 -1.66
CA VAL E 5 -7.72 8.85 -2.45
C VAL E 5 -7.97 9.18 -3.93
N LYS E 6 -7.06 8.70 -4.83
CA LYS E 6 -7.09 9.17 -6.22
C LYS E 6 -6.71 8.13 -7.27
N VAL E 7 -7.37 8.02 -8.41
CA VAL E 7 -7.20 6.94 -9.41
C VAL E 7 -7.18 7.61 -10.80
N LYS E 8 -6.23 7.22 -11.69
CA LYS E 8 -6.25 7.61 -13.05
C LYS E 8 -6.20 6.41 -13.96
N VAL E 9 -6.98 6.41 -15.11
CA VAL E 9 -7.14 5.35 -16.11
C VAL E 9 -7.28 6.22 -17.30
N DPR E 10 -6.44 6.08 -18.36
CA DPR E 10 -6.21 7.03 -19.44
CB DPR E 10 -4.83 6.56 -19.96
CG DPR E 10 -4.82 5.05 -19.77
CD DPR E 10 -5.48 4.96 -18.41
C DPR E 10 -6.36 8.50 -18.99
O DPR E 10 -5.59 8.88 -18.11
HA DPR E 10 -7.00 6.84 -20.15
HB2 DPR E 10 -4.79 6.78 -21.05
HB3 DPR E 10 -3.98 6.95 -19.37
HG2 DPR E 10 -5.55 4.68 -20.52
HG3 DPR E 10 -3.94 4.43 -20.03
HD2 DPR E 10 -6.01 3.98 -18.34
HD3 DPR E 10 -4.86 5.14 -17.50
N PRO E 11 -7.22 9.29 -19.59
CA PRO E 11 -7.29 10.70 -19.15
C PRO E 11 -8.43 10.90 -18.16
N THR E 12 -8.97 9.87 -17.58
CA THR E 12 -9.97 10.04 -16.49
C THR E 12 -9.30 10.03 -15.13
N LYS E 13 -9.47 11.14 -14.40
CA LYS E 13 -8.82 11.36 -13.16
C LYS E 13 -9.83 11.57 -11.98
N VAL E 14 -9.98 10.66 -11.04
CA VAL E 14 -11.07 10.77 -10.05
C VAL E 14 -10.31 10.79 -8.65
N LYS E 15 -10.72 11.75 -7.80
CA LYS E 15 -10.05 12.06 -6.56
C LYS E 15 -11.06 12.34 -5.40
N VAL E 16 -10.91 11.64 -4.21
CA VAL E 16 -11.83 11.55 -3.13
C VAL E 16 -11.09 12.22 -2.02
N LYS E 17 -11.62 13.23 -1.33
CA LYS E 17 -10.93 13.90 -0.20
C LYS E 17 -11.89 13.86 0.99
N VAL E 18 -11.22 13.68 2.17
CA VAL E 18 -11.89 13.63 3.42
C VAL E 18 -10.96 14.29 4.50
N LYS E 19 -11.51 15.02 5.48
CA LYS E 19 -10.93 15.57 6.69
C LYS E 19 -11.85 15.33 7.92
N VAL E 20 -11.30 15.49 9.12
CA VAL E 20 -11.99 15.49 10.35
C VAL E 20 -12.74 16.89 10.69
N NH2 E 21 -14.06 16.66 10.95
HN1 NH2 E 21 -14.49 17.34 11.56
HN2 NH2 E 21 -14.58 15.88 10.60
N VAL F 1 2.79 12.29 11.20
CA VAL F 1 2.89 11.08 10.36
C VAL F 1 2.40 11.34 8.90
N LYS F 2 3.12 10.98 7.77
CA LYS F 2 2.52 11.14 6.48
C LYS F 2 2.79 9.85 5.72
N VAL F 3 1.78 9.31 4.97
CA VAL F 3 1.89 8.00 4.34
C VAL F 3 1.35 8.05 2.87
N LYS F 4 2.19 7.86 1.86
CA LYS F 4 1.81 7.90 0.51
C LYS F 4 1.94 6.45 -0.12
N VAL F 5 0.83 5.78 -0.35
CA VAL F 5 0.84 4.45 -0.84
C VAL F 5 0.42 4.56 -2.28
N LYS F 6 1.15 3.97 -3.34
CA LYS F 6 0.85 3.87 -4.69
C LYS F 6 0.96 2.47 -5.22
N VAL F 7 0.05 2.14 -6.10
CA VAL F 7 0.10 0.82 -6.77
C VAL F 7 -0.35 0.97 -8.20
N LYS F 8 0.39 0.32 -9.14
CA LYS F 8 0.00 0.33 -10.50
C LYS F 8 -0.47 -1.08 -10.82
N VAL F 9 -1.68 -1.10 -11.39
CA VAL F 9 -2.42 -2.27 -11.79
C VAL F 9 -2.80 -2.10 -13.23
N DPR F 10 -2.26 -2.83 -14.23
CA DPR F 10 -2.42 -2.55 -15.70
CB DPR F 10 -1.06 -3.03 -16.26
CG DPR F 10 -0.49 -4.08 -15.30
CD DPR F 10 -1.08 -3.66 -13.92
C DPR F 10 -2.80 -1.12 -16.19
O DPR F 10 -1.89 -0.35 -16.46
HA DPR F 10 -3.18 -3.18 -16.15
HB2 DPR F 10 -1.05 -3.42 -17.30
HB3 DPR F 10 -0.39 -2.16 -16.24
HG2 DPR F 10 -0.97 -5.04 -15.58
HG3 DPR F 10 0.60 -4.26 -15.22
HD2 DPR F 10 -1.34 -4.56 -13.31
HD3 DPR F 10 -0.33 -3.09 -13.34
N PRO F 11 -4.05 -0.70 -16.33
CA PRO F 11 -4.41 0.58 -16.77
C PRO F 11 -4.75 1.46 -15.62
N THR F 12 -4.82 0.95 -14.39
CA THR F 12 -5.22 1.57 -13.10
C THR F 12 -4.00 2.00 -12.36
N LYS F 13 -3.79 3.33 -12.30
CA LYS F 13 -2.79 3.87 -11.41
C LYS F 13 -3.34 4.59 -10.25
N VAL F 14 -3.13 4.05 -9.08
CA VAL F 14 -3.87 4.43 -7.79
C VAL F 14 -2.91 5.10 -6.86
N LYS F 15 -3.35 6.25 -6.32
CA LYS F 15 -2.75 6.92 -5.21
C LYS F 15 -3.64 7.07 -3.88
N VAL F 16 -3.05 6.66 -2.71
CA VAL F 16 -3.72 6.85 -1.39
C VAL F 16 -2.76 7.74 -0.55
N LYS F 17 -3.23 8.84 0.05
CA LYS F 17 -2.49 9.70 0.97
C LYS F 17 -3.19 9.80 2.34
N VAL F 18 -2.41 9.50 3.35
CA VAL F 18 -2.74 9.68 4.76
C VAL F 18 -1.86 10.70 5.47
N LYS F 19 -2.44 11.85 5.78
CA LYS F 19 -1.78 12.90 6.47
C LYS F 19 -2.37 13.09 7.83
N VAL F 20 -1.48 12.83 8.83
CA VAL F 20 -1.83 12.93 10.26
C VAL F 20 -0.74 13.82 10.93
N NH2 F 21 -1.21 14.90 11.61
HN1 NH2 F 21 -0.46 15.49 11.89
HN2 NH2 F 21 -2.16 15.08 11.87
N VAL G 1 12.78 10.06 9.84
CA VAL G 1 12.83 8.67 9.45
C VAL G 1 11.88 8.20 8.36
N LYS G 2 12.34 8.04 7.13
CA LYS G 2 11.55 7.72 5.97
C LYS G 2 11.77 6.24 5.53
N VAL G 3 10.62 5.62 5.26
CA VAL G 3 10.66 4.15 4.94
C VAL G 3 10.10 3.92 3.59
N LYS G 4 10.91 3.24 2.70
CA LYS G 4 10.63 3.05 1.21
C LYS G 4 10.67 1.60 0.78
N VAL G 5 9.42 1.08 0.64
CA VAL G 5 9.12 -0.33 0.42
C VAL G 5 8.54 -0.40 -0.97
N LYS G 6 9.07 -1.31 -1.85
CA LYS G 6 8.57 -1.58 -3.15
C LYS G 6 8.77 -3.05 -3.60
N VAL G 7 7.99 -3.49 -4.61
CA VAL G 7 7.80 -4.90 -5.01
C VAL G 7 7.17 -4.97 -6.49
N LYS G 8 7.79 -5.87 -7.27
CA LYS G 8 7.32 -6.38 -8.50
C LYS G 8 6.63 -7.68 -8.44
N VAL G 9 5.35 -7.80 -8.83
CA VAL G 9 4.58 -9.07 -8.65
C VAL G 9 3.96 -9.37 -10.02
N DPR G 10 4.36 -10.28 -10.79
CA DPR G 10 4.06 -10.24 -12.26
CB DPR G 10 5.20 -11.12 -12.85
CG DPR G 10 5.51 -12.09 -11.76
CD DPR G 10 5.39 -11.28 -10.47
C DPR G 10 3.90 -8.85 -13.03
O DPR G 10 4.95 -8.26 -13.08
HA DPR G 10 3.13 -10.78 -12.26
HB2 DPR G 10 4.74 -11.60 -13.74
HB3 DPR G 10 6.12 -10.64 -13.25
HG2 DPR G 10 4.82 -12.95 -11.79
HG3 DPR G 10 6.53 -12.48 -11.96
HD2 DPR G 10 5.15 -11.87 -9.56
HD3 DPR G 10 6.30 -10.62 -10.48
N PRO G 11 2.80 -8.31 -13.60
CA PRO G 11 2.92 -7.04 -14.30
C PRO G 11 2.52 -5.99 -13.20
N THR G 12 2.35 -6.31 -11.97
CA THR G 12 1.90 -5.47 -10.87
C THR G 12 3.05 -4.89 -10.04
N LYS G 13 3.05 -3.50 -9.87
CA LYS G 13 4.12 -2.74 -9.28
C LYS G 13 3.63 -2.06 -8.02
N VAL G 14 4.28 -2.26 -6.90
CA VAL G 14 3.76 -1.56 -5.62
C VAL G 14 4.91 -0.69 -5.07
N LYS G 15 4.60 0.56 -4.63
CA LYS G 15 5.52 1.46 -3.97
C LYS G 15 4.77 1.96 -2.69
N VAL G 16 5.31 1.83 -1.50
CA VAL G 16 4.77 2.42 -0.22
C VAL G 16 5.92 3.29 0.25
N LYS G 17 5.58 4.50 0.83
CA LYS G 17 6.44 5.48 1.32
C LYS G 17 5.88 5.90 2.66
N VAL G 18 6.57 5.79 3.78
CA VAL G 18 6.07 6.14 5.10
C VAL G 18 6.95 7.11 5.82
N LYS G 19 6.37 8.18 6.43
CA LYS G 19 7.12 9.10 7.19
C LYS G 19 6.58 9.11 8.55
N VAL G 20 7.32 8.57 9.54
CA VAL G 20 6.88 8.30 10.89
C VAL G 20 7.04 9.44 11.93
N NH2 G 21 7.77 10.51 11.52
HN1 NH2 G 21 7.72 11.30 12.14
HN2 NH2 G 21 8.27 10.60 10.66
N VAL H 1 18.70 1.52 13.28
CA VAL H 1 18.00 0.97 12.11
C VAL H 1 18.67 1.40 10.75
N LYS H 2 19.13 0.48 9.83
CA LYS H 2 19.83 0.82 8.51
C LYS H 2 19.45 -0.26 7.55
N VAL H 3 18.15 -0.56 7.37
CA VAL H 3 17.58 -1.48 6.42
C VAL H 3 17.94 -1.18 4.90
N LYS H 4 18.54 -2.15 4.19
CA LYS H 4 18.98 -2.00 2.83
C LYS H 4 18.59 -3.25 2.07
N VAL H 5 17.82 -4.21 2.63
CA VAL H 5 17.43 -5.48 2.09
C VAL H 5 16.90 -5.41 0.68
N LYS H 6 17.58 -6.11 -0.24
CA LYS H 6 17.30 -5.98 -1.66
C LYS H 6 17.51 -7.25 -2.32
N VAL H 7 16.39 -7.85 -2.84
CA VAL H 7 16.34 -9.29 -3.08
C VAL H 7 15.21 -9.58 -4.05
N LYS H 8 15.30 -10.71 -4.69
CA LYS H 8 14.15 -11.28 -5.36
C LYS H 8 14.10 -12.80 -4.83
N VAL H 9 12.91 -13.39 -4.81
CA VAL H 9 12.59 -14.71 -4.24
C VAL H 9 11.48 -15.16 -5.13
N DPR H 10 11.27 -16.49 -5.54
CA DPR H 10 10.53 -16.88 -6.76
CB DPR H 10 11.21 -18.18 -7.21
CG DPR H 10 11.91 -18.79 -5.98
CD DPR H 10 12.20 -17.53 -5.11
C DPR H 10 10.31 -15.88 -7.96
O DPR H 10 11.33 -15.23 -8.26
HA DPR H 10 9.54 -17.06 -6.38
HB2 DPR H 10 10.48 -18.88 -7.68
HB3 DPR H 10 11.89 -18.03 -8.09
HG2 DPR H 10 11.37 -19.63 -5.49
HG3 DPR H 10 12.92 -19.08 -6.33
HD2 DPR H 10 12.01 -17.80 -4.05
HD3 DPR H 10 13.28 -17.27 -5.13
N PRO H 11 9.13 -15.66 -8.59
CA PRO H 11 8.90 -14.68 -9.68
C PRO H 11 8.98 -13.22 -9.27
N THR H 12 9.26 -12.85 -7.98
CA THR H 12 8.98 -11.53 -7.49
C THR H 12 10.19 -10.89 -6.92
N LYS H 13 10.33 -9.54 -7.25
CA LYS H 13 11.44 -8.66 -6.97
C LYS H 13 11.07 -7.60 -5.99
N VAL H 14 11.93 -7.32 -4.98
CA VAL H 14 11.67 -6.61 -3.77
C VAL H 14 12.83 -5.60 -3.49
N LYS H 15 12.53 -4.38 -2.95
CA LYS H 15 13.56 -3.56 -2.36
C LYS H 15 13.13 -2.75 -1.12
N VAL H 16 13.90 -2.75 -0.12
CA VAL H 16 13.69 -1.99 1.10
C VAL H 16 14.78 -0.90 1.40
N LYS H 17 14.39 0.33 1.79
CA LYS H 17 15.24 1.36 2.39
C LYS H 17 14.71 2.11 3.52
N VAL H 18 15.47 2.06 4.59
CA VAL H 18 15.23 2.81 5.82
C VAL H 18 16.58 3.52 6.18
N LYS H 19 16.49 4.86 6.46
CA LYS H 19 17.57 5.66 6.99
C LYS H 19 16.99 6.65 7.92
N VAL H 20 17.70 6.85 9.07
CA VAL H 20 17.35 7.83 10.09
C VAL H 20 17.94 9.22 9.81
N NH2 H 21 19.27 9.31 9.60
HN1 NH2 H 21 19.68 10.14 9.22
HN2 NH2 H 21 19.86 8.57 9.91
N VAL A 1 -13.33 -0.52 -14.91
CA VAL A 1 -12.40 -0.61 -13.68
C VAL A 1 -13.15 -0.36 -12.44
N LYS A 2 -13.07 -1.25 -11.39
CA LYS A 2 -13.79 -1.06 -10.17
C LYS A 2 -12.86 -0.75 -9.01
N VAL A 3 -12.92 0.45 -8.45
CA VAL A 3 -12.06 0.93 -7.36
C VAL A 3 -13.00 1.28 -6.16
N LYS A 4 -12.87 0.52 -5.10
CA LYS A 4 -13.61 0.74 -3.93
C LYS A 4 -12.84 1.23 -2.79
N VAL A 5 -13.23 2.40 -2.25
CA VAL A 5 -12.52 3.14 -1.21
C VAL A 5 -13.39 3.32 -0.03
N LYS A 6 -12.82 3.09 1.20
CA LYS A 6 -13.59 3.27 2.45
C LYS A 6 -12.72 3.80 3.62
N VAL A 7 -13.19 4.76 4.45
CA VAL A 7 -12.35 5.40 5.43
C VAL A 7 -13.25 5.68 6.60
N LYS A 8 -12.74 5.53 7.81
CA LYS A 8 -13.36 5.99 9.03
C LYS A 8 -12.36 6.85 9.80
N VAL A 9 -12.75 8.05 10.04
CA VAL A 9 -11.79 9.00 10.43
C VAL A 9 -12.45 9.86 11.44
N DPR A 10 -12.04 9.92 12.72
CA DPR A 10 -12.93 10.45 13.84
CB DPR A 10 -12.28 9.76 15.00
CG DPR A 10 -10.80 9.62 14.71
CD DPR A 10 -10.80 9.26 13.23
C DPR A 10 -14.45 10.33 13.66
O DPR A 10 -14.95 9.22 13.59
HA DPR A 10 -12.72 11.50 13.91
HB2 DPR A 10 -12.45 10.25 16.00
HB3 DPR A 10 -12.63 8.72 15.13
HG2 DPR A 10 -10.24 10.56 14.88
HG3 DPR A 10 -10.44 8.84 15.42
HD2 DPR A 10 -9.87 9.61 12.73
HD3 DPR A 10 -10.86 8.18 12.97
N PRO A 11 -15.40 11.29 13.69
CA PRO A 11 -16.84 11.06 13.74
C PRO A 11 -17.35 10.51 12.43
N THR A 12 -16.53 10.64 11.35
CA THR A 12 -17.05 10.53 10.00
C THR A 12 -16.48 9.39 9.24
N LYS A 13 -17.31 8.64 8.53
CA LYS A 13 -16.86 7.57 7.77
C LYS A 13 -17.44 7.68 6.37
N VAL A 14 -16.75 7.20 5.32
CA VAL A 14 -17.22 7.27 3.92
C VAL A 14 -17.01 5.89 3.38
N LYS A 15 -18.06 5.36 2.68
CA LYS A 15 -17.96 4.23 1.83
C LYS A 15 -18.32 4.75 0.44
N VAL A 16 -17.46 4.54 -0.58
CA VAL A 16 -17.61 5.13 -1.89
C VAL A 16 -17.21 3.98 -2.83
N LYS A 17 -17.85 3.89 -3.95
CA LYS A 17 -17.35 3.20 -5.21
C LYS A 17 -17.03 4.11 -6.32
N VAL A 18 -15.76 3.95 -6.86
CA VAL A 18 -15.19 4.70 -7.95
C VAL A 18 -15.21 3.78 -9.13
N LYS A 19 -15.97 4.15 -10.17
CA LYS A 19 -16.20 3.29 -11.37
C LYS A 19 -15.56 3.96 -12.50
N VAL A 20 -14.45 3.41 -13.12
CA VAL A 20 -13.66 4.05 -14.13
C VAL A 20 -13.92 3.44 -15.52
N NH2 A 21 -14.48 4.21 -16.43
HN1 NH2 A 21 -14.69 3.84 -17.34
HN2 NH2 A 21 -14.81 5.14 -16.23
N VAL B 1 -5.49 -8.87 -13.07
CA VAL B 1 -4.93 -8.73 -11.77
C VAL B 1 -5.79 -8.08 -10.71
N LYS B 2 -5.82 -8.61 -9.45
CA LYS B 2 -6.71 -7.93 -8.45
C LYS B 2 -5.82 -7.40 -7.24
N VAL B 3 -6.05 -6.14 -6.73
CA VAL B 3 -5.20 -5.64 -5.60
C VAL B 3 -5.97 -5.14 -4.38
N LYS B 4 -5.50 -5.31 -3.17
CA LYS B 4 -6.09 -4.67 -2.01
C LYS B 4 -4.98 -3.92 -1.26
N VAL B 5 -5.26 -2.74 -0.62
CA VAL B 5 -4.35 -1.98 0.14
C VAL B 5 -5.18 -1.57 1.43
N LYS B 6 -4.55 -1.83 2.57
CA LYS B 6 -5.24 -1.42 3.74
C LYS B 6 -4.16 -0.81 4.62
N VAL B 7 -4.57 0.11 5.45
CA VAL B 7 -3.66 0.96 6.13
C VAL B 7 -4.35 1.49 7.39
N LYS B 8 -3.72 1.72 8.52
CA LYS B 8 -4.29 2.39 9.63
C LYS B 8 -3.16 3.20 10.25
N VAL B 9 -3.54 4.45 10.64
CA VAL B 9 -2.60 5.35 11.25
C VAL B 9 -3.31 5.84 12.48
N DPR B 10 -2.79 5.79 13.74
CA DPR B 10 -3.61 5.86 14.96
CB DPR B 10 -2.87 5.11 16.02
CG DPR B 10 -1.43 5.17 15.50
CD DPR B 10 -1.63 4.97 14.00
C DPR B 10 -5.06 5.26 14.92
O DPR B 10 -5.13 4.09 14.56
HA DPR B 10 -3.86 6.87 15.27
HB2 DPR B 10 -3.00 5.59 17.01
HB3 DPR B 10 -3.07 4.03 16.14
HG2 DPR B 10 -1.02 6.13 15.90
HG3 DPR B 10 -0.69 4.36 15.74
HD2 DPR B 10 -0.70 5.29 13.49
HD3 DPR B 10 -1.93 3.94 13.68
N PRO B 11 -6.11 5.86 15.25
CA PRO B 11 -7.46 5.25 14.98
C PRO B 11 -7.84 5.11 13.54
N THR B 12 -7.43 6.05 12.69
CA THR B 12 -7.81 6.35 11.36
C THR B 12 -7.51 5.27 10.45
N LYS B 13 -8.53 4.60 9.86
CA LYS B 13 -8.29 3.44 9.05
C LYS B 13 -8.91 3.73 7.71
N VAL B 14 -8.12 3.30 6.68
CA VAL B 14 -8.35 3.63 5.27
C VAL B 14 -8.25 2.38 4.39
N LYS B 15 -9.10 2.16 3.40
CA LYS B 15 -8.93 0.95 2.60
C LYS B 15 -9.20 1.19 1.16
N VAL B 16 -8.52 0.43 0.23
CA VAL B 16 -8.65 0.58 -1.20
C VAL B 16 -8.68 -0.88 -1.73
N LYS B 17 -9.65 -1.16 -2.63
CA LYS B 17 -9.85 -2.44 -3.36
C LYS B 17 -9.98 -2.23 -4.86
N VAL B 18 -8.99 -2.86 -5.59
CA VAL B 18 -8.84 -2.62 -6.98
C VAL B 18 -9.16 -3.87 -7.84
N LYS B 19 -10.14 -3.81 -8.75
CA LYS B 19 -10.29 -4.77 -9.81
C LYS B 19 -10.22 -3.99 -11.13
N VAL B 20 -9.63 -4.59 -12.21
CA VAL B 20 -9.51 -3.89 -13.43
C VAL B 20 -10.76 -4.10 -14.34
N NH2 B 21 -11.21 -5.35 -14.38
HN1 NH2 B 21 -11.84 -5.66 -15.10
HN2 NH2 B 21 -10.74 -6.02 -13.81
N VAL C 1 0.22 -16.79 -8.52
CA VAL C 1 0.90 -15.70 -7.69
C VAL C 1 0.00 -14.90 -6.80
N LYS C 2 -0.24 -15.41 -5.57
CA LYS C 2 -0.87 -14.55 -4.50
C LYS C 2 0.28 -14.14 -3.53
N VAL C 3 0.44 -12.81 -3.45
CA VAL C 3 1.55 -12.14 -2.77
C VAL C 3 0.95 -11.20 -1.80
N LYS C 4 1.26 -11.37 -0.50
CA LYS C 4 0.74 -10.61 0.62
C LYS C 4 1.88 -9.97 1.43
N VAL C 5 1.92 -8.64 1.52
CA VAL C 5 2.94 -7.82 2.10
C VAL C 5 2.43 -7.05 3.25
N LYS C 6 3.13 -6.93 4.38
CA LYS C 6 2.80 -6.17 5.53
C LYS C 6 4.01 -5.38 6.17
N VAL C 7 3.90 -4.08 6.31
CA VAL C 7 4.93 -3.13 6.83
C VAL C 7 4.38 -2.36 8.03
N LYS C 8 5.13 -2.39 9.18
CA LYS C 8 4.82 -1.72 10.42
C LYS C 8 6.05 -0.81 10.79
N VAL C 9 5.92 0.52 10.89
CA VAL C 9 7.07 1.44 11.12
C VAL C 9 6.66 2.46 12.13
N DPR C 10 7.39 2.69 13.26
CA DPR C 10 6.78 3.32 14.47
CB DPR C 10 7.62 2.70 15.59
CG DPR C 10 8.99 2.57 14.95
CD DPR C 10 8.69 2.07 13.57
C DPR C 10 5.29 3.11 14.77
O DPR C 10 4.92 1.93 15.04
HA DPR C 10 7.00 4.38 14.36
HB2 DPR C 10 7.70 3.32 16.51
HB3 DPR C 10 7.12 1.76 15.90
HG2 DPR C 10 9.41 3.60 14.86
HG3 DPR C 10 9.76 2.00 15.51
HD2 DPR C 10 9.52 2.40 12.91
HD3 DPR C 10 8.61 0.97 13.57
N PRO C 11 4.40 4.13 14.69
CA PRO C 11 2.92 3.93 14.86
C PRO C 11 2.17 3.46 13.61
N THR C 12 2.75 3.32 12.43
CA THR C 12 2.07 3.37 11.11
C THR C 12 2.05 2.00 10.56
N LYS C 13 0.83 1.47 10.24
CA LYS C 13 0.60 0.09 9.81
C LYS C 13 0.04 0.11 8.38
N VAL C 14 0.78 -0.38 7.32
CA VAL C 14 0.42 -0.47 5.92
C VAL C 14 0.63 -1.94 5.42
N LYS C 15 -0.41 -2.50 4.73
CA LYS C 15 -0.31 -3.81 4.21
C LYS C 15 -1.07 -3.83 2.85
N VAL C 16 -0.62 -4.80 1.95
CA VAL C 16 -0.99 -4.70 0.56
C VAL C 16 -1.03 -6.17 0.00
N LYS C 17 -2.04 -6.48 -0.85
CA LYS C 17 -2.30 -7.81 -1.25
C LYS C 17 -2.45 -7.81 -2.75
N VAL C 18 -1.80 -8.73 -3.49
CA VAL C 18 -1.74 -8.77 -4.97
C VAL C 18 -1.98 -10.09 -5.51
N LYS C 19 -3.08 -10.36 -6.33
CA LYS C 19 -3.33 -11.64 -6.92
C LYS C 19 -3.18 -11.40 -8.42
N VAL C 20 -2.21 -12.09 -9.06
CA VAL C 20 -2.08 -11.89 -10.53
C VAL C 20 -3.28 -12.54 -11.29
N NH2 C 21 -3.39 -13.86 -11.33
HN1 NH2 C 21 -4.07 -14.30 -11.90
HN2 NH2 C 21 -2.53 -14.27 -11.04
N VAL D 1 4.10 -24.19 -4.01
CA VAL D 1 5.37 -23.46 -3.52
C VAL D 1 5.08 -22.29 -2.64
N LYS D 2 5.57 -22.17 -1.38
CA LYS D 2 5.43 -20.87 -0.69
C LYS D 2 6.61 -20.28 -0.02
N VAL D 3 6.85 -18.99 -0.28
CA VAL D 3 8.20 -18.46 0.10
C VAL D 3 7.98 -17.08 0.79
N LYS D 4 9.05 -16.56 1.44
CA LYS D 4 9.03 -15.34 2.23
C LYS D 4 10.26 -14.46 2.13
N VAL D 5 10.06 -13.24 2.46
CA VAL D 5 11.12 -12.38 2.92
C VAL D 5 10.68 -11.69 4.17
N LYS D 6 11.50 -11.67 5.23
CA LYS D 6 11.20 -10.95 6.52
C LYS D 6 12.46 -10.39 7.18
N VAL D 7 12.41 -9.09 7.48
CA VAL D 7 13.46 -8.30 8.05
C VAL D 7 12.88 -7.46 9.21
N LYS D 8 13.51 -7.55 10.45
CA LYS D 8 12.99 -6.97 11.66
C LYS D 8 14.09 -6.06 12.43
N VAL D 9 13.65 -4.88 12.93
CA VAL D 9 14.57 -4.01 13.80
C VAL D 9 13.55 -3.58 14.87
N DPR D 10 13.33 -4.42 15.93
CA DPR D 10 12.21 -4.39 16.87
CB DPR D 10 12.13 -5.84 17.34
CG DPR D 10 13.56 -6.24 17.44
CD DPR D 10 14.14 -5.55 16.18
C DPR D 10 10.91 -3.80 16.37
O DPR D 10 10.23 -4.52 15.63
HA DPR D 10 12.59 -3.79 17.69
HB2 DPR D 10 11.73 -5.95 18.37
HB3 DPR D 10 11.52 -6.40 16.58
HG2 DPR D 10 13.99 -5.66 18.28
HG3 DPR D 10 13.99 -7.27 17.53
HD2 DPR D 10 15.18 -5.20 16.32
HD3 DPR D 10 14.16 -6.30 15.37
N PRO D 11 10.48 -2.55 16.76
CA PRO D 11 9.24 -1.95 16.25
C PRO D 11 9.10 -1.73 14.75
N THR D 12 10.21 -1.90 14.06
CA THR D 12 10.33 -1.68 12.59
C THR D 12 10.31 -3.07 11.93
N LYS D 13 9.19 -3.34 11.15
CA LYS D 13 8.98 -4.68 10.66
C LYS D 13 8.54 -4.67 9.18
N VAL D 14 9.10 -5.49 8.30
CA VAL D 14 8.67 -5.74 6.87
C VAL D 14 8.41 -7.20 6.69
N LYS D 15 7.34 -7.54 5.99
CA LYS D 15 7.10 -8.91 5.65
C LYS D 15 6.53 -9.09 4.24
N VAL D 16 7.12 -10.04 3.44
CA VAL D 16 6.55 -10.36 2.13
C VAL D 16 6.42 -11.84 2.11
N LYS D 17 5.21 -12.33 1.71
CA LYS D 17 4.96 -13.78 1.56
C LYS D 17 4.26 -14.11 0.24
N VAL D 18 4.80 -15.06 -0.54
CA VAL D 18 4.45 -15.31 -1.92
C VAL D 18 4.07 -16.71 -2.09
N LYS D 19 2.80 -17.00 -2.56
CA LYS D 19 2.24 -18.30 -2.81
C LYS D 19 2.25 -18.51 -4.36
N VAL D 20 2.99 -19.50 -4.86
CA VAL D 20 2.96 -19.85 -6.25
C VAL D 20 2.34 -21.30 -6.35
N NH2 D 21 1.19 -21.18 -7.01
HN1 NH2 D 21 0.56 -21.97 -6.98
HN2 NH2 D 21 1.14 -20.58 -7.80
N VAL E 1 -6.56 15.83 10.64
CA VAL E 1 -6.22 14.78 9.68
C VAL E 1 -6.88 15.00 8.31
N LYS E 2 -6.10 14.70 7.19
CA LYS E 2 -6.68 14.65 5.87
C LYS E 2 -6.41 13.28 5.25
N VAL E 3 -7.37 12.59 4.59
CA VAL E 3 -7.34 11.24 3.90
C VAL E 3 -7.69 11.53 2.48
N LYS E 4 -6.77 11.12 1.57
CA LYS E 4 -6.90 11.32 0.15
C LYS E 4 -6.51 10.10 -0.69
N VAL E 5 -7.35 9.86 -1.80
CA VAL E 5 -7.09 8.80 -2.81
C VAL E 5 -7.39 9.34 -4.15
N LYS E 6 -6.51 9.17 -5.12
CA LYS E 6 -6.69 9.49 -6.46
C LYS E 6 -6.62 8.19 -7.30
N VAL E 7 -7.34 8.11 -8.49
CA VAL E 7 -7.14 6.98 -9.37
C VAL E 7 -7.29 7.45 -10.78
N LYS E 8 -6.43 6.92 -11.69
CA LYS E 8 -6.54 7.18 -13.05
C LYS E 8 -6.59 6.02 -13.97
N VAL E 9 -7.53 5.95 -15.01
CA VAL E 9 -7.67 4.88 -16.06
C VAL E 9 -7.73 5.59 -17.41
N DPR E 10 -6.82 5.45 -18.36
CA DPR E 10 -6.43 6.48 -19.36
CB DPR E 10 -5.10 6.12 -19.92
CG DPR E 10 -5.16 4.59 -19.70
CD DPR E 10 -5.79 4.37 -18.33
C DPR E 10 -6.58 7.91 -18.91
O DPR E 10 -5.94 8.20 -17.91
HA DPR E 10 -7.10 6.43 -20.22
HB2 DPR E 10 -4.98 6.36 -21.00
HB3 DPR E 10 -4.25 6.52 -19.32
HG2 DPR E 10 -5.88 4.05 -20.37
HG3 DPR E 10 -4.29 3.89 -19.74
HD2 DPR E 10 -6.20 3.36 -18.17
HD3 DPR E 10 -5.03 4.63 -17.57
N PRO E 11 -7.38 8.79 -19.51
CA PRO E 11 -7.38 10.20 -19.12
C PRO E 11 -8.38 10.47 -18.09
N THR E 12 -9.23 9.46 -17.72
CA THR E 12 -10.14 9.71 -16.69
C THR E 12 -9.51 9.61 -15.33
N LYS E 13 -9.73 10.61 -14.42
CA LYS E 13 -9.01 10.78 -13.16
C LYS E 13 -10.03 11.17 -12.15
N VAL E 14 -10.10 10.48 -11.04
CA VAL E 14 -11.14 10.64 -9.98
C VAL E 14 -10.47 10.71 -8.61
N LYS E 15 -10.83 11.69 -7.73
CA LYS E 15 -10.15 11.91 -6.43
C LYS E 15 -11.14 12.03 -5.36
N VAL E 16 -10.83 11.30 -4.25
CA VAL E 16 -11.61 11.08 -3.12
C VAL E 16 -10.82 11.76 -1.99
N LYS E 17 -11.43 12.67 -1.24
CA LYS E 17 -10.83 13.38 -0.16
C LYS E 17 -11.81 13.57 1.03
N VAL E 18 -11.36 13.18 2.28
CA VAL E 18 -12.19 13.02 3.51
C VAL E 18 -11.36 13.60 4.63
N LYS E 19 -11.94 14.33 5.58
CA LYS E 19 -11.15 15.11 6.57
C LYS E 19 -11.98 15.26 7.84
N VAL E 20 -11.36 15.58 9.03
CA VAL E 20 -12.13 15.88 10.20
C VAL E 20 -12.32 17.39 10.14
N NH2 E 21 -13.62 17.86 10.15
HN1 NH2 E 21 -13.86 18.82 10.29
HN2 NH2 E 21 -14.36 17.19 10.07
N VAL F 1 2.88 12.40 10.75
CA VAL F 1 2.81 11.07 10.17
C VAL F 1 2.18 11.10 8.81
N LYS F 2 3.02 10.91 7.73
CA LYS F 2 2.51 10.89 6.37
C LYS F 2 2.81 9.62 5.63
N VAL F 3 1.80 9.07 4.98
CA VAL F 3 1.70 7.76 4.34
C VAL F 3 1.39 8.14 2.93
N LYS F 4 2.23 7.62 1.99
CA LYS F 4 1.86 7.78 0.55
C LYS F 4 2.21 6.45 -0.17
N VAL F 5 1.10 5.76 -0.62
CA VAL F 5 1.11 4.42 -1.16
C VAL F 5 0.65 4.66 -2.59
N LYS F 6 1.31 4.05 -3.54
CA LYS F 6 1.00 4.26 -4.92
C LYS F 6 1.02 2.85 -5.55
N VAL F 7 0.15 2.51 -6.42
CA VAL F 7 0.26 1.18 -7.08
C VAL F 7 -0.30 1.36 -8.49
N LYS F 8 0.24 0.61 -9.43
CA LYS F 8 -0.21 0.56 -10.80
C LYS F 8 -0.40 -0.86 -11.27
N VAL F 9 -1.61 -1.10 -11.73
CA VAL F 9 -2.36 -2.35 -11.97
C VAL F 9 -2.94 -2.39 -13.34
N DPR F 10 -2.72 -3.34 -14.26
CA DPR F 10 -2.80 -2.97 -15.69
CB DPR F 10 -1.82 -3.94 -16.35
CG DPR F 10 -2.07 -5.20 -15.55
CD DPR F 10 -2.08 -4.65 -14.13
C DPR F 10 -2.71 -1.56 -16.15
O DPR F 10 -1.54 -1.06 -16.12
HA DPR F 10 -3.78 -3.35 -15.97
HB2 DPR F 10 -2.03 -4.08 -17.43
HB3 DPR F 10 -0.76 -3.66 -16.18
HG2 DPR F 10 -3.04 -5.68 -15.81
HG3 DPR F 10 -1.30 -5.97 -15.79
HD2 DPR F 10 -2.56 -5.27 -13.35
HD3 DPR F 10 -1.06 -4.40 -13.74
N PRO F 11 -3.79 -0.88 -16.64
CA PRO F 11 -3.69 0.62 -16.93
C PRO F 11 -4.50 1.37 -15.88
N THR F 12 -4.50 0.85 -14.65
CA THR F 12 -5.06 1.53 -13.46
C THR F 12 -4.00 2.20 -12.65
N LYS F 13 -3.96 3.56 -12.42
CA LYS F 13 -2.89 4.21 -11.77
C LYS F 13 -3.48 4.78 -10.50
N VAL F 14 -3.05 4.32 -9.24
CA VAL F 14 -3.67 4.63 -7.96
C VAL F 14 -2.77 5.43 -7.10
N LYS F 15 -3.19 6.49 -6.53
CA LYS F 15 -2.54 7.22 -5.43
C LYS F 15 -3.25 7.27 -4.14
N VAL F 16 -2.68 6.84 -2.98
CA VAL F 16 -3.19 6.91 -1.63
C VAL F 16 -2.33 7.74 -0.73
N LYS F 17 -2.91 8.64 0.00
CA LYS F 17 -2.30 9.65 0.78
C LYS F 17 -3.07 9.77 2.00
N VAL F 18 -2.47 9.59 3.17
CA VAL F 18 -3.12 9.78 4.51
C VAL F 18 -2.25 10.73 5.29
N LYS F 19 -2.81 11.72 5.90
CA LYS F 19 -2.02 12.72 6.65
C LYS F 19 -2.57 12.98 7.97
N VAL F 20 -1.69 12.78 8.95
CA VAL F 20 -1.88 13.01 10.40
C VAL F 20 -0.77 14.00 10.77
N NH2 F 21 -1.14 15.07 11.54
HN1 NH2 F 21 -0.33 15.63 11.72
HN2 NH2 F 21 -2.08 15.29 11.79
N VAL G 1 12.60 10.08 10.03
CA VAL G 1 12.77 8.68 9.46
C VAL G 1 11.84 8.40 8.27
N LYS G 2 12.47 8.16 7.06
CA LYS G 2 11.82 7.90 5.82
C LYS G 2 11.99 6.51 5.37
N VAL G 3 10.87 5.85 4.98
CA VAL G 3 10.55 4.44 4.86
C VAL G 3 10.24 4.23 3.41
N LYS G 4 11.03 3.44 2.67
CA LYS G 4 10.85 3.05 1.30
C LYS G 4 10.68 1.53 1.12
N VAL G 5 9.46 1.01 0.64
CA VAL G 5 9.24 -0.42 0.36
C VAL G 5 8.58 -0.59 -1.02
N LYS G 6 9.30 -1.40 -1.88
CA LYS G 6 8.72 -1.76 -3.15
C LYS G 6 8.92 -3.17 -3.49
N VAL G 7 7.92 -3.66 -4.32
CA VAL G 7 7.95 -5.00 -4.82
C VAL G 7 7.21 -4.96 -6.07
N LYS G 8 7.82 -5.66 -7.07
CA LYS G 8 7.06 -5.99 -8.27
C LYS G 8 6.32 -7.34 -8.13
N VAL G 9 5.07 -7.40 -8.65
CA VAL G 9 4.39 -8.67 -8.68
C VAL G 9 3.77 -8.95 -10.08
N DPR G 10 4.19 -9.86 -10.91
CA DPR G 10 3.95 -9.87 -12.33
CB DPR G 10 5.08 -10.78 -13.02
CG DPR G 10 5.94 -11.29 -11.95
CD DPR G 10 5.28 -10.80 -10.62
C DPR G 10 3.89 -8.45 -13.00
O DPR G 10 4.87 -7.78 -12.77
HA DPR G 10 2.96 -10.31 -12.39
HB2 DPR G 10 4.72 -11.69 -13.56
HB3 DPR G 10 5.69 -10.30 -13.81
HG2 DPR G 10 6.13 -12.38 -11.86
HG3 DPR G 10 6.94 -10.79 -12.00
HD2 DPR G 10 4.80 -11.68 -10.14
HD3 DPR G 10 6.08 -10.45 -9.94
N PRO G 11 2.93 -7.96 -13.75
CA PRO G 11 3.04 -6.69 -14.33
C PRO G 11 2.49 -5.61 -13.30
N THR G 12 2.34 -5.85 -12.00
CA THR G 12 1.84 -4.89 -11.05
C THR G 12 3.10 -4.31 -10.35
N LYS G 13 3.14 -2.99 -10.08
CA LYS G 13 4.26 -2.29 -9.46
C LYS G 13 3.72 -1.61 -8.27
N VAL G 14 4.21 -2.16 -7.14
CA VAL G 14 3.78 -1.69 -5.89
C VAL G 14 4.84 -0.75 -5.26
N LYS G 15 4.48 0.37 -4.75
CA LYS G 15 5.40 1.22 -3.94
C LYS G 15 4.62 1.83 -2.75
N VAL G 16 5.17 1.58 -1.53
CA VAL G 16 4.80 2.14 -0.23
C VAL G 16 5.98 3.05 0.12
N LYS G 17 5.66 4.29 0.50
CA LYS G 17 6.58 5.22 1.12
C LYS G 17 5.93 5.85 2.28
N VAL G 18 6.76 6.17 3.39
CA VAL G 18 6.18 6.61 4.63
C VAL G 18 7.17 7.56 5.21
N LYS G 19 6.67 8.68 5.79
CA LYS G 19 7.34 9.52 6.71
C LYS G 19 6.67 9.40 7.98
N VAL G 20 7.33 8.85 8.99
CA VAL G 20 6.77 8.53 10.31
C VAL G 20 6.91 9.63 11.36
N NH2 G 21 6.48 10.87 11.08
HN1 NH2 G 21 6.88 11.62 11.59
HN2 NH2 G 21 5.93 11.10 10.27
N VAL H 1 18.66 2.12 13.27
CA VAL H 1 17.83 1.34 12.22
C VAL H 1 18.42 1.61 10.84
N LYS H 2 18.76 0.71 9.91
CA LYS H 2 19.37 1.09 8.62
C LYS H 2 19.14 0.03 7.58
N VAL H 3 17.87 -0.36 7.45
CA VAL H 3 17.42 -1.39 6.49
C VAL H 3 17.76 -0.90 5.09
N LYS H 4 18.25 -1.88 4.28
CA LYS H 4 18.84 -1.68 2.98
C LYS H 4 18.64 -2.95 2.15
N VAL H 5 17.74 -3.85 2.56
CA VAL H 5 17.55 -5.08 1.88
C VAL H 5 17.18 -4.89 0.41
N LYS H 6 17.68 -5.88 -0.39
CA LYS H 6 17.34 -5.98 -1.83
C LYS H 6 17.45 -7.44 -2.20
N VAL H 7 16.43 -8.09 -2.81
CA VAL H 7 16.49 -9.53 -2.92
C VAL H 7 15.32 -9.92 -3.88
N LYS H 8 15.44 -11.04 -4.57
CA LYS H 8 14.43 -11.66 -5.39
C LYS H 8 13.94 -13.06 -4.88
N VAL H 9 12.68 -13.42 -4.79
CA VAL H 9 12.15 -14.65 -4.28
C VAL H 9 11.10 -15.13 -5.17
N DPR H 10 10.92 -16.37 -5.45
CA DPR H 10 10.28 -16.81 -6.71
CB DPR H 10 10.82 -18.18 -6.96
CG DPR H 10 11.04 -18.75 -5.58
CD DPR H 10 11.53 -17.55 -4.80
C DPR H 10 10.42 -15.90 -7.95
O DPR H 10 11.57 -15.74 -8.26
HA DPR H 10 9.22 -16.76 -6.56
HB2 DPR H 10 10.04 -18.80 -7.45
HB3 DPR H 10 11.73 -18.18 -7.58
HG2 DPR H 10 10.07 -19.06 -5.13
HG3 DPR H 10 11.66 -19.67 -5.58
HD2 DPR H 10 11.21 -17.46 -3.73
HD3 DPR H 10 12.62 -17.58 -4.99
N PRO H 11 9.41 -15.39 -8.64
CA PRO H 11 9.54 -14.35 -9.71
C PRO H 11 9.31 -12.94 -9.19
N THR H 12 9.14 -12.63 -7.91
CA THR H 12 8.87 -11.28 -7.39
C THR H 12 10.10 -10.74 -6.69
N LYS H 13 10.31 -9.43 -6.91
CA LYS H 13 11.50 -8.73 -6.73
C LYS H 13 11.32 -7.47 -5.87
N VAL H 14 12.01 -7.59 -4.69
CA VAL H 14 11.75 -6.88 -3.38
C VAL H 14 12.90 -5.99 -2.92
N LYS H 15 12.58 -4.72 -2.72
CA LYS H 15 13.64 -3.78 -2.28
C LYS H 15 13.09 -2.88 -1.20
N VAL H 16 13.75 -2.88 0.00
CA VAL H 16 13.29 -2.44 1.26
C VAL H 16 14.37 -1.43 1.76
N LYS H 17 13.95 -0.21 2.30
CA LYS H 17 14.95 0.84 2.64
C LYS H 17 14.32 1.68 3.82
N VAL H 18 15.04 1.93 4.95
CA VAL H 18 14.69 2.88 6.00
C VAL H 18 15.97 3.55 6.49
N LYS H 19 15.94 4.88 6.59
CA LYS H 19 17.11 5.71 6.99
C LYS H 19 16.80 6.63 8.17
N VAL H 20 17.53 6.57 9.28
CA VAL H 20 17.56 7.50 10.38
C VAL H 20 18.65 8.60 10.11
N NH2 H 21 19.88 8.28 9.77
HN1 NH2 H 21 20.49 9.02 9.47
HN2 NH2 H 21 20.15 7.36 9.52
N VAL A 1 -13.27 -1.08 -14.82
CA VAL A 1 -12.36 -0.91 -13.65
C VAL A 1 -13.23 -0.54 -12.48
N LYS A 2 -13.21 -1.32 -11.31
CA LYS A 2 -14.09 -1.26 -10.21
C LYS A 2 -13.29 -1.05 -9.03
N VAL A 3 -13.53 0.07 -8.28
CA VAL A 3 -12.63 0.61 -7.31
C VAL A 3 -13.46 1.00 -6.03
N LYS A 4 -13.38 0.31 -4.89
CA LYS A 4 -14.11 0.69 -3.67
C LYS A 4 -13.27 1.32 -2.63
N VAL A 5 -13.78 2.35 -1.95
CA VAL A 5 -12.98 3.02 -0.94
C VAL A 5 -13.77 3.16 0.33
N LYS A 6 -13.23 2.83 1.52
CA LYS A 6 -13.98 3.09 2.70
C LYS A 6 -12.95 3.65 3.79
N VAL A 7 -13.24 4.64 4.59
CA VAL A 7 -12.32 5.29 5.43
C VAL A 7 -13.20 5.66 6.58
N LYS A 8 -12.74 5.52 7.80
CA LYS A 8 -13.22 6.06 8.99
C LYS A 8 -12.03 6.86 9.59
N VAL A 9 -12.25 8.20 9.58
CA VAL A 9 -11.33 9.26 9.86
C VAL A 9 -11.77 10.24 10.97
N DPR A 10 -11.12 10.50 12.12
CA DPR A 10 -11.85 10.95 13.33
CB DPR A 10 -10.95 10.23 14.35
CG DPR A 10 -9.53 10.46 13.87
CD DPR A 10 -9.72 10.07 12.40
C DPR A 10 -13.25 10.69 13.60
O DPR A 10 -13.64 9.56 13.89
HA DPR A 10 -11.74 12.03 13.39
HB2 DPR A 10 -11.31 10.54 15.37
HB3 DPR A 10 -11.15 9.14 14.33
HG2 DPR A 10 -9.27 11.54 13.86
HG3 DPR A 10 -8.69 9.92 14.37
HD2 DPR A 10 -8.96 10.55 11.77
HD3 DPR A 10 -9.62 8.97 12.29
N PRO A 11 -14.17 11.64 13.63
CA PRO A 11 -15.61 11.36 13.92
C PRO A 11 -16.30 11.32 12.59
N THR A 12 -15.62 11.14 11.44
CA THR A 12 -16.44 11.13 10.22
C THR A 12 -16.00 9.87 9.42
N LYS A 13 -17.05 9.15 8.84
CA LYS A 13 -16.78 8.03 8.03
C LYS A 13 -17.36 8.26 6.63
N VAL A 14 -16.80 7.55 5.63
CA VAL A 14 -17.28 7.68 4.29
C VAL A 14 -16.97 6.31 3.57
N LYS A 15 -17.91 5.94 2.69
CA LYS A 15 -17.73 4.82 1.71
C LYS A 15 -18.19 5.40 0.35
N VAL A 16 -17.42 5.11 -0.71
CA VAL A 16 -17.76 5.42 -2.09
C VAL A 16 -17.26 4.24 -2.99
N LYS A 17 -18.04 3.97 -4.09
CA LYS A 17 -17.59 3.15 -5.15
C LYS A 17 -17.28 4.01 -6.38
N VAL A 18 -16.14 3.83 -7.02
CA VAL A 18 -15.76 4.53 -8.25
C VAL A 18 -15.63 3.53 -9.33
N LYS A 19 -16.32 3.69 -10.46
CA LYS A 19 -16.30 2.80 -11.60
C LYS A 19 -15.75 3.60 -12.74
N VAL A 20 -14.68 3.01 -13.30
CA VAL A 20 -14.02 3.64 -14.44
C VAL A 20 -14.06 2.74 -15.65
N NH2 A 21 -14.69 3.18 -16.79
HN1 NH2 A 21 -14.55 2.67 -17.64
HN2 NH2 A 21 -15.15 4.07 -16.88
N VAL B 1 -5.56 -9.04 -13.02
CA VAL B 1 -5.07 -8.47 -11.74
C VAL B 1 -6.04 -8.06 -10.74
N LYS B 2 -5.93 -8.38 -9.43
CA LYS B 2 -6.88 -7.85 -8.42
C LYS B 2 -6.04 -7.35 -7.27
N VAL B 3 -6.41 -6.15 -6.71
CA VAL B 3 -5.59 -5.44 -5.74
C VAL B 3 -6.37 -4.99 -4.48
N LYS B 4 -5.82 -5.20 -3.27
CA LYS B 4 -6.43 -4.74 -2.05
C LYS B 4 -5.44 -4.06 -1.13
N VAL B 5 -5.78 -2.86 -0.68
CA VAL B 5 -5.02 -2.00 0.19
C VAL B 5 -5.75 -1.67 1.46
N LYS B 6 -5.01 -1.86 2.55
CA LYS B 6 -5.46 -1.49 3.87
C LYS B 6 -4.30 -0.78 4.60
N VAL B 7 -4.66 0.26 5.38
CA VAL B 7 -3.86 1.09 6.23
C VAL B 7 -4.54 1.56 7.49
N LYS B 8 -3.76 1.66 8.65
CA LYS B 8 -4.25 2.09 9.91
C LYS B 8 -3.23 2.88 10.73
N VAL B 9 -3.68 4.09 11.20
CA VAL B 9 -2.78 5.03 11.83
C VAL B 9 -3.62 5.51 13.00
N DPR B 10 -3.24 5.51 14.26
CA DPR B 10 -4.05 5.73 15.41
CB DPR B 10 -3.36 4.97 16.61
CG DPR B 10 -1.90 4.94 16.22
CD DPR B 10 -1.90 5.03 14.66
C DPR B 10 -5.55 5.27 15.35
O DPR B 10 -5.86 4.14 15.06
HA DPR B 10 -4.06 6.79 15.58
HB2 DPR B 10 -3.58 5.58 17.52
HB3 DPR B 10 -3.73 3.95 16.86
HG2 DPR B 10 -1.46 5.85 16.68
HG3 DPR B 10 -1.32 4.09 16.63
HD2 DPR B 10 -1.05 5.72 14.42
HD3 DPR B 10 -1.69 3.98 14.38
N PRO B 11 -6.47 6.15 15.43
CA PRO B 11 -7.90 5.77 15.11
C PRO B 11 -8.29 5.75 13.69
N THR B 12 -7.45 6.14 12.73
CA THR B 12 -7.83 6.22 11.32
C THR B 12 -7.58 4.92 10.66
N LYS B 13 -8.69 4.25 10.10
CA LYS B 13 -8.60 3.05 9.21
C LYS B 13 -9.27 3.21 7.79
N VAL B 14 -8.51 2.79 6.77
CA VAL B 14 -8.81 3.05 5.39
C VAL B 14 -8.61 1.80 4.65
N LYS B 15 -9.51 1.57 3.69
CA LYS B 15 -9.48 0.47 2.77
C LYS B 15 -9.76 0.90 1.26
N VAL B 16 -8.90 0.32 0.42
CA VAL B 16 -9.12 0.48 -0.99
C VAL B 16 -9.04 -0.85 -1.73
N LYS B 17 -9.91 -1.14 -2.74
CA LYS B 17 -10.00 -2.39 -3.52
C LYS B 17 -10.06 -2.27 -5.00
N VAL B 18 -9.21 -2.94 -5.88
CA VAL B 18 -9.28 -2.70 -7.30
C VAL B 18 -9.58 -3.99 -7.90
N LYS B 19 -10.43 -3.89 -8.90
CA LYS B 19 -10.62 -5.00 -9.83
C LYS B 19 -10.66 -4.49 -11.24
N VAL B 20 -9.94 -5.10 -12.21
CA VAL B 20 -9.83 -4.43 -13.53
C VAL B 20 -10.98 -4.92 -14.39
N NH2 B 21 -11.07 -6.26 -14.62
HN1 NH2 B 21 -11.89 -6.52 -15.15
HN2 NH2 B 21 -10.58 -6.87 -14.00
N VAL C 1 0.84 -16.35 -9.35
CA VAL C 1 1.53 -15.37 -8.37
C VAL C 1 0.59 -14.59 -7.40
N LYS C 2 0.65 -14.86 -6.05
CA LYS C 2 -0.23 -14.28 -5.07
C LYS C 2 0.59 -13.82 -3.96
N VAL C 3 0.57 -12.54 -3.66
CA VAL C 3 1.65 -11.96 -2.87
C VAL C 3 1.05 -11.08 -1.81
N LYS C 4 1.40 -11.30 -0.50
CA LYS C 4 0.86 -10.47 0.60
C LYS C 4 1.98 -9.67 1.26
N VAL C 5 1.78 -8.34 1.42
CA VAL C 5 2.78 -7.51 2.12
C VAL C 5 2.19 -6.87 3.44
N LYS C 6 3.06 -6.85 4.39
CA LYS C 6 2.85 -6.18 5.66
C LYS C 6 4.08 -5.35 6.09
N VAL C 7 3.93 -4.00 6.27
CA VAL C 7 4.95 -3.18 6.89
C VAL C 7 4.37 -2.40 8.13
N LYS C 8 4.93 -2.42 9.39
CA LYS C 8 4.41 -1.53 10.38
C LYS C 8 5.64 -0.77 10.85
N VAL C 9 5.58 0.58 11.08
CA VAL C 9 6.70 1.40 11.63
C VAL C 9 6.17 2.48 12.45
N DPR C 10 6.75 2.90 13.55
CA DPR C 10 6.08 3.61 14.62
CB DPR C 10 6.85 3.14 15.85
CG DPR C 10 8.30 3.12 15.28
CD DPR C 10 8.13 2.59 13.91
C DPR C 10 4.51 3.37 14.81
O DPR C 10 4.21 2.29 15.40
HA DPR C 10 6.21 4.67 14.56
HB2 DPR C 10 6.65 3.79 16.73
HB3 DPR C 10 6.56 2.10 16.12
HG2 DPR C 10 8.59 4.19 15.28
HG3 DPR C 10 8.99 2.45 15.83
HD2 DPR C 10 8.85 3.00 13.18
HD3 DPR C 10 8.30 1.49 14.04
N PRO C 11 3.62 4.30 14.43
CA PRO C 11 2.19 4.26 14.60
C PRO C 11 1.61 4.10 13.20
N THR C 12 2.44 3.60 12.27
CA THR C 12 1.88 3.55 10.96
C THR C 12 1.92 2.14 10.50
N LYS C 13 0.77 1.63 10.05
CA LYS C 13 0.67 0.24 9.78
C LYS C 13 0.11 0.26 8.40
N VAL C 14 0.69 -0.55 7.44
CA VAL C 14 0.36 -0.64 6.03
C VAL C 14 0.29 -2.16 5.77
N LYS C 15 -0.78 -2.66 5.00
CA LYS C 15 -0.85 -3.96 4.32
C LYS C 15 -1.47 -3.95 2.91
N VAL C 16 -0.78 -4.73 2.03
CA VAL C 16 -1.13 -4.66 0.57
C VAL C 16 -1.18 -6.07 -0.03
N LYS C 17 -2.27 -6.54 -0.62
CA LYS C 17 -2.42 -7.89 -1.20
C LYS C 17 -2.73 -7.78 -2.63
N VAL C 18 -1.94 -8.52 -3.40
CA VAL C 18 -1.94 -8.65 -4.88
C VAL C 18 -2.30 -10.08 -5.24
N LYS C 19 -3.25 -10.23 -6.17
CA LYS C 19 -3.46 -11.41 -6.95
C LYS C 19 -3.28 -11.01 -8.38
N VAL C 20 -2.35 -11.73 -9.04
CA VAL C 20 -2.13 -11.49 -10.46
C VAL C 20 -3.07 -12.23 -11.44
N NH2 C 21 -3.17 -13.56 -11.40
HN1 NH2 C 21 -3.85 -13.93 -12.03
HN2 NH2 C 21 -2.53 -14.26 -11.10
N VAL D 1 5.30 -23.27 -4.75
CA VAL D 1 6.37 -23.16 -3.70
C VAL D 1 5.98 -21.98 -2.82
N LYS D 2 6.15 -22.01 -1.44
CA LYS D 2 5.81 -20.87 -0.58
C LYS D 2 7.07 -20.27 0.06
N VAL D 3 7.25 -18.94 0.09
CA VAL D 3 8.46 -18.33 0.64
C VAL D 3 8.02 -17.05 1.30
N LYS D 4 8.83 -16.73 2.29
CA LYS D 4 8.74 -15.53 3.09
C LYS D 4 10.10 -14.68 3.11
N VAL D 5 9.92 -13.34 2.96
CA VAL D 5 11.01 -12.29 3.08
C VAL D 5 10.60 -11.37 4.20
N LYS D 6 11.49 -11.23 5.23
CA LYS D 6 11.15 -10.38 6.44
C LYS D 6 12.35 -9.83 7.13
N VAL D 7 12.14 -8.71 7.83
CA VAL D 7 13.23 -8.08 8.53
C VAL D 7 12.64 -7.24 9.71
N LYS D 8 13.27 -7.25 10.92
CA LYS D 8 12.68 -6.60 12.07
C LYS D 8 13.74 -6.07 12.92
N VAL D 9 13.66 -4.78 13.26
CA VAL D 9 14.64 -4.12 14.09
C VAL D 9 13.77 -3.46 15.14
N DPR D 10 13.75 -3.90 16.42
CA DPR D 10 12.67 -3.45 17.33
CB DPR D 10 12.54 -4.67 18.33
CG DPR D 10 13.93 -5.31 18.32
CD DPR D 10 14.39 -5.10 16.92
C DPR D 10 11.28 -3.10 16.74
O DPR D 10 10.74 -3.93 15.96
HA DPR D 10 13.13 -2.60 17.81
HB2 DPR D 10 12.13 -4.40 19.33
HB3 DPR D 10 11.86 -5.43 17.91
HG2 DPR D 10 14.59 -4.80 19.05
HG3 DPR D 10 13.94 -6.35 18.72
HD2 DPR D 10 15.48 -4.95 16.80
HD3 DPR D 10 13.95 -5.94 16.33
N PRO D 11 10.76 -1.88 16.99
CA PRO D 11 9.39 -1.58 16.49
C PRO D 11 9.35 -1.35 14.97
N THR D 12 10.45 -1.40 14.18
CA THR D 12 10.47 -1.46 12.74
C THR D 12 10.33 -2.83 12.18
N LYS D 13 9.21 -3.03 11.40
CA LYS D 13 8.83 -4.36 10.98
C LYS D 13 8.45 -4.35 9.44
N VAL D 14 8.87 -5.34 8.67
CA VAL D 14 8.53 -5.71 7.30
C VAL D 14 8.39 -7.18 7.08
N LYS D 15 7.28 -7.58 6.34
CA LYS D 15 7.14 -8.94 5.88
C LYS D 15 6.52 -9.06 4.46
N VAL D 16 7.13 -9.78 3.49
CA VAL D 16 6.65 -10.02 2.14
C VAL D 16 6.51 -11.52 2.04
N LYS D 17 5.29 -12.00 1.63
CA LYS D 17 5.13 -13.53 1.49
C LYS D 17 4.58 -13.87 0.14
N VAL D 18 5.20 -14.82 -0.61
CA VAL D 18 5.02 -15.14 -1.95
C VAL D 18 4.52 -16.56 -2.09
N LYS D 19 3.31 -16.74 -2.71
CA LYS D 19 2.87 -18.09 -3.17
C LYS D 19 3.26 -18.24 -4.62
N VAL D 20 4.04 -19.26 -5.06
CA VAL D 20 4.17 -19.40 -6.48
C VAL D 20 3.40 -20.65 -6.89
N NH2 D 21 2.16 -20.48 -7.44
HN1 NH2 D 21 1.44 -21.18 -7.39
HN2 NH2 D 21 1.94 -19.54 -7.67
N VAL E 1 -7.05 15.36 10.71
CA VAL E 1 -6.53 14.20 9.86
C VAL E 1 -7.23 14.21 8.50
N LYS E 2 -6.49 13.71 7.46
CA LYS E 2 -6.99 13.97 6.12
C LYS E 2 -6.63 12.80 5.23
N VAL E 3 -7.60 12.26 4.45
CA VAL E 3 -7.47 10.98 3.69
C VAL E 3 -8.07 11.10 2.33
N LYS E 4 -7.20 10.79 1.36
CA LYS E 4 -7.45 11.07 -0.05
C LYS E 4 -7.05 9.85 -0.98
N VAL E 5 -7.80 9.54 -2.06
CA VAL E 5 -7.50 8.43 -2.96
C VAL E 5 -7.63 8.96 -4.34
N LYS E 6 -6.75 8.62 -5.27
CA LYS E 6 -6.95 9.13 -6.64
C LYS E 6 -6.66 7.95 -7.47
N VAL E 7 -7.68 7.49 -8.27
CA VAL E 7 -7.56 6.43 -9.23
C VAL E 7 -7.68 7.07 -10.60
N LYS E 8 -6.70 6.72 -11.49
CA LYS E 8 -6.56 7.32 -12.82
C LYS E 8 -6.36 6.31 -13.98
N VAL E 9 -7.28 6.27 -14.99
CA VAL E 9 -7.11 5.40 -16.16
C VAL E 9 -7.10 6.31 -17.42
N DPR E 10 -6.14 6.23 -18.38
CA DPR E 10 -5.91 7.13 -19.52
CB DPR E 10 -4.43 7.07 -19.83
CG DPR E 10 -4.05 5.66 -19.44
CD DPR E 10 -4.86 5.48 -18.17
C DPR E 10 -6.28 8.53 -19.33
O DPR E 10 -5.67 9.19 -18.46
HA DPR E 10 -6.52 6.80 -20.34
HB2 DPR E 10 -4.25 7.27 -20.91
HB3 DPR E 10 -3.99 7.80 -19.11
HG2 DPR E 10 -4.56 4.97 -20.15
HG3 DPR E 10 -2.95 5.54 -19.37
HD2 DPR E 10 -5.20 4.42 -18.13
HD3 DPR E 10 -4.33 5.85 -17.26
N PRO E 11 -7.19 9.25 -20.04
CA PRO E 11 -7.61 10.57 -19.65
C PRO E 11 -8.45 10.64 -18.42
N THR E 12 -9.06 9.54 -17.72
CA THR E 12 -10.13 9.67 -16.75
C THR E 12 -9.62 9.58 -15.28
N LYS E 13 -9.60 10.78 -14.60
CA LYS E 13 -9.00 10.81 -13.28
C LYS E 13 -10.00 11.13 -12.19
N VAL E 14 -10.20 10.30 -11.13
CA VAL E 14 -11.25 10.62 -10.16
C VAL E 14 -10.54 10.87 -8.83
N LYS E 15 -10.93 11.83 -7.94
CA LYS E 15 -10.36 12.03 -6.61
C LYS E 15 -11.47 12.11 -5.60
N VAL E 16 -11.21 11.47 -4.39
CA VAL E 16 -12.03 11.26 -3.27
C VAL E 16 -11.25 11.80 -2.08
N LYS E 17 -11.88 12.76 -1.31
CA LYS E 17 -11.12 13.41 -0.28
C LYS E 17 -12.04 13.62 0.97
N VAL E 18 -11.54 13.29 2.19
CA VAL E 18 -12.24 13.39 3.45
C VAL E 18 -11.37 14.13 4.39
N LYS E 19 -11.83 15.19 5.09
CA LYS E 19 -11.19 16.01 6.06
C LYS E 19 -12.02 16.29 7.38
N VAL E 20 -11.32 16.32 8.49
CA VAL E 20 -12.02 16.58 9.80
C VAL E 20 -12.33 18.14 9.92
N NH2 E 21 -13.52 18.61 9.68
HN1 NH2 E 21 -13.55 19.61 9.79
HN2 NH2 E 21 -14.21 17.90 9.58
N VAL F 1 3.38 12.21 10.99
CA VAL F 1 3.02 10.90 10.33
C VAL F 1 2.37 11.17 9.05
N LYS F 2 2.98 10.71 7.87
CA LYS F 2 2.45 10.96 6.57
C LYS F 2 2.58 9.62 5.82
N VAL F 3 1.55 9.16 5.09
CA VAL F 3 1.63 7.89 4.34
C VAL F 3 1.28 8.12 2.92
N LYS F 4 2.16 7.70 2.05
CA LYS F 4 1.97 7.67 0.66
C LYS F 4 2.10 6.27 0.16
N VAL F 5 1.03 5.70 -0.46
CA VAL F 5 1.09 4.33 -0.91
C VAL F 5 0.59 4.27 -2.33
N LYS F 6 1.44 3.82 -3.32
CA LYS F 6 1.12 3.81 -4.76
C LYS F 6 1.13 2.46 -5.33
N VAL F 7 0.13 2.13 -6.15
CA VAL F 7 0.17 0.94 -6.97
C VAL F 7 -0.38 1.17 -8.41
N LYS F 8 0.33 0.54 -9.31
CA LYS F 8 0.01 0.61 -10.79
C LYS F 8 -0.46 -0.79 -11.33
N VAL F 9 -1.57 -0.82 -11.96
CA VAL F 9 -2.43 -2.01 -12.12
C VAL F 9 -2.88 -2.14 -13.58
N DPR F 10 -2.30 -2.87 -14.54
CA DPR F 10 -2.43 -2.60 -15.97
CB DPR F 10 -1.21 -3.31 -16.56
CG DPR F 10 -0.91 -4.47 -15.65
CD DPR F 10 -1.07 -3.67 -14.32
C DPR F 10 -2.54 -1.10 -16.42
O DPR F 10 -1.67 -0.26 -16.21
HA DPR F 10 -3.34 -3.14 -16.17
HB2 DPR F 10 -1.42 -3.69 -17.58
HB3 DPR F 10 -0.32 -2.64 -16.64
HG2 DPR F 10 -1.72 -5.24 -15.73
HG3 DPR F 10 0.10 -4.91 -15.80
HD2 DPR F 10 -1.21 -4.41 -13.50
HD3 DPR F 10 -0.26 -3.03 -13.90
N PRO F 11 -3.67 -0.60 -17.03
CA PRO F 11 -3.69 0.76 -17.46
C PRO F 11 -4.02 1.72 -16.32
N THR F 12 -4.25 1.15 -14.99
CA THR F 12 -4.74 1.92 -13.81
C THR F 12 -3.58 2.44 -12.90
N LYS F 13 -3.69 3.71 -12.41
CA LYS F 13 -2.86 4.19 -11.36
C LYS F 13 -3.67 4.53 -10.17
N VAL F 14 -3.23 4.14 -9.01
CA VAL F 14 -3.92 4.27 -7.72
C VAL F 14 -2.89 4.81 -6.77
N LYS F 15 -3.35 5.82 -6.00
CA LYS F 15 -2.51 6.53 -5.03
C LYS F 15 -3.27 6.73 -3.78
N VAL F 16 -2.78 6.36 -2.60
CA VAL F 16 -3.40 6.55 -1.32
C VAL F 16 -2.57 7.54 -0.53
N LYS F 17 -3.21 8.53 0.17
CA LYS F 17 -2.42 9.54 0.94
C LYS F 17 -3.14 9.69 2.27
N VAL F 18 -2.42 9.63 3.43
CA VAL F 18 -2.87 9.77 4.78
C VAL F 18 -2.02 10.82 5.36
N LYS F 19 -2.74 11.96 5.65
CA LYS F 19 -2.10 13.13 6.26
C LYS F 19 -2.68 13.30 7.67
N VAL F 20 -1.80 13.04 8.63
CA VAL F 20 -2.09 13.25 10.06
C VAL F 20 -1.34 14.58 10.54
N NH2 F 21 -2.07 15.73 10.37
HN1 NH2 F 21 -1.75 16.59 10.77
HN2 NH2 F 21 -2.94 15.60 9.88
N VAL G 1 13.08 10.47 9.23
CA VAL G 1 13.20 8.99 8.83
C VAL G 1 12.13 8.50 7.85
N LYS G 2 12.54 7.95 6.65
CA LYS G 2 11.62 7.35 5.70
C LYS G 2 11.90 5.85 5.58
N VAL G 3 10.86 5.05 5.70
CA VAL G 3 10.99 3.67 5.24
C VAL G 3 10.21 3.54 3.93
N LYS G 4 10.94 3.06 2.89
CA LYS G 4 10.48 2.84 1.52
C LYS G 4 10.54 1.38 1.19
N VAL G 5 9.43 0.82 0.75
CA VAL G 5 9.38 -0.60 0.46
C VAL G 5 8.79 -0.85 -0.89
N LYS G 6 9.52 -1.53 -1.81
CA LYS G 6 8.99 -1.63 -3.15
C LYS G 6 9.17 -3.01 -3.79
N VAL G 7 8.14 -3.41 -4.56
CA VAL G 7 8.00 -4.75 -5.06
C VAL G 7 7.26 -4.81 -6.41
N LYS G 8 7.73 -5.76 -7.34
CA LYS G 8 7.09 -6.17 -8.60
C LYS G 8 6.38 -7.46 -8.43
N VAL G 9 5.16 -7.54 -8.82
CA VAL G 9 4.39 -8.77 -8.89
C VAL G 9 3.67 -9.01 -10.30
N DPR G 10 4.02 -9.98 -11.17
CA DPR G 10 3.93 -9.89 -12.61
CB DPR G 10 4.99 -10.77 -13.20
CG DPR G 10 5.15 -11.83 -12.15
CD DPR G 10 5.04 -11.00 -10.83
C DPR G 10 3.94 -8.47 -13.11
O DPR G 10 5.00 -7.88 -12.90
HA DPR G 10 2.94 -10.28 -12.82
HB2 DPR G 10 4.68 -11.20 -14.18
HB3 DPR G 10 5.88 -10.14 -13.45
HG2 DPR G 10 4.29 -12.53 -12.29
HG3 DPR G 10 6.12 -12.36 -12.07
HD2 DPR G 10 4.70 -11.64 -9.98
HD3 DPR G 10 6.06 -10.59 -10.68
N PRO G 11 3.04 -7.80 -13.82
CA PRO G 11 3.30 -6.46 -14.39
C PRO G 11 2.69 -5.40 -13.43
N THR G 12 2.33 -5.70 -12.21
CA THR G 12 1.79 -4.84 -11.19
C THR G 12 2.82 -4.31 -10.36
N LYS G 13 2.90 -2.95 -10.19
CA LYS G 13 3.98 -2.35 -9.45
C LYS G 13 3.52 -1.57 -8.24
N VAL G 14 4.06 -1.89 -7.08
CA VAL G 14 3.83 -1.22 -5.79
C VAL G 14 4.97 -0.41 -5.22
N LYS G 15 4.70 0.76 -4.66
CA LYS G 15 5.68 1.54 -3.99
C LYS G 15 5.05 2.04 -2.72
N VAL G 16 5.68 1.82 -1.60
CA VAL G 16 5.19 2.29 -0.28
C VAL G 16 6.24 3.26 0.24
N LYS G 17 5.88 4.51 0.70
CA LYS G 17 6.76 5.53 1.27
C LYS G 17 6.14 6.06 2.58
N VAL G 18 6.84 5.78 3.69
CA VAL G 18 6.26 6.01 5.00
C VAL G 18 7.22 6.75 5.92
N LYS G 19 6.77 8.04 6.28
CA LYS G 19 7.35 8.99 7.10
C LYS G 19 6.79 8.99 8.43
N VAL G 20 7.54 8.41 9.36
CA VAL G 20 7.16 8.00 10.73
C VAL G 20 6.78 9.18 11.72
N NH2 G 21 7.06 10.47 11.32
HN1 NH2 G 21 6.93 11.15 12.04
HN2 NH2 G 21 7.56 10.70 10.49
N VAL H 1 20.50 1.56 13.11
CA VAL H 1 19.30 1.15 12.24
C VAL H 1 19.43 1.42 10.78
N LYS H 2 20.21 0.58 10.05
CA LYS H 2 20.23 0.52 8.59
C LYS H 2 19.91 -0.92 8.11
N VAL H 3 18.75 -0.96 7.40
CA VAL H 3 18.22 -2.13 6.71
C VAL H 3 17.95 -1.77 5.27
N LYS H 4 18.56 -2.49 4.42
CA LYS H 4 18.74 -2.28 2.99
C LYS H 4 18.56 -3.48 2.09
N VAL H 5 17.87 -4.55 2.58
CA VAL H 5 17.64 -5.82 1.95
C VAL H 5 17.04 -5.67 0.55
N LYS H 6 17.82 -6.04 -0.54
CA LYS H 6 17.33 -6.17 -1.90
C LYS H 6 17.48 -7.65 -2.19
N VAL H 7 16.41 -8.32 -2.72
CA VAL H 7 16.30 -9.77 -2.79
C VAL H 7 15.23 -10.03 -3.95
N LYS H 8 15.31 -11.18 -4.53
CA LYS H 8 14.34 -11.63 -5.46
C LYS H 8 13.93 -13.14 -5.33
N VAL H 9 12.60 -13.43 -5.17
CA VAL H 9 12.07 -14.69 -4.63
C VAL H 9 10.88 -15.14 -5.40
N DPR H 10 10.75 -16.46 -5.69
CA DPR H 10 10.22 -16.89 -6.93
CB DPR H 10 10.81 -18.27 -7.23
CG DPR H 10 11.20 -18.79 -5.79
CD DPR H 10 11.52 -17.52 -5.03
C DPR H 10 10.36 -16.00 -8.13
O DPR H 10 11.52 -15.76 -8.39
HA DPR H 10 9.16 -17.07 -6.84
HB2 DPR H 10 10.23 -19.08 -7.71
HB3 DPR H 10 11.74 -18.18 -7.84
HG2 DPR H 10 10.32 -19.26 -5.30
HG3 DPR H 10 11.94 -19.62 -5.90
HD2 DPR H 10 11.25 -17.65 -3.96
HD3 DPR H 10 12.61 -17.35 -5.19
N PRO H 11 9.38 -15.41 -8.90
CA PRO H 11 9.65 -14.39 -9.92
C PRO H 11 9.11 -13.07 -9.44
N THR H 12 9.25 -12.75 -8.11
CA THR H 12 9.00 -11.44 -7.62
C THR H 12 10.22 -10.72 -7.15
N LYS H 13 10.24 -9.35 -7.35
CA LYS H 13 11.46 -8.67 -7.10
C LYS H 13 11.35 -7.53 -6.10
N VAL H 14 12.06 -7.61 -4.96
CA VAL H 14 11.80 -6.86 -3.73
C VAL H 14 12.90 -5.96 -3.35
N LYS H 15 12.57 -4.69 -3.01
CA LYS H 15 13.63 -3.90 -2.35
C LYS H 15 13.13 -3.25 -1.11
N VAL H 16 13.89 -3.37 -0.01
CA VAL H 16 13.55 -2.54 1.21
C VAL H 16 14.61 -1.47 1.37
N LYS H 17 14.25 -0.25 1.80
CA LYS H 17 15.26 0.69 2.23
C LYS H 17 14.92 1.59 3.41
N VAL H 18 15.77 1.77 4.38
CA VAL H 18 15.49 2.48 5.65
C VAL H 18 16.67 3.39 6.03
N LYS H 19 16.42 4.67 6.25
CA LYS H 19 17.40 5.61 6.73
C LYS H 19 16.87 6.24 8.05
N VAL H 20 17.43 5.91 9.15
CA VAL H 20 17.29 6.72 10.34
C VAL H 20 18.28 7.90 10.29
N NH2 H 21 19.60 7.57 9.97
HN1 NH2 H 21 20.37 8.08 10.32
HN2 NH2 H 21 19.87 6.66 9.67
N VAL A 1 -13.60 -0.32 -14.92
CA VAL A 1 -12.75 -0.39 -13.65
C VAL A 1 -13.53 0.07 -12.49
N LYS A 2 -13.50 -0.66 -11.37
CA LYS A 2 -14.20 -0.41 -10.13
C LYS A 2 -13.27 -0.37 -8.98
N VAL A 3 -13.22 0.79 -8.21
CA VAL A 3 -12.39 0.92 -7.03
C VAL A 3 -13.26 1.30 -5.86
N LYS A 4 -13.36 0.37 -4.82
CA LYS A 4 -14.04 0.70 -3.60
C LYS A 4 -13.07 1.14 -2.54
N VAL A 5 -13.37 2.29 -1.94
CA VAL A 5 -12.62 3.02 -1.05
C VAL A 5 -13.39 3.21 0.28
N LYS A 6 -12.77 2.92 1.43
CA LYS A 6 -13.56 3.02 2.69
C LYS A 6 -12.61 3.55 3.81
N VAL A 7 -13.12 4.57 4.56
CA VAL A 7 -12.33 5.41 5.46
C VAL A 7 -13.10 5.64 6.73
N LYS A 8 -12.42 5.53 7.90
CA LYS A 8 -12.85 6.07 9.12
C LYS A 8 -11.68 6.89 9.59
N VAL A 9 -11.95 8.22 9.91
CA VAL A 9 -10.97 9.13 10.28
C VAL A 9 -11.50 9.95 11.42
N DPR A 10 -11.01 10.26 12.62
CA DPR A 10 -11.73 10.88 13.73
CB DPR A 10 -11.09 10.35 15.01
CG DPR A 10 -9.65 10.28 14.61
CD DPR A 10 -9.72 9.69 13.17
C DPR A 10 -13.28 10.74 13.74
O DPR A 10 -13.71 9.57 13.94
HA DPR A 10 -11.48 11.93 13.65
HB2 DPR A 10 -11.40 10.92 15.90
HB3 DPR A 10 -11.53 9.34 15.17
HG2 DPR A 10 -9.35 11.35 14.61
HG3 DPR A 10 -9.07 9.58 15.25
HD2 DPR A 10 -8.85 9.93 12.52
HD3 DPR A 10 -9.82 8.59 13.13
N PRO A 11 -14.18 11.76 13.68
CA PRO A 11 -15.59 11.63 14.00
C PRO A 11 -16.37 11.17 12.77
N THR A 12 -15.81 11.29 11.54
CA THR A 12 -16.36 11.09 10.25
C THR A 12 -15.95 9.82 9.61
N LYS A 13 -16.87 9.20 8.84
CA LYS A 13 -16.55 8.06 8.07
C LYS A 13 -17.12 8.29 6.70
N VAL A 14 -16.62 7.50 5.64
CA VAL A 14 -17.18 7.44 4.20
C VAL A 14 -16.75 6.08 3.61
N LYS A 15 -17.78 5.48 2.83
CA LYS A 15 -17.51 4.34 1.99
C LYS A 15 -18.03 4.69 0.58
N VAL A 16 -17.15 4.84 -0.37
CA VAL A 16 -17.56 5.49 -1.68
C VAL A 16 -16.99 4.63 -2.87
N LYS A 17 -17.74 4.41 -3.94
CA LYS A 17 -17.39 3.54 -5.00
C LYS A 17 -17.07 4.27 -6.38
N VAL A 18 -15.88 4.10 -6.95
CA VAL A 18 -15.43 4.88 -8.02
C VAL A 18 -15.44 3.99 -9.23
N LYS A 19 -16.44 4.10 -10.10
CA LYS A 19 -16.58 3.37 -11.35
C LYS A 19 -16.08 4.25 -12.50
N VAL A 20 -15.26 3.64 -13.33
CA VAL A 20 -14.64 4.24 -14.48
C VAL A 20 -14.67 3.28 -15.78
N NH2 A 21 -15.43 3.65 -16.82
HN1 NH2 A 21 -15.36 2.97 -17.55
HN2 NH2 A 21 -15.99 4.48 -16.87
N VAL B 1 -5.33 -8.62 -13.10
CA VAL B 1 -4.79 -8.45 -11.71
C VAL B 1 -5.90 -7.98 -10.77
N LYS B 2 -6.02 -8.54 -9.54
CA LYS B 2 -6.86 -8.04 -8.45
C LYS B 2 -5.94 -7.58 -7.28
N VAL B 3 -6.24 -6.38 -6.77
CA VAL B 3 -5.55 -5.67 -5.65
C VAL B 3 -6.42 -5.33 -4.36
N LYS B 4 -5.89 -5.64 -3.14
CA LYS B 4 -6.37 -5.19 -1.78
C LYS B 4 -5.26 -4.49 -1.03
N VAL B 5 -5.51 -3.31 -0.41
CA VAL B 5 -4.60 -2.58 0.45
C VAL B 5 -5.48 -2.16 1.68
N LYS B 6 -4.90 -2.30 2.92
CA LYS B 6 -5.31 -1.84 4.18
C LYS B 6 -4.21 -1.09 4.86
N VAL B 7 -4.40 0.17 5.30
CA VAL B 7 -3.57 1.01 6.06
C VAL B 7 -4.27 1.45 7.35
N LYS B 8 -3.69 1.11 8.56
CA LYS B 8 -4.11 1.82 9.76
C LYS B 8 -3.06 2.74 10.35
N VAL B 9 -3.49 3.99 10.50
CA VAL B 9 -2.62 5.04 11.04
C VAL B 9 -3.29 5.50 12.33
N DPR B 10 -2.80 5.37 13.53
CA DPR B 10 -3.69 5.49 14.66
CB DPR B 10 -2.99 4.79 15.83
CG DPR B 10 -1.53 5.03 15.48
CD DPR B 10 -1.42 5.13 13.95
C DPR B 10 -5.19 5.11 14.63
O DPR B 10 -5.50 3.97 14.43
HA DPR B 10 -3.79 6.55 14.83
HB2 DPR B 10 -3.30 5.14 16.84
HB3 DPR B 10 -3.04 3.68 15.88
HG2 DPR B 10 -1.04 5.85 16.04
HG3 DPR B 10 -0.89 4.16 15.68
HD2 DPR B 10 -0.88 6.07 13.70
HD3 DPR B 10 -0.98 4.28 13.39
N PRO B 11 -6.15 6.03 14.89
CA PRO B 11 -7.53 5.65 14.61
C PRO B 11 -7.99 5.83 13.15
N THR B 12 -7.21 6.47 12.26
CA THR B 12 -7.41 6.56 10.85
C THR B 12 -7.30 5.18 10.26
N LYS B 13 -8.33 4.74 9.56
CA LYS B 13 -8.26 3.38 8.91
C LYS B 13 -8.80 3.40 7.50
N VAL B 14 -7.95 3.06 6.51
CA VAL B 14 -8.39 3.13 5.13
C VAL B 14 -8.18 1.78 4.45
N LYS B 15 -9.18 1.37 3.65
CA LYS B 15 -9.07 0.26 2.74
C LYS B 15 -9.39 0.63 1.31
N VAL B 16 -8.59 0.07 0.34
CA VAL B 16 -8.83 0.24 -1.09
C VAL B 16 -9.04 -1.20 -1.65
N LYS B 17 -10.05 -1.43 -2.46
CA LYS B 17 -10.15 -2.70 -3.20
C LYS B 17 -10.18 -2.38 -4.72
N VAL B 18 -9.12 -2.78 -5.45
CA VAL B 18 -9.05 -2.60 -6.91
C VAL B 18 -9.61 -3.81 -7.66
N LYS B 19 -10.41 -3.61 -8.69
CA LYS B 19 -10.93 -4.64 -9.63
C LYS B 19 -11.06 -3.92 -10.97
N VAL B 20 -10.53 -4.58 -12.02
CA VAL B 20 -10.35 -3.86 -13.28
C VAL B 20 -11.34 -4.48 -14.36
N NH2 B 21 -11.00 -5.64 -14.95
HN1 NH2 B 21 -11.75 -6.10 -15.44
HN2 NH2 B 21 -10.10 -6.06 -14.96
N VAL C 1 0.55 -16.44 -9.62
CA VAL C 1 1.61 -15.81 -8.74
C VAL C 1 0.93 -14.72 -7.89
N LYS C 2 1.10 -14.87 -6.52
CA LYS C 2 0.29 -14.17 -5.51
C LYS C 2 1.28 -13.52 -4.49
N VAL C 3 0.98 -12.34 -3.97
CA VAL C 3 1.93 -11.69 -3.04
C VAL C 3 1.21 -11.00 -1.89
N LYS C 4 1.65 -11.34 -0.66
CA LYS C 4 1.15 -10.73 0.49
C LYS C 4 2.30 -10.07 1.22
N VAL C 5 2.09 -8.73 1.41
CA VAL C 5 3.07 -7.87 1.99
C VAL C 5 2.47 -7.13 3.23
N LYS C 6 2.99 -7.34 4.38
CA LYS C 6 2.66 -6.67 5.69
C LYS C 6 3.82 -5.92 6.23
N VAL C 7 3.60 -4.64 6.65
CA VAL C 7 4.68 -3.85 7.25
C VAL C 7 4.22 -2.90 8.31
N LYS C 8 5.03 -2.83 9.44
CA LYS C 8 4.67 -2.08 10.58
C LYS C 8 5.91 -1.16 10.90
N VAL C 9 5.75 0.12 10.90
CA VAL C 9 6.84 1.11 10.98
C VAL C 9 6.43 2.37 11.74
N DPR C 10 7.24 2.92 12.69
CA DPR C 10 6.77 3.84 13.72
CB DPR C 10 7.80 3.68 14.81
CG DPR C 10 9.10 3.36 13.98
CD DPR C 10 8.59 2.41 12.95
C DPR C 10 5.30 3.68 14.25
O DPR C 10 4.97 2.61 14.74
HA DPR C 10 6.85 4.82 13.30
HB2 DPR C 10 7.96 4.58 15.44
HB3 DPR C 10 7.54 2.82 15.47
HG2 DPR C 10 9.50 4.28 13.51
HG3 DPR C 10 9.87 2.86 14.61
HD2 DPR C 10 9.12 2.52 11.98
HD3 DPR C 10 8.68 1.34 13.22
N PRO C 11 4.43 4.62 14.18
CA PRO C 11 3.01 4.35 14.37
C PRO C 11 2.18 4.23 13.00
N THR C 12 2.61 3.31 12.13
CA THR C 12 1.79 2.99 10.94
C THR C 12 1.80 1.44 10.73
N LYS C 13 0.67 0.83 10.30
CA LYS C 13 0.62 -0.42 9.70
C LYS C 13 0.09 -0.39 8.34
N VAL C 14 0.83 -0.71 7.28
CA VAL C 14 0.22 -0.88 5.92
C VAL C 14 0.28 -2.39 5.65
N LYS C 15 -0.69 -2.89 4.89
CA LYS C 15 -0.57 -4.13 4.24
C LYS C 15 -1.12 -4.06 2.93
N VAL C 16 -0.61 -4.87 2.10
CA VAL C 16 -0.90 -4.79 0.65
C VAL C 16 -0.87 -6.15 0.04
N LYS C 17 -1.90 -6.53 -0.84
CA LYS C 17 -2.09 -7.86 -1.28
C LYS C 17 -2.44 -7.78 -2.79
N VAL C 18 -1.64 -8.58 -3.57
CA VAL C 18 -1.70 -8.58 -5.01
C VAL C 18 -1.85 -9.99 -5.51
N LYS C 19 -2.92 -10.09 -6.34
CA LYS C 19 -3.14 -11.29 -7.09
C LYS C 19 -3.04 -10.93 -8.59
N VAL C 20 -2.08 -11.51 -9.31
CA VAL C 20 -2.01 -11.38 -10.71
C VAL C 20 -3.07 -12.24 -11.44
N NH2 C 21 -2.94 -13.61 -11.46
HN1 NH2 C 21 -3.69 -14.07 -11.93
HN2 NH2 C 21 -2.07 -14.07 -11.32
N VAL D 1 4.77 -23.70 -4.67
CA VAL D 1 6.01 -23.11 -4.14
C VAL D 1 5.67 -21.96 -3.26
N LYS D 2 6.23 -21.75 -2.04
CA LYS D 2 5.98 -20.64 -1.25
C LYS D 2 7.18 -20.29 -0.47
N VAL D 3 7.43 -19.07 -0.20
CA VAL D 3 8.58 -18.50 0.55
C VAL D 3 8.10 -17.28 1.31
N LYS D 4 8.68 -17.11 2.45
CA LYS D 4 8.47 -16.00 3.27
C LYS D 4 9.78 -15.29 3.38
N VAL D 5 9.79 -13.94 3.34
CA VAL D 5 10.92 -13.09 3.68
C VAL D 5 10.45 -12.15 4.82
N LYS D 6 11.20 -11.92 5.85
CA LYS D 6 10.83 -11.04 6.94
C LYS D 6 11.93 -10.51 7.82
N VAL D 7 11.81 -9.25 8.17
CA VAL D 7 12.91 -8.51 8.81
C VAL D 7 12.30 -7.69 9.92
N LYS D 8 12.81 -7.90 11.13
CA LYS D 8 12.43 -7.23 12.39
C LYS D 8 13.63 -6.52 13.10
N VAL D 9 13.57 -5.19 13.28
CA VAL D 9 14.49 -4.46 14.09
C VAL D 9 13.66 -3.65 15.08
N DPR D 10 13.51 -3.96 16.37
CA DPR D 10 12.50 -3.48 17.27
CB DPR D 10 12.36 -4.54 18.30
CG DPR D 10 13.76 -5.07 18.40
CD DPR D 10 14.15 -5.12 16.92
C DPR D 10 11.19 -3.01 16.60
O DPR D 10 10.51 -3.91 16.11
HA DPR D 10 13.03 -2.66 17.72
HB2 DPR D 10 12.03 -4.12 19.28
HB3 DPR D 10 11.70 -5.36 17.95
HG2 DPR D 10 14.39 -4.41 19.05
HG3 DPR D 10 13.72 -6.08 18.87
HD2 DPR D 10 15.25 -4.99 16.85
HD3 DPR D 10 13.94 -6.06 16.36
N PRO D 11 10.81 -1.74 16.64
CA PRO D 11 9.59 -1.32 15.98
C PRO D 11 9.47 -1.53 14.49
N THR D 12 10.56 -1.85 13.75
CA THR D 12 10.59 -1.88 12.27
C THR D 12 10.42 -3.32 11.84
N LYS D 13 9.23 -3.64 11.42
CA LYS D 13 8.84 -5.02 11.14
C LYS D 13 8.13 -5.15 9.78
N VAL D 14 8.84 -5.87 8.85
CA VAL D 14 8.48 -5.99 7.45
C VAL D 14 8.32 -7.51 7.21
N LYS D 15 7.29 -8.00 6.55
CA LYS D 15 7.14 -9.34 6.04
C LYS D 15 6.61 -9.26 4.65
N VAL D 16 7.28 -10.05 3.76
CA VAL D 16 6.94 -10.21 2.36
C VAL D 16 6.89 -11.67 2.12
N LYS D 17 5.77 -12.17 1.54
CA LYS D 17 5.66 -13.58 1.21
C LYS D 17 4.94 -13.80 -0.15
N VAL D 18 5.25 -14.87 -0.90
CA VAL D 18 5.03 -15.09 -2.32
C VAL D 18 4.60 -16.47 -2.51
N LYS D 19 3.40 -16.70 -3.15
CA LYS D 19 3.06 -18.11 -3.52
C LYS D 19 3.01 -18.41 -5.03
N VAL D 20 3.76 -19.38 -5.61
CA VAL D 20 3.79 -19.68 -7.03
C VAL D 20 3.23 -21.08 -7.18
N NH2 D 21 2.21 -21.29 -8.04
HN1 NH2 D 21 1.56 -22.04 -7.93
HN2 NH2 D 21 2.10 -20.60 -8.75
N VAL E 1 -6.76 14.75 10.54
CA VAL E 1 -6.37 13.95 9.44
C VAL E 1 -7.19 14.11 8.18
N LYS E 2 -6.50 14.19 7.06
CA LYS E 2 -6.94 14.21 5.69
C LYS E 2 -6.58 12.93 5.05
N VAL E 3 -7.46 12.45 4.12
CA VAL E 3 -7.21 11.21 3.47
C VAL E 3 -7.56 11.54 2.09
N LYS E 4 -6.62 11.26 1.11
CA LYS E 4 -6.98 11.49 -0.25
C LYS E 4 -6.52 10.38 -1.13
N VAL E 5 -7.58 9.85 -1.84
CA VAL E 5 -7.24 8.76 -2.74
C VAL E 5 -7.49 9.20 -4.16
N LYS E 6 -6.70 8.74 -5.15
CA LYS E 6 -7.00 9.15 -6.50
C LYS E 6 -6.80 8.01 -7.45
N VAL E 7 -7.60 8.00 -8.49
CA VAL E 7 -7.66 6.90 -9.42
C VAL E 7 -7.64 7.42 -10.79
N LYS E 8 -6.66 7.02 -11.62
CA LYS E 8 -6.51 7.52 -12.98
C LYS E 8 -6.48 6.29 -13.87
N VAL E 9 -7.46 6.17 -14.77
CA VAL E 9 -7.56 5.13 -15.74
C VAL E 9 -7.47 5.75 -17.08
N DPR E 10 -6.41 5.47 -18.00
CA DPR E 10 -6.06 6.27 -19.14
CB DPR E 10 -4.63 5.98 -19.39
CG DPR E 10 -4.42 4.62 -18.78
CD DPR E 10 -5.26 4.74 -17.57
C DPR E 10 -6.43 7.76 -19.00
O DPR E 10 -5.73 8.38 -18.19
HA DPR E 10 -6.73 5.82 -19.86
HB2 DPR E 10 -4.32 5.93 -20.46
HB3 DPR E 10 -4.01 6.69 -18.80
HG2 DPR E 10 -4.95 3.96 -19.49
HG3 DPR E 10 -3.36 4.36 -18.57
HD2 DPR E 10 -5.62 3.75 -17.21
HD3 DPR E 10 -4.83 5.21 -16.66
N PRO E 11 -7.51 8.26 -19.62
CA PRO E 11 -7.69 9.73 -19.63
C PRO E 11 -8.87 10.09 -18.86
N THR E 12 -9.19 9.29 -17.85
CA THR E 12 -10.28 9.58 -16.89
C THR E 12 -9.52 9.59 -15.59
N LYS E 13 -9.57 10.69 -14.87
CA LYS E 13 -8.92 10.86 -13.57
C LYS E 13 -9.89 11.31 -12.58
N VAL E 14 -10.09 10.51 -11.46
CA VAL E 14 -11.17 10.64 -10.47
C VAL E 14 -10.53 10.66 -9.11
N LYS E 15 -10.93 11.62 -8.16
CA LYS E 15 -10.27 11.93 -6.89
C LYS E 15 -11.18 12.07 -5.67
N VAL E 16 -10.90 11.31 -4.58
CA VAL E 16 -11.73 11.09 -3.40
C VAL E 16 -11.03 11.76 -2.27
N LYS E 17 -11.64 12.72 -1.56
CA LYS E 17 -10.99 13.45 -0.46
C LYS E 17 -11.81 13.54 0.73
N VAL E 18 -11.26 13.18 1.90
CA VAL E 18 -11.92 13.01 3.16
C VAL E 18 -11.09 13.79 4.20
N LYS E 19 -11.66 14.65 4.99
CA LYS E 19 -10.95 15.50 5.95
C LYS E 19 -11.74 15.54 7.25
N VAL E 20 -11.16 16.25 8.28
CA VAL E 20 -11.88 16.58 9.45
C VAL E 20 -11.98 18.09 9.64
N NH2 E 21 -13.14 18.70 10.07
HN1 NH2 E 21 -13.15 19.70 10.06
HN2 NH2 E 21 -13.92 18.12 10.31
N VAL F 1 3.63 13.42 10.69
CA VAL F 1 3.44 11.97 10.18
C VAL F 1 2.70 11.82 8.87
N LYS F 2 3.19 11.06 7.84
CA LYS F 2 2.56 11.06 6.57
C LYS F 2 2.65 9.69 5.97
N VAL F 3 1.70 9.30 5.14
CA VAL F 3 1.69 7.92 4.65
C VAL F 3 1.34 7.87 3.17
N LYS F 4 2.19 7.19 2.31
CA LYS F 4 1.83 7.08 0.89
C LYS F 4 1.76 5.67 0.37
N VAL F 5 0.65 5.18 -0.18
CA VAL F 5 0.52 3.93 -0.93
C VAL F 5 0.17 4.11 -2.40
N LYS F 6 0.84 3.45 -3.27
CA LYS F 6 0.72 3.60 -4.66
C LYS F 6 0.65 2.16 -5.26
N VAL F 7 -0.19 1.88 -6.25
CA VAL F 7 -0.12 0.66 -6.94
C VAL F 7 -0.46 0.99 -8.34
N LYS F 8 0.16 0.31 -9.30
CA LYS F 8 -0.23 0.39 -10.72
C LYS F 8 -0.86 -0.89 -11.07
N VAL F 9 -2.14 -0.94 -11.35
CA VAL F 9 -2.79 -2.23 -11.55
C VAL F 9 -3.23 -2.28 -13.01
N DPR F 10 -2.57 -3.01 -13.86
CA DPR F 10 -2.43 -2.66 -15.25
CB DPR F 10 -1.22 -3.37 -15.71
CG DPR F 10 -0.98 -4.52 -14.73
CD DPR F 10 -1.61 -4.06 -13.41
C DPR F 10 -2.38 -1.22 -15.77
O DPR F 10 -1.40 -0.52 -15.51
HA DPR F 10 -3.31 -3.08 -15.69
HB2 DPR F 10 -1.22 -3.76 -16.75
HB3 DPR F 10 -0.37 -2.64 -15.67
HG2 DPR F 10 -1.54 -5.44 -15.01
HG3 DPR F 10 0.01 -5.01 -14.76
HD2 DPR F 10 -2.13 -4.89 -12.90
HD3 DPR F 10 -0.76 -3.61 -12.85
N PRO F 11 -3.42 -0.72 -16.48
CA PRO F 11 -3.48 0.68 -16.88
C PRO F 11 -3.76 1.60 -15.72
N THR F 12 -4.27 1.08 -14.53
CA THR F 12 -4.93 1.87 -13.47
C THR F 12 -3.97 2.24 -12.42
N LYS F 13 -3.57 3.52 -12.38
CA LYS F 13 -2.81 4.09 -11.32
C LYS F 13 -3.61 4.47 -10.14
N VAL F 14 -3.12 4.12 -8.96
CA VAL F 14 -3.86 4.35 -7.77
C VAL F 14 -2.90 5.03 -6.83
N LYS F 15 -3.36 6.16 -6.16
CA LYS F 15 -2.60 6.89 -5.18
C LYS F 15 -3.37 7.01 -3.89
N VAL F 16 -2.74 6.81 -2.74
CA VAL F 16 -3.23 6.99 -1.42
C VAL F 16 -2.30 7.88 -0.61
N LYS F 17 -2.91 8.98 -0.09
CA LYS F 17 -2.24 9.88 0.83
C LYS F 17 -2.94 9.76 2.15
N VAL F 18 -2.23 9.60 3.29
CA VAL F 18 -2.81 9.91 4.57
C VAL F 18 -1.86 10.94 5.10
N LYS F 19 -2.49 12.12 5.41
CA LYS F 19 -1.80 13.28 6.02
C LYS F 19 -2.36 13.41 7.48
N VAL F 20 -1.56 13.05 8.46
CA VAL F 20 -1.73 13.27 9.88
C VAL F 20 -1.23 14.72 10.21
N NH2 F 21 -2.05 15.46 11.01
HN1 NH2 F 21 -1.84 16.41 11.24
HN2 NH2 F 21 -2.91 15.07 11.31
N VAL G 1 12.68 11.39 8.67
CA VAL G 1 12.73 9.87 8.82
C VAL G 1 11.74 9.29 7.76
N LYS G 2 12.11 8.21 7.03
CA LYS G 2 11.30 7.54 5.97
C LYS G 2 11.60 6.11 5.88
N VAL G 3 10.50 5.26 5.75
CA VAL G 3 10.60 3.93 5.32
C VAL G 3 10.15 3.82 3.86
N LYS G 4 10.96 3.26 3.00
CA LYS G 4 10.62 3.04 1.60
C LYS G 4 10.58 1.55 1.32
N VAL G 5 9.36 1.09 0.88
CA VAL G 5 9.06 -0.33 0.63
C VAL G 5 8.51 -0.38 -0.75
N LYS G 6 9.05 -1.29 -1.62
CA LYS G 6 8.41 -1.62 -2.95
C LYS G 6 8.48 -3.12 -3.26
N VAL G 7 7.51 -3.69 -3.95
CA VAL G 7 7.47 -5.09 -4.42
C VAL G 7 6.86 -5.13 -5.78
N LYS G 8 7.47 -5.88 -6.72
CA LYS G 8 7.11 -6.08 -8.12
C LYS G 8 6.46 -7.40 -8.18
N VAL G 9 5.12 -7.36 -8.58
CA VAL G 9 4.41 -8.63 -8.66
C VAL G 9 3.83 -8.85 -10.14
N DPR G 10 4.24 -9.90 -10.94
CA DPR G 10 4.04 -9.88 -12.42
CB DPR G 10 5.15 -10.82 -12.96
CG DPR G 10 5.13 -11.93 -11.88
CD DPR G 10 4.98 -11.07 -10.64
C DPR G 10 4.17 -8.49 -13.14
O DPR G 10 5.24 -7.95 -13.18
HA DPR G 10 3.05 -10.23 -12.63
HB2 DPR G 10 5.03 -11.17 -14.02
HB3 DPR G 10 6.12 -10.28 -12.93
HG2 DPR G 10 4.30 -12.66 -11.98
HG3 DPR G 10 6.04 -12.54 -11.78
HD2 DPR G 10 4.51 -11.73 -9.87
HD3 DPR G 10 5.99 -10.76 -10.33
N PRO G 11 3.13 -7.92 -13.76
CA PRO G 11 3.17 -6.58 -14.37
C PRO G 11 2.74 -5.54 -13.27
N THR G 12 2.47 -5.97 -11.98
CA THR G 12 1.91 -5.12 -10.94
C THR G 12 2.94 -4.43 -10.09
N LYS G 13 2.95 -3.08 -10.07
CA LYS G 13 4.11 -2.45 -9.51
C LYS G 13 3.56 -1.70 -8.24
N VAL G 14 4.09 -2.00 -7.04
CA VAL G 14 3.62 -1.38 -5.85
C VAL G 14 4.66 -0.43 -5.26
N LYS G 15 4.24 0.79 -4.84
CA LYS G 15 5.16 1.60 -4.01
C LYS G 15 4.51 1.98 -2.73
N VAL G 16 5.27 1.99 -1.61
CA VAL G 16 4.88 2.43 -0.30
C VAL G 16 5.96 3.27 0.35
N LYS G 17 5.76 4.61 0.63
CA LYS G 17 6.74 5.50 1.20
C LYS G 17 6.16 6.20 2.43
N VAL G 18 6.66 5.75 3.59
CA VAL G 18 6.08 5.99 4.94
C VAL G 18 7.04 6.77 5.74
N LYS G 19 6.53 7.87 6.31
CA LYS G 19 7.25 8.96 6.94
C LYS G 19 6.65 9.23 8.35
N VAL G 20 7.49 9.36 9.40
CA VAL G 20 7.03 9.17 10.81
C VAL G 20 7.68 10.14 11.77
N NH2 G 21 8.98 10.61 11.54
HN1 NH2 G 21 9.31 11.22 12.25
HN2 NH2 G 21 9.60 10.29 10.82
N VAL H 1 19.44 2.90 13.58
CA VAL H 1 18.39 2.07 13.00
C VAL H 1 18.44 2.17 11.44
N LYS H 2 18.70 1.09 10.81
CA LYS H 2 18.75 1.06 9.41
C LYS H 2 18.15 -0.28 9.03
N VAL H 3 17.44 -0.34 7.91
CA VAL H 3 17.21 -1.65 7.29
C VAL H 3 17.55 -1.59 5.87
N LYS H 4 18.22 -2.59 5.31
CA LYS H 4 18.38 -2.58 3.86
C LYS H 4 18.10 -3.97 3.42
N VAL H 5 17.08 -4.19 2.50
CA VAL H 5 16.74 -5.49 1.93
C VAL H 5 16.74 -5.29 0.39
N LYS H 6 17.46 -6.08 -0.35
CA LYS H 6 17.41 -6.03 -1.81
C LYS H 6 17.46 -7.50 -2.30
N VAL H 7 16.32 -8.02 -2.74
CA VAL H 7 16.26 -9.47 -2.90
C VAL H 7 15.31 -9.89 -4.03
N LYS H 8 15.50 -11.08 -4.57
CA LYS H 8 14.58 -11.65 -5.58
C LYS H 8 14.21 -13.03 -5.34
N VAL H 9 12.85 -13.29 -5.35
CA VAL H 9 12.26 -14.57 -4.97
C VAL H 9 11.10 -14.94 -5.90
N DPR H 10 10.79 -16.18 -6.21
CA DPR H 10 10.18 -16.58 -7.49
CB DPR H 10 10.78 -17.95 -7.77
CG DPR H 10 10.97 -18.60 -6.41
CD DPR H 10 11.51 -17.34 -5.68
C DPR H 10 10.42 -15.66 -8.74
O DPR H 10 11.55 -15.58 -9.15
HA DPR H 10 9.10 -16.66 -7.42
HB2 DPR H 10 10.13 -18.51 -8.48
HB3 DPR H 10 11.78 -17.76 -8.22
HG2 DPR H 10 9.96 -18.80 -5.99
HG3 DPR H 10 11.59 -19.52 -6.36
HD2 DPR H 10 11.44 -17.46 -4.58
HD3 DPR H 10 12.57 -17.14 -5.95
N PRO H 11 9.44 -15.00 -9.34
CA PRO H 11 9.76 -14.10 -10.50
C PRO H 11 9.48 -12.70 -9.95
N THR H 12 9.74 -12.41 -8.67
CA THR H 12 9.25 -11.13 -8.11
C THR H 12 10.53 -10.51 -7.59
N LYS H 13 10.49 -9.27 -7.14
CA LYS H 13 11.65 -8.49 -6.81
C LYS H 13 11.12 -7.61 -5.75
N VAL H 14 11.88 -7.51 -4.62
CA VAL H 14 11.47 -6.91 -3.39
C VAL H 14 12.62 -6.13 -2.85
N LYS H 15 12.37 -4.86 -2.38
CA LYS H 15 13.32 -3.86 -1.81
C LYS H 15 12.71 -3.14 -0.67
N VAL H 16 13.45 -3.00 0.45
CA VAL H 16 13.24 -2.23 1.69
C VAL H 16 14.50 -1.37 1.95
N LYS H 17 14.33 -0.04 2.11
CA LYS H 17 15.46 0.86 2.46
C LYS H 17 14.92 1.93 3.46
N VAL H 18 15.62 2.14 4.54
CA VAL H 18 15.20 3.04 5.59
C VAL H 18 16.21 4.18 5.76
N LYS H 19 15.76 5.42 5.67
CA LYS H 19 16.56 6.52 6.18
C LYS H 19 15.99 7.04 7.49
N VAL H 20 16.80 6.82 8.58
CA VAL H 20 16.48 7.21 9.92
C VAL H 20 17.48 8.34 10.28
N NH2 H 21 18.71 7.96 10.49
HN1 NH2 H 21 19.40 8.69 10.48
HN2 NH2 H 21 18.90 7.02 10.18
N VAL A 1 -13.19 -0.78 -14.80
CA VAL A 1 -12.41 -0.54 -13.49
C VAL A 1 -13.33 -0.30 -12.36
N LYS A 2 -13.20 -0.99 -11.22
CA LYS A 2 -13.98 -0.83 -10.03
C LYS A 2 -13.03 -0.66 -8.91
N VAL A 3 -13.20 0.49 -8.23
CA VAL A 3 -12.40 0.78 -7.05
C VAL A 3 -13.33 1.21 -5.98
N LYS A 4 -13.26 0.54 -4.80
CA LYS A 4 -13.91 0.80 -3.55
C LYS A 4 -12.96 1.51 -2.59
N VAL A 5 -13.48 2.61 -1.92
CA VAL A 5 -12.87 3.35 -0.88
C VAL A 5 -13.78 3.51 0.35
N LYS A 6 -13.28 2.92 1.46
CA LYS A 6 -13.92 3.23 2.75
C LYS A 6 -12.90 3.98 3.65
N VAL A 7 -13.35 4.91 4.53
CA VAL A 7 -12.58 5.42 5.62
C VAL A 7 -13.33 5.67 6.86
N LYS A 8 -12.59 5.57 8.05
CA LYS A 8 -13.15 6.07 9.27
C LYS A 8 -12.05 6.95 9.87
N VAL A 9 -12.23 8.28 10.07
CA VAL A 9 -11.16 9.25 10.36
C VAL A 9 -11.75 10.28 11.40
N DPR A 10 -11.31 10.32 12.70
CA DPR A 10 -12.06 10.85 13.80
CB DPR A 10 -11.42 10.27 15.08
CG DPR A 10 -10.03 9.93 14.62
CD DPR A 10 -10.22 9.50 13.25
C DPR A 10 -13.61 10.81 13.84
O DPR A 10 -14.11 9.72 14.10
HA DPR A 10 -11.74 11.88 13.88
HB2 DPR A 10 -11.43 11.02 15.90
HB3 DPR A 10 -11.99 9.41 15.46
HG2 DPR A 10 -9.44 10.88 14.58
HG3 DPR A 10 -9.45 9.22 15.25
HD2 DPR A 10 -9.26 9.46 12.69
HD3 DPR A 10 -10.55 8.44 13.14
N PRO A 11 -14.36 11.88 13.67
CA PRO A 11 -15.79 11.84 13.83
C PRO A 11 -16.50 11.39 12.55
N THR A 12 -15.80 11.43 11.41
CA THR A 12 -16.30 11.14 10.07
C THR A 12 -15.91 9.81 9.44
N LYS A 13 -16.76 9.32 8.51
CA LYS A 13 -16.60 8.06 7.88
C LYS A 13 -17.39 8.21 6.51
N VAL A 14 -16.95 7.47 5.48
CA VAL A 14 -17.51 7.40 4.17
C VAL A 14 -17.20 5.97 3.58
N LYS A 15 -18.12 5.50 2.78
CA LYS A 15 -17.98 4.31 1.96
C LYS A 15 -18.55 4.53 0.47
N VAL A 16 -17.67 4.43 -0.50
CA VAL A 16 -17.90 4.91 -1.84
C VAL A 16 -17.27 4.06 -2.92
N LYS A 17 -17.94 3.88 -4.02
CA LYS A 17 -17.55 3.13 -5.19
C LYS A 17 -17.09 4.11 -6.25
N VAL A 18 -15.99 3.82 -6.96
CA VAL A 18 -15.65 4.54 -8.17
C VAL A 18 -15.61 3.49 -9.27
N LYS A 19 -16.45 3.67 -10.35
CA LYS A 19 -16.50 2.82 -11.53
C LYS A 19 -15.99 3.75 -12.65
N VAL A 20 -15.02 3.18 -13.45
CA VAL A 20 -14.37 3.92 -14.53
C VAL A 20 -14.24 2.87 -15.66
N NH2 A 21 -14.67 3.09 -16.87
HN1 NH2 A 21 -14.69 2.30 -17.49
HN2 NH2 A 21 -15.19 3.95 -16.93
N VAL B 1 -5.49 -8.60 -13.02
CA VAL B 1 -4.87 -8.34 -11.71
C VAL B 1 -5.91 -7.71 -10.79
N LYS B 2 -5.99 -8.31 -9.56
CA LYS B 2 -6.78 -7.82 -8.52
C LYS B 2 -5.91 -7.55 -7.36
N VAL B 3 -6.13 -6.38 -6.65
CA VAL B 3 -5.28 -5.88 -5.54
C VAL B 3 -6.10 -5.37 -4.32
N LYS B 4 -5.65 -5.62 -3.10
CA LYS B 4 -6.13 -5.02 -1.91
C LYS B 4 -5.09 -4.23 -1.20
N VAL B 5 -5.51 -3.09 -0.57
CA VAL B 5 -4.82 -2.28 0.33
C VAL B 5 -5.68 -2.11 1.56
N LYS B 6 -5.07 -2.25 2.73
CA LYS B 6 -5.52 -1.59 3.95
C LYS B 6 -4.39 -0.73 4.56
N VAL B 7 -4.74 0.33 5.28
CA VAL B 7 -3.71 1.00 6.09
C VAL B 7 -4.29 1.44 7.42
N LYS B 8 -3.52 1.51 8.50
CA LYS B 8 -3.91 2.04 9.79
C LYS B 8 -2.89 3.12 10.30
N VAL B 9 -3.47 4.22 10.73
CA VAL B 9 -2.73 5.43 11.23
C VAL B 9 -3.34 5.85 12.48
N DPR B 10 -2.80 5.44 13.65
CA DPR B 10 -3.60 5.34 14.91
CB DPR B 10 -2.69 4.66 15.93
CG DPR B 10 -1.30 4.83 15.32
CD DPR B 10 -1.50 4.82 13.77
C DPR B 10 -5.09 5.02 14.80
O DPR B 10 -5.44 3.99 14.24
HA DPR B 10 -3.60 6.37 15.25
HB2 DPR B 10 -2.75 5.26 16.86
HB3 DPR B 10 -2.90 3.58 16.08
HG2 DPR B 10 -0.81 5.82 15.48
HG3 DPR B 10 -0.55 4.14 15.73
HD2 DPR B 10 -0.73 5.45 13.29
HD3 DPR B 10 -1.50 3.77 13.41
N PRO B 11 -6.03 5.82 15.15
CA PRO B 11 -7.46 5.57 14.93
C PRO B 11 -7.97 5.59 13.46
N THR B 12 -7.15 6.15 12.51
CA THR B 12 -7.67 6.27 11.18
C THR B 12 -7.38 5.08 10.32
N LYS B 13 -8.44 4.51 9.78
CA LYS B 13 -8.37 3.24 9.11
C LYS B 13 -8.94 3.44 7.66
N VAL B 14 -8.24 2.94 6.63
CA VAL B 14 -8.60 3.20 5.23
C VAL B 14 -8.48 1.81 4.50
N LYS B 15 -9.48 1.44 3.71
CA LYS B 15 -9.41 0.31 2.86
C LYS B 15 -9.78 0.59 1.41
N VAL B 16 -8.89 0.10 0.49
CA VAL B 16 -9.02 0.29 -0.95
C VAL B 16 -8.96 -1.08 -1.61
N LYS B 17 -9.91 -1.44 -2.51
CA LYS B 17 -9.99 -2.64 -3.23
C LYS B 17 -10.02 -2.25 -4.71
N VAL B 18 -9.06 -2.86 -5.44
CA VAL B 18 -8.87 -2.55 -6.83
C VAL B 18 -9.18 -3.77 -7.70
N LYS B 19 -10.08 -3.63 -8.76
CA LYS B 19 -10.19 -4.57 -9.89
C LYS B 19 -10.37 -3.84 -11.18
N VAL B 20 -10.09 -4.49 -12.36
CA VAL B 20 -9.90 -3.70 -13.59
C VAL B 20 -11.10 -4.19 -14.48
N NH2 B 21 -11.17 -5.51 -14.87
HN1 NH2 B 21 -12.09 -5.78 -15.16
HN2 NH2 B 21 -10.42 -6.15 -14.73
N VAL C 1 0.22 -16.21 -9.69
CA VAL C 1 1.22 -15.62 -8.73
C VAL C 1 0.56 -14.64 -7.86
N LYS C 2 0.90 -14.66 -6.54
CA LYS C 2 0.09 -14.09 -5.52
C LYS C 2 1.07 -13.81 -4.44
N VAL C 3 0.86 -12.55 -3.86
CA VAL C 3 1.81 -12.05 -2.88
C VAL C 3 1.06 -11.36 -1.78
N LYS C 4 1.50 -11.54 -0.46
CA LYS C 4 1.06 -10.75 0.70
C LYS C 4 2.22 -10.02 1.39
N VAL C 5 1.98 -8.69 1.61
CA VAL C 5 2.91 -7.72 2.36
C VAL C 5 2.23 -7.19 3.63
N LYS C 6 2.95 -7.27 4.79
CA LYS C 6 2.57 -6.56 6.03
C LYS C 6 3.71 -5.82 6.64
N VAL C 7 3.64 -4.51 6.83
CA VAL C 7 4.80 -3.72 7.21
C VAL C 7 4.37 -2.71 8.19
N LYS C 8 5.19 -2.63 9.26
CA LYS C 8 4.89 -1.78 10.40
C LYS C 8 6.14 -0.98 10.82
N VAL C 9 6.00 0.38 10.83
CA VAL C 9 7.04 1.31 11.19
C VAL C 9 6.48 2.47 11.99
N DPR C 10 7.21 3.12 13.02
CA DPR C 10 6.74 4.12 14.02
CB DPR C 10 7.62 3.78 15.23
CG DPR C 10 8.93 3.59 14.53
CD DPR C 10 8.59 2.68 13.33
C DPR C 10 5.27 3.90 14.39
O DPR C 10 4.94 2.79 14.80
HA DPR C 10 6.91 5.11 13.61
HB2 DPR C 10 7.70 4.47 16.10
HB3 DPR C 10 7.43 2.78 15.68
HG2 DPR C 10 9.21 4.62 14.25
HG3 DPR C 10 9.72 3.13 15.17
HD2 DPR C 10 9.15 2.85 12.38
HD3 DPR C 10 8.63 1.60 13.57
N PRO C 11 4.41 4.93 14.12
CA PRO C 11 3.02 4.70 14.31
C PRO C 11 2.21 4.73 13.00
N THR C 12 2.43 3.65 12.15
CA THR C 12 1.71 3.32 10.95
C THR C 12 1.81 1.80 10.71
N LYS C 13 0.71 1.17 10.30
CA LYS C 13 0.55 -0.14 9.69
C LYS C 13 0.01 -0.21 8.30
N VAL C 14 0.77 -0.83 7.39
CA VAL C 14 0.45 -0.93 5.91
C VAL C 14 0.35 -2.41 5.56
N LYS C 15 -0.75 -2.80 4.76
CA LYS C 15 -0.80 -4.19 4.30
C LYS C 15 -1.51 -4.23 2.93
N VAL C 16 -0.86 -4.82 2.02
CA VAL C 16 -1.09 -4.83 0.55
C VAL C 16 -1.04 -6.32 0.13
N LYS C 17 -2.16 -6.91 -0.40
CA LYS C 17 -2.22 -8.22 -0.97
C LYS C 17 -2.50 -8.19 -2.50
N VAL C 18 -1.79 -8.92 -3.30
CA VAL C 18 -1.79 -8.97 -4.79
C VAL C 18 -2.19 -10.32 -5.28
N LYS C 19 -3.09 -10.37 -6.25
CA LYS C 19 -3.38 -11.53 -6.97
C LYS C 19 -3.33 -11.23 -8.51
N VAL C 20 -2.45 -11.85 -9.30
CA VAL C 20 -2.28 -11.52 -10.73
C VAL C 20 -3.32 -12.24 -11.53
N NH2 C 21 -3.10 -13.53 -11.88
HN1 NH2 C 21 -3.89 -13.96 -12.33
HN2 NH2 C 21 -2.13 -13.78 -11.84
N VAL D 1 4.30 -23.69 -5.20
CA VAL D 1 5.57 -23.09 -4.69
C VAL D 1 5.56 -21.86 -3.79
N LYS D 2 6.29 -21.77 -2.65
CA LYS D 2 6.25 -20.68 -1.71
C LYS D 2 7.50 -20.40 -1.01
N VAL D 3 7.67 -19.14 -0.54
CA VAL D 3 8.78 -18.51 0.23
C VAL D 3 8.22 -17.39 1.17
N LYS D 4 8.99 -17.00 2.23
CA LYS D 4 8.69 -15.89 3.16
C LYS D 4 9.93 -15.15 3.37
N VAL D 5 9.94 -13.82 3.32
CA VAL D 5 11.11 -12.96 3.67
C VAL D 5 10.74 -12.01 4.78
N LYS D 6 11.49 -11.85 5.91
CA LYS D 6 11.13 -10.88 6.94
C LYS D 6 12.29 -10.23 7.57
N VAL D 7 12.08 -8.99 8.06
CA VAL D 7 13.20 -8.43 8.87
C VAL D 7 12.45 -7.80 10.10
N LYS D 8 12.97 -7.91 11.34
CA LYS D 8 12.39 -7.41 12.58
C LYS D 8 13.49 -6.73 13.32
N VAL D 9 13.52 -5.43 13.37
CA VAL D 9 14.53 -4.62 14.14
C VAL D 9 13.73 -3.73 15.12
N DPR D 10 13.53 -4.05 16.46
CA DPR D 10 12.61 -3.47 17.40
CB DPR D 10 12.27 -4.61 18.40
CG DPR D 10 13.57 -5.42 18.38
CD DPR D 10 14.05 -5.34 16.93
C DPR D 10 11.30 -2.88 16.72
O DPR D 10 10.47 -3.69 16.30
HA DPR D 10 13.07 -2.61 17.86
HB2 DPR D 10 11.94 -4.03 19.29
HB3 DPR D 10 11.44 -5.17 17.91
HG2 DPR D 10 14.27 -4.79 18.97
HG3 DPR D 10 13.60 -6.49 18.68
HD2 DPR D 10 15.15 -5.42 16.88
HD3 DPR D 10 13.46 -6.17 16.48
N PRO D 11 11.00 -1.63 16.72
CA PRO D 11 9.69 -1.19 16.17
C PRO D 11 9.55 -1.32 14.62
N THR D 12 10.57 -1.53 13.89
CA THR D 12 10.55 -1.66 12.47
C THR D 12 10.59 -3.11 12.10
N LYS D 13 9.40 -3.55 11.64
CA LYS D 13 9.22 -4.91 11.22
C LYS D 13 8.52 -5.08 9.83
N VAL D 14 9.06 -5.91 8.89
CA VAL D 14 8.55 -6.07 7.52
C VAL D 14 8.37 -7.54 7.31
N LYS D 15 7.24 -7.96 6.76
CA LYS D 15 6.95 -9.26 6.30
C LYS D 15 6.58 -9.28 4.82
N VAL D 16 7.26 -10.09 3.95
CA VAL D 16 6.67 -10.30 2.63
C VAL D 16 6.59 -11.80 2.33
N LYS D 17 5.52 -12.32 1.66
CA LYS D 17 5.46 -13.76 1.41
C LYS D 17 4.70 -14.05 0.09
N VAL D 18 5.35 -14.98 -0.61
CA VAL D 18 5.11 -15.10 -2.04
C VAL D 18 4.50 -16.51 -2.43
N LYS D 19 3.49 -16.59 -3.27
CA LYS D 19 2.89 -17.87 -3.64
C LYS D 19 3.10 -17.92 -5.13
N VAL D 20 3.74 -18.97 -5.68
CA VAL D 20 3.94 -19.26 -7.11
C VAL D 20 3.12 -20.62 -7.28
N NH2 D 21 1.88 -20.49 -7.84
HN1 NH2 D 21 1.29 -21.30 -7.79
HN2 NH2 D 21 1.52 -19.62 -8.18
N VAL E 1 -6.42 14.55 10.75
CA VAL E 1 -6.09 13.77 9.56
C VAL E 1 -6.87 14.19 8.26
N LYS E 2 -6.24 14.36 7.11
CA LYS E 2 -6.86 14.30 5.81
C LYS E 2 -6.31 13.12 4.99
N VAL E 3 -7.25 12.49 4.23
CA VAL E 3 -7.00 11.28 3.47
C VAL E 3 -7.37 11.62 2.02
N LYS E 4 -6.47 11.45 1.08
CA LYS E 4 -6.66 11.84 -0.37
C LYS E 4 -6.34 10.61 -1.13
N VAL E 5 -7.35 10.11 -1.93
CA VAL E 5 -7.25 8.91 -2.71
C VAL E 5 -7.50 9.24 -4.15
N LYS E 6 -6.46 9.22 -5.04
CA LYS E 6 -6.59 9.49 -6.43
C LYS E 6 -6.53 8.16 -7.28
N VAL E 7 -7.50 7.98 -8.18
CA VAL E 7 -7.51 6.91 -9.14
C VAL E 7 -7.52 7.62 -10.52
N LYS E 8 -6.60 7.08 -11.35
CA LYS E 8 -6.40 7.48 -12.74
C LYS E 8 -6.37 6.32 -13.68
N VAL E 9 -7.17 6.39 -14.80
CA VAL E 9 -7.20 5.31 -15.78
C VAL E 9 -7.14 6.10 -17.12
N DPR E 10 -6.28 5.86 -18.18
CA DPR E 10 -6.15 6.70 -19.38
CB DPR E 10 -4.68 6.48 -19.76
CG DPR E 10 -4.43 5.03 -19.32
CD DPR E 10 -5.21 4.97 -18.08
C DPR E 10 -6.54 8.22 -19.25
O DPR E 10 -5.89 8.76 -18.35
HA DPR E 10 -6.67 6.21 -20.18
HB2 DPR E 10 -4.43 6.74 -20.80
HB3 DPR E 10 -4.07 7.18 -19.14
HG2 DPR E 10 -4.72 4.45 -20.22
HG3 DPR E 10 -3.33 4.89 -19.21
HD2 DPR E 10 -5.53 3.91 -17.99
HD3 DPR E 10 -4.51 5.18 -17.25
N PRO E 11 -7.55 8.67 -19.91
CA PRO E 11 -7.99 10.03 -19.65
C PRO E 11 -9.22 10.00 -18.81
N THR E 12 -9.12 9.38 -17.65
CA THR E 12 -10.13 9.57 -16.57
C THR E 12 -9.47 9.77 -15.29
N LYS E 13 -9.73 10.94 -14.64
CA LYS E 13 -9.29 11.23 -13.29
C LYS E 13 -10.43 11.35 -12.29
N VAL E 14 -10.35 10.54 -11.22
CA VAL E 14 -11.10 10.63 -9.99
C VAL E 14 -10.15 10.75 -8.78
N LYS E 15 -10.29 11.92 -8.00
CA LYS E 15 -9.72 12.13 -6.63
C LYS E 15 -10.92 12.19 -5.63
N VAL E 16 -10.83 11.33 -4.61
CA VAL E 16 -11.68 11.08 -3.46
C VAL E 16 -10.92 11.81 -2.28
N LYS E 17 -11.17 13.11 -2.05
CA LYS E 17 -10.48 13.83 -0.97
C LYS E 17 -11.42 13.84 0.25
N VAL E 18 -10.89 13.39 1.38
CA VAL E 18 -11.60 13.15 2.60
C VAL E 18 -10.92 13.94 3.69
N LYS E 19 -11.75 14.65 4.55
CA LYS E 19 -11.15 15.45 5.71
C LYS E 19 -11.97 15.27 6.94
N VAL E 20 -11.38 15.53 8.13
CA VAL E 20 -12.15 15.86 9.39
C VAL E 20 -12.73 17.20 9.25
N NH2 E 21 -14.09 17.34 9.12
HN1 NH2 E 21 -14.42 18.25 8.90
HN2 NH2 E 21 -14.63 16.49 9.18
N VAL F 1 3.90 13.01 10.45
CA VAL F 1 3.63 11.65 9.99
C VAL F 1 2.84 11.65 8.73
N LYS F 2 3.42 11.20 7.62
CA LYS F 2 2.79 11.20 6.32
C LYS F 2 3.01 9.84 5.60
N VAL F 3 1.87 9.24 5.14
CA VAL F 3 1.82 8.00 4.45
C VAL F 3 1.39 8.08 3.00
N LYS F 4 2.08 7.37 2.09
CA LYS F 4 1.88 7.30 0.67
C LYS F 4 1.90 5.85 0.26
N VAL F 5 0.84 5.34 -0.39
CA VAL F 5 0.82 3.92 -0.89
C VAL F 5 0.30 4.01 -2.28
N LYS F 6 1.04 3.43 -3.21
CA LYS F 6 0.60 3.51 -4.59
C LYS F 6 0.58 2.11 -5.07
N VAL F 7 -0.26 1.89 -6.12
CA VAL F 7 -0.30 0.60 -6.85
C VAL F 7 -0.76 0.84 -8.30
N LYS F 8 0.04 0.25 -9.22
CA LYS F 8 -0.34 0.28 -10.63
C LYS F 8 -0.93 -1.09 -11.01
N VAL F 9 -2.24 -1.09 -11.39
CA VAL F 9 -2.90 -2.36 -11.73
C VAL F 9 -3.33 -2.32 -13.15
N DPR F 10 -2.77 -3.04 -14.10
CA DPR F 10 -2.85 -2.82 -15.54
CB DPR F 10 -1.57 -3.49 -16.09
CG DPR F 10 -1.37 -4.70 -15.19
CD DPR F 10 -1.67 -4.04 -13.81
C DPR F 10 -3.06 -1.35 -16.03
O DPR F 10 -2.07 -0.65 -15.80
HA DPR F 10 -3.76 -3.36 -15.77
HB2 DPR F 10 -1.76 -3.85 -17.12
HB3 DPR F 10 -0.74 -2.77 -15.96
HG2 DPR F 10 -1.96 -5.61 -15.41
HG3 DPR F 10 -0.26 -4.76 -15.19
HD2 DPR F 10 -1.99 -4.77 -13.04
HD3 DPR F 10 -0.77 -3.55 -13.42
N PRO F 11 -4.11 -0.87 -16.60
CA PRO F 11 -4.18 0.53 -16.96
C PRO F 11 -4.61 1.42 -15.76
N THR F 12 -4.85 0.91 -14.55
CA THR F 12 -5.24 1.83 -13.46
C THR F 12 -4.13 2.25 -12.52
N LYS F 13 -4.10 3.58 -12.26
CA LYS F 13 -3.03 4.12 -11.43
C LYS F 13 -3.62 4.68 -10.14
N VAL F 14 -3.32 4.01 -9.04
CA VAL F 14 -3.90 4.27 -7.76
C VAL F 14 -2.91 5.00 -6.85
N LYS F 15 -3.32 6.03 -6.19
CA LYS F 15 -2.48 6.74 -5.21
C LYS F 15 -3.35 6.89 -3.96
N VAL F 16 -2.86 6.57 -2.77
CA VAL F 16 -3.41 6.88 -1.47
C VAL F 16 -2.39 7.72 -0.73
N LYS F 17 -2.82 8.91 -0.16
CA LYS F 17 -2.07 9.74 0.73
C LYS F 17 -2.78 9.86 2.07
N VAL F 18 -2.21 9.46 3.23
CA VAL F 18 -2.82 9.81 4.50
C VAL F 18 -1.92 10.78 5.20
N LYS F 19 -2.45 11.98 5.41
CA LYS F 19 -1.74 13.06 6.03
C LYS F 19 -2.16 13.32 7.41
N VAL F 20 -1.21 13.31 8.39
CA VAL F 20 -1.61 13.63 9.71
C VAL F 20 -1.18 15.14 9.92
N NH2 F 21 -2.03 15.93 10.60
HN1 NH2 F 21 -1.85 16.91 10.77
HN2 NH2 F 21 -2.97 15.60 10.67
N VAL G 1 12.78 11.41 8.43
CA VAL G 1 12.81 9.93 8.70
C VAL G 1 11.95 9.23 7.63
N LYS G 2 12.49 8.24 6.87
CA LYS G 2 11.65 7.62 5.85
C LYS G 2 11.77 6.12 5.84
N VAL G 3 10.70 5.47 5.41
CA VAL G 3 10.66 4.03 5.19
C VAL G 3 10.06 3.72 3.92
N LYS G 4 10.86 3.01 3.05
CA LYS G 4 10.33 2.63 1.78
C LYS G 4 10.25 1.06 1.70
N VAL G 5 9.21 0.61 1.02
CA VAL G 5 9.05 -0.79 0.68
C VAL G 5 8.56 -0.74 -0.71
N LYS G 6 8.96 -1.59 -1.61
CA LYS G 6 8.33 -1.87 -2.90
C LYS G 6 8.45 -3.30 -3.39
N VAL G 7 7.62 -3.71 -4.29
CA VAL G 7 7.50 -5.04 -4.68
C VAL G 7 6.94 -5.03 -6.10
N LYS G 8 7.45 -5.97 -6.96
CA LYS G 8 6.93 -6.11 -8.36
C LYS G 8 6.42 -7.51 -8.52
N VAL G 9 5.28 -7.72 -9.16
CA VAL G 9 4.65 -9.09 -9.23
C VAL G 9 4.00 -9.11 -10.67
N DPR G 10 4.43 -9.83 -11.70
CA DPR G 10 4.29 -9.55 -13.13
CB DPR G 10 5.46 -10.22 -13.76
CG DPR G 10 5.89 -11.33 -12.81
CD DPR G 10 5.62 -10.70 -11.51
C DPR G 10 4.27 -7.97 -13.48
O DPR G 10 5.09 -7.17 -13.01
HA DPR G 10 3.36 -10.05 -13.35
HB2 DPR G 10 5.27 -10.63 -14.78
HB3 DPR G 10 6.28 -9.48 -13.83
HG2 DPR G 10 5.24 -12.22 -12.87
HG3 DPR G 10 6.98 -11.56 -12.95
HD2 DPR G 10 5.53 -11.43 -10.67
HD3 DPR G 10 6.53 -10.14 -11.22
N PRO G 11 3.30 -7.48 -14.24
CA PRO G 11 3.18 -6.05 -14.51
C PRO G 11 2.76 -5.25 -13.27
N THR G 12 2.39 -5.84 -12.07
CA THR G 12 1.85 -5.15 -10.94
C THR G 12 2.95 -4.40 -10.18
N LYS G 13 2.79 -3.03 -10.04
CA LYS G 13 3.80 -2.24 -9.40
C LYS G 13 3.30 -1.56 -8.13
N VAL G 14 3.93 -1.85 -7.00
CA VAL G 14 3.66 -1.38 -5.71
C VAL G 14 4.79 -0.45 -5.36
N LYS G 15 4.37 0.73 -4.77
CA LYS G 15 5.37 1.41 -3.99
C LYS G 15 4.65 1.82 -2.72
N VAL G 16 5.32 1.60 -1.57
CA VAL G 16 4.86 1.97 -0.25
C VAL G 16 5.91 2.92 0.33
N LYS G 17 5.48 4.08 0.78
CA LYS G 17 6.31 4.94 1.55
C LYS G 17 5.71 5.51 2.77
N VAL G 18 6.42 5.42 3.88
CA VAL G 18 5.97 6.11 5.00
C VAL G 18 7.09 7.11 5.39
N LYS G 19 6.66 8.29 5.91
CA LYS G 19 7.57 9.25 6.58
C LYS G 19 7.04 9.42 8.00
N VAL G 20 7.75 8.82 9.02
CA VAL G 20 7.25 8.77 10.43
C VAL G 20 7.82 9.86 11.36
N NH2 G 21 8.38 10.98 10.77
HN1 NH2 G 21 8.80 11.60 11.44
HN2 NH2 G 21 8.58 10.97 9.79
N VAL H 1 19.71 3.34 13.93
CA VAL H 1 18.88 2.31 13.45
C VAL H 1 18.82 2.31 11.91
N LYS H 2 19.06 1.18 11.15
CA LYS H 2 18.96 1.21 9.71
C LYS H 2 18.33 -0.12 9.24
N VAL H 3 17.65 -0.16 8.12
CA VAL H 3 17.29 -1.42 7.44
C VAL H 3 17.49 -1.32 6.01
N LYS H 4 18.16 -2.31 5.35
CA LYS H 4 18.25 -2.50 3.93
C LYS H 4 18.02 -3.89 3.44
N VAL H 5 17.04 -4.14 2.54
CA VAL H 5 16.82 -5.51 1.92
C VAL H 5 16.76 -5.23 0.41
N LYS H 6 17.61 -5.94 -0.37
CA LYS H 6 17.42 -6.01 -1.80
C LYS H 6 17.51 -7.47 -2.08
N VAL H 7 16.35 -8.11 -2.58
CA VAL H 7 16.25 -9.51 -2.80
C VAL H 7 15.31 -9.72 -4.06
N LYS H 8 15.48 -10.87 -4.72
CA LYS H 8 14.52 -11.40 -5.72
C LYS H 8 14.27 -12.84 -5.43
N VAL H 9 13.04 -13.29 -5.55
CA VAL H 9 12.65 -14.63 -5.24
C VAL H 9 11.66 -14.95 -6.26
N DPR H 10 11.38 -16.19 -6.58
CA DPR H 10 10.56 -16.61 -7.74
CB DPR H 10 10.95 -18.04 -7.98
CG DPR H 10 11.19 -18.60 -6.57
CD DPR H 10 11.70 -17.43 -5.85
C DPR H 10 10.62 -15.68 -8.92
O DPR H 10 11.79 -15.39 -9.23
HA DPR H 10 9.58 -16.73 -7.29
HB2 DPR H 10 10.17 -18.61 -8.51
HB3 DPR H 10 11.93 -18.03 -8.52
HG2 DPR H 10 10.29 -19.05 -6.10
HG3 DPR H 10 12.07 -19.28 -6.66
HD2 DPR H 10 11.26 -17.29 -4.84
HD3 DPR H 10 12.78 -17.52 -5.61
N PRO H 11 9.57 -15.13 -9.56
CA PRO H 11 9.70 -14.15 -10.58
C PRO H 11 9.27 -12.79 -9.98
N THR H 12 9.66 -12.48 -8.67
CA THR H 12 9.26 -11.27 -7.94
C THR H 12 10.50 -10.64 -7.39
N LYS H 13 10.54 -9.31 -7.51
CA LYS H 13 11.64 -8.54 -7.02
C LYS H 13 11.15 -7.53 -5.98
N VAL H 14 11.80 -7.45 -4.85
CA VAL H 14 11.26 -6.97 -3.56
C VAL H 14 12.43 -6.12 -2.96
N LYS H 15 12.20 -4.89 -2.63
CA LYS H 15 13.21 -4.01 -1.98
C LYS H 15 12.65 -3.16 -0.81
N VAL H 16 13.42 -3.06 0.30
CA VAL H 16 13.07 -2.42 1.57
C VAL H 16 14.23 -1.50 1.85
N LYS H 17 14.02 -0.21 2.15
CA LYS H 17 15.11 0.71 2.61
C LYS H 17 14.64 1.68 3.67
N VAL H 18 15.36 1.83 4.75
CA VAL H 18 14.90 2.67 5.86
C VAL H 18 15.97 3.69 6.10
N LYS H 19 15.60 4.96 6.43
CA LYS H 19 16.68 5.93 6.57
C LYS H 19 16.24 6.82 7.65
N VAL H 20 17.08 6.94 8.72
CA VAL H 20 16.75 7.67 9.87
C VAL H 20 17.50 9.08 9.97
N NH2 H 21 18.90 9.00 10.11
HN1 NH2 H 21 19.44 9.84 10.05
HN2 NH2 H 21 19.42 8.16 10.02
N VAL A 1 -13.54 -0.49 -14.64
CA VAL A 1 -12.75 -0.47 -13.37
C VAL A 1 -13.63 -0.04 -12.16
N LYS A 2 -13.63 -0.85 -11.12
CA LYS A 2 -14.39 -0.54 -9.95
C LYS A 2 -13.34 -0.39 -8.82
N VAL A 3 -13.36 0.69 -8.03
CA VAL A 3 -12.51 0.87 -6.83
C VAL A 3 -13.41 1.29 -5.68
N LYS A 4 -13.22 0.59 -4.48
CA LYS A 4 -14.14 0.73 -3.39
C LYS A 4 -13.28 1.31 -2.29
N VAL A 5 -13.61 2.55 -1.82
CA VAL A 5 -12.84 3.22 -0.80
C VAL A 5 -13.77 3.48 0.37
N LYS A 6 -13.16 3.14 1.60
CA LYS A 6 -13.84 3.37 2.83
C LYS A 6 -12.88 3.84 3.87
N VAL A 7 -13.26 4.76 4.73
CA VAL A 7 -12.45 5.22 5.79
C VAL A 7 -13.22 5.84 6.83
N LYS A 8 -12.75 5.62 8.10
CA LYS A 8 -13.16 6.30 9.32
C LYS A 8 -11.95 7.06 9.94
N VAL A 9 -12.13 8.32 10.20
CA VAL A 9 -11.11 9.29 10.45
C VAL A 9 -11.75 10.32 11.44
N DPR A 10 -11.30 10.34 12.69
CA DPR A 10 -12.02 10.93 13.83
CB DPR A 10 -11.28 10.31 15.05
CG DPR A 10 -9.84 10.40 14.53
CD DPR A 10 -9.88 10.03 13.07
C DPR A 10 -13.57 10.76 13.83
O DPR A 10 -13.99 9.68 14.12
HA DPR A 10 -11.81 11.98 13.78
HB2 DPR A 10 -11.45 10.94 15.95
HB3 DPR A 10 -11.69 9.27 15.12
HG2 DPR A 10 -9.56 11.47 14.66
HG3 DPR A 10 -9.18 9.72 15.11
HD2 DPR A 10 -9.10 10.42 12.39
HD3 DPR A 10 -9.71 8.93 13.01
N PRO A 11 -14.41 11.76 13.56
CA PRO A 11 -15.84 11.58 13.82
C PRO A 11 -16.67 11.34 12.57
N THR A 12 -15.94 11.45 11.46
CA THR A 12 -16.47 11.41 10.12
C THR A 12 -16.06 10.07 9.51
N LYS A 13 -16.82 9.57 8.47
CA LYS A 13 -16.62 8.30 7.80
C LYS A 13 -17.14 8.44 6.40
N VAL A 14 -16.72 7.58 5.43
CA VAL A 14 -17.25 7.47 4.11
C VAL A 14 -17.19 5.98 3.70
N LYS A 15 -18.07 5.60 2.73
CA LYS A 15 -17.96 4.44 1.91
C LYS A 15 -18.39 4.83 0.47
N VAL A 16 -17.65 4.58 -0.62
CA VAL A 16 -17.91 5.05 -1.96
C VAL A 16 -17.33 4.14 -3.03
N LYS A 17 -18.07 3.97 -4.08
CA LYS A 17 -17.64 3.18 -5.20
C LYS A 17 -17.39 4.03 -6.49
N VAL A 18 -16.10 4.11 -6.85
CA VAL A 18 -15.70 4.72 -8.15
C VAL A 18 -15.76 3.71 -9.23
N LYS A 19 -16.47 4.01 -10.39
CA LYS A 19 -16.62 3.15 -11.56
C LYS A 19 -16.11 3.93 -12.78
N VAL A 20 -14.99 3.51 -13.46
CA VAL A 20 -14.30 4.23 -14.50
C VAL A 20 -14.10 3.15 -15.54
N NH2 A 21 -14.70 3.30 -16.73
HN1 NH2 A 21 -14.68 2.48 -17.30
HN2 NH2 A 21 -15.47 3.92 -16.87
N VAL B 1 -5.35 -8.81 -13.12
CA VAL B 1 -4.74 -8.59 -11.82
C VAL B 1 -5.71 -7.96 -10.89
N LYS B 2 -5.76 -8.43 -9.61
CA LYS B 2 -6.67 -8.02 -8.59
C LYS B 2 -5.72 -7.56 -7.46
N VAL B 3 -6.20 -6.54 -6.67
CA VAL B 3 -5.36 -5.94 -5.61
C VAL B 3 -6.26 -5.52 -4.40
N LYS B 4 -5.83 -5.83 -3.16
CA LYS B 4 -6.39 -5.34 -1.95
C LYS B 4 -5.30 -4.58 -1.08
N VAL B 5 -5.63 -3.48 -0.51
CA VAL B 5 -4.79 -2.62 0.25
C VAL B 5 -5.57 -2.29 1.56
N LYS B 6 -4.82 -2.24 2.75
CA LYS B 6 -5.39 -1.50 3.88
C LYS B 6 -4.13 -0.77 4.48
N VAL B 7 -4.48 0.38 5.09
CA VAL B 7 -3.56 1.13 5.86
C VAL B 7 -4.25 1.57 7.18
N LYS B 8 -3.48 1.51 8.27
CA LYS B 8 -3.94 1.96 9.57
C LYS B 8 -2.88 2.93 10.09
N VAL B 9 -3.25 4.16 10.56
CA VAL B 9 -2.41 5.22 11.12
C VAL B 9 -3.06 5.60 12.42
N DPR B 10 -2.57 5.33 13.65
CA DPR B 10 -3.44 5.37 14.89
CB DPR B 10 -2.63 4.57 15.96
CG DPR B 10 -1.15 4.79 15.52
CD DPR B 10 -1.21 4.96 13.94
C DPR B 10 -4.92 4.91 14.69
O DPR B 10 -5.13 3.87 14.05
HA DPR B 10 -3.43 6.41 15.13
HB2 DPR B 10 -2.81 4.96 16.99
HB3 DPR B 10 -2.90 3.50 15.81
HG2 DPR B 10 -0.72 5.74 15.91
HG3 DPR B 10 -0.52 3.93 15.84
HD2 DPR B 10 -0.54 5.79 13.63
HD3 DPR B 10 -1.05 3.98 13.43
N PRO B 11 -5.91 5.65 15.15
CA PRO B 11 -7.29 5.37 14.83
C PRO B 11 -7.71 5.38 13.42
N THR B 12 -7.16 6.24 12.50
CA THR B 12 -7.55 6.39 11.10
C THR B 12 -7.18 5.12 10.34
N LYS B 13 -8.25 4.43 9.83
CA LYS B 13 -8.24 3.20 9.19
C LYS B 13 -8.90 3.34 7.81
N VAL B 14 -8.07 3.00 6.74
CA VAL B 14 -8.49 3.19 5.38
C VAL B 14 -8.39 1.81 4.50
N LYS B 15 -9.42 1.36 3.76
CA LYS B 15 -9.43 0.25 2.91
C LYS B 15 -9.68 0.60 1.45
N VAL B 16 -8.80 0.04 0.59
CA VAL B 16 -8.96 0.13 -0.91
C VAL B 16 -9.04 -1.24 -1.65
N LYS B 17 -10.06 -1.58 -2.44
CA LYS B 17 -10.19 -2.78 -3.14
C LYS B 17 -10.36 -2.41 -4.60
N VAL B 18 -9.47 -2.99 -5.45
CA VAL B 18 -9.24 -2.54 -6.80
C VAL B 18 -9.57 -3.72 -7.64
N LYS B 19 -10.53 -3.56 -8.63
CA LYS B 19 -10.61 -4.51 -9.67
C LYS B 19 -10.49 -3.71 -10.97
N VAL B 20 -9.91 -4.36 -11.97
CA VAL B 20 -9.73 -3.76 -13.28
C VAL B 20 -10.87 -4.27 -14.22
N NH2 B 21 -10.95 -5.60 -14.62
HN1 NH2 B 21 -11.79 -5.73 -15.15
HN2 NH2 B 21 -10.16 -6.22 -14.65
N VAL C 1 0.80 -16.35 -9.43
CA VAL C 1 1.64 -15.37 -8.76
C VAL C 1 0.79 -14.46 -7.89
N LYS C 2 1.09 -14.41 -6.62
CA LYS C 2 0.23 -13.87 -5.64
C LYS C 2 1.18 -13.50 -4.55
N VAL C 3 0.96 -12.37 -3.92
CA VAL C 3 1.90 -11.81 -2.95
C VAL C 3 1.11 -11.13 -1.88
N LYS C 4 1.58 -11.35 -0.64
CA LYS C 4 1.21 -10.67 0.61
C LYS C 4 2.35 -9.98 1.32
N VAL C 5 2.14 -8.69 1.53
CA VAL C 5 3.15 -7.78 2.23
C VAL C 5 2.39 -7.34 3.48
N LYS C 6 2.89 -7.52 4.72
CA LYS C 6 2.53 -6.75 5.91
C LYS C 6 3.71 -5.95 6.54
N VAL C 7 3.59 -4.66 6.75
CA VAL C 7 4.72 -3.81 7.15
C VAL C 7 4.25 -2.73 8.15
N LYS C 8 5.03 -2.77 9.31
CA LYS C 8 4.66 -2.12 10.52
C LYS C 8 5.78 -1.21 10.91
N VAL C 9 5.61 0.11 10.73
CA VAL C 9 6.68 1.02 11.13
C VAL C 9 6.15 2.13 11.99
N DPR C 10 6.88 2.71 12.88
CA DPR C 10 6.48 3.74 13.81
CB DPR C 10 7.57 3.68 14.93
CG DPR C 10 8.86 3.40 14.11
CD DPR C 10 8.32 2.33 13.16
C DPR C 10 5.00 3.80 14.26
O DPR C 10 4.52 2.75 14.66
HA DPR C 10 6.50 4.65 13.23
HB2 DPR C 10 7.61 4.60 15.54
HB3 DPR C 10 7.42 2.74 15.50
HG2 DPR C 10 8.99 4.37 13.61
HG3 DPR C 10 9.71 3.00 14.72
HD2 DPR C 10 8.76 2.44 12.14
HD3 DPR C 10 8.32 1.30 13.58
N PRO C 11 4.17 4.82 14.15
CA PRO C 11 2.78 4.68 14.32
C PRO C 11 2.08 4.60 12.97
N THR C 12 2.27 3.50 12.20
CA THR C 12 1.78 3.27 10.82
C THR C 12 1.92 1.75 10.49
N LYS C 13 0.81 1.17 9.94
CA LYS C 13 0.65 -0.23 9.52
C LYS C 13 -0.03 -0.41 8.19
N VAL C 14 0.70 -0.96 7.24
CA VAL C 14 0.35 -1.05 5.76
C VAL C 14 0.41 -2.48 5.32
N LYS C 15 -0.70 -3.02 4.78
CA LYS C 15 -0.54 -4.40 4.19
C LYS C 15 -1.18 -4.28 2.85
N VAL C 16 -0.71 -5.11 1.89
CA VAL C 16 -0.97 -5.07 0.48
C VAL C 16 -1.05 -6.54 0.05
N LYS C 17 -2.05 -6.89 -0.77
CA LYS C 17 -2.26 -8.21 -1.24
C LYS C 17 -2.56 -8.17 -2.69
N VAL C 18 -1.74 -8.82 -3.53
CA VAL C 18 -1.74 -8.82 -5.00
C VAL C 18 -2.03 -10.17 -5.50
N LYS C 19 -2.96 -10.27 -6.50
CA LYS C 19 -3.31 -11.53 -7.07
C LYS C 19 -3.21 -11.44 -8.60
N VAL C 20 -2.37 -12.09 -9.32
CA VAL C 20 -2.19 -11.79 -10.80
C VAL C 20 -3.31 -12.50 -11.60
N NH2 C 21 -3.25 -13.83 -11.59
HN1 NH2 C 21 -4.00 -14.23 -12.12
HN2 NH2 C 21 -2.38 -14.26 -11.36
N VAL D 1 4.63 -23.76 -5.15
CA VAL D 1 5.96 -23.06 -4.67
C VAL D 1 5.78 -21.78 -3.81
N LYS D 2 6.39 -21.78 -2.63
CA LYS D 2 6.13 -20.69 -1.71
C LYS D 2 7.27 -20.33 -0.81
N VAL D 3 7.37 -19.04 -0.43
CA VAL D 3 8.51 -18.52 0.37
C VAL D 3 8.14 -17.40 1.30
N LYS D 4 8.88 -17.20 2.43
CA LYS D 4 8.60 -16.09 3.38
C LYS D 4 9.86 -15.33 3.72
N VAL D 5 9.91 -14.00 3.40
CA VAL D 5 11.12 -13.17 3.63
C VAL D 5 10.78 -12.07 4.68
N LYS D 6 11.54 -11.95 5.82
CA LYS D 6 11.22 -11.04 6.95
C LYS D 6 12.42 -10.40 7.61
N VAL D 7 12.26 -9.14 8.10
CA VAL D 7 13.29 -8.56 8.93
C VAL D 7 12.52 -7.84 9.99
N LYS D 8 13.12 -7.67 11.19
CA LYS D 8 12.42 -7.10 12.33
C LYS D 8 13.57 -6.33 13.05
N VAL D 9 13.50 -5.00 13.29
CA VAL D 9 14.52 -4.28 14.06
C VAL D 9 13.63 -3.57 15.01
N DPR D 10 13.59 -3.71 16.34
CA DPR D 10 12.67 -3.15 17.29
CB DPR D 10 12.62 -4.17 18.42
CG DPR D 10 14.00 -4.82 18.41
CD DPR D 10 14.40 -4.80 16.92
C DPR D 10 11.28 -2.86 16.74
O DPR D 10 10.61 -3.81 16.32
HA DPR D 10 13.08 -2.22 17.64
HB2 DPR D 10 12.30 -3.60 19.31
HB3 DPR D 10 11.89 -4.96 18.11
HG2 DPR D 10 14.70 -4.19 18.99
HG3 DPR D 10 14.05 -5.88 18.76
HD2 DPR D 10 15.49 -4.69 16.68
HD3 DPR D 10 13.88 -5.74 16.63
N PRO D 11 10.74 -1.61 16.57
CA PRO D 11 9.44 -1.37 16.01
C PRO D 11 9.30 -1.56 14.50
N THR D 12 10.40 -1.65 13.82
CA THR D 12 10.49 -1.63 12.33
C THR D 12 10.37 -3.00 11.94
N LYS D 13 9.20 -3.44 11.66
CA LYS D 13 9.02 -4.79 11.12
C LYS D 13 8.30 -5.02 9.77
N VAL D 14 8.82 -5.95 8.95
CA VAL D 14 8.40 -6.19 7.57
C VAL D 14 8.32 -7.69 7.37
N LYS D 15 7.19 -8.17 6.71
CA LYS D 15 7.08 -9.50 6.21
C LYS D 15 6.54 -9.48 4.79
N VAL D 16 7.18 -10.24 3.91
CA VAL D 16 6.61 -10.45 2.56
C VAL D 16 6.50 -11.96 2.32
N LYS D 17 5.30 -12.60 2.07
CA LYS D 17 5.23 -13.98 1.63
C LYS D 17 4.55 -14.07 0.27
N VAL D 18 5.16 -14.90 -0.59
CA VAL D 18 4.90 -14.93 -2.03
C VAL D 18 4.37 -16.29 -2.39
N LYS D 19 3.24 -16.46 -3.14
CA LYS D 19 2.77 -17.82 -3.58
C LYS D 19 2.93 -17.87 -5.09
N VAL D 20 3.65 -18.89 -5.64
CA VAL D 20 3.54 -19.46 -6.99
C VAL D 20 3.11 -20.93 -7.07
N NH2 D 21 1.78 -21.11 -7.19
HN1 NH2 D 21 1.52 -22.03 -7.47
HN2 NH2 D 21 1.27 -20.27 -7.41
N VAL E 1 -6.38 14.56 10.79
CA VAL E 1 -5.92 13.77 9.55
C VAL E 1 -6.84 13.92 8.32
N LYS E 2 -6.18 13.94 7.12
CA LYS E 2 -6.84 14.00 5.81
C LYS E 2 -6.54 12.79 4.97
N VAL E 3 -7.54 12.09 4.43
CA VAL E 3 -7.43 10.96 3.62
C VAL E 3 -7.71 11.41 2.16
N LYS E 4 -6.65 11.40 1.24
CA LYS E 4 -6.94 11.72 -0.18
C LYS E 4 -6.53 10.62 -1.11
N VAL E 5 -7.51 10.19 -1.95
CA VAL E 5 -7.33 9.05 -2.73
C VAL E 5 -7.61 9.37 -4.17
N LYS E 6 -6.60 9.17 -5.11
CA LYS E 6 -6.74 9.54 -6.55
C LYS E 6 -6.56 8.24 -7.30
N VAL E 7 -7.29 8.15 -8.43
CA VAL E 7 -7.30 6.96 -9.27
C VAL E 7 -7.51 7.48 -10.72
N LYS E 8 -6.57 7.00 -11.56
CA LYS E 8 -6.40 7.43 -12.98
C LYS E 8 -6.35 6.28 -13.90
N VAL E 9 -7.14 6.31 -14.99
CA VAL E 9 -7.14 5.21 -15.94
C VAL E 9 -6.99 5.91 -17.31
N DPR E 10 -6.01 5.84 -18.21
CA DPR E 10 -5.75 6.75 -19.28
CB DPR E 10 -4.23 6.72 -19.47
CG DPR E 10 -3.92 5.26 -19.20
CD DPR E 10 -4.84 5.04 -18.06
C DPR E 10 -6.34 8.22 -19.09
O DPR E 10 -5.93 8.89 -18.14
HA DPR E 10 -6.22 6.43 -20.20
HB2 DPR E 10 -3.84 7.10 -20.44
HB3 DPR E 10 -3.66 7.40 -18.80
HG2 DPR E 10 -4.17 4.67 -20.11
HG3 DPR E 10 -2.88 5.09 -18.86
HD2 DPR E 10 -5.06 3.96 -18.06
HD3 DPR E 10 -4.28 5.27 -17.12
N PRO E 11 -7.24 8.71 -19.90
CA PRO E 11 -7.76 10.09 -19.82
C PRO E 11 -8.93 10.17 -18.86
N THR E 12 -9.14 9.25 -17.82
CA THR E 12 -10.09 9.53 -16.76
C THR E 12 -9.50 9.47 -15.35
N LYS E 13 -9.65 10.61 -14.60
CA LYS E 13 -8.98 10.97 -13.36
C LYS E 13 -10.13 11.25 -12.39
N VAL E 14 -10.09 10.64 -11.18
CA VAL E 14 -10.98 10.83 -10.08
C VAL E 14 -10.21 10.98 -8.78
N LYS E 15 -10.57 12.02 -8.06
CA LYS E 15 -10.05 12.19 -6.67
C LYS E 15 -11.29 12.15 -5.69
N VAL E 16 -11.10 11.38 -4.55
CA VAL E 16 -11.99 11.40 -3.40
C VAL E 16 -11.14 11.89 -2.25
N LYS E 17 -11.51 13.03 -1.69
CA LYS E 17 -10.92 13.80 -0.63
C LYS E 17 -11.87 13.80 0.59
N VAL E 18 -11.28 13.33 1.71
CA VAL E 18 -12.00 13.15 2.90
C VAL E 18 -11.33 13.94 4.03
N LYS E 19 -12.09 14.75 4.90
CA LYS E 19 -11.41 15.56 5.89
C LYS E 19 -12.25 15.60 7.10
N VAL E 20 -11.54 15.75 8.23
CA VAL E 20 -12.19 16.16 9.48
C VAL E 20 -12.38 17.65 9.37
N NH2 E 21 -13.65 18.09 9.19
HN1 NH2 E 21 -13.70 19.07 9.09
HN2 NH2 E 21 -14.30 17.33 9.14
N VAL F 1 3.60 13.17 10.57
CA VAL F 1 3.58 11.77 9.97
C VAL F 1 2.77 11.84 8.71
N LYS F 2 3.28 11.28 7.58
CA LYS F 2 2.55 11.27 6.32
C LYS F 2 2.79 9.92 5.70
N VAL F 3 1.75 9.14 5.19
CA VAL F 3 1.93 7.89 4.52
C VAL F 3 1.54 8.10 3.11
N LYS F 4 2.32 7.49 2.15
CA LYS F 4 2.15 7.51 0.75
C LYS F 4 2.14 6.04 0.30
N VAL F 5 1.03 5.55 -0.28
CA VAL F 5 0.84 4.12 -0.70
C VAL F 5 0.40 4.18 -2.22
N LYS F 6 1.03 3.48 -3.12
CA LYS F 6 0.87 3.61 -4.53
C LYS F 6 0.78 2.23 -5.12
N VAL F 7 -0.21 2.05 -6.09
CA VAL F 7 -0.31 0.83 -6.87
C VAL F 7 -0.81 0.96 -8.33
N LYS F 8 -0.05 0.32 -9.21
CA LYS F 8 -0.51 0.24 -10.55
C LYS F 8 -1.06 -1.10 -10.97
N VAL F 9 -2.33 -1.23 -11.36
CA VAL F 9 -2.88 -2.49 -11.62
C VAL F 9 -3.28 -2.47 -13.10
N DPR F 10 -2.88 -3.32 -14.04
CA DPR F 10 -3.01 -3.12 -15.49
CB DPR F 10 -1.84 -3.97 -16.04
CG DPR F 10 -1.84 -5.15 -15.16
CD DPR F 10 -1.89 -4.37 -13.76
C DPR F 10 -2.99 -1.71 -16.04
O DPR F 10 -1.92 -1.11 -16.03
HA DPR F 10 -3.91 -3.58 -15.85
HB2 DPR F 10 -2.04 -4.14 -17.11
HB3 DPR F 10 -0.87 -3.42 -16.05
HG2 DPR F 10 -2.86 -5.57 -15.27
HG3 DPR F 10 -0.99 -5.86 -15.20
HD2 DPR F 10 -2.19 -5.14 -13.01
HD3 DPR F 10 -0.85 -3.97 -13.64
N PRO F 11 -4.00 -0.98 -16.59
CA PRO F 11 -3.95 0.47 -16.97
C PRO F 11 -4.15 1.42 -15.75
N THR F 12 -4.73 0.89 -14.65
CA THR F 12 -5.18 1.74 -13.56
C THR F 12 -4.04 2.16 -12.59
N LYS F 13 -3.99 3.49 -12.17
CA LYS F 13 -2.96 3.99 -11.26
C LYS F 13 -3.67 4.59 -10.02
N VAL F 14 -3.40 4.14 -8.83
CA VAL F 14 -4.05 4.57 -7.65
C VAL F 14 -3.04 5.11 -6.67
N LYS F 15 -3.32 6.31 -6.09
CA LYS F 15 -2.50 6.85 -5.07
C LYS F 15 -3.41 7.06 -3.88
N VAL F 16 -2.94 6.69 -2.69
CA VAL F 16 -3.36 6.87 -1.38
C VAL F 16 -2.38 7.71 -0.63
N LYS F 17 -2.94 8.81 -0.03
CA LYS F 17 -2.21 9.71 0.87
C LYS F 17 -3.02 9.74 2.20
N VAL F 18 -2.40 9.24 3.34
CA VAL F 18 -2.98 9.49 4.67
C VAL F 18 -2.05 10.56 5.25
N LYS F 19 -2.62 11.82 5.34
CA LYS F 19 -1.80 12.90 5.85
C LYS F 19 -2.23 13.27 7.24
N VAL F 20 -1.36 13.18 8.28
CA VAL F 20 -1.60 13.53 9.65
C VAL F 20 -1.08 15.01 9.92
N NH2 F 21 -1.97 15.91 10.34
HN1 NH2 F 21 -1.76 16.82 10.69
HN2 NH2 F 21 -2.94 15.82 10.10
N VAL G 1 12.71 11.51 8.23
CA VAL G 1 12.85 10.04 8.43
C VAL G 1 11.86 9.39 7.49
N LYS G 2 12.39 8.69 6.45
CA LYS G 2 11.67 7.89 5.50
C LYS G 2 11.88 6.36 5.60
N VAL G 3 10.79 5.68 5.37
CA VAL G 3 10.71 4.28 5.03
C VAL G 3 10.26 4.10 3.62
N LYS G 4 10.91 3.30 2.81
CA LYS G 4 10.44 2.82 1.55
C LYS G 4 10.21 1.33 1.65
N VAL G 5 9.14 0.81 1.12
CA VAL G 5 9.03 -0.64 0.83
C VAL G 5 8.54 -0.65 -0.62
N LYS G 6 8.87 -1.72 -1.35
CA LYS G 6 8.39 -1.89 -2.75
C LYS G 6 8.57 -3.31 -3.36
N VAL G 7 7.87 -3.56 -4.48
CA VAL G 7 7.78 -4.88 -5.05
C VAL G 7 7.19 -4.92 -6.45
N LYS G 8 7.73 -5.87 -7.29
CA LYS G 8 7.28 -6.07 -8.65
C LYS G 8 6.69 -7.43 -8.81
N VAL G 9 5.40 -7.58 -9.15
CA VAL G 9 4.71 -8.86 -9.04
C VAL G 9 4.12 -9.06 -10.47
N DPR G 10 4.67 -9.85 -11.45
CA DPR G 10 4.50 -9.72 -12.93
CB DPR G 10 5.93 -10.28 -13.34
CG DPR G 10 6.22 -11.39 -12.34
CD DPR G 10 5.84 -10.67 -11.08
C DPR G 10 4.27 -8.29 -13.44
O DPR G 10 5.22 -7.49 -13.42
HA DPR G 10 3.72 -10.29 -13.41
HB2 DPR G 10 5.94 -10.83 -14.32
HB3 DPR G 10 6.61 -9.42 -13.42
HG2 DPR G 10 5.61 -12.33 -12.39
HG3 DPR G 10 7.27 -11.71 -12.49
HD2 DPR G 10 5.49 -11.38 -10.31
HD3 DPR G 10 6.63 -10.00 -10.69
N PRO G 11 3.13 -7.81 -13.94
CA PRO G 11 3.02 -6.46 -14.39
C PRO G 11 2.65 -5.53 -13.29
N THR G 12 2.54 -5.94 -12.01
CA THR G 12 1.98 -5.14 -10.89
C THR G 12 3.09 -4.39 -10.13
N LYS G 13 2.93 -3.10 -9.98
CA LYS G 13 3.95 -2.40 -9.24
C LYS G 13 3.36 -1.79 -8.00
N VAL G 14 3.92 -2.06 -6.72
CA VAL G 14 3.48 -1.41 -5.54
C VAL G 14 4.69 -0.65 -5.05
N LYS G 15 4.56 0.53 -4.37
CA LYS G 15 5.62 1.24 -3.74
C LYS G 15 4.97 1.87 -2.54
N VAL G 16 5.56 1.84 -1.36
CA VAL G 16 5.00 2.29 -0.14
C VAL G 16 6.13 3.12 0.41
N LYS G 17 5.73 4.34 0.86
CA LYS G 17 6.67 5.28 1.48
C LYS G 17 6.02 5.84 2.66
N VAL G 18 6.71 5.79 3.78
CA VAL G 18 6.19 6.20 5.08
C VAL G 18 7.18 7.30 5.43
N LYS G 19 6.62 8.44 5.89
CA LYS G 19 7.44 9.45 6.57
C LYS G 19 6.90 9.61 8.05
N VAL G 20 7.71 9.15 9.04
CA VAL G 20 7.31 9.16 10.43
C VAL G 20 7.86 10.37 11.22
N NH2 G 21 8.88 11.17 10.79
HN1 NH2 G 21 9.19 11.84 11.45
HN2 NH2 G 21 9.48 10.63 10.20
N VAL H 1 19.24 3.61 13.81
CA VAL H 1 18.72 2.30 13.38
C VAL H 1 18.65 2.27 11.77
N LYS H 2 18.94 1.14 11.09
CA LYS H 2 18.90 1.00 9.65
C LYS H 2 18.31 -0.38 9.21
N VAL H 3 17.49 -0.36 8.18
CA VAL H 3 17.06 -1.60 7.55
C VAL H 3 17.26 -1.29 6.12
N LYS H 4 18.17 -2.10 5.38
CA LYS H 4 18.30 -2.22 3.88
C LYS H 4 18.21 -3.65 3.48
N VAL H 5 17.18 -3.99 2.63
CA VAL H 5 16.89 -5.35 2.17
C VAL H 5 16.75 -5.35 0.72
N LYS H 6 17.59 -6.15 -0.03
CA LYS H 6 17.53 -6.25 -1.46
C LYS H 6 17.61 -7.75 -1.82
N VAL H 7 16.59 -8.22 -2.63
CA VAL H 7 16.34 -9.61 -2.75
C VAL H 7 15.45 -9.79 -4.00
N LYS H 8 15.41 -10.95 -4.68
CA LYS H 8 14.52 -11.42 -5.73
C LYS H 8 14.28 -12.89 -5.44
N VAL H 9 12.94 -13.30 -5.58
CA VAL H 9 12.40 -14.60 -5.15
C VAL H 9 11.19 -14.97 -6.05
N DPR H 10 11.17 -16.27 -6.58
CA DPR H 10 10.60 -16.65 -7.84
CB DPR H 10 11.30 -17.97 -8.16
CG DPR H 10 11.55 -18.56 -6.73
CD DPR H 10 11.50 -17.40 -5.76
C DPR H 10 10.64 -15.52 -8.88
O DPR H 10 11.80 -15.10 -9.07
HA DPR H 10 9.61 -16.86 -7.49
HB2 DPR H 10 10.65 -18.62 -8.80
HB3 DPR H 10 12.28 -17.75 -8.64
HG2 DPR H 10 10.73 -19.28 -6.49
HG3 DPR H 10 12.55 -19.05 -6.75
HD2 DPR H 10 10.64 -17.44 -5.04
HD3 DPR H 10 12.43 -17.27 -5.15
N PRO H 11 9.60 -14.96 -9.47
CA PRO H 11 9.79 -13.96 -10.49
C PRO H 11 9.26 -12.68 -9.91
N THR H 12 9.51 -12.47 -8.58
CA THR H 12 9.03 -11.26 -7.84
C THR H 12 10.34 -10.60 -7.25
N LYS H 13 10.57 -9.30 -7.52
CA LYS H 13 11.77 -8.58 -7.11
C LYS H 13 11.32 -7.63 -6.08
N VAL H 14 11.99 -7.63 -4.91
CA VAL H 14 11.59 -6.99 -3.64
C VAL H 14 12.72 -6.22 -2.93
N LYS H 15 12.46 -4.94 -2.51
CA LYS H 15 13.41 -4.09 -1.79
C LYS H 15 12.87 -3.20 -0.70
N VAL H 16 13.62 -3.10 0.45
CA VAL H 16 13.21 -2.35 1.59
C VAL H 16 14.34 -1.39 1.84
N LYS H 17 14.11 -0.08 2.04
CA LYS H 17 15.20 0.78 2.49
C LYS H 17 14.73 1.80 3.47
N VAL H 18 15.33 1.85 4.66
CA VAL H 18 14.91 2.61 5.83
C VAL H 18 16.02 3.56 6.16
N LYS H 19 15.71 4.91 6.18
CA LYS H 19 16.66 5.97 6.37
C LYS H 19 16.34 6.86 7.60
N VAL H 20 17.17 6.92 8.62
CA VAL H 20 16.89 7.53 9.87
C VAL H 20 17.89 8.75 10.02
N NH2 H 21 19.25 8.58 9.84
HN1 NH2 H 21 19.76 9.43 9.74
HN2 NH2 H 21 19.49 7.84 9.22
N VAL A 1 -13.00 -0.96 -14.87
CA VAL A 1 -12.33 -0.63 -13.63
C VAL A 1 -13.29 -0.40 -12.58
N LYS A 2 -13.15 -1.19 -11.42
CA LYS A 2 -13.92 -0.89 -10.21
C LYS A 2 -12.93 -0.58 -9.03
N VAL A 3 -13.23 0.47 -8.23
CA VAL A 3 -12.41 0.75 -7.17
C VAL A 3 -13.39 0.95 -5.98
N LYS A 4 -13.19 0.51 -4.78
CA LYS A 4 -14.03 0.83 -3.69
C LYS A 4 -13.18 1.26 -2.48
N VAL A 5 -13.67 2.28 -1.71
CA VAL A 5 -12.95 2.99 -0.62
C VAL A 5 -13.85 2.88 0.61
N LYS A 6 -13.40 2.33 1.71
CA LYS A 6 -14.06 2.54 2.96
C LYS A 6 -13.10 2.94 3.99
N VAL A 7 -13.39 4.13 4.40
CA VAL A 7 -12.50 4.85 5.31
C VAL A 7 -13.27 5.34 6.53
N LYS A 8 -12.65 5.22 7.73
CA LYS A 8 -12.96 5.93 8.93
C LYS A 8 -11.76 6.82 9.32
N VAL A 9 -11.99 8.12 9.39
CA VAL A 9 -11.01 9.09 9.75
C VAL A 9 -11.72 9.92 10.80
N DPR A 10 -11.22 10.09 12.06
CA DPR A 10 -11.87 10.78 13.18
CB DPR A 10 -11.14 10.14 14.41
CG DPR A 10 -9.64 9.96 14.01
CD DPR A 10 -9.88 9.61 12.51
C DPR A 10 -13.39 10.74 13.23
O DPR A 10 -13.83 9.58 13.24
HA DPR A 10 -11.59 11.82 13.03
HB2 DPR A 10 -11.17 10.87 15.24
HB3 DPR A 10 -11.69 9.18 14.56
HG2 DPR A 10 -9.14 10.93 14.18
HG3 DPR A 10 -9.31 9.11 14.64
HD2 DPR A 10 -9.10 10.07 11.87
HD3 DPR A 10 -9.80 8.50 12.41
N PRO A 11 -14.23 11.77 13.23
CA PRO A 11 -15.66 11.65 13.39
C PRO A 11 -16.33 11.57 12.03
N THR A 12 -15.61 11.45 10.88
CA THR A 12 -16.29 11.22 9.55
C THR A 12 -16.09 9.74 9.10
N LYS A 13 -16.97 9.26 8.16
CA LYS A 13 -16.88 7.94 7.57
C LYS A 13 -17.47 8.03 6.16
N VAL A 14 -16.90 7.41 5.15
CA VAL A 14 -17.31 7.47 3.79
C VAL A 14 -17.03 6.01 3.23
N LYS A 15 -18.11 5.44 2.67
CA LYS A 15 -17.99 4.34 1.77
C LYS A 15 -18.45 4.77 0.39
N VAL A 16 -17.76 4.46 -0.70
CA VAL A 16 -18.04 4.98 -2.09
C VAL A 16 -17.41 4.17 -3.12
N LYS A 17 -18.11 4.01 -4.28
CA LYS A 17 -17.48 3.22 -5.37
C LYS A 17 -16.97 4.13 -6.42
N VAL A 18 -15.72 4.03 -6.96
CA VAL A 18 -15.37 4.70 -8.21
C VAL A 18 -15.40 3.66 -9.29
N LYS A 19 -16.04 3.95 -10.44
CA LYS A 19 -16.12 3.00 -11.60
C LYS A 19 -15.88 3.79 -12.79
N VAL A 20 -15.00 3.28 -13.66
CA VAL A 20 -14.54 3.84 -15.00
C VAL A 20 -14.55 2.73 -16.10
N NH2 A 21 -15.13 3.03 -17.29
HN1 NH2 A 21 -15.10 2.40 -18.07
HN2 NH2 A 21 -15.40 3.99 -17.44
N VAL B 1 -5.48 -8.70 -13.11
CA VAL B 1 -5.01 -8.29 -11.70
C VAL B 1 -6.05 -7.85 -10.71
N LYS B 2 -5.86 -8.20 -9.41
CA LYS B 2 -6.73 -7.74 -8.31
C LYS B 2 -5.84 -7.61 -7.12
N VAL B 3 -6.15 -6.51 -6.41
CA VAL B 3 -5.32 -5.97 -5.38
C VAL B 3 -6.31 -5.57 -4.30
N LYS B 4 -5.94 -5.83 -3.05
CA LYS B 4 -6.67 -5.30 -1.87
C LYS B 4 -5.62 -4.59 -1.00
N VAL B 5 -6.02 -3.52 -0.29
CA VAL B 5 -5.11 -2.84 0.59
C VAL B 5 -5.84 -2.40 1.88
N LYS B 6 -5.17 -2.50 2.98
CA LYS B 6 -5.58 -1.92 4.21
C LYS B 6 -4.41 -1.22 4.92
N VAL B 7 -4.74 0.00 5.36
CA VAL B 7 -3.83 0.83 6.08
C VAL B 7 -4.50 1.34 7.34
N LYS B 8 -3.81 1.33 8.52
CA LYS B 8 -4.23 1.89 9.82
C LYS B 8 -3.17 2.79 10.32
N VAL B 9 -3.48 4.08 10.59
CA VAL B 9 -2.64 5.08 11.11
C VAL B 9 -3.20 5.82 12.32
N DPR B 10 -2.67 5.74 13.55
CA DPR B 10 -3.48 5.66 14.80
CB DPR B 10 -2.57 4.95 15.84
CG DPR B 10 -1.22 5.23 15.37
CD DPR B 10 -1.36 5.10 13.85
C DPR B 10 -4.91 5.09 14.63
O DPR B 10 -4.95 3.96 14.16
HA DPR B 10 -3.66 6.69 15.03
HB2 DPR B 10 -2.67 5.08 16.94
HB3 DPR B 10 -2.75 3.86 15.77
HG2 DPR B 10 -0.88 6.24 15.65
HG3 DPR B 10 -0.50 4.44 15.66
HD2 DPR B 10 -0.57 5.66 13.32
HD3 DPR B 10 -1.40 4.03 13.54
N PRO B 11 -6.03 5.67 15.02
CA PRO B 11 -7.35 5.32 14.68
C PRO B 11 -7.81 5.69 13.26
N THR B 12 -7.09 6.60 12.50
CA THR B 12 -7.49 6.66 11.04
C THR B 12 -7.23 5.38 10.29
N LYS B 13 -8.25 4.77 9.66
CA LYS B 13 -8.18 3.50 8.99
C LYS B 13 -8.74 3.53 7.59
N VAL B 14 -8.03 3.05 6.54
CA VAL B 14 -8.39 3.17 5.17
C VAL B 14 -8.34 1.87 4.47
N LYS B 15 -9.44 1.33 3.90
CA LYS B 15 -9.37 0.13 3.10
C LYS B 15 -9.61 0.56 1.66
N VAL B 16 -8.79 -0.04 0.77
CA VAL B 16 -8.97 0.17 -0.68
C VAL B 16 -8.88 -1.20 -1.42
N LYS B 17 -9.89 -1.46 -2.27
CA LYS B 17 -9.97 -2.55 -3.13
C LYS B 17 -10.14 -2.23 -4.63
N VAL B 18 -9.23 -2.83 -5.47
CA VAL B 18 -9.08 -2.57 -6.86
C VAL B 18 -9.55 -3.79 -7.56
N LYS B 19 -10.35 -3.67 -8.68
CA LYS B 19 -10.50 -4.74 -9.60
C LYS B 19 -10.48 -4.07 -10.93
N VAL B 20 -10.25 -4.76 -11.93
CA VAL B 20 -9.96 -4.18 -13.25
C VAL B 20 -11.12 -4.68 -14.13
N NH2 B 21 -11.34 -5.93 -14.45
HN1 NH2 B 21 -11.98 -6.05 -15.21
HN2 NH2 B 21 -10.69 -6.65 -14.24
N VAL C 1 0.51 -16.65 -9.64
CA VAL C 1 1.30 -15.75 -8.81
C VAL C 1 0.52 -14.81 -7.87
N LYS C 2 0.72 -14.85 -6.56
CA LYS C 2 0.04 -13.97 -5.54
C LYS C 2 1.07 -13.57 -4.52
N VAL C 3 0.95 -12.45 -3.90
CA VAL C 3 2.01 -12.00 -3.03
C VAL C 3 1.29 -11.16 -1.99
N LYS C 4 1.65 -11.35 -0.68
CA LYS C 4 1.14 -10.63 0.41
C LYS C 4 2.06 -9.76 1.23
N VAL C 5 1.88 -8.46 1.42
CA VAL C 5 2.79 -7.56 2.12
C VAL C 5 2.23 -7.06 3.48
N LYS C 6 2.92 -7.17 4.65
CA LYS C 6 2.49 -6.63 5.96
C LYS C 6 3.60 -5.78 6.57
N VAL C 7 3.44 -4.48 6.87
CA VAL C 7 4.56 -3.69 7.31
C VAL C 7 4.09 -2.68 8.32
N LYS C 8 4.94 -2.57 9.39
CA LYS C 8 4.66 -1.78 10.55
C LYS C 8 5.91 -1.01 11.10
N VAL C 9 5.85 0.32 11.03
CA VAL C 9 6.99 1.08 11.37
C VAL C 9 6.39 2.27 12.05
N DPR C 10 7.08 3.07 12.95
CA DPR C 10 6.59 4.13 13.82
CB DPR C 10 7.42 4.05 15.08
CG DPR C 10 8.79 3.71 14.40
CD DPR C 10 8.44 2.77 13.26
C DPR C 10 5.10 4.08 14.19
O DPR C 10 4.57 3.06 14.64
HA DPR C 10 6.65 5.03 13.24
HB2 DPR C 10 7.47 5.09 15.47
HB3 DPR C 10 7.01 3.33 15.81
HG2 DPR C 10 9.29 4.64 14.03
HG3 DPR C 10 9.51 3.21 15.08
HD2 DPR C 10 9.18 2.82 12.42
HD3 DPR C 10 8.31 1.72 13.58
N PRO C 11 4.35 5.17 13.99
CA PRO C 11 2.92 4.96 14.15
C PRO C 11 2.30 4.96 12.77
N THR C 12 2.33 3.76 12.12
CA THR C 12 1.68 3.43 10.89
C THR C 12 1.70 1.93 10.75
N LYS C 13 0.55 1.32 10.29
CA LYS C 13 0.56 -0.08 9.96
C LYS C 13 0.01 -0.34 8.53
N VAL C 14 0.71 -1.07 7.58
CA VAL C 14 0.17 -1.28 6.15
C VAL C 14 0.01 -2.70 5.75
N LYS C 15 -1.01 -3.08 5.08
CA LYS C 15 -1.08 -4.37 4.34
C LYS C 15 -1.61 -4.22 2.92
N VAL C 16 -0.72 -4.66 2.02
CA VAL C 16 -0.93 -4.73 0.60
C VAL C 16 -0.91 -6.12 0.09
N LYS C 17 -2.07 -6.53 -0.58
CA LYS C 17 -2.21 -7.88 -1.15
C LYS C 17 -2.46 -7.91 -2.70
N VAL C 18 -1.76 -8.69 -3.50
CA VAL C 18 -1.68 -8.74 -5.00
C VAL C 18 -2.00 -10.17 -5.48
N LYS C 19 -3.07 -10.34 -6.35
CA LYS C 19 -3.22 -11.59 -7.10
C LYS C 19 -3.18 -11.19 -8.54
N VAL C 20 -2.29 -11.85 -9.34
CA VAL C 20 -2.08 -11.45 -10.72
C VAL C 20 -3.11 -12.13 -11.63
N NH2 C 21 -2.95 -13.37 -12.03
HN1 NH2 C 21 -3.66 -13.68 -12.67
HN2 NH2 C 21 -2.17 -13.96 -11.83
N VAL D 1 4.45 -23.29 -5.03
CA VAL D 1 5.78 -22.71 -4.60
C VAL D 1 5.49 -21.49 -3.75
N LYS D 2 5.94 -21.48 -2.50
CA LYS D 2 5.73 -20.47 -1.54
C LYS D 2 6.98 -20.24 -0.64
N VAL D 3 7.27 -18.96 -0.23
CA VAL D 3 8.47 -18.52 0.51
C VAL D 3 8.06 -17.26 1.20
N LYS D 4 8.61 -17.01 2.39
CA LYS D 4 8.33 -15.82 3.24
C LYS D 4 9.61 -14.93 3.38
N VAL D 5 9.64 -13.59 3.23
CA VAL D 5 10.78 -12.67 3.44
C VAL D 5 10.49 -11.66 4.57
N LYS D 6 11.23 -11.58 5.58
CA LYS D 6 10.89 -10.69 6.66
C LYS D 6 12.11 -10.12 7.34
N VAL D 7 12.04 -8.87 7.84
CA VAL D 7 13.06 -8.29 8.72
C VAL D 7 12.50 -7.43 9.84
N LYS D 8 13.12 -7.50 11.02
CA LYS D 8 12.74 -6.96 12.26
C LYS D 8 13.97 -6.28 12.85
N VAL D 9 13.83 -4.97 13.07
CA VAL D 9 14.73 -4.19 13.90
C VAL D 9 13.81 -3.62 14.94
N DPR D 10 13.73 -4.13 16.18
CA DPR D 10 12.70 -3.72 17.20
CB DPR D 10 12.60 -4.87 18.18
CG DPR D 10 14.03 -5.51 18.17
CD DPR D 10 14.54 -5.26 16.76
C DPR D 10 11.25 -3.16 16.78
O DPR D 10 10.48 -3.95 16.30
HA DPR D 10 13.24 -2.87 17.59
HB2 DPR D 10 12.50 -4.61 19.26
HB3 DPR D 10 11.94 -5.66 17.78
HG2 DPR D 10 14.67 -4.95 18.88
HG3 DPR D 10 13.96 -6.60 18.40
HD2 DPR D 10 15.61 -5.01 16.67
HD3 DPR D 10 14.31 -6.08 16.03
N PRO D 11 10.83 -1.88 16.97
CA PRO D 11 9.52 -1.36 16.38
C PRO D 11 9.33 -1.45 14.92
N THR D 12 10.43 -1.51 14.19
CA THR D 12 10.49 -1.60 12.72
C THR D 12 10.39 -3.03 12.32
N LYS D 13 9.27 -3.40 11.86
CA LYS D 13 8.89 -4.74 11.45
C LYS D 13 8.29 -4.87 10.02
N VAL D 14 8.89 -5.67 9.08
CA VAL D 14 8.36 -5.80 7.72
C VAL D 14 8.15 -7.27 7.45
N LYS D 15 7.11 -7.66 6.71
CA LYS D 15 6.94 -8.98 6.14
C LYS D 15 6.43 -8.94 4.71
N VAL D 16 6.86 -9.84 3.83
CA VAL D 16 6.42 -10.02 2.44
C VAL D 16 6.35 -11.51 2.23
N LYS D 17 5.19 -12.11 1.95
CA LYS D 17 5.18 -13.57 1.55
C LYS D 17 4.67 -13.81 0.18
N VAL D 18 5.33 -14.68 -0.63
CA VAL D 18 5.17 -14.82 -2.04
C VAL D 18 4.52 -16.22 -2.27
N LYS D 19 3.48 -16.32 -3.13
CA LYS D 19 2.94 -17.62 -3.64
C LYS D 19 2.96 -17.70 -5.18
N VAL D 20 3.63 -18.72 -5.78
CA VAL D 20 3.61 -19.06 -7.18
C VAL D 20 2.89 -20.44 -7.36
N NH2 D 21 1.67 -20.67 -7.91
HN1 NH2 D 21 1.25 -21.57 -7.92
HN2 NH2 D 21 1.37 -19.93 -8.50
N VAL E 1 -6.46 14.38 11.00
CA VAL E 1 -5.85 13.53 9.86
C VAL E 1 -6.62 13.75 8.49
N LYS E 2 -5.93 13.83 7.33
CA LYS E 2 -6.55 13.92 5.94
C LYS E 2 -6.29 12.70 5.15
N VAL E 3 -7.34 12.31 4.38
CA VAL E 3 -7.16 11.13 3.64
C VAL E 3 -7.56 11.45 2.22
N LYS E 4 -6.70 11.20 1.22
CA LYS E 4 -7.07 11.49 -0.16
C LYS E 4 -6.75 10.29 -0.94
N VAL E 5 -7.74 9.64 -1.56
CA VAL E 5 -7.43 8.49 -2.40
C VAL E 5 -7.76 8.82 -3.89
N LYS E 6 -6.72 8.71 -4.78
CA LYS E 6 -6.81 9.23 -6.10
C LYS E 6 -6.49 8.07 -7.00
N VAL E 7 -7.28 7.86 -8.08
CA VAL E 7 -7.25 6.77 -9.00
C VAL E 7 -7.28 7.44 -10.40
N LYS E 8 -6.38 7.02 -11.27
CA LYS E 8 -6.28 7.60 -12.65
C LYS E 8 -6.30 6.44 -13.73
N VAL E 9 -7.15 6.48 -14.75
CA VAL E 9 -7.27 5.44 -15.81
C VAL E 9 -7.23 6.23 -17.14
N DPR E 10 -6.24 6.01 -18.02
CA DPR E 10 -6.04 6.82 -19.20
CB DPR E 10 -4.50 6.73 -19.50
CG DPR E 10 -4.19 5.25 -19.15
CD DPR E 10 -5.10 5.10 -17.91
C DPR E 10 -6.59 8.23 -19.13
O DPR E 10 -6.20 8.90 -18.20
HA DPR E 10 -6.59 6.32 -20.00
HB2 DPR E 10 -4.37 6.97 -20.57
HB3 DPR E 10 -3.99 7.46 -18.85
HG2 DPR E 10 -4.63 4.47 -19.80
HG3 DPR E 10 -3.10 5.17 -18.94
HD2 DPR E 10 -5.37 4.04 -17.75
HD3 DPR E 10 -4.48 5.45 -17.05
N PRO E 11 -7.51 8.77 -19.89
CA PRO E 11 -7.81 10.14 -19.78
C PRO E 11 -9.15 10.30 -19.07
N THR E 12 -9.17 9.61 -17.90
CA THR E 12 -10.05 9.76 -16.79
C THR E 12 -9.12 9.92 -15.56
N LYS E 13 -9.29 10.99 -14.66
CA LYS E 13 -8.62 11.13 -13.39
C LYS E 13 -9.74 11.34 -12.42
N VAL E 14 -9.75 10.59 -11.31
CA VAL E 14 -10.73 10.74 -10.26
C VAL E 14 -10.09 10.86 -8.85
N LYS E 15 -10.52 11.73 -7.96
CA LYS E 15 -10.07 11.86 -6.66
C LYS E 15 -11.18 11.99 -5.67
N VAL E 16 -11.11 11.25 -4.54
CA VAL E 16 -12.04 11.18 -3.50
C VAL E 16 -11.28 11.69 -2.26
N LYS E 17 -11.64 12.86 -1.72
CA LYS E 17 -11.05 13.53 -0.60
C LYS E 17 -11.96 13.57 0.59
N VAL E 18 -11.34 13.26 1.80
CA VAL E 18 -12.00 13.19 3.04
C VAL E 18 -11.28 13.96 4.24
N LYS E 19 -11.98 14.89 5.04
CA LYS E 19 -11.29 15.56 6.09
C LYS E 19 -12.22 15.77 7.27
N VAL E 20 -11.64 15.79 8.54
CA VAL E 20 -12.18 16.10 9.80
C VAL E 20 -12.29 17.67 9.86
N NH2 E 21 -13.50 18.30 9.83
HN1 NH2 E 21 -13.48 19.28 10.02
HN2 NH2 E 21 -14.34 17.75 9.74
N VAL F 1 4.12 13.05 10.65
CA VAL F 1 3.67 11.74 10.16
C VAL F 1 2.89 11.72 8.84
N LYS F 2 3.49 11.31 7.71
CA LYS F 2 2.80 11.17 6.39
C LYS F 2 3.06 9.79 5.78
N VAL F 3 2.05 9.15 5.27
CA VAL F 3 2.03 7.79 4.77
C VAL F 3 1.44 7.94 3.37
N LYS F 4 2.21 7.48 2.36
CA LYS F 4 1.69 7.42 1.07
C LYS F 4 1.77 5.94 0.64
N VAL F 5 0.64 5.42 0.14
CA VAL F 5 0.61 4.15 -0.51
C VAL F 5 0.25 4.29 -2.04
N LYS F 6 0.93 3.47 -2.90
CA LYS F 6 0.73 3.66 -4.35
C LYS F 6 0.56 2.29 -4.84
N VAL F 7 -0.23 2.12 -5.93
CA VAL F 7 -0.26 0.84 -6.70
C VAL F 7 -0.58 1.14 -8.17
N LYS F 8 0.25 0.51 -9.12
CA LYS F 8 -0.10 0.40 -10.41
C LYS F 8 -0.80 -0.89 -10.69
N VAL F 9 -2.09 -1.04 -11.09
CA VAL F 9 -2.83 -2.25 -11.33
C VAL F 9 -3.10 -2.23 -12.80
N DPR F 10 -2.48 -3.02 -13.67
CA DPR F 10 -2.61 -2.94 -15.10
CB DPR F 10 -1.31 -3.59 -15.64
CG DPR F 10 -0.94 -4.65 -14.53
CD DPR F 10 -1.34 -3.89 -13.30
C DPR F 10 -2.79 -1.52 -15.73
O DPR F 10 -1.82 -0.78 -15.78
HA DPR F 10 -3.39 -3.64 -15.37
HB2 DPR F 10 -1.46 -4.01 -16.65
HB3 DPR F 10 -0.49 -2.84 -15.60
HG2 DPR F 10 -1.49 -5.60 -14.71
HG3 DPR F 10 0.15 -4.84 -14.61
HD2 DPR F 10 -1.62 -4.65 -12.53
HD3 DPR F 10 -0.55 -3.24 -12.87
N PRO F 11 -3.95 -1.05 -16.23
CA PRO F 11 -4.06 0.30 -16.84
C PRO F 11 -4.18 1.39 -15.84
N THR F 12 -4.45 0.99 -14.57
CA THR F 12 -5.02 1.91 -13.48
C THR F 12 -3.97 2.31 -12.50
N LYS F 13 -3.91 3.57 -12.14
CA LYS F 13 -2.84 4.01 -11.25
C LYS F 13 -3.57 4.57 -10.02
N VAL F 14 -3.22 4.01 -8.86
CA VAL F 14 -3.88 4.37 -7.64
C VAL F 14 -2.83 5.02 -6.73
N LYS F 15 -3.24 6.17 -6.15
CA LYS F 15 -2.60 6.79 -5.11
C LYS F 15 -3.49 6.96 -3.96
N VAL F 16 -2.89 6.70 -2.77
CA VAL F 16 -3.49 6.98 -1.44
C VAL F 16 -2.55 7.82 -0.61
N LYS F 17 -2.98 8.99 -0.13
CA LYS F 17 -2.12 9.79 0.75
C LYS F 17 -2.86 9.97 2.04
N VAL F 18 -2.18 9.83 3.13
CA VAL F 18 -2.72 10.10 4.46
C VAL F 18 -1.80 11.07 5.16
N LYS F 19 -2.30 12.26 5.47
CA LYS F 19 -1.63 13.32 6.19
C LYS F 19 -2.18 13.48 7.56
N VAL F 20 -1.29 13.50 8.51
CA VAL F 20 -1.70 13.82 9.96
C VAL F 20 -1.42 15.35 10.12
N NH2 F 21 -2.38 16.27 10.45
HN1 NH2 F 21 -2.10 17.22 10.36
HN2 NH2 F 21 -3.33 16.00 10.64
N VAL G 1 13.09 11.10 8.62
CA VAL G 1 13.13 9.58 8.79
C VAL G 1 12.08 8.90 7.89
N LYS G 2 12.53 8.19 6.92
CA LYS G 2 11.73 7.60 5.86
C LYS G 2 11.84 6.06 5.91
N VAL G 3 10.71 5.35 5.72
CA VAL G 3 10.63 3.87 5.53
C VAL G 3 10.07 3.76 4.20
N LYS G 4 10.74 3.16 3.22
CA LYS G 4 10.28 2.78 1.89
C LYS G 4 10.13 1.23 1.74
N VAL G 5 9.06 0.70 1.15
CA VAL G 5 8.86 -0.72 0.85
C VAL G 5 8.51 -0.70 -0.61
N LYS G 6 9.05 -1.61 -1.50
CA LYS G 6 8.43 -1.73 -2.82
C LYS G 6 8.53 -3.14 -3.14
N VAL G 7 7.70 -3.58 -4.09
CA VAL G 7 7.67 -4.95 -4.61
C VAL G 7 7.12 -5.01 -6.02
N LYS G 8 7.73 -5.83 -6.93
CA LYS G 8 7.32 -6.06 -8.35
C LYS G 8 6.74 -7.46 -8.38
N VAL G 9 5.49 -7.60 -8.84
CA VAL G 9 4.72 -8.82 -8.93
C VAL G 9 4.14 -8.92 -10.37
N DPR G 10 4.55 -9.81 -11.30
CA DPR G 10 4.33 -9.69 -12.73
CB DPR G 10 5.44 -10.49 -13.32
CG DPR G 10 5.78 -11.63 -12.36
CD DPR G 10 5.36 -11.04 -10.98
C DPR G 10 4.28 -8.24 -13.33
O DPR G 10 5.21 -7.43 -13.04
HA DPR G 10 3.34 -10.09 -12.87
HB2 DPR G 10 5.12 -10.74 -14.35
HB3 DPR G 10 6.42 -9.96 -13.38
HG2 DPR G 10 5.18 -12.54 -12.63
HG3 DPR G 10 6.84 -11.97 -12.40
HD2 DPR G 10 4.73 -11.79 -10.45
HD3 DPR G 10 6.31 -10.72 -10.52
N PRO G 11 3.22 -7.78 -14.10
CA PRO G 11 3.26 -6.37 -14.55
C PRO G 11 2.67 -5.47 -13.45
N THR G 12 2.49 -5.92 -12.22
CA THR G 12 1.86 -5.09 -11.19
C THR G 12 2.95 -4.60 -10.21
N LYS G 13 2.86 -3.26 -9.96
CA LYS G 13 3.95 -2.57 -9.20
C LYS G 13 3.32 -1.90 -7.97
N VAL G 14 3.93 -2.23 -6.81
CA VAL G 14 3.52 -1.72 -5.49
C VAL G 14 4.65 -0.74 -5.06
N LYS G 15 4.28 0.48 -4.56
CA LYS G 15 5.23 1.38 -3.89
C LYS G 15 4.70 1.95 -2.55
N VAL G 16 5.56 2.10 -1.54
CA VAL G 16 5.03 2.50 -0.25
C VAL G 16 6.10 3.47 0.35
N LYS G 17 5.67 4.71 0.67
CA LYS G 17 6.53 5.76 1.22
C LYS G 17 5.89 6.22 2.58
N VAL G 18 6.55 5.94 3.73
CA VAL G 18 6.07 6.41 5.02
C VAL G 18 7.11 7.33 5.52
N LYS G 19 6.83 8.60 5.82
CA LYS G 19 7.74 9.50 6.51
C LYS G 19 7.23 9.51 8.03
N VAL G 20 7.95 8.78 8.93
CA VAL G 20 7.57 8.85 10.41
C VAL G 20 8.27 10.13 11.05
N NH2 G 21 9.35 10.59 10.44
HN1 NH2 G 21 9.97 11.18 10.97
HN2 NH2 G 21 9.71 10.24 9.58
N VAL H 1 19.75 3.65 13.30
CA VAL H 1 19.13 2.43 12.59
C VAL H 1 19.17 2.45 11.09
N LYS H 2 19.33 1.27 10.43
CA LYS H 2 19.27 1.01 8.99
C LYS H 2 18.65 -0.31 8.81
N VAL H 3 17.61 -0.39 7.95
CA VAL H 3 17.17 -1.64 7.37
C VAL H 3 17.35 -1.47 5.89
N LYS H 4 18.18 -2.38 5.29
CA LYS H 4 18.39 -2.52 3.87
C LYS H 4 18.16 -3.95 3.52
N VAL H 5 17.24 -4.28 2.65
CA VAL H 5 16.91 -5.58 2.23
C VAL H 5 16.97 -5.48 0.70
N LYS H 6 17.72 -6.35 0.02
CA LYS H 6 17.72 -6.45 -1.48
C LYS H 6 17.65 -7.85 -2.00
N VAL H 7 16.55 -8.27 -2.67
CA VAL H 7 16.57 -9.72 -3.05
C VAL H 7 15.50 -9.91 -4.09
N LYS H 8 15.59 -10.97 -4.93
CA LYS H 8 14.59 -11.38 -5.93
C LYS H 8 14.30 -12.87 -5.87
N VAL H 9 13.01 -13.29 -5.91
CA VAL H 9 12.56 -14.59 -5.43
C VAL H 9 11.34 -15.09 -6.35
N DPR H 10 11.19 -16.31 -6.75
CA DPR H 10 10.45 -16.76 -7.97
CB DPR H 10 10.98 -18.20 -8.27
CG DPR H 10 11.21 -18.78 -6.88
CD DPR H 10 11.66 -17.55 -6.07
C DPR H 10 10.38 -15.69 -9.11
O DPR H 10 11.41 -15.42 -9.70
HA DPR H 10 9.43 -16.75 -7.63
HB2 DPR H 10 10.25 -18.86 -8.78
HB3 DPR H 10 11.94 -18.07 -8.81
HG2 DPR H 10 10.34 -19.36 -6.49
HG3 DPR H 10 12.05 -19.50 -6.96
HD2 DPR H 10 11.34 -17.54 -5.00
HD3 DPR H 10 12.75 -17.62 -6.20
N PRO H 11 9.26 -15.10 -9.48
CA PRO H 11 9.24 -14.05 -10.52
C PRO H 11 9.05 -12.72 -9.93
N THR H 12 9.35 -12.57 -8.63
CA THR H 12 9.09 -11.32 -7.92
C THR H 12 10.41 -10.71 -7.35
N LYS H 13 10.48 -9.36 -7.41
CA LYS H 13 11.65 -8.56 -7.04
C LYS H 13 11.23 -7.65 -5.84
N VAL H 14 11.94 -7.63 -4.69
CA VAL H 14 11.46 -7.11 -3.37
C VAL H 14 12.54 -6.11 -2.87
N LYS H 15 12.23 -4.89 -2.60
CA LYS H 15 13.28 -3.96 -2.01
C LYS H 15 12.56 -3.24 -0.83
N VAL H 16 13.15 -3.16 0.39
CA VAL H 16 12.82 -2.38 1.55
C VAL H 16 14.11 -1.53 1.82
N LYS H 17 13.93 -0.12 1.87
CA LYS H 17 15.04 0.81 2.17
C LYS H 17 14.65 1.80 3.23
N VAL H 18 15.27 1.75 4.41
CA VAL H 18 14.90 2.49 5.61
C VAL H 18 16.04 3.50 5.79
N LYS H 19 15.84 4.85 5.81
CA LYS H 19 16.93 5.83 5.99
C LYS H 19 16.47 6.57 7.21
N VAL H 20 17.34 6.62 8.25
CA VAL H 20 17.01 7.16 9.52
C VAL H 20 18.05 8.25 9.87
N NH2 H 21 19.32 7.95 10.04
HN1 NH2 H 21 19.96 8.59 10.44
HN2 NH2 H 21 19.75 7.08 9.77
N VAL A 1 -12.75 -0.38 -14.91
CA VAL A 1 -12.04 -0.36 -13.58
C VAL A 1 -13.07 0.03 -12.56
N LYS A 2 -13.04 -0.78 -11.50
CA LYS A 2 -14.05 -0.69 -10.35
C LYS A 2 -13.21 -0.58 -9.08
N VAL A 3 -13.25 0.64 -8.49
CA VAL A 3 -12.36 1.02 -7.27
C VAL A 3 -13.29 1.38 -6.10
N LYS A 4 -13.02 0.86 -4.93
CA LYS A 4 -13.79 1.29 -3.68
C LYS A 4 -12.80 1.96 -2.75
N VAL A 5 -13.18 3.06 -2.09
CA VAL A 5 -12.55 3.47 -0.86
C VAL A 5 -13.57 3.34 0.31
N LYS A 6 -13.16 2.75 1.45
CA LYS A 6 -13.83 2.85 2.74
C LYS A 6 -12.93 3.52 3.75
N VAL A 7 -13.27 4.67 4.35
CA VAL A 7 -12.44 5.58 5.15
C VAL A 7 -13.04 6.14 6.44
N LYS A 8 -12.59 5.67 7.59
CA LYS A 8 -12.84 6.28 8.84
C LYS A 8 -11.76 7.24 9.23
N VAL A 9 -12.09 8.49 9.53
CA VAL A 9 -11.06 9.49 9.75
C VAL A 9 -11.53 10.42 10.86
N DPR A 10 -10.73 10.79 11.91
CA DPR A 10 -11.40 11.12 13.19
CB DPR A 10 -10.25 10.80 14.14
CG DPR A 10 -8.95 11.05 13.39
CD DPR A 10 -9.31 10.41 12.06
C DPR A 10 -12.76 10.53 13.60
O DPR A 10 -12.81 9.28 13.74
HA DPR A 10 -11.37 12.20 13.21
HB2 DPR A 10 -10.45 11.48 14.99
HB3 DPR A 10 -10.29 9.73 14.46
HG2 DPR A 10 -9.08 12.16 13.29
HG3 DPR A 10 -7.97 10.84 13.86
HD2 DPR A 10 -8.69 10.82 11.22
HD3 DPR A 10 -9.07 9.33 12.15
N PRO A 11 -13.85 11.37 13.73
CA PRO A 11 -15.06 10.82 14.39
C PRO A 11 -16.08 10.38 13.32
N THR A 12 -15.62 10.47 12.04
CA THR A 12 -16.46 10.42 10.89
C THR A 12 -16.01 9.31 10.01
N LYS A 13 -16.95 8.67 9.30
CA LYS A 13 -16.63 7.52 8.44
C LYS A 13 -17.30 7.68 7.03
N VAL A 14 -16.63 7.24 5.96
CA VAL A 14 -17.03 7.51 4.63
C VAL A 14 -16.86 6.36 3.70
N LYS A 15 -17.90 6.02 2.93
CA LYS A 15 -17.84 4.99 1.92
C LYS A 15 -18.14 5.54 0.55
N VAL A 16 -17.40 5.09 -0.45
CA VAL A 16 -17.49 5.56 -1.75
C VAL A 16 -17.08 4.46 -2.79
N LYS A 17 -17.84 4.42 -3.91
CA LYS A 17 -17.64 3.43 -4.99
C LYS A 17 -17.47 4.08 -6.31
N VAL A 18 -16.28 3.87 -6.96
CA VAL A 18 -15.83 4.57 -8.07
C VAL A 18 -15.70 3.49 -9.15
N LYS A 19 -16.28 3.84 -10.30
CA LYS A 19 -16.20 3.07 -11.47
C LYS A 19 -15.83 3.97 -12.63
N VAL A 20 -14.90 3.51 -13.45
CA VAL A 20 -14.27 4.27 -14.57
C VAL A 20 -14.08 3.20 -15.71
N NH2 A 21 -14.80 3.50 -16.86
HN1 NH2 A 21 -14.73 2.81 -17.59
HN2 NH2 A 21 -15.48 4.23 -16.80
N VAL B 1 -5.69 -8.68 -12.75
CA VAL B 1 -5.07 -8.49 -11.38
C VAL B 1 -6.14 -7.97 -10.41
N LYS B 2 -6.14 -8.47 -9.12
CA LYS B 2 -6.87 -7.88 -7.95
C LYS B 2 -5.92 -7.45 -6.82
N VAL B 3 -6.14 -6.20 -6.26
CA VAL B 3 -5.39 -5.53 -5.24
C VAL B 3 -6.30 -5.16 -4.04
N LYS B 4 -5.96 -5.70 -2.86
CA LYS B 4 -6.40 -5.23 -1.57
C LYS B 4 -5.31 -4.41 -1.05
N VAL B 5 -5.61 -3.17 -0.61
CA VAL B 5 -4.73 -2.28 0.21
C VAL B 5 -5.41 -1.86 1.57
N LYS B 6 -4.71 -1.89 2.70
CA LYS B 6 -5.16 -1.37 3.97
C LYS B 6 -4.14 -0.57 4.73
N VAL B 7 -4.60 0.40 5.49
CA VAL B 7 -3.62 1.23 6.22
C VAL B 7 -4.23 1.76 7.43
N LYS B 8 -3.46 1.93 8.49
CA LYS B 8 -3.98 2.24 9.76
C LYS B 8 -2.96 3.15 10.45
N VAL B 9 -3.48 4.23 10.96
CA VAL B 9 -2.69 5.24 11.57
C VAL B 9 -3.51 5.65 12.83
N DPR B 10 -3.11 5.35 14.07
CA DPR B 10 -3.92 5.31 15.27
CB DPR B 10 -3.24 4.25 16.18
CG DPR B 10 -1.70 4.49 15.83
CD DPR B 10 -1.70 4.95 14.37
C DPR B 10 -5.44 5.06 15.12
O DPR B 10 -5.80 3.87 15.06
HA DPR B 10 -3.80 6.28 15.74
HB2 DPR B 10 -3.37 4.36 17.27
HB3 DPR B 10 -3.44 3.23 15.77
HG2 DPR B 10 -1.18 5.22 16.49
HG3 DPR B 10 -1.11 3.60 16.16
HD2 DPR B 10 -0.90 5.69 14.12
HD3 DPR B 10 -1.33 4.07 13.79
N PRO B 11 -6.36 5.99 15.03
CA PRO B 11 -7.75 5.74 14.76
C PRO B 11 -8.10 5.63 13.31
N THR B 12 -7.30 6.22 12.40
CA THR B 12 -7.54 6.39 10.99
C THR B 12 -7.38 5.04 10.40
N LYS B 13 -8.44 4.46 9.89
CA LYS B 13 -8.47 3.24 9.10
C LYS B 13 -9.09 3.38 7.73
N VAL B 14 -8.40 2.75 6.77
CA VAL B 14 -8.67 3.08 5.40
C VAL B 14 -8.32 1.78 4.66
N LYS B 15 -9.17 1.48 3.64
CA LYS B 15 -9.06 0.24 2.90
C LYS B 15 -9.39 0.65 1.49
N VAL B 16 -8.56 0.21 0.50
CA VAL B 16 -8.81 0.38 -0.93
C VAL B 16 -8.88 -1.01 -1.57
N LYS B 17 -9.87 -1.21 -2.42
CA LYS B 17 -10.07 -2.46 -3.13
C LYS B 17 -10.08 -2.09 -4.50
N VAL B 18 -9.14 -2.56 -5.31
CA VAL B 18 -9.04 -2.20 -6.69
C VAL B 18 -9.26 -3.42 -7.59
N LYS B 19 -10.16 -3.31 -8.51
CA LYS B 19 -10.57 -4.40 -9.40
C LYS B 19 -10.62 -3.65 -10.76
N VAL B 20 -10.48 -4.40 -11.85
CA VAL B 20 -10.46 -3.92 -13.20
C VAL B 20 -11.69 -4.56 -13.97
N NH2 B 21 -11.99 -5.80 -13.92
HN1 NH2 B 21 -12.85 -6.09 -14.33
HN2 NH2 B 21 -11.37 -6.41 -13.42
N VAL C 1 0.61 -16.14 -9.17
CA VAL C 1 1.37 -15.25 -8.32
C VAL C 1 0.59 -14.45 -7.33
N LYS C 2 0.79 -14.74 -6.01
CA LYS C 2 0.12 -14.18 -4.85
C LYS C 2 1.11 -13.63 -3.93
N VAL C 3 1.16 -12.34 -3.67
CA VAL C 3 2.13 -11.67 -2.85
C VAL C 3 1.38 -10.88 -1.74
N LYS C 4 1.69 -11.29 -0.49
CA LYS C 4 1.16 -10.68 0.72
C LYS C 4 2.27 -9.85 1.37
N VAL C 5 2.15 -8.48 1.58
CA VAL C 5 3.04 -7.66 2.32
C VAL C 5 2.41 -7.23 3.64
N LYS C 6 3.11 -7.25 4.74
CA LYS C 6 2.69 -6.58 5.90
C LYS C 6 3.91 -5.84 6.53
N VAL C 7 3.75 -4.52 6.82
CA VAL C 7 4.82 -3.74 7.45
C VAL C 7 4.25 -2.88 8.58
N LYS C 8 5.02 -3.07 9.72
CA LYS C 8 4.65 -2.41 10.96
C LYS C 8 5.78 -1.55 11.22
N VAL C 9 5.56 -0.21 11.40
CA VAL C 9 6.62 0.85 11.56
C VAL C 9 5.97 2.01 12.30
N DPR C 10 6.74 2.90 12.94
CA DPR C 10 6.20 3.92 13.82
CB DPR C 10 7.38 4.38 14.73
CG DPR C 10 8.64 3.95 13.95
CD DPR C 10 8.23 2.83 13.05
C DPR C 10 4.91 3.73 14.55
O DPR C 10 4.72 2.65 15.17
HA DPR C 10 5.97 4.69 13.11
HB2 DPR C 10 7.28 5.46 14.95
HB3 DPR C 10 7.33 3.84 15.70
HG2 DPR C 10 9.05 4.74 13.30
HG3 DPR C 10 9.40 3.65 14.72
HD2 DPR C 10 8.75 2.92 12.06
HD3 DPR C 10 8.53 1.95 13.64
N PRO C 11 3.99 4.66 14.57
CA PRO C 11 2.59 4.40 14.57
C PRO C 11 2.01 4.41 13.17
N THR C 12 2.31 3.46 12.29
CA THR C 12 1.72 3.35 10.96
C THR C 12 1.75 1.94 10.67
N LYS C 13 0.69 1.34 10.14
CA LYS C 13 0.72 -0.02 9.68
C LYS C 13 -0.03 -0.22 8.39
N VAL C 14 0.61 -0.94 7.41
CA VAL C 14 0.18 -1.12 6.01
C VAL C 14 0.23 -2.57 5.62
N LYS C 15 -0.82 -2.98 4.85
CA LYS C 15 -1.04 -4.37 4.34
C LYS C 15 -1.43 -4.20 2.86
N VAL C 16 -0.62 -4.71 1.96
CA VAL C 16 -0.98 -4.88 0.47
C VAL C 16 -1.10 -6.34 0.17
N LYS C 17 -2.17 -6.82 -0.48
CA LYS C 17 -2.22 -8.10 -1.04
C LYS C 17 -2.49 -8.04 -2.48
N VAL C 18 -1.67 -8.75 -3.31
CA VAL C 18 -1.67 -8.56 -4.78
C VAL C 18 -1.90 -9.95 -5.37
N LYS C 19 -3.01 -10.22 -6.12
CA LYS C 19 -3.20 -11.49 -6.84
C LYS C 19 -3.18 -11.25 -8.29
N VAL C 20 -2.28 -11.90 -9.07
CA VAL C 20 -2.30 -11.69 -10.57
C VAL C 20 -3.41 -12.58 -11.14
N NH2 C 21 -3.39 -13.89 -11.02
HN1 NH2 C 21 -4.15 -14.38 -11.44
HN2 NH2 C 21 -2.53 -14.39 -10.97
N VAL D 1 5.67 -23.87 -4.81
CA VAL D 1 6.70 -23.32 -3.98
C VAL D 1 6.16 -22.18 -3.21
N LYS D 2 6.63 -21.94 -1.97
CA LYS D 2 6.38 -20.69 -1.25
C LYS D 2 7.62 -20.25 -0.67
N VAL D 3 7.75 -18.94 -0.45
CA VAL D 3 8.97 -18.35 0.04
C VAL D 3 8.65 -17.11 0.88
N LYS D 4 9.46 -16.75 1.86
CA LYS D 4 9.07 -15.70 2.73
C LYS D 4 10.28 -14.87 3.05
N VAL D 5 10.20 -13.56 3.20
CA VAL D 5 11.25 -12.80 3.73
C VAL D 5 10.77 -11.91 4.82
N LYS D 6 11.51 -11.79 5.97
CA LYS D 6 11.09 -11.19 7.22
C LYS D 6 12.31 -10.48 7.69
N VAL D 7 12.13 -9.27 8.18
CA VAL D 7 13.21 -8.43 8.74
C VAL D 7 12.55 -7.69 9.92
N LYS D 8 13.17 -7.84 11.05
CA LYS D 8 12.71 -7.23 12.32
C LYS D 8 13.80 -6.51 13.04
N VAL D 9 13.66 -5.21 13.28
CA VAL D 9 14.70 -4.52 14.04
C VAL D 9 13.83 -3.71 14.99
N DPR D 10 13.65 -3.96 16.24
CA DPR D 10 12.70 -3.32 17.08
CB DPR D 10 12.34 -4.46 17.98
CG DPR D 10 13.76 -4.98 18.42
CD DPR D 10 14.43 -4.97 17.04
C DPR D 10 11.42 -2.63 16.63
O DPR D 10 10.47 -3.40 16.34
HA DPR D 10 13.16 -2.57 17.71
HB2 DPR D 10 11.71 -4.25 18.87
HB3 DPR D 10 11.77 -5.29 17.51
HG2 DPR D 10 14.00 -4.15 19.12
HG3 DPR D 10 13.72 -5.98 18.89
HD2 DPR D 10 15.51 -4.72 17.05
HD3 DPR D 10 14.33 -5.98 16.58
N PRO D 11 11.33 -1.27 16.47
CA PRO D 11 10.07 -0.70 15.91
C PRO D 11 9.79 -1.08 14.51
N THR D 12 10.85 -1.42 13.78
CA THR D 12 10.84 -1.62 12.29
C THR D 12 10.66 -3.03 11.84
N LYS D 13 9.43 -3.56 11.67
CA LYS D 13 9.22 -4.99 11.30
C LYS D 13 8.50 -5.12 10.00
N VAL D 14 9.10 -5.93 9.06
CA VAL D 14 8.62 -5.90 7.69
C VAL D 14 8.57 -7.38 7.31
N LYS D 15 7.48 -7.86 6.69
CA LYS D 15 7.31 -9.21 6.06
C LYS D 15 6.82 -9.04 4.70
N VAL D 16 7.31 -9.86 3.72
CA VAL D 16 6.77 -9.95 2.36
C VAL D 16 6.81 -11.51 2.05
N LYS D 17 5.77 -12.05 1.36
CA LYS D 17 5.82 -13.44 1.14
C LYS D 17 5.07 -13.72 -0.17
N VAL D 18 5.43 -14.87 -0.81
CA VAL D 18 5.04 -15.19 -2.16
C VAL D 18 4.48 -16.61 -2.10
N LYS D 19 3.31 -16.78 -2.82
CA LYS D 19 2.86 -18.06 -3.23
C LYS D 19 2.96 -18.24 -4.77
N VAL D 20 3.68 -19.29 -5.19
CA VAL D 20 3.88 -19.70 -6.61
C VAL D 20 3.39 -21.18 -6.65
N NH2 D 21 2.38 -21.50 -7.46
HN1 NH2 D 21 2.35 -22.49 -7.60
HN2 NH2 D 21 2.14 -20.86 -8.20
N VAL E 1 -7.01 15.44 10.15
CA VAL E 1 -6.48 14.25 9.44
C VAL E 1 -7.11 14.19 8.12
N LYS E 2 -6.30 14.16 7.06
CA LYS E 2 -6.75 14.12 5.72
C LYS E 2 -6.45 12.70 5.12
N VAL E 3 -7.36 12.18 4.26
CA VAL E 3 -7.18 10.98 3.47
C VAL E 3 -7.64 11.38 2.13
N LYS E 4 -6.89 11.07 1.10
CA LYS E 4 -7.25 11.35 -0.28
C LYS E 4 -6.83 10.07 -1.01
N VAL E 5 -7.52 9.58 -2.03
CA VAL E 5 -7.27 8.54 -3.00
C VAL E 5 -7.49 9.20 -4.35
N LYS E 6 -6.52 9.04 -5.24
CA LYS E 6 -6.67 9.40 -6.62
C LYS E 6 -6.60 8.09 -7.41
N VAL E 7 -7.43 7.95 -8.45
CA VAL E 7 -7.25 6.86 -9.36
C VAL E 7 -7.19 7.51 -10.81
N LYS E 8 -6.20 7.15 -11.64
CA LYS E 8 -6.03 7.58 -13.03
C LYS E 8 -6.11 6.40 -13.93
N VAL E 9 -6.94 6.47 -14.98
CA VAL E 9 -6.96 5.54 -16.04
C VAL E 9 -6.90 6.32 -17.31
N DPR E 10 -5.90 6.19 -18.23
CA DPR E 10 -5.72 6.95 -19.42
CB DPR E 10 -4.18 6.78 -19.64
CG DPR E 10 -3.96 5.34 -19.29
CD DPR E 10 -4.79 5.18 -17.96
C DPR E 10 -6.26 8.37 -19.43
O DPR E 10 -5.74 9.22 -18.69
HA DPR E 10 -6.29 6.45 -20.19
HB2 DPR E 10 -3.88 6.94 -20.71
HB3 DPR E 10 -3.66 7.48 -18.95
HG2 DPR E 10 -4.32 4.66 -20.08
HG3 DPR E 10 -2.87 5.16 -19.16
HD2 DPR E 10 -5.29 4.19 -17.89
HD3 DPR E 10 -4.22 5.47 -17.05
N PRO E 11 -7.22 8.70 -20.24
CA PRO E 11 -7.91 10.04 -20.22
C PRO E 11 -8.57 10.53 -18.99
N THR E 12 -8.86 9.65 -18.11
CA THR E 12 -9.78 9.88 -17.02
C THR E 12 -9.00 9.81 -15.71
N LYS E 13 -9.20 10.83 -14.91
CA LYS E 13 -8.59 11.01 -13.57
C LYS E 13 -9.70 11.21 -12.56
N VAL E 14 -9.66 10.64 -11.35
CA VAL E 14 -10.74 10.84 -10.39
C VAL E 14 -10.00 11.08 -9.08
N LYS E 15 -10.36 12.07 -8.26
CA LYS E 15 -9.62 12.24 -7.04
C LYS E 15 -10.64 12.48 -5.98
N VAL E 16 -10.42 11.85 -4.80
CA VAL E 16 -11.43 12.01 -3.79
C VAL E 16 -10.76 12.43 -2.47
N LYS E 17 -11.13 13.61 -1.87
CA LYS E 17 -10.56 14.09 -0.61
C LYS E 17 -11.62 13.99 0.45
N VAL E 18 -11.26 13.39 1.65
CA VAL E 18 -12.15 13.38 2.78
C VAL E 18 -11.45 14.15 3.96
N LYS E 19 -12.16 14.90 4.83
CA LYS E 19 -11.55 15.55 6.00
C LYS E 19 -12.53 15.50 7.17
N VAL E 20 -12.05 15.87 8.35
CA VAL E 20 -12.80 15.95 9.58
C VAL E 20 -13.10 17.45 9.73
N NH2 E 21 -14.33 17.81 10.03
HN1 NH2 E 21 -14.42 18.80 10.09
HN2 NH2 E 21 -15.03 17.09 10.09
N VAL F 1 3.38 12.68 10.78
CA VAL F 1 3.12 11.33 10.38
C VAL F 1 2.36 11.26 9.05
N LYS F 2 2.89 10.57 7.97
CA LYS F 2 2.19 10.58 6.64
C LYS F 2 2.43 9.27 5.95
N VAL F 3 1.42 8.78 5.20
CA VAL F 3 1.52 7.61 4.36
C VAL F 3 1.08 7.86 2.90
N LYS F 4 2.05 7.66 1.92
CA LYS F 4 1.70 7.56 0.51
C LYS F 4 1.90 6.14 -0.01
N VAL F 5 0.85 5.63 -0.60
CA VAL F 5 0.76 4.35 -1.35
C VAL F 5 0.58 4.74 -2.85
N LYS F 6 1.31 4.01 -3.73
CA LYS F 6 1.19 4.18 -5.14
C LYS F 6 1.19 2.78 -5.85
N VAL F 7 0.14 2.45 -6.65
CA VAL F 7 0.31 1.10 -7.15
C VAL F 7 -0.34 1.11 -8.52
N LYS F 8 0.23 0.40 -9.54
CA LYS F 8 -0.27 0.38 -10.87
C LYS F 8 -0.71 -1.05 -11.13
N VAL F 9 -2.10 -1.19 -11.16
CA VAL F 9 -2.79 -2.50 -11.34
C VAL F 9 -3.43 -2.53 -12.72
N DPR F 10 -2.85 -3.23 -13.74
CA DPR F 10 -2.93 -3.02 -15.18
CB DPR F 10 -1.59 -3.56 -15.79
CG DPR F 10 -1.20 -4.61 -14.78
CD DPR F 10 -1.63 -4.05 -13.45
C DPR F 10 -3.14 -1.58 -15.59
O DPR F 10 -2.24 -0.75 -15.36
HA DPR F 10 -3.65 -3.74 -15.57
HB2 DPR F 10 -1.70 -4.09 -16.76
HB3 DPR F 10 -0.76 -2.81 -15.79
HG2 DPR F 10 -1.88 -5.50 -14.82
HG3 DPR F 10 -0.15 -4.96 -14.66
HD2 DPR F 10 -2.05 -4.85 -12.80
HD3 DPR F 10 -0.79 -3.45 -13.04
N PRO F 11 -4.26 -1.14 -16.23
CA PRO F 11 -4.54 0.20 -16.72
C PRO F 11 -4.76 1.21 -15.58
N THR F 12 -4.93 0.77 -14.34
CA THR F 12 -5.19 1.60 -13.14
C THR F 12 -3.90 2.12 -12.63
N LYS F 13 -3.80 3.42 -12.42
CA LYS F 13 -2.78 3.97 -11.51
C LYS F 13 -3.40 4.44 -10.28
N VAL F 14 -2.99 3.95 -9.08
CA VAL F 14 -3.68 4.40 -7.90
C VAL F 14 -2.79 4.96 -6.88
N LYS F 15 -3.25 6.17 -6.40
CA LYS F 15 -2.50 6.96 -5.48
C LYS F 15 -3.34 7.16 -4.30
N VAL F 16 -2.82 6.80 -3.07
CA VAL F 16 -3.44 6.90 -1.79
C VAL F 16 -2.59 7.92 -0.96
N LYS F 17 -3.11 8.90 -0.21
CA LYS F 17 -2.41 9.78 0.65
C LYS F 17 -3.17 9.80 1.92
N VAL F 18 -2.44 9.46 3.05
CA VAL F 18 -3.03 9.47 4.41
C VAL F 18 -2.14 10.40 5.18
N LYS F 19 -2.69 11.47 5.78
CA LYS F 19 -1.92 12.63 6.22
C LYS F 19 -2.55 13.09 7.57
N VAL F 20 -1.66 12.98 8.62
CA VAL F 20 -2.00 13.46 9.93
C VAL F 20 -1.59 14.94 9.96
N NH2 F 21 -2.44 15.76 10.63
HN1 NH2 F 21 -2.01 16.57 11.03
HN2 NH2 F 21 -3.34 15.54 11.01
N VAL G 1 11.96 10.41 9.02
CA VAL G 1 12.30 8.96 8.85
C VAL G 1 11.54 8.31 7.75
N LYS G 2 12.20 7.73 6.79
CA LYS G 2 11.50 7.23 5.61
C LYS G 2 11.61 5.74 5.61
N VAL G 3 10.39 5.09 5.50
CA VAL G 3 10.20 3.65 5.37
C VAL G 3 9.75 3.46 3.95
N LYS G 4 10.53 2.83 3.11
CA LYS G 4 10.13 2.70 1.72
C LYS G 4 10.02 1.21 1.45
N VAL G 5 8.84 0.77 1.01
CA VAL G 5 8.69 -0.60 0.58
C VAL G 5 8.37 -0.61 -0.88
N LYS G 6 8.97 -1.45 -1.75
CA LYS G 6 8.47 -1.67 -3.14
C LYS G 6 8.33 -3.21 -3.45
N VAL G 7 7.36 -3.62 -4.27
CA VAL G 7 7.27 -5.04 -4.65
C VAL G 7 6.76 -4.94 -6.06
N LYS G 8 7.26 -5.88 -6.91
CA LYS G 8 6.97 -6.12 -8.34
C LYS G 8 6.38 -7.50 -8.31
N VAL G 9 5.18 -7.60 -8.84
CA VAL G 9 4.44 -8.90 -8.90
C VAL G 9 3.88 -9.11 -10.34
N DPR G 10 4.33 -10.04 -11.19
CA DPR G 10 4.16 -10.00 -12.67
CB DPR G 10 5.27 -10.87 -13.23
CG DPR G 10 5.47 -11.92 -12.12
CD DPR G 10 5.41 -10.94 -10.95
C DPR G 10 4.03 -8.54 -13.26
O DPR G 10 4.93 -7.73 -12.96
HA DPR G 10 3.22 -10.49 -12.83
HB2 DPR G 10 4.97 -11.45 -14.14
HB3 DPR G 10 6.23 -10.31 -13.25
HG2 DPR G 10 4.61 -12.63 -12.17
HG3 DPR G 10 6.45 -12.43 -12.30
HD2 DPR G 10 5.30 -11.47 -10.00
HD3 DPR G 10 6.38 -10.37 -10.99
N PRO G 11 3.04 -8.11 -14.02
CA PRO G 11 2.85 -6.74 -14.48
C PRO G 11 2.43 -5.71 -13.41
N THR G 12 2.09 -6.04 -12.12
CA THR G 12 1.82 -5.10 -11.06
C THR G 12 3.04 -4.45 -10.44
N LYS G 13 3.06 -3.12 -10.24
CA LYS G 13 4.11 -2.37 -9.47
C LYS G 13 3.51 -1.73 -8.24
N VAL G 14 4.14 -1.94 -7.02
CA VAL G 14 3.60 -1.31 -5.83
C VAL G 14 4.76 -0.54 -5.35
N LYS G 15 4.51 0.70 -5.00
CA LYS G 15 5.38 1.46 -4.11
C LYS G 15 4.74 2.06 -2.84
N VAL G 16 5.40 1.88 -1.71
CA VAL G 16 4.82 2.27 -0.44
C VAL G 16 5.83 3.14 0.35
N LYS G 17 5.39 4.31 0.78
CA LYS G 17 6.33 5.30 1.31
C LYS G 17 5.59 5.92 2.54
N VAL G 18 6.28 5.85 3.70
CA VAL G 18 5.73 6.21 4.99
C VAL G 18 6.72 7.18 5.59
N LYS G 19 6.22 8.27 6.17
CA LYS G 19 7.03 9.22 6.88
C LYS G 19 6.52 9.14 8.28
N VAL G 20 7.16 8.49 9.19
CA VAL G 20 6.40 7.95 10.37
C VAL G 20 6.20 8.94 11.51
N NH2 G 21 6.66 10.21 11.54
HN1 NH2 G 21 6.40 10.80 12.30
HN2 NH2 G 21 7.00 10.59 10.67
N VAL H 1 20.92 3.14 12.97
CA VAL H 1 19.67 2.41 12.53
C VAL H 1 19.44 2.53 11.02
N LYS H 2 19.70 1.47 10.30
CA LYS H 2 19.51 1.31 8.90
C LYS H 2 18.87 -0.11 8.76
N VAL H 3 17.90 -0.24 7.82
CA VAL H 3 17.50 -1.57 7.36
C VAL H 3 17.51 -1.50 5.81
N LYS H 4 18.40 -2.33 5.20
CA LYS H 4 18.50 -2.42 3.72
C LYS H 4 18.23 -3.74 3.17
N VAL H 5 17.06 -3.92 2.48
CA VAL H 5 16.76 -5.20 1.89
C VAL H 5 16.66 -5.05 0.37
N LYS H 6 17.43 -5.92 -0.35
CA LYS H 6 17.30 -6.03 -1.80
C LYS H 6 17.37 -7.49 -2.09
N VAL H 7 16.35 -8.04 -2.74
CA VAL H 7 16.39 -9.46 -3.31
C VAL H 7 15.36 -9.62 -4.43
N LYS H 8 15.50 -10.73 -5.19
CA LYS H 8 14.49 -11.19 -6.07
C LYS H 8 14.36 -12.67 -5.83
N VAL H 9 13.06 -13.16 -5.80
CA VAL H 9 12.69 -14.52 -5.33
C VAL H 9 11.50 -15.04 -6.15
N DPR H 10 11.39 -16.34 -6.53
CA DPR H 10 10.61 -16.90 -7.70
CB DPR H 10 11.38 -18.15 -8.04
CG DPR H 10 11.76 -18.71 -6.57
CD DPR H 10 12.15 -17.38 -5.85
C DPR H 10 10.52 -15.92 -8.91
O DPR H 10 11.55 -15.54 -9.44
HA DPR H 10 9.63 -17.14 -7.30
HB2 DPR H 10 10.83 -18.83 -8.72
HB3 DPR H 10 12.35 -17.89 -8.50
HG2 DPR H 10 10.84 -19.23 -6.21
HG3 DPR H 10 12.56 -19.47 -6.71
HD2 DPR H 10 12.05 -17.55 -4.75
HD3 DPR H 10 13.23 -17.33 -6.13
N PRO H 11 9.36 -15.47 -9.32
CA PRO H 11 9.20 -14.54 -10.38
C PRO H 11 9.09 -13.14 -9.81
N THR H 12 9.38 -12.81 -8.59
CA THR H 12 9.10 -11.53 -7.89
C THR H 12 10.38 -10.73 -7.65
N LYS H 13 10.31 -9.37 -7.47
CA LYS H 13 11.40 -8.57 -7.08
C LYS H 13 10.98 -7.71 -5.89
N VAL H 14 11.72 -7.62 -4.82
CA VAL H 14 11.28 -7.11 -3.55
C VAL H 14 12.41 -6.06 -3.16
N LYS H 15 12.13 -4.75 -2.81
CA LYS H 15 13.12 -3.87 -2.23
C LYS H 15 12.55 -3.13 -0.99
N VAL H 16 13.26 -3.09 0.13
CA VAL H 16 12.86 -2.36 1.36
C VAL H 16 14.05 -1.52 1.81
N LYS H 17 13.79 -0.26 2.17
CA LYS H 17 14.85 0.59 2.85
C LYS H 17 14.19 1.44 3.80
N VAL H 18 14.72 1.39 5.07
CA VAL H 18 14.37 2.28 6.23
C VAL H 18 15.54 3.15 6.51
N LYS H 19 15.28 4.48 6.51
CA LYS H 19 16.35 5.47 6.74
C LYS H 19 15.97 6.36 7.86
N VAL H 20 16.74 6.45 8.99
CA VAL H 20 16.49 7.30 10.06
C VAL H 20 17.26 8.67 10.02
N NH2 H 21 18.62 8.75 9.89
HN1 NH2 H 21 19.00 9.66 9.80
HN2 NH2 H 21 19.13 7.92 9.67
N VAL A 1 -12.87 -0.74 -15.62
CA VAL A 1 -12.10 -0.63 -14.37
C VAL A 1 -12.93 -0.17 -13.16
N LYS A 2 -12.80 -0.82 -12.00
CA LYS A 2 -13.62 -0.56 -10.85
C LYS A 2 -12.63 -0.30 -9.64
N VAL A 3 -12.85 0.79 -8.86
CA VAL A 3 -12.12 0.91 -7.62
C VAL A 3 -13.14 1.22 -6.51
N LYS A 4 -12.97 0.65 -5.31
CA LYS A 4 -13.79 0.81 -4.17
C LYS A 4 -12.98 1.23 -2.99
N VAL A 5 -13.36 2.24 -2.27
CA VAL A 5 -12.75 2.74 -1.10
C VAL A 5 -13.77 2.78 0.06
N LYS A 6 -13.24 2.35 1.25
CA LYS A 6 -13.74 2.48 2.56
C LYS A 6 -12.81 3.10 3.59
N VAL A 7 -13.27 4.05 4.34
CA VAL A 7 -12.47 4.93 5.19
C VAL A 7 -13.19 5.26 6.47
N LYS A 8 -12.47 5.37 7.62
CA LYS A 8 -12.99 5.96 8.78
C LYS A 8 -11.93 6.96 9.24
N VAL A 9 -12.38 8.21 9.59
CA VAL A 9 -11.47 9.25 10.00
C VAL A 9 -12.14 10.11 11.14
N DPR A 10 -11.47 10.59 12.19
CA DPR A 10 -12.11 11.03 13.44
CB DPR A 10 -11.08 10.69 14.56
CG DPR A 10 -9.74 10.79 13.94
CD DPR A 10 -10.06 10.34 12.49
C DPR A 10 -13.45 10.29 13.77
O DPR A 10 -13.45 9.07 13.64
HA DPR A 10 -12.41 12.06 13.23
HB2 DPR A 10 -11.11 11.36 15.45
HB3 DPR A 10 -11.20 9.69 15.01
HG2 DPR A 10 -9.49 11.85 13.75
HG3 DPR A 10 -8.96 10.13 14.36
HD2 DPR A 10 -9.35 10.91 11.84
HD3 DPR A 10 -9.86 9.25 12.44
N PRO A 11 -14.51 10.98 14.06
CA PRO A 11 -15.78 10.41 14.21
C PRO A 11 -16.67 10.57 12.96
N THR A 12 -16.19 10.18 11.75
CA THR A 12 -17.00 10.13 10.48
C THR A 12 -16.45 8.94 9.66
N LYS A 13 -17.41 8.33 8.90
CA LYS A 13 -17.10 7.33 7.92
C LYS A 13 -17.75 7.44 6.57
N VAL A 14 -17.09 6.77 5.60
CA VAL A 14 -17.55 6.75 4.22
C VAL A 14 -17.34 5.37 3.64
N LYS A 15 -18.21 5.00 2.71
CA LYS A 15 -17.92 3.93 1.69
C LYS A 15 -18.37 4.46 0.37
N VAL A 16 -17.41 4.47 -0.61
CA VAL A 16 -17.53 5.21 -1.93
C VAL A 16 -16.90 4.48 -3.09
N LYS A 17 -17.63 4.52 -4.27
CA LYS A 17 -17.21 3.68 -5.35
C LYS A 17 -16.98 4.47 -6.61
N VAL A 18 -15.81 4.23 -7.33
CA VAL A 18 -15.36 5.01 -8.48
C VAL A 18 -15.23 3.94 -9.58
N LYS A 19 -16.08 3.97 -10.53
CA LYS A 19 -16.19 3.01 -11.61
C LYS A 19 -16.03 3.68 -12.93
N VAL A 20 -14.91 3.25 -13.61
CA VAL A 20 -14.47 3.78 -14.92
C VAL A 20 -14.48 2.67 -16.01
N NH2 A 21 -15.55 2.53 -16.79
HN1 NH2 A 21 -15.68 1.65 -17.25
HN2 NH2 A 21 -16.29 3.18 -16.64
N VAL B 1 -5.86 -9.55 -12.67
CA VAL B 1 -5.28 -8.83 -11.44
C VAL B 1 -6.18 -8.09 -10.50
N LYS B 2 -6.21 -8.38 -9.14
CA LYS B 2 -7.13 -8.03 -8.05
C LYS B 2 -6.29 -7.62 -6.89
N VAL B 3 -6.37 -6.37 -6.42
CA VAL B 3 -5.47 -5.82 -5.40
C VAL B 3 -6.31 -5.23 -4.20
N LYS B 4 -5.73 -5.26 -3.00
CA LYS B 4 -6.33 -4.82 -1.79
C LYS B 4 -5.21 -4.12 -1.14
N VAL B 5 -5.44 -2.87 -0.74
CA VAL B 5 -4.47 -2.12 0.06
C VAL B 5 -5.21 -1.79 1.35
N LYS B 6 -4.59 -1.88 2.55
CA LYS B 6 -5.08 -1.35 3.82
C LYS B 6 -3.96 -0.52 4.45
N VAL B 7 -4.44 0.36 5.33
CA VAL B 7 -3.56 1.12 6.22
C VAL B 7 -4.28 1.44 7.50
N LYS B 8 -3.53 1.55 8.55
CA LYS B 8 -4.08 1.88 9.89
C LYS B 8 -3.19 2.88 10.63
N VAL B 9 -3.56 4.14 10.93
CA VAL B 9 -2.65 5.05 11.58
C VAL B 9 -3.29 5.63 12.76
N DPR B 10 -2.93 5.43 14.03
CA DPR B 10 -3.70 5.75 15.24
CB DPR B 10 -3.02 4.93 16.37
CG DPR B 10 -1.54 4.78 15.86
CD DPR B 10 -1.76 4.68 14.34
C DPR B 10 -5.19 5.62 15.14
O DPR B 10 -5.47 4.48 14.72
HA DPR B 10 -3.53 6.80 15.39
HB2 DPR B 10 -2.95 5.46 17.34
HB3 DPR B 10 -3.57 3.97 16.53
HG2 DPR B 10 -1.01 5.72 16.12
HG3 DPR B 10 -0.98 3.86 16.13
HD2 DPR B 10 -0.83 5.08 13.88
HD3 DPR B 10 -1.91 3.64 13.99
N PRO B 11 -6.15 6.50 15.44
CA PRO B 11 -7.55 6.30 15.19
C PRO B 11 -7.95 6.04 13.71
N THR B 12 -7.18 6.56 12.71
CA THR B 12 -7.61 6.43 11.28
C THR B 12 -7.36 5.05 10.67
N LYS B 13 -8.36 4.60 9.88
CA LYS B 13 -8.26 3.32 9.20
C LYS B 13 -8.88 3.36 7.84
N VAL B 14 -8.15 2.89 6.77
CA VAL B 14 -8.46 3.13 5.36
C VAL B 14 -8.15 1.83 4.51
N LYS B 15 -9.14 1.36 3.72
CA LYS B 15 -9.05 0.13 2.88
C LYS B 15 -9.67 0.30 1.48
N VAL B 16 -8.85 -0.06 0.49
CA VAL B 16 -9.03 0.17 -0.95
C VAL B 16 -9.11 -1.23 -1.69
N LYS B 17 -9.90 -1.38 -2.69
CA LYS B 17 -9.97 -2.50 -3.56
C LYS B 17 -9.80 -1.95 -4.89
N VAL B 18 -8.98 -2.61 -5.76
CA VAL B 18 -8.88 -2.20 -7.15
C VAL B 18 -9.20 -3.52 -7.89
N LYS B 19 -10.28 -3.60 -8.66
CA LYS B 19 -10.53 -4.73 -9.57
C LYS B 19 -10.68 -4.17 -10.97
N VAL B 20 -10.17 -4.89 -12.05
CA VAL B 20 -10.21 -4.27 -13.39
C VAL B 20 -11.42 -4.85 -14.16
N NH2 B 21 -11.41 -6.21 -14.29
HN1 NH2 B 21 -12.19 -6.80 -14.52
HN2 NH2 B 21 -10.60 -6.75 -14.07
N VAL C 1 -0.56 -16.66 -9.07
CA VAL C 1 0.45 -16.12 -8.06
C VAL C 1 -0.11 -15.08 -7.11
N LYS C 2 0.33 -15.10 -5.83
CA LYS C 2 -0.23 -14.25 -4.74
C LYS C 2 0.96 -13.67 -4.11
N VAL C 3 0.90 -12.36 -3.86
CA VAL C 3 1.78 -11.51 -3.17
C VAL C 3 1.13 -10.98 -1.92
N LYS C 4 1.75 -11.10 -0.72
CA LYS C 4 1.28 -10.58 0.56
C LYS C 4 2.49 -9.84 1.20
N VAL C 5 2.32 -8.58 1.47
CA VAL C 5 3.27 -7.84 2.24
C VAL C 5 2.58 -7.37 3.55
N LYS C 6 3.17 -7.57 4.73
CA LYS C 6 2.90 -6.78 5.91
C LYS C 6 4.10 -5.94 6.45
N VAL C 7 3.86 -4.66 6.67
CA VAL C 7 4.79 -3.81 7.34
C VAL C 7 4.22 -3.27 8.56
N LYS C 8 4.89 -3.38 9.75
CA LYS C 8 4.57 -2.61 10.97
C LYS C 8 5.74 -1.72 11.26
N VAL C 9 5.62 -0.35 11.30
CA VAL C 9 6.78 0.60 11.40
C VAL C 9 6.41 1.89 12.14
N DPR C 10 7.31 2.47 12.95
CA DPR C 10 7.04 3.45 14.01
CB DPR C 10 8.34 3.56 14.90
CG DPR C 10 9.40 3.22 13.88
CD DPR C 10 8.72 2.14 13.03
C DPR C 10 5.64 3.45 14.68
O DPR C 10 5.52 2.59 15.60
HA DPR C 10 7.03 4.37 13.44
HB2 DPR C 10 8.44 4.60 15.27
HB3 DPR C 10 8.24 2.86 15.76
HG2 DPR C 10 9.59 4.12 13.25
HG3 DPR C 10 10.39 2.84 14.20
HD2 DPR C 10 9.18 2.18 12.02
HD3 DPR C 10 8.83 1.09 13.37
N PRO C 11 4.76 4.28 14.34
CA PRO C 11 3.48 4.11 14.85
C PRO C 11 2.44 3.89 13.74
N THR C 12 2.72 3.09 12.69
CA THR C 12 1.84 2.91 11.51
C THR C 12 1.88 1.37 11.09
N LYS C 13 0.81 0.75 10.57
CA LYS C 13 0.78 -0.57 9.92
C LYS C 13 0.24 -0.35 8.48
N VAL C 14 0.83 -1.02 7.50
CA VAL C 14 0.34 -0.98 6.13
C VAL C 14 0.28 -2.35 5.63
N LYS C 15 -0.71 -2.64 4.74
CA LYS C 15 -0.91 -4.06 4.31
C LYS C 15 -1.20 -4.06 2.80
N VAL C 16 -0.48 -4.95 2.07
CA VAL C 16 -0.62 -5.15 0.67
C VAL C 16 -0.95 -6.54 0.43
N LYS C 17 -2.00 -6.72 -0.49
CA LYS C 17 -2.26 -8.02 -1.09
C LYS C 17 -2.48 -7.79 -2.58
N VAL C 18 -1.93 -8.72 -3.39
CA VAL C 18 -2.13 -8.75 -4.84
C VAL C 18 -2.29 -10.21 -5.16
N LYS C 19 -3.37 -10.51 -5.83
CA LYS C 19 -3.70 -11.76 -6.44
C LYS C 19 -3.53 -11.46 -8.00
N VAL C 20 -2.77 -12.29 -8.72
CA VAL C 20 -2.57 -11.99 -10.13
C VAL C 20 -3.74 -12.70 -10.93
N NH2 C 21 -3.55 -14.03 -11.18
HN1 NH2 C 21 -4.32 -14.57 -11.53
HN2 NH2 C 21 -2.60 -14.36 -11.23
N VAL D 1 5.14 -23.81 -4.29
CA VAL D 1 6.37 -23.10 -3.71
C VAL D 1 5.86 -21.83 -2.96
N LYS D 2 6.20 -21.61 -1.69
CA LYS D 2 5.92 -20.42 -0.99
C LYS D 2 7.23 -19.79 -0.38
N VAL D 3 7.58 -18.51 -0.67
CA VAL D 3 8.83 -17.95 -0.16
C VAL D 3 8.61 -16.89 0.82
N LYS D 4 9.33 -16.93 1.92
CA LYS D 4 9.13 -16.05 3.05
C LYS D 4 10.40 -15.32 3.33
N VAL D 5 10.28 -14.01 3.40
CA VAL D 5 11.34 -13.05 3.77
C VAL D 5 10.85 -12.35 5.03
N LYS D 6 11.65 -12.33 6.15
CA LYS D 6 11.27 -11.53 7.34
C LYS D 6 12.47 -10.64 7.70
N VAL D 7 12.23 -9.30 7.88
CA VAL D 7 13.13 -8.49 8.60
C VAL D 7 12.50 -7.72 9.65
N LYS D 8 13.04 -7.80 10.91
CA LYS D 8 12.51 -7.16 12.12
C LYS D 8 13.64 -6.53 12.95
N VAL D 9 13.64 -5.14 12.96
CA VAL D 9 14.48 -4.30 13.74
C VAL D 9 13.64 -3.60 14.72
N DPR D 10 13.59 -4.04 16.02
CA DPR D 10 12.65 -3.44 16.98
CB DPR D 10 12.30 -4.52 17.95
CG DPR D 10 13.50 -5.50 17.84
CD DPR D 10 13.92 -5.41 16.39
C DPR D 10 11.24 -2.91 16.51
O DPR D 10 10.40 -3.70 16.04
HA DPR D 10 13.20 -2.60 17.40
HB2 DPR D 10 12.17 -4.23 19.02
HB3 DPR D 10 11.44 -5.15 17.65
HG2 DPR D 10 14.29 -5.05 18.48
HG3 DPR D 10 13.30 -6.53 18.21
HD2 DPR D 10 15.02 -5.59 16.29
HD3 DPR D 10 13.35 -6.07 15.70
N PRO D 11 10.98 -1.66 16.59
CA PRO D 11 9.75 -1.25 16.08
C PRO D 11 9.55 -1.27 14.56
N THR D 12 10.61 -1.47 13.75
CA THR D 12 10.62 -1.58 12.28
C THR D 12 10.49 -3.02 11.88
N LYS D 13 9.35 -3.46 11.40
CA LYS D 13 9.19 -4.90 11.01
C LYS D 13 8.58 -5.07 9.66
N VAL D 14 9.17 -5.98 8.78
CA VAL D 14 8.66 -6.15 7.45
C VAL D 14 8.64 -7.62 7.16
N LYS D 15 7.49 -8.07 6.67
CA LYS D 15 7.31 -9.41 6.34
C LYS D 15 6.76 -9.43 4.92
N VAL D 16 7.33 -10.32 4.06
CA VAL D 16 6.89 -10.36 2.65
C VAL D 16 6.77 -11.86 2.42
N LYS D 17 5.66 -12.33 1.83
CA LYS D 17 5.41 -13.73 1.51
C LYS D 17 4.62 -13.88 0.20
N VAL D 18 5.19 -14.72 -0.67
CA VAL D 18 4.77 -14.89 -2.00
C VAL D 18 4.57 -16.32 -2.22
N LYS D 19 3.38 -16.67 -2.68
CA LYS D 19 2.96 -18.00 -3.04
C LYS D 19 2.96 -18.19 -4.49
N VAL D 20 3.70 -19.17 -4.94
CA VAL D 20 3.75 -19.42 -6.36
C VAL D 20 3.29 -20.90 -6.49
N NH2 D 21 2.33 -21.13 -7.46
HN1 NH2 D 21 2.18 -22.11 -7.64
HN2 NH2 D 21 1.79 -20.47 -7.97
N VAL E 1 -7.31 14.93 10.37
CA VAL E 1 -6.72 14.07 9.38
C VAL E 1 -7.24 14.25 8.03
N LYS E 2 -6.39 14.04 6.99
CA LYS E 2 -6.74 14.11 5.58
C LYS E 2 -6.38 12.81 4.89
N VAL E 3 -7.38 12.26 4.21
CA VAL E 3 -7.18 11.08 3.36
C VAL E 3 -7.58 11.36 1.91
N LYS E 4 -6.69 10.97 1.00
CA LYS E 4 -6.87 11.36 -0.39
C LYS E 4 -6.59 10.20 -1.36
N VAL E 5 -7.62 9.79 -2.05
CA VAL E 5 -7.51 8.75 -3.05
C VAL E 5 -7.74 9.31 -4.45
N LYS E 6 -6.68 9.28 -5.29
CA LYS E 6 -6.66 9.81 -6.60
C LYS E 6 -6.57 8.69 -7.57
N VAL E 7 -7.45 8.56 -8.57
CA VAL E 7 -7.32 7.42 -9.49
C VAL E 7 -7.38 7.97 -10.91
N LYS E 8 -6.45 7.38 -11.73
CA LYS E 8 -6.23 7.82 -13.08
C LYS E 8 -6.32 6.60 -13.91
N VAL E 9 -7.27 6.67 -14.93
CA VAL E 9 -7.40 5.61 -15.85
C VAL E 9 -7.50 6.14 -17.27
N DPR E 10 -6.61 5.87 -18.26
CA DPR E 10 -6.45 6.46 -19.55
CB DPR E 10 -5.02 6.31 -19.98
CG DPR E 10 -4.64 5.05 -19.37
CD DPR E 10 -5.35 5.02 -18.01
C DPR E 10 -6.88 7.92 -19.67
O DPR E 10 -6.18 8.72 -19.09
HA DPR E 10 -7.08 5.91 -20.22
HB2 DPR E 10 -4.77 6.32 -21.06
HB3 DPR E 10 -4.32 7.07 -19.58
HG2 DPR E 10 -5.10 4.22 -19.93
HG3 DPR E 10 -3.53 4.94 -19.33
HD2 DPR E 10 -5.61 3.97 -17.78
HD3 DPR E 10 -4.78 5.31 -17.09
N PRO E 11 -7.93 8.43 -20.32
CA PRO E 11 -8.30 9.82 -20.32
C PRO E 11 -8.75 10.34 -18.94
N THR E 12 -9.39 9.56 -18.13
CA THR E 12 -10.05 9.86 -16.86
C THR E 12 -9.00 10.04 -15.74
N LYS E 13 -9.14 11.20 -15.04
CA LYS E 13 -8.53 11.47 -13.79
C LYS E 13 -9.55 12.05 -12.85
N VAL E 14 -9.72 11.45 -11.64
CA VAL E 14 -10.65 11.86 -10.57
C VAL E 14 -9.95 11.91 -9.26
N LYS E 15 -9.89 13.07 -8.49
CA LYS E 15 -9.23 13.25 -7.24
C LYS E 15 -10.29 13.29 -6.20
N VAL E 16 -10.03 12.46 -5.12
CA VAL E 16 -11.07 12.30 -4.12
C VAL E 16 -10.46 12.75 -2.70
N LYS E 17 -11.13 13.66 -1.99
CA LYS E 17 -10.65 14.23 -0.72
C LYS E 17 -11.54 14.04 0.53
N VAL E 18 -10.98 13.45 1.59
CA VAL E 18 -11.62 13.13 2.84
C VAL E 18 -10.83 13.68 3.92
N LYS E 19 -11.55 14.21 4.90
CA LYS E 19 -11.05 14.70 6.16
C LYS E 19 -12.29 14.84 7.04
N VAL E 20 -12.08 15.16 8.35
CA VAL E 20 -13.18 15.55 9.23
C VAL E 20 -13.51 17.01 9.05
N NH2 E 21 -14.78 17.41 8.44
HN1 NH2 E 21 -15.06 18.36 8.29
HN2 NH2 E 21 -15.30 16.62 8.11
N VAL F 1 3.44 12.28 11.40
CA VAL F 1 3.12 11.08 10.71
C VAL F 1 2.32 11.20 9.40
N LYS F 2 2.94 10.86 8.28
CA LYS F 2 2.35 11.00 6.97
C LYS F 2 2.63 9.70 6.18
N VAL F 3 1.67 9.23 5.42
CA VAL F 3 1.79 7.85 4.86
C VAL F 3 1.29 7.93 3.35
N LYS F 4 2.05 7.67 2.34
CA LYS F 4 1.71 7.59 0.99
C LYS F 4 1.87 6.24 0.47
N VAL F 5 0.90 5.69 -0.25
CA VAL F 5 1.08 4.38 -0.86
C VAL F 5 0.67 4.68 -2.32
N LYS F 6 1.37 4.07 -3.27
CA LYS F 6 1.24 4.06 -4.71
C LYS F 6 1.24 2.60 -5.22
N VAL F 7 0.35 2.31 -6.19
CA VAL F 7 0.22 1.01 -6.76
C VAL F 7 -0.27 1.26 -8.13
N LYS F 8 0.26 0.54 -9.16
CA LYS F 8 -0.40 0.49 -10.45
C LYS F 8 -0.98 -0.85 -10.91
N VAL F 9 -2.29 -1.02 -11.25
CA VAL F 9 -3.06 -2.26 -11.42
C VAL F 9 -3.78 -2.22 -12.75
N DPR F 10 -3.53 -3.14 -13.68
CA DPR F 10 -3.63 -2.86 -15.14
CB DPR F 10 -2.43 -3.68 -15.73
CG DPR F 10 -2.30 -4.86 -14.72
CD DPR F 10 -2.87 -4.41 -13.42
C DPR F 10 -3.54 -1.37 -15.59
O DPR F 10 -2.55 -0.80 -15.28
HA DPR F 10 -4.56 -3.26 -15.52
HB2 DPR F 10 -2.47 -4.09 -16.76
HB3 DPR F 10 -1.43 -3.22 -15.60
HG2 DPR F 10 -2.98 -5.68 -15.03
HG3 DPR F 10 -1.26 -5.28 -14.65
HD2 DPR F 10 -3.62 -5.11 -12.99
HD3 DPR F 10 -2.00 -4.40 -12.74
N PRO F 11 -4.48 -0.74 -16.25
CA PRO F 11 -4.27 0.61 -16.68
C PRO F 11 -4.65 1.66 -15.56
N THR F 12 -5.13 1.15 -14.37
CA THR F 12 -5.47 1.93 -13.21
C THR F 12 -4.17 2.37 -12.55
N LYS F 13 -4.14 3.72 -12.17
CA LYS F 13 -3.03 4.23 -11.37
C LYS F 13 -3.67 4.84 -10.17
N VAL F 14 -3.24 4.34 -9.04
CA VAL F 14 -3.81 4.78 -7.80
C VAL F 14 -2.73 5.50 -6.95
N LYS F 15 -3.06 6.72 -6.41
CA LYS F 15 -2.25 7.27 -5.34
C LYS F 15 -3.06 7.37 -4.11
N VAL F 16 -2.50 6.96 -2.93
CA VAL F 16 -3.15 7.16 -1.64
C VAL F 16 -2.31 8.15 -0.87
N LYS F 17 -2.94 9.20 -0.26
CA LYS F 17 -2.24 9.91 0.70
C LYS F 17 -3.00 9.79 2.07
N VAL F 18 -2.37 9.38 3.09
CA VAL F 18 -2.76 9.52 4.49
C VAL F 18 -2.03 10.65 5.19
N LYS F 19 -2.63 11.84 5.40
CA LYS F 19 -1.87 12.99 6.00
C LYS F 19 -2.42 13.63 7.29
N VAL F 20 -1.56 13.63 8.42
CA VAL F 20 -1.99 14.14 9.73
C VAL F 20 -1.15 15.34 10.05
N NH2 F 21 -1.85 16.45 10.38
HN1 NH2 F 21 -1.29 17.25 10.56
HN2 NH2 F 21 -2.85 16.48 10.49
N VAL G 1 13.10 10.82 8.65
CA VAL G 1 12.86 9.38 8.42
C VAL G 1 11.96 9.05 7.23
N LYS G 2 12.44 8.25 6.26
CA LYS G 2 11.61 7.71 5.17
C LYS G 2 11.68 6.19 5.20
N VAL G 3 10.55 5.50 5.27
CA VAL G 3 10.51 4.04 5.08
C VAL G 3 9.91 3.82 3.72
N LYS G 4 10.63 3.08 2.91
CA LYS G 4 10.14 2.84 1.58
C LYS G 4 10.29 1.33 1.24
N VAL G 5 9.18 0.68 1.03
CA VAL G 5 8.97 -0.77 0.74
C VAL G 5 8.32 -0.97 -0.61
N LYS G 6 8.85 -1.90 -1.45
CA LYS G 6 8.46 -2.06 -2.91
C LYS G 6 8.65 -3.52 -3.41
N VAL G 7 7.79 -3.89 -4.32
CA VAL G 7 7.69 -5.16 -4.95
C VAL G 7 7.17 -5.01 -6.36
N LYS G 8 7.58 -5.92 -7.18
CA LYS G 8 7.18 -6.07 -8.59
C LYS G 8 6.40 -7.30 -8.68
N VAL G 9 5.25 -7.35 -9.30
CA VAL G 9 4.31 -8.43 -9.21
C VAL G 9 3.71 -8.67 -10.59
N DPR G 10 4.00 -9.65 -11.44
CA DPR G 10 3.87 -9.51 -12.87
CB DPR G 10 5.17 -10.34 -13.40
CG DPR G 10 5.53 -11.35 -12.25
CD DPR G 10 5.20 -10.45 -11.03
C DPR G 10 3.91 -8.09 -13.49
O DPR G 10 4.90 -7.41 -13.33
HA DPR G 10 2.93 -9.99 -13.11
HB2 DPR G 10 4.85 -10.71 -14.39
HB3 DPR G 10 6.07 -9.69 -13.48
HG2 DPR G 10 4.82 -12.19 -12.41
HG3 DPR G 10 6.62 -11.57 -12.31
HD2 DPR G 10 5.03 -11.10 -10.15
HD3 DPR G 10 6.04 -9.76 -10.77
N PRO G 11 2.83 -7.51 -14.07
CA PRO G 11 2.91 -6.18 -14.64
C PRO G 11 2.14 -5.20 -13.65
N THR G 12 2.40 -5.32 -12.34
CA THR G 12 1.78 -4.67 -11.25
C THR G 12 2.92 -4.21 -10.35
N LYS G 13 3.01 -2.93 -9.95
CA LYS G 13 4.12 -2.38 -9.26
C LYS G 13 3.51 -1.86 -8.00
N VAL G 14 4.09 -2.12 -6.82
CA VAL G 14 3.65 -1.66 -5.40
C VAL G 14 4.75 -0.81 -4.72
N LYS G 15 4.38 0.34 -4.12
CA LYS G 15 5.29 1.16 -3.36
C LYS G 15 4.51 1.74 -2.09
N VAL G 16 5.16 1.44 -0.99
CA VAL G 16 4.74 1.99 0.30
C VAL G 16 5.76 3.04 0.74
N LYS G 17 5.46 4.34 0.91
CA LYS G 17 6.40 5.44 1.45
C LYS G 17 5.85 5.98 2.66
N VAL G 18 6.60 5.80 3.81
CA VAL G 18 6.10 6.17 5.13
C VAL G 18 7.03 7.11 5.79
N LYS G 19 6.61 8.34 6.26
CA LYS G 19 7.36 9.28 7.14
C LYS G 19 6.88 8.98 8.53
N VAL G 20 7.64 8.33 9.37
CA VAL G 20 7.19 7.99 10.77
C VAL G 20 7.35 9.15 11.78
N NH2 G 21 8.39 10.07 11.66
HN1 NH2 G 21 8.50 10.63 12.47
HN2 NH2 G 21 9.09 10.00 10.94
N VAL H 1 20.94 4.06 12.63
CA VAL H 1 19.92 2.98 12.20
C VAL H 1 19.82 2.87 10.68
N LYS H 2 20.06 1.67 10.18
CA LYS H 2 20.00 1.23 8.82
C LYS H 2 19.23 -0.07 8.69
N VAL H 3 18.28 -0.10 7.71
CA VAL H 3 17.48 -1.36 7.39
C VAL H 3 17.39 -1.42 5.91
N LYS H 4 18.39 -2.10 5.33
CA LYS H 4 18.55 -2.26 3.86
C LYS H 4 18.48 -3.70 3.50
N VAL H 5 17.51 -4.15 2.66
CA VAL H 5 17.28 -5.43 2.16
C VAL H 5 16.88 -5.34 0.72
N LYS H 6 17.71 -5.99 -0.16
CA LYS H 6 17.43 -6.09 -1.62
C LYS H 6 17.43 -7.57 -1.92
N VAL H 7 16.32 -8.17 -2.48
CA VAL H 7 16.21 -9.57 -2.73
C VAL H 7 15.22 -9.75 -3.90
N LYS H 8 15.38 -10.86 -4.66
CA LYS H 8 14.52 -11.41 -5.64
C LYS H 8 14.20 -12.96 -5.48
N VAL H 9 12.89 -13.24 -5.49
CA VAL H 9 12.44 -14.52 -5.23
C VAL H 9 11.29 -14.90 -6.11
N DPR H 10 10.84 -16.17 -6.49
CA DPR H 10 9.78 -16.42 -7.49
CB DPR H 10 10.11 -17.87 -7.92
CG DPR H 10 10.61 -18.41 -6.67
CD DPR H 10 11.51 -17.33 -6.10
C DPR H 10 9.68 -15.42 -8.68
O DPR H 10 10.69 -15.24 -9.32
HA DPR H 10 8.87 -16.27 -6.93
HB2 DPR H 10 9.23 -18.47 -8.25
HB3 DPR H 10 10.86 -17.99 -8.72
HG2 DPR H 10 9.73 -18.59 -6.00
HG3 DPR H 10 11.20 -19.33 -6.85
HD2 DPR H 10 11.80 -17.28 -5.03
HD3 DPR H 10 12.37 -17.45 -6.80
N PRO H 11 8.64 -14.74 -9.02
CA PRO H 11 8.61 -13.83 -10.18
C PRO H 11 8.51 -12.46 -9.55
N THR H 12 8.96 -12.31 -8.23
CA THR H 12 8.74 -11.06 -7.55
C THR H 12 10.11 -10.51 -7.10
N LYS H 13 10.29 -9.21 -7.46
CA LYS H 13 11.53 -8.41 -7.12
C LYS H 13 11.21 -7.38 -6.07
N VAL H 14 11.83 -7.46 -4.82
CA VAL H 14 11.48 -6.96 -3.47
C VAL H 14 12.60 -5.99 -3.00
N LYS H 15 12.24 -4.80 -2.49
CA LYS H 15 13.21 -3.99 -1.72
C LYS H 15 12.56 -3.32 -0.58
N VAL H 16 13.29 -3.39 0.51
CA VAL H 16 12.96 -2.73 1.72
C VAL H 16 14.07 -1.72 2.01
N LYS H 17 13.76 -0.46 2.38
CA LYS H 17 14.65 0.58 2.80
C LYS H 17 14.06 1.47 3.90
N VAL H 18 14.81 1.67 5.04
CA VAL H 18 14.62 2.74 5.98
C VAL H 18 15.86 3.59 6.02
N LYS H 19 15.63 4.92 5.87
CA LYS H 19 16.57 5.96 5.88
C LYS H 19 16.43 6.87 7.06
N VAL H 20 17.50 7.20 7.87
CA VAL H 20 17.42 8.03 9.04
C VAL H 20 18.37 9.24 8.88
N NH2 H 21 19.67 8.83 8.84
HN1 NH2 H 21 20.38 9.53 8.82
HN2 NH2 H 21 19.93 7.87 8.81
N VAL A 1 -13.40 -0.92 -15.21
CA VAL A 1 -12.51 -0.69 -14.02
C VAL A 1 -13.27 -0.19 -12.77
N LYS A 2 -12.95 -0.58 -11.55
CA LYS A 2 -13.69 -0.23 -10.38
C LYS A 2 -12.73 -0.04 -9.15
N VAL A 3 -12.90 1.09 -8.49
CA VAL A 3 -12.17 1.34 -7.24
C VAL A 3 -13.14 1.54 -6.15
N LYS A 4 -12.89 0.78 -5.09
CA LYS A 4 -13.77 0.77 -3.89
C LYS A 4 -13.00 1.17 -2.66
N VAL A 5 -13.42 2.26 -1.95
CA VAL A 5 -12.68 2.91 -0.86
C VAL A 5 -13.61 3.06 0.39
N LYS A 6 -13.14 2.51 1.58
CA LYS A 6 -13.78 2.68 2.82
C LYS A 6 -12.76 3.36 3.73
N VAL A 7 -13.21 4.44 4.39
CA VAL A 7 -12.28 5.28 5.23
C VAL A 7 -12.85 5.73 6.51
N LYS A 8 -12.20 5.51 7.63
CA LYS A 8 -12.60 5.95 8.98
C LYS A 8 -11.57 6.93 9.36
N VAL A 9 -11.87 8.17 9.27
CA VAL A 9 -11.05 9.36 9.50
C VAL A 9 -11.59 10.13 10.63
N DPR A 10 -10.79 10.57 11.59
CA DPR A 10 -11.28 10.86 12.92
CB DPR A 10 -10.11 10.38 13.81
CG DPR A 10 -8.84 10.71 13.04
CD DPR A 10 -9.33 10.39 11.64
C DPR A 10 -12.61 10.22 13.41
O DPR A 10 -12.51 9.07 13.77
HA DPR A 10 -11.37 11.93 13.02
HB2 DPR A 10 -10.17 10.94 14.77
HB3 DPR A 10 -9.98 9.30 14.03
HG2 DPR A 10 -8.66 11.80 13.22
HG3 DPR A 10 -7.99 10.06 13.35
HD2 DPR A 10 -8.70 10.99 10.96
HD3 DPR A 10 -9.07 9.32 11.46
N PRO A 11 -13.69 10.92 13.65
CA PRO A 11 -14.94 10.31 14.15
C PRO A 11 -15.96 10.07 13.08
N THR A 12 -15.59 10.05 11.79
CA THR A 12 -16.57 10.02 10.69
C THR A 12 -16.08 9.10 9.65
N LYS A 13 -16.89 8.51 8.87
CA LYS A 13 -16.62 7.35 8.09
C LYS A 13 -17.45 7.49 6.82
N VAL A 14 -16.68 7.15 5.70
CA VAL A 14 -17.26 7.25 4.44
C VAL A 14 -16.82 6.14 3.58
N LYS A 15 -17.66 5.77 2.58
CA LYS A 15 -17.38 4.69 1.62
C LYS A 15 -18.01 5.04 0.28
N VAL A 16 -17.28 4.79 -0.83
CA VAL A 16 -17.38 5.49 -2.13
C VAL A 16 -16.86 4.55 -3.26
N LYS A 17 -17.33 4.72 -4.48
CA LYS A 17 -17.07 3.83 -5.54
C LYS A 17 -16.74 4.51 -6.82
N VAL A 18 -15.65 4.23 -7.49
CA VAL A 18 -15.31 4.81 -8.75
C VAL A 18 -15.47 3.77 -9.89
N LYS A 19 -16.33 3.98 -10.84
CA LYS A 19 -16.45 2.99 -11.91
C LYS A 19 -16.04 3.76 -13.18
N VAL A 20 -15.15 3.19 -14.07
CA VAL A 20 -14.69 3.72 -15.34
C VAL A 20 -14.75 2.67 -16.40
N NH2 A 21 -15.43 3.10 -17.58
HN1 NH2 A 21 -15.62 2.47 -18.35
HN2 NH2 A 21 -15.86 3.99 -17.64
N VAL B 1 -5.40 -9.01 -13.06
CA VAL B 1 -4.77 -8.60 -11.75
C VAL B 1 -5.79 -7.99 -10.77
N LYS B 2 -5.73 -8.46 -9.43
CA LYS B 2 -6.56 -8.00 -8.41
C LYS B 2 -5.74 -7.67 -7.20
N VAL B 3 -6.08 -6.48 -6.62
CA VAL B 3 -5.31 -5.85 -5.57
C VAL B 3 -6.17 -5.37 -4.37
N LYS B 4 -5.68 -5.56 -3.15
CA LYS B 4 -6.28 -4.99 -1.95
C LYS B 4 -5.07 -4.31 -1.21
N VAL B 5 -5.40 -3.11 -0.64
CA VAL B 5 -4.43 -2.31 0.11
C VAL B 5 -5.14 -1.85 1.34
N LYS B 6 -4.55 -2.13 2.57
CA LYS B 6 -5.04 -1.46 3.76
C LYS B 6 -3.85 -0.66 4.35
N VAL B 7 -4.12 0.55 4.93
CA VAL B 7 -3.18 1.41 5.60
C VAL B 7 -3.82 2.01 6.83
N LYS B 8 -3.07 2.02 7.99
CA LYS B 8 -3.59 2.30 9.32
C LYS B 8 -2.62 3.16 10.13
N VAL B 9 -3.15 4.18 10.76
CA VAL B 9 -2.38 5.24 11.47
C VAL B 9 -3.15 5.79 12.69
N DPR B 10 -2.72 5.73 13.97
CA DPR B 10 -3.69 5.86 15.11
CB DPR B 10 -3.05 4.89 16.16
CG DPR B 10 -1.59 5.00 15.86
CD DPR B 10 -1.65 4.92 14.37
C DPR B 10 -5.12 5.48 14.90
O DPR B 10 -5.38 4.42 14.38
HA DPR B 10 -3.64 6.92 15.26
HB2 DPR B 10 -3.23 5.26 17.19
HB3 DPR B 10 -3.32 3.82 16.05
HG2 DPR B 10 -1.03 5.87 16.23
HG3 DPR B 10 -1.17 4.07 16.30
HD2 DPR B 10 -0.75 5.34 13.88
HD3 DPR B 10 -1.80 3.85 14.09
N PRO B 11 -6.11 6.33 15.14
CA PRO B 11 -7.48 6.01 14.74
C PRO B 11 -7.77 5.96 13.24
N THR B 12 -7.05 6.72 12.43
CA THR B 12 -7.19 6.70 10.96
C THR B 12 -7.00 5.33 10.30
N LYS B 13 -7.98 4.69 9.65
CA LYS B 13 -7.84 3.43 9.01
C LYS B 13 -8.58 3.39 7.69
N VAL B 14 -7.91 2.90 6.64
CA VAL B 14 -8.28 3.06 5.27
C VAL B 14 -8.10 1.65 4.65
N LYS B 15 -9.12 1.05 4.04
CA LYS B 15 -8.89 -0.06 3.11
C LYS B 15 -9.35 0.22 1.70
N VAL B 16 -8.52 -0.05 0.71
CA VAL B 16 -8.77 0.23 -0.73
C VAL B 16 -8.82 -1.11 -1.50
N LYS B 17 -9.73 -1.23 -2.50
CA LYS B 17 -9.77 -2.43 -3.38
C LYS B 17 -9.74 -1.94 -4.77
N VAL B 18 -8.94 -2.59 -5.61
CA VAL B 18 -8.81 -2.11 -7.03
C VAL B 18 -8.92 -3.30 -8.03
N LYS B 19 -9.84 -3.20 -9.07
CA LYS B 19 -10.07 -4.24 -10.03
C LYS B 19 -10.28 -3.66 -11.46
N VAL B 20 -9.77 -4.38 -12.52
CA VAL B 20 -9.91 -4.14 -13.96
C VAL B 20 -11.16 -4.80 -14.53
N NH2 B 21 -11.22 -6.17 -14.50
HN1 NH2 B 21 -12.09 -6.57 -14.80
HN2 NH2 B 21 -10.36 -6.64 -14.29
N VAL C 1 -0.31 -17.19 -8.82
CA VAL C 1 0.63 -16.37 -7.93
C VAL C 1 -0.10 -15.36 -7.03
N LYS C 2 -0.02 -15.42 -5.69
CA LYS C 2 -0.46 -14.53 -4.66
C LYS C 2 0.74 -13.92 -3.97
N VAL C 3 0.69 -12.64 -3.61
CA VAL C 3 1.72 -11.91 -2.90
C VAL C 3 1.05 -11.22 -1.68
N LYS C 4 1.64 -11.37 -0.47
CA LYS C 4 1.25 -10.64 0.76
C LYS C 4 2.46 -9.96 1.45
N VAL C 5 2.26 -8.66 1.85
CA VAL C 5 3.29 -7.81 2.39
C VAL C 5 2.74 -7.07 3.55
N LYS C 6 3.33 -7.31 4.69
CA LYS C 6 2.81 -6.69 5.95
C LYS C 6 3.97 -5.95 6.61
N VAL C 7 3.82 -4.63 6.87
CA VAL C 7 4.93 -3.91 7.49
C VAL C 7 4.39 -3.00 8.61
N LYS C 8 5.04 -3.03 9.73
CA LYS C 8 4.72 -2.20 10.84
C LYS C 8 5.93 -1.33 11.11
N VAL C 9 5.78 0.02 11.19
CA VAL C 9 6.89 0.96 11.38
C VAL C 9 6.27 2.11 12.12
N DPR C 10 6.97 2.81 13.02
CA DPR C 10 6.42 3.90 13.89
CB DPR C 10 7.41 3.97 15.01
CG DPR C 10 8.74 3.66 14.32
CD DPR C 10 8.42 2.65 13.27
C DPR C 10 4.97 3.84 14.35
O DPR C 10 4.69 2.71 14.85
HA DPR C 10 6.27 4.75 13.25
HB2 DPR C 10 7.47 5.00 15.42
HB3 DPR C 10 7.11 3.25 15.80
HG2 DPR C 10 9.24 4.55 13.87
HG3 DPR C 10 9.42 3.28 15.12
HD2 DPR C 10 9.04 2.91 12.38
HD3 DPR C 10 8.69 1.64 13.64
N PRO C 11 4.11 4.82 14.19
CA PRO C 11 2.67 4.50 14.25
C PRO C 11 2.11 4.35 12.87
N THR C 12 2.69 3.64 11.99
CA THR C 12 2.03 3.19 10.81
C THR C 12 2.05 1.70 10.50
N LYS C 13 0.94 1.18 10.03
CA LYS C 13 0.96 -0.16 9.43
C LYS C 13 0.47 -0.15 8.06
N VAL C 14 1.12 -0.85 7.13
CA VAL C 14 0.63 -0.91 5.79
C VAL C 14 0.49 -2.40 5.43
N LYS C 15 -0.64 -2.86 4.84
CA LYS C 15 -0.93 -4.16 4.49
C LYS C 15 -1.32 -4.22 2.96
N VAL C 16 -0.41 -4.83 2.10
CA VAL C 16 -0.57 -4.88 0.67
C VAL C 16 -0.80 -6.34 0.29
N LYS C 17 -1.86 -6.68 -0.48
CA LYS C 17 -2.05 -8.01 -1.04
C LYS C 17 -2.41 -7.85 -2.51
N VAL C 18 -1.75 -8.70 -3.35
CA VAL C 18 -2.00 -8.86 -4.79
C VAL C 18 -2.11 -10.36 -5.15
N LYS C 19 -2.98 -10.49 -6.22
CA LYS C 19 -3.06 -11.69 -6.94
C LYS C 19 -2.85 -11.30 -8.41
N VAL C 20 -2.00 -11.98 -9.14
CA VAL C 20 -1.82 -11.77 -10.60
C VAL C 20 -2.94 -12.19 -11.56
N NH2 C 21 -3.46 -13.42 -11.42
HN1 NH2 C 21 -4.17 -13.73 -12.04
HN2 NH2 C 21 -2.98 -14.09 -10.86
N VAL D 1 5.20 -23.94 -4.34
CA VAL D 1 6.29 -23.34 -3.66
C VAL D 1 5.91 -22.19 -2.74
N LYS D 2 6.27 -22.21 -1.43
CA LYS D 2 5.99 -21.08 -0.54
C LYS D 2 7.29 -20.42 -0.21
N VAL D 3 7.50 -19.05 -0.36
CA VAL D 3 8.73 -18.42 0.00
C VAL D 3 8.34 -17.27 0.82
N LYS D 4 9.31 -16.93 1.74
CA LYS D 4 9.08 -15.93 2.81
C LYS D 4 10.32 -15.14 3.12
N VAL D 5 10.19 -13.82 3.43
CA VAL D 5 11.22 -12.91 3.92
C VAL D 5 10.67 -12.22 5.14
N LYS D 6 11.29 -12.27 6.29
CA LYS D 6 10.93 -11.49 7.46
C LYS D 6 12.15 -10.68 7.92
N VAL D 7 12.02 -9.39 8.22
CA VAL D 7 13.10 -8.54 8.69
C VAL D 7 12.53 -7.73 9.78
N LYS D 8 13.12 -7.95 10.98
CA LYS D 8 12.74 -7.29 12.16
C LYS D 8 14.01 -6.60 12.68
N VAL D 9 13.83 -5.30 12.96
CA VAL D 9 14.85 -4.49 13.68
C VAL D 9 14.13 -3.62 14.63
N DPR D 10 14.08 -3.93 15.95
CA DPR D 10 13.10 -3.32 16.94
CB DPR D 10 12.96 -4.47 17.95
CG DPR D 10 14.30 -5.26 17.95
CD DPR D 10 14.52 -5.24 16.42
C DPR D 10 11.80 -2.69 16.41
O DPR D 10 10.93 -3.50 16.06
HA DPR D 10 13.64 -2.52 17.43
HB2 DPR D 10 12.89 -4.17 19.02
HB3 DPR D 10 12.08 -5.09 17.71
HG2 DPR D 10 15.10 -4.75 18.53
HG3 DPR D 10 14.20 -6.29 18.33
HD2 DPR D 10 15.62 -5.27 16.27
HD3 DPR D 10 13.89 -6.03 15.99
N PRO D 11 11.62 -1.38 16.32
CA PRO D 11 10.42 -0.84 15.73
C PRO D 11 10.08 -1.22 14.32
N THR D 12 10.99 -1.40 13.38
CA THR D 12 10.57 -1.89 12.06
C THR D 12 10.35 -3.34 11.91
N LYS D 13 9.09 -3.81 11.68
CA LYS D 13 8.77 -5.22 11.55
C LYS D 13 8.06 -5.50 10.23
N VAL D 14 8.54 -6.44 9.42
CA VAL D 14 8.30 -6.64 7.98
C VAL D 14 8.25 -8.13 7.79
N LYS D 15 7.24 -8.57 6.97
CA LYS D 15 7.14 -9.88 6.50
C LYS D 15 6.56 -9.75 5.15
N VAL D 16 7.40 -10.23 4.17
CA VAL D 16 6.97 -10.39 2.79
C VAL D 16 6.72 -11.88 2.63
N LYS D 17 5.78 -12.28 1.78
CA LYS D 17 5.66 -13.64 1.32
C LYS D 17 5.16 -13.78 -0.10
N VAL D 18 5.61 -14.80 -0.85
CA VAL D 18 5.22 -15.10 -2.33
C VAL D 18 4.74 -16.55 -2.49
N LYS D 19 3.55 -16.76 -3.03
CA LYS D 19 2.97 -18.12 -3.18
C LYS D 19 2.92 -18.48 -4.62
N VAL D 20 3.70 -19.49 -5.07
CA VAL D 20 3.82 -19.95 -6.45
C VAL D 20 3.27 -21.36 -6.41
N NH2 D 21 2.27 -21.75 -7.27
HN1 NH2 D 21 1.88 -22.65 -7.12
HN2 NH2 D 21 1.83 -21.13 -7.93
N VAL E 1 -7.05 16.11 9.92
CA VAL E 1 -6.66 14.79 9.38
C VAL E 1 -7.33 14.53 8.10
N LYS E 2 -6.53 14.20 7.08
CA LYS E 2 -6.86 14.12 5.64
C LYS E 2 -6.55 12.80 5.03
N VAL E 3 -7.49 12.25 4.34
CA VAL E 3 -7.43 10.98 3.57
C VAL E 3 -7.85 11.44 2.23
N LYS E 4 -6.98 11.22 1.22
CA LYS E 4 -7.19 11.66 -0.16
C LYS E 4 -6.70 10.57 -1.17
N VAL E 5 -7.59 10.23 -2.10
CA VAL E 5 -7.36 9.09 -2.90
C VAL E 5 -7.73 9.41 -4.29
N LYS E 6 -6.94 8.95 -5.30
CA LYS E 6 -7.01 9.43 -6.66
C LYS E 6 -6.77 8.33 -7.66
N VAL E 7 -7.72 8.17 -8.59
CA VAL E 7 -7.60 7.22 -9.70
C VAL E 7 -7.71 7.70 -11.21
N LYS E 8 -6.64 7.44 -11.95
CA LYS E 8 -6.58 7.82 -13.36
C LYS E 8 -6.59 6.59 -14.20
N VAL E 9 -7.48 6.64 -15.20
CA VAL E 9 -7.69 5.52 -16.13
C VAL E 9 -7.88 6.05 -17.51
N DPR E 10 -7.12 5.73 -18.47
CA DPR E 10 -7.02 6.43 -19.72
CB DPR E 10 -5.64 6.16 -20.25
CG DPR E 10 -5.31 4.70 -19.76
CD DPR E 10 -6.00 4.78 -18.33
C DPR E 10 -7.32 8.01 -19.64
O DPR E 10 -6.61 8.67 -18.91
HA DPR E 10 -7.76 6.03 -20.39
HB2 DPR E 10 -5.59 6.29 -21.36
HB3 DPR E 10 -4.83 6.83 -19.90
HG2 DPR E 10 -5.75 3.80 -20.23
HG3 DPR E 10 -4.22 4.46 -19.63
HD2 DPR E 10 -6.38 3.76 -18.09
HD3 DPR E 10 -5.19 5.12 -17.65
N PRO E 11 -8.33 8.65 -20.21
CA PRO E 11 -8.60 10.08 -20.06
C PRO E 11 -9.31 10.60 -18.78
N THR E 12 -9.96 9.65 -18.03
CA THR E 12 -10.70 9.95 -16.82
C THR E 12 -9.84 10.03 -15.57
N LYS E 13 -9.95 11.13 -14.77
CA LYS E 13 -9.14 11.31 -13.56
C LYS E 13 -10.02 11.78 -12.36
N VAL E 14 -10.05 11.01 -11.25
CA VAL E 14 -10.99 11.12 -10.07
C VAL E 14 -10.39 11.23 -8.76
N LYS E 15 -10.61 12.28 -7.95
CA LYS E 15 -9.95 12.44 -6.67
C LYS E 15 -10.96 12.74 -5.62
N VAL E 16 -11.17 11.76 -4.75
CA VAL E 16 -11.78 11.90 -3.41
C VAL E 16 -10.87 12.55 -2.34
N LYS E 17 -11.41 13.55 -1.61
CA LYS E 17 -10.72 14.14 -0.44
C LYS E 17 -11.57 14.12 0.80
N VAL E 18 -11.18 13.28 1.68
CA VAL E 18 -12.01 12.95 2.83
C VAL E 18 -11.33 13.54 4.04
N LYS E 19 -12.03 14.31 4.89
CA LYS E 19 -11.46 14.81 6.15
C LYS E 19 -12.54 15.01 7.21
N VAL E 20 -12.18 15.28 8.46
CA VAL E 20 -13.04 15.55 9.63
C VAL E 20 -13.62 16.97 9.40
N NH2 E 21 -14.89 17.11 9.09
HN1 NH2 E 21 -15.14 18.03 8.80
HN2 NH2 E 21 -15.45 16.31 8.96
N VAL F 1 3.36 12.25 11.22
CA VAL F 1 2.95 10.97 10.53
C VAL F 1 2.16 11.32 9.19
N LYS F 2 2.88 10.94 8.12
CA LYS F 2 2.50 11.24 6.75
C LYS F 2 2.70 9.91 6.04
N VAL F 3 1.72 9.38 5.22
CA VAL F 3 1.90 8.09 4.69
C VAL F 3 1.39 8.16 3.28
N LYS F 4 2.18 7.61 2.30
CA LYS F 4 1.77 7.65 0.88
C LYS F 4 1.87 6.22 0.36
N VAL F 5 0.87 5.75 -0.47
CA VAL F 5 0.78 4.35 -1.02
C VAL F 5 0.43 4.41 -2.50
N LYS F 6 1.27 3.81 -3.36
CA LYS F 6 1.10 3.86 -4.81
C LYS F 6 0.93 2.44 -5.35
N VAL F 7 -0.07 2.20 -6.27
CA VAL F 7 -0.21 0.95 -6.95
C VAL F 7 -0.73 1.23 -8.34
N LYS F 8 -0.19 0.53 -9.34
CA LYS F 8 -0.60 0.62 -10.74
C LYS F 8 -1.03 -0.73 -11.21
N VAL F 9 -2.25 -0.97 -11.69
CA VAL F 9 -2.86 -2.30 -11.91
C VAL F 9 -3.47 -2.11 -13.33
N DPR F 10 -3.08 -2.84 -14.35
CA DPR F 10 -3.44 -2.68 -15.84
CB DPR F 10 -2.28 -3.39 -16.56
CG DPR F 10 -1.86 -4.47 -15.54
CD DPR F 10 -2.02 -3.82 -14.18
C DPR F 10 -3.73 -1.31 -16.33
O DPR F 10 -2.71 -0.58 -16.35
HA DPR F 10 -4.37 -3.23 -15.90
HB2 DPR F 10 -2.70 -3.95 -17.41
HB3 DPR F 10 -1.46 -2.80 -17.01
HG2 DPR F 10 -2.51 -5.38 -15.60
HG3 DPR F 10 -0.81 -4.81 -15.68
HD2 DPR F 10 -2.28 -4.59 -13.42
HD3 DPR F 10 -1.03 -3.33 -14.02
N PRO F 11 -4.92 -0.83 -16.73
CA PRO F 11 -5.03 0.56 -17.09
C PRO F 11 -5.11 1.65 -15.93
N THR F 12 -5.08 1.22 -14.67
CA THR F 12 -5.40 1.95 -13.44
C THR F 12 -4.12 2.39 -12.78
N LYS F 13 -3.99 3.70 -12.58
CA LYS F 13 -2.97 4.31 -11.77
C LYS F 13 -3.61 4.92 -10.46
N VAL F 14 -3.26 4.41 -9.27
CA VAL F 14 -3.86 4.77 -8.03
C VAL F 14 -2.82 5.37 -7.07
N LYS F 15 -3.29 6.41 -6.30
CA LYS F 15 -2.44 7.16 -5.42
C LYS F 15 -3.22 7.36 -4.16
N VAL F 16 -2.62 7.05 -2.96
CA VAL F 16 -3.37 7.10 -1.73
C VAL F 16 -2.52 7.96 -0.84
N LYS F 17 -3.07 9.07 -0.28
CA LYS F 17 -2.46 9.85 0.72
C LYS F 17 -3.23 9.82 2.10
N VAL F 18 -2.57 9.45 3.22
CA VAL F 18 -3.07 9.72 4.58
C VAL F 18 -2.05 10.62 5.28
N LYS F 19 -2.47 11.79 5.76
CA LYS F 19 -1.68 12.76 6.44
C LYS F 19 -2.41 13.03 7.71
N VAL F 20 -1.73 12.89 8.83
CA VAL F 20 -2.22 13.36 10.08
C VAL F 20 -1.42 14.73 10.22
N NH2 F 21 -2.19 15.80 9.88
HN1 NH2 F 21 -1.74 16.69 9.87
HN2 NH2 F 21 -3.10 15.69 9.47
N VAL G 1 13.05 10.46 9.23
CA VAL G 1 12.88 8.99 9.26
C VAL G 1 11.92 8.56 8.15
N LYS G 2 12.48 7.85 7.12
CA LYS G 2 11.72 7.42 5.99
C LYS G 2 11.69 5.94 5.83
N VAL G 3 10.59 5.40 5.44
CA VAL G 3 10.46 3.94 5.21
C VAL G 3 9.94 3.75 3.76
N LYS G 4 10.69 2.95 2.99
CA LYS G 4 10.35 2.65 1.65
C LYS G 4 10.39 1.11 1.45
N VAL G 5 9.27 0.59 0.87
CA VAL G 5 9.07 -0.71 0.41
C VAL G 5 8.22 -0.81 -0.91
N LYS G 6 8.75 -1.73 -1.79
CA LYS G 6 8.28 -1.76 -3.12
C LYS G 6 8.34 -3.19 -3.62
N VAL G 7 7.52 -3.58 -4.63
CA VAL G 7 7.61 -4.95 -5.12
C VAL G 7 6.91 -4.94 -6.46
N LYS G 8 7.41 -5.85 -7.33
CA LYS G 8 6.85 -6.05 -8.69
C LYS G 8 6.23 -7.40 -8.72
N VAL G 9 5.00 -7.50 -9.13
CA VAL G 9 4.16 -8.72 -9.04
C VAL G 9 3.42 -8.81 -10.35
N DPR G 10 3.60 -9.80 -11.22
CA DPR G 10 3.33 -9.70 -12.65
CB DPR G 10 4.27 -10.81 -13.19
CG DPR G 10 4.23 -11.81 -12.13
CD DPR G 10 4.46 -10.94 -10.92
C DPR G 10 3.58 -8.27 -13.19
O DPR G 10 4.68 -7.71 -13.01
HA DPR G 10 2.27 -9.90 -12.70
HB2 DPR G 10 3.91 -11.21 -14.17
HB3 DPR G 10 5.34 -10.53 -13.27
HG2 DPR G 10 3.21 -12.23 -11.98
HG3 DPR G 10 4.95 -12.65 -12.18
HD2 DPR G 10 4.23 -11.48 -9.98
HD3 DPR G 10 5.55 -10.73 -10.92
N PRO G 11 2.64 -7.57 -13.93
CA PRO G 11 2.81 -6.26 -14.46
C PRO G 11 2.03 -5.29 -13.55
N THR G 12 2.24 -5.47 -12.26
CA THR G 12 1.73 -4.71 -11.14
C THR G 12 2.88 -4.07 -10.32
N LYS G 13 3.00 -2.72 -10.39
CA LYS G 13 4.09 -2.05 -9.65
C LYS G 13 3.48 -1.46 -8.35
N VAL G 14 4.14 -1.58 -7.22
CA VAL G 14 3.72 -1.13 -5.92
C VAL G 14 4.84 -0.35 -5.26
N LYS G 15 4.48 0.80 -4.65
CA LYS G 15 5.31 1.48 -3.67
C LYS G 15 4.54 1.93 -2.46
N VAL G 16 5.05 1.67 -1.23
CA VAL G 16 4.60 2.23 0.03
C VAL G 16 5.75 3.15 0.54
N LYS G 17 5.47 4.47 0.84
CA LYS G 17 6.43 5.41 1.45
C LYS G 17 5.89 6.01 2.79
N VAL G 18 6.53 5.74 3.93
CA VAL G 18 6.05 6.30 5.20
C VAL G 18 7.09 7.24 5.78
N LYS G 19 6.57 8.35 6.29
CA LYS G 19 7.23 9.40 7.11
C LYS G 19 6.69 9.26 8.49
N VAL G 20 7.42 8.43 9.27
CA VAL G 20 7.12 8.12 10.68
C VAL G 20 7.46 9.25 11.69
N NH2 G 21 8.52 9.99 11.35
HN1 NH2 G 21 8.80 10.77 11.90
HN2 NH2 G 21 9.12 9.74 10.59
N VAL H 1 21.00 3.43 12.64
CA VAL H 1 19.78 2.58 12.69
C VAL H 1 19.27 2.69 11.29
N LYS H 2 18.99 1.59 10.63
CA LYS H 2 18.71 1.47 9.22
C LYS H 2 18.25 0.10 8.90
N VAL H 3 17.37 -0.02 7.87
CA VAL H 3 17.14 -1.37 7.24
C VAL H 3 17.52 -1.24 5.82
N LYS H 4 18.30 -2.16 5.30
CA LYS H 4 18.54 -2.29 3.86
C LYS H 4 18.36 -3.82 3.55
N VAL H 5 17.45 -4.19 2.66
CA VAL H 5 17.24 -5.58 2.25
C VAL H 5 16.95 -5.45 0.77
N LYS H 6 17.63 -6.29 -0.10
CA LYS H 6 17.45 -6.37 -1.52
C LYS H 6 17.33 -7.85 -1.89
N VAL H 7 16.18 -8.32 -2.39
CA VAL H 7 15.85 -9.71 -2.53
C VAL H 7 14.88 -9.94 -3.71
N LYS H 8 15.04 -11.06 -4.40
CA LYS H 8 14.12 -11.54 -5.43
C LYS H 8 13.80 -13.00 -4.96
N VAL H 9 12.53 -13.28 -4.65
CA VAL H 9 12.05 -14.61 -4.38
C VAL H 9 10.95 -14.96 -5.42
N DPR H 10 10.68 -16.21 -5.87
CA DPR H 10 9.83 -16.52 -7.04
CB DPR H 10 10.20 -17.98 -7.39
CG DPR H 10 10.91 -18.57 -6.20
CD DPR H 10 11.48 -17.40 -5.50
C DPR H 10 9.82 -15.43 -8.19
O DPR H 10 10.96 -15.20 -8.68
HA DPR H 10 8.84 -16.48 -6.61
HB2 DPR H 10 9.37 -18.67 -7.66
HB3 DPR H 10 10.89 -18.01 -8.26
HG2 DPR H 10 10.13 -19.00 -5.55
HG3 DPR H 10 11.59 -19.36 -6.59
HD2 DPR H 10 11.53 -17.60 -4.42
HD3 DPR H 10 12.44 -17.10 -5.96
N PRO H 11 8.70 -14.87 -8.77
CA PRO H 11 8.91 -13.88 -9.83
C PRO H 11 8.65 -12.53 -9.24
N THR H 12 9.33 -12.18 -8.14
CA THR H 12 9.26 -10.89 -7.51
C THR H 12 10.64 -10.35 -7.36
N LYS H 13 10.75 -9.00 -7.33
CA LYS H 13 11.92 -8.17 -7.08
C LYS H 13 11.51 -7.13 -6.05
N VAL H 14 12.01 -7.32 -4.80
CA VAL H 14 11.59 -6.57 -3.63
C VAL H 14 12.76 -5.72 -3.14
N LYS H 15 12.57 -4.51 -2.52
CA LYS H 15 13.62 -3.84 -1.78
C LYS H 15 13.07 -2.99 -0.67
N VAL H 16 13.66 -3.17 0.56
CA VAL H 16 13.33 -2.54 1.82
C VAL H 16 14.51 -1.60 2.07
N LYS H 17 14.17 -0.29 2.33
CA LYS H 17 15.12 0.73 2.70
C LYS H 17 14.46 1.62 3.78
N VAL H 18 15.06 1.71 4.98
CA VAL H 18 14.53 2.53 6.12
C VAL H 18 15.75 3.32 6.52
N LYS H 19 15.54 4.63 6.53
CA LYS H 19 16.58 5.52 6.78
C LYS H 19 16.23 6.44 7.91
N VAL H 20 17.03 6.46 8.98
CA VAL H 20 16.83 7.24 10.27
C VAL H 20 17.31 8.75 10.12
N NH2 H 21 18.64 8.93 10.09
HN1 NH2 H 21 18.99 9.86 10.02
HN2 NH2 H 21 19.31 8.18 10.12
N VAL A 1 -13.21 -0.84 -15.06
CA VAL A 1 -12.29 -0.68 -13.88
C VAL A 1 -13.16 -0.30 -12.68
N LYS A 2 -12.99 -0.90 -11.52
CA LYS A 2 -13.87 -0.75 -10.26
C LYS A 2 -12.94 -0.35 -9.11
N VAL A 3 -12.98 0.83 -8.56
CA VAL A 3 -12.29 1.29 -7.36
C VAL A 3 -13.27 1.52 -6.18
N LYS A 4 -13.08 0.77 -5.06
CA LYS A 4 -13.93 0.94 -3.91
C LYS A 4 -13.09 1.39 -2.75
N VAL A 5 -13.49 2.55 -2.02
CA VAL A 5 -12.69 3.08 -0.99
C VAL A 5 -13.51 3.18 0.27
N LYS A 6 -13.07 2.63 1.40
CA LYS A 6 -13.69 2.71 2.69
C LYS A 6 -12.73 3.41 3.69
N VAL A 7 -13.05 4.55 4.21
CA VAL A 7 -12.21 5.34 5.10
C VAL A 7 -12.88 5.69 6.35
N LYS A 8 -12.30 5.52 7.54
CA LYS A 8 -12.78 5.97 8.82
C LYS A 8 -11.67 6.85 9.45
N VAL A 9 -12.07 8.14 9.81
CA VAL A 9 -11.15 9.16 10.29
C VAL A 9 -11.91 9.94 11.40
N DPR A 10 -11.26 10.39 12.46
CA DPR A 10 -11.88 10.62 13.73
CB DPR A 10 -10.77 10.69 14.79
CG DPR A 10 -9.44 10.92 14.01
CD DPR A 10 -9.81 10.22 12.66
C DPR A 10 -13.08 9.83 14.08
O DPR A 10 -12.95 8.63 14.10
HA DPR A 10 -12.24 11.62 13.57
HB2 DPR A 10 -10.99 11.43 15.59
HB3 DPR A 10 -10.68 9.73 15.34
HG2 DPR A 10 -9.30 12.00 13.83
HG3 DPR A 10 -8.51 10.50 14.46
HD2 DPR A 10 -9.14 10.54 11.84
HD3 DPR A 10 -9.57 9.13 12.76
N PRO A 11 -14.31 10.46 14.26
CA PRO A 11 -15.61 9.74 14.45
C PRO A 11 -16.44 9.85 13.21
N THR A 12 -15.91 9.72 12.04
CA THR A 12 -16.64 9.71 10.78
C THR A 12 -16.07 8.72 9.74
N LYS A 13 -16.92 8.34 8.85
CA LYS A 13 -16.70 7.28 7.87
C LYS A 13 -17.43 7.49 6.59
N VAL A 14 -16.72 7.26 5.49
CA VAL A 14 -17.29 7.27 4.15
C VAL A 14 -16.88 5.95 3.50
N LYS A 15 -17.90 5.25 2.93
CA LYS A 15 -17.54 4.40 1.84
C LYS A 15 -18.10 4.76 0.46
N VAL A 16 -17.34 4.75 -0.57
CA VAL A 16 -17.69 5.30 -1.89
C VAL A 16 -17.14 4.37 -2.96
N LYS A 17 -17.72 4.37 -4.20
CA LYS A 17 -17.29 3.57 -5.35
C LYS A 17 -16.92 4.46 -6.50
N VAL A 18 -15.93 4.11 -7.23
CA VAL A 18 -15.41 4.82 -8.37
C VAL A 18 -15.38 3.88 -9.52
N LYS A 19 -16.27 4.04 -10.52
CA LYS A 19 -16.12 3.12 -11.65
C LYS A 19 -15.64 3.94 -12.84
N VAL A 20 -14.73 3.37 -13.69
CA VAL A 20 -14.28 3.84 -15.00
C VAL A 20 -14.46 2.79 -16.07
N NH2 A 21 -15.37 2.90 -17.08
HN1 NH2 A 21 -15.57 2.09 -17.64
HN2 NH2 A 21 -15.91 3.73 -17.14
N VAL B 1 -5.34 -8.69 -12.99
CA VAL B 1 -4.67 -8.64 -11.63
C VAL B 1 -5.53 -8.03 -10.49
N LYS B 2 -5.68 -8.61 -9.22
CA LYS B 2 -6.59 -8.20 -8.17
C LYS B 2 -5.89 -7.75 -6.93
N VAL B 3 -6.12 -6.47 -6.58
CA VAL B 3 -5.34 -5.77 -5.56
C VAL B 3 -6.22 -5.27 -4.36
N LYS B 4 -5.91 -5.54 -3.08
CA LYS B 4 -6.55 -5.00 -1.90
C LYS B 4 -5.43 -4.43 -1.08
N VAL B 5 -5.64 -3.17 -0.55
CA VAL B 5 -4.60 -2.35 0.03
C VAL B 5 -5.27 -1.71 1.31
N LYS B 6 -4.61 -1.67 2.42
CA LYS B 6 -5.03 -1.04 3.57
C LYS B 6 -3.87 -0.25 4.17
N VAL B 7 -4.21 0.77 5.02
CA VAL B 7 -3.34 1.40 5.83
C VAL B 7 -4.05 1.64 7.15
N LYS B 8 -3.33 1.85 8.28
CA LYS B 8 -3.74 2.35 9.52
C LYS B 8 -2.66 3.09 10.30
N VAL B 9 -3.07 4.24 10.89
CA VAL B 9 -2.25 5.16 11.70
C VAL B 9 -3.24 5.42 12.84
N DPR B 10 -2.97 5.20 14.09
CA DPR B 10 -3.95 5.45 15.18
CB DPR B 10 -3.42 4.64 16.35
CG DPR B 10 -1.87 4.47 16.11
CD DPR B 10 -1.73 4.63 14.59
C DPR B 10 -5.48 5.22 14.97
O DPR B 10 -5.81 4.09 14.63
HA DPR B 10 -3.77 6.51 15.34
HB2 DPR B 10 -3.56 5.04 17.38
HB3 DPR B 10 -3.82 3.61 16.23
HG2 DPR B 10 -1.33 5.29 16.61
HG3 DPR B 10 -1.51 3.55 16.63
HD2 DPR B 10 -0.93 5.33 14.25
HD3 DPR B 10 -1.52 3.64 14.14
N PRO B 11 -6.33 6.10 15.37
CA PRO B 11 -7.76 6.13 15.02
C PRO B 11 -8.15 6.06 13.57
N THR B 12 -7.18 6.35 12.65
CA THR B 12 -7.39 6.50 11.23
C THR B 12 -7.07 5.17 10.52
N LYS B 13 -7.92 4.69 9.66
CA LYS B 13 -7.67 3.54 8.73
C LYS B 13 -8.33 3.70 7.42
N VAL B 14 -7.75 3.10 6.36
CA VAL B 14 -8.17 3.33 4.97
C VAL B 14 -7.98 2.02 4.21
N LYS B 15 -9.09 1.38 3.70
CA LYS B 15 -8.99 0.23 2.80
C LYS B 15 -9.44 0.54 1.44
N VAL B 16 -8.59 0.20 0.40
CA VAL B 16 -8.77 0.40 -1.01
C VAL B 16 -8.73 -0.93 -1.84
N LYS B 17 -9.79 -1.07 -2.65
CA LYS B 17 -9.86 -2.19 -3.49
C LYS B 17 -9.80 -1.78 -4.93
N VAL B 18 -8.90 -2.38 -5.72
CA VAL B 18 -8.80 -2.16 -7.16
C VAL B 18 -9.10 -3.48 -7.93
N LYS B 19 -10.07 -3.45 -8.85
CA LYS B 19 -10.39 -4.56 -9.67
C LYS B 19 -10.55 -4.02 -11.10
N VAL B 20 -9.81 -4.58 -12.12
CA VAL B 20 -10.01 -4.26 -13.50
C VAL B 20 -11.13 -5.11 -14.19
N NH2 B 21 -10.85 -6.40 -14.29
HN1 NH2 B 21 -11.55 -7.07 -14.56
HN2 NH2 B 21 -9.94 -6.79 -14.16
N VAL C 1 -0.47 -17.47 -8.63
CA VAL C 1 0.57 -16.61 -8.05
C VAL C 1 -0.11 -15.59 -7.08
N LYS C 2 0.16 -15.54 -5.73
CA LYS C 2 -0.24 -14.38 -4.91
C LYS C 2 0.88 -13.96 -4.02
N VAL C 3 0.90 -12.68 -3.64
CA VAL C 3 1.98 -11.96 -3.00
C VAL C 3 1.31 -11.20 -1.86
N LYS C 4 1.80 -11.32 -0.65
CA LYS C 4 1.29 -10.63 0.50
C LYS C 4 2.37 -10.03 1.38
N VAL C 5 2.19 -8.70 1.71
CA VAL C 5 3.12 -7.70 2.21
C VAL C 5 2.39 -7.17 3.42
N LYS C 6 3.02 -7.43 4.55
CA LYS C 6 2.61 -6.82 5.79
C LYS C 6 3.79 -6.03 6.44
N VAL C 7 3.61 -4.70 6.56
CA VAL C 7 4.65 -3.75 7.02
C VAL C 7 4.04 -2.93 8.12
N LYS C 8 4.79 -2.77 9.27
CA LYS C 8 4.58 -1.86 10.38
C LYS C 8 5.86 -1.18 10.68
N VAL C 9 5.87 0.22 10.71
CA VAL C 9 7.02 1.07 11.00
C VAL C 9 6.45 2.21 11.86
N DPR C 10 7.19 2.93 12.73
CA DPR C 10 6.65 3.83 13.78
CB DPR C 10 7.71 3.74 14.92
CG DPR C 10 8.99 3.65 14.03
CD DPR C 10 8.57 2.66 12.90
C DPR C 10 5.31 3.57 14.25
O DPR C 10 5.08 2.53 14.78
HA DPR C 10 6.68 4.85 13.42
HB2 DPR C 10 7.66 4.65 15.55
HB3 DPR C 10 7.52 2.85 15.57
HG2 DPR C 10 9.17 4.71 13.77
HG3 DPR C 10 9.92 3.29 14.50
HD2 DPR C 10 9.16 2.84 11.99
HD3 DPR C 10 8.64 1.60 13.26
N PRO C 11 4.30 4.50 14.16
CA PRO C 11 2.87 4.24 14.40
C PRO C 11 2.16 4.30 13.05
N THR C 12 2.55 3.40 12.18
CA THR C 12 1.95 3.11 10.96
C THR C 12 2.00 1.66 10.65
N LYS C 13 0.81 1.10 10.44
CA LYS C 13 0.63 -0.23 9.86
C LYS C 13 0.11 -0.12 8.38
N VAL C 14 0.67 -0.88 7.41
CA VAL C 14 0.13 -0.94 6.07
C VAL C 14 0.13 -2.34 5.53
N LYS C 15 -0.95 -2.89 4.99
CA LYS C 15 -1.07 -4.26 4.38
C LYS C 15 -1.33 -4.17 2.87
N VAL C 16 -0.68 -4.98 2.02
CA VAL C 16 -0.92 -5.05 0.55
C VAL C 16 -0.96 -6.47 0.21
N LYS C 17 -2.01 -6.78 -0.60
CA LYS C 17 -2.33 -8.10 -1.13
C LYS C 17 -2.58 -8.02 -2.69
N VAL C 18 -1.74 -8.70 -3.47
CA VAL C 18 -1.88 -8.76 -4.94
C VAL C 18 -1.99 -10.24 -5.34
N LYS C 19 -2.89 -10.58 -6.21
CA LYS C 19 -3.12 -11.84 -6.82
C LYS C 19 -3.11 -11.66 -8.33
N VAL C 20 -2.46 -12.55 -9.18
CA VAL C 20 -2.24 -12.24 -10.53
C VAL C 20 -3.32 -12.91 -11.47
N NH2 C 21 -3.23 -14.22 -11.75
HN1 NH2 C 21 -3.79 -14.56 -12.51
HN2 NH2 C 21 -2.53 -14.84 -11.37
N VAL D 1 5.17 -24.18 -4.24
CA VAL D 1 6.30 -23.28 -3.78
C VAL D 1 5.93 -22.07 -2.92
N LYS D 2 6.47 -21.96 -1.70
CA LYS D 2 6.26 -20.82 -0.75
C LYS D 2 7.58 -20.23 -0.24
N VAL D 3 7.80 -18.99 -0.64
CA VAL D 3 9.05 -18.30 -0.18
C VAL D 3 8.65 -17.04 0.66
N LYS D 4 9.40 -16.95 1.76
CA LYS D 4 9.05 -16.04 2.86
C LYS D 4 10.31 -15.34 3.24
N VAL D 5 10.09 -14.03 3.53
CA VAL D 5 11.01 -13.10 4.06
C VAL D 5 10.45 -12.43 5.28
N LYS D 6 11.08 -12.64 6.39
CA LYS D 6 10.91 -11.87 7.65
C LYS D 6 12.28 -11.11 7.94
N VAL D 7 12.31 -9.78 8.04
CA VAL D 7 13.33 -8.96 8.62
C VAL D 7 12.60 -7.92 9.52
N LYS D 8 13.16 -7.81 10.74
CA LYS D 8 12.38 -7.18 11.78
C LYS D 8 13.35 -6.63 12.83
N VAL D 9 13.41 -5.28 12.96
CA VAL D 9 14.42 -4.61 13.63
C VAL D 9 13.76 -3.59 14.61
N DPR D 10 13.75 -3.81 15.92
CA DPR D 10 12.78 -3.21 16.85
CB DPR D 10 12.61 -4.32 17.90
CG DPR D 10 14.05 -4.84 17.99
CD DPR D 10 14.42 -4.95 16.52
C DPR D 10 11.35 -2.80 16.32
O DPR D 10 10.59 -3.75 15.97
HA DPR D 10 13.18 -2.34 17.37
HB2 DPR D 10 12.27 -3.95 18.89
HB3 DPR D 10 11.90 -5.11 17.57
HG2 DPR D 10 14.64 -4.15 18.64
HG3 DPR D 10 14.03 -5.78 18.58
HD2 DPR D 10 15.52 -4.95 16.34
HD3 DPR D 10 13.97 -5.84 16.02
N PRO D 11 10.89 -1.51 16.26
CA PRO D 11 9.68 -1.06 15.73
C PRO D 11 9.45 -1.25 14.27
N THR D 12 10.46 -1.64 13.48
CA THR D 12 10.40 -1.78 12.04
C THR D 12 10.25 -3.34 11.79
N LYS D 13 9.05 -3.74 11.36
CA LYS D 13 8.70 -5.07 11.03
C LYS D 13 8.11 -5.16 9.58
N VAL D 14 8.74 -5.92 8.71
CA VAL D 14 8.24 -6.23 7.36
C VAL D 14 8.19 -7.73 7.15
N LYS D 15 7.07 -8.23 6.71
CA LYS D 15 6.95 -9.54 6.27
C LYS D 15 6.48 -9.53 4.84
N VAL D 16 7.16 -10.30 4.01
CA VAL D 16 6.81 -10.47 2.56
C VAL D 16 6.74 -11.98 2.34
N LYS D 17 5.70 -12.48 1.72
CA LYS D 17 5.57 -13.86 1.31
C LYS D 17 4.82 -14.02 -0.04
N VAL D 18 5.24 -15.03 -0.81
CA VAL D 18 4.78 -15.43 -2.20
C VAL D 18 4.39 -16.80 -2.42
N LYS D 19 3.16 -17.08 -2.86
CA LYS D 19 2.71 -18.45 -3.13
C LYS D 19 2.55 -18.67 -4.55
N VAL D 20 3.25 -19.67 -5.11
CA VAL D 20 3.19 -20.17 -6.47
C VAL D 20 2.98 -21.76 -6.24
N NH2 D 21 2.11 -22.29 -7.12
HN1 NH2 D 21 1.88 -23.25 -6.93
HN2 NH2 D 21 1.69 -21.66 -7.77
N VAL E 1 -6.54 16.12 9.93
CA VAL E 1 -6.16 14.85 9.33
C VAL E 1 -6.81 14.73 7.99
N LYS E 2 -6.07 14.43 6.89
CA LYS E 2 -6.66 14.38 5.58
C LYS E 2 -6.40 13.02 4.90
N VAL E 3 -7.39 12.50 4.11
CA VAL E 3 -7.16 11.21 3.43
C VAL E 3 -7.62 11.41 1.97
N LYS E 4 -6.69 11.15 0.99
CA LYS E 4 -7.00 11.43 -0.43
C LYS E 4 -6.65 10.24 -1.29
N VAL E 5 -7.46 10.03 -2.39
CA VAL E 5 -7.27 8.93 -3.31
C VAL E 5 -7.53 9.53 -4.71
N LYS E 6 -6.47 9.37 -5.57
CA LYS E 6 -6.56 9.73 -6.97
C LYS E 6 -6.47 8.36 -7.79
N VAL E 7 -7.40 8.21 -8.77
CA VAL E 7 -7.53 7.09 -9.69
C VAL E 7 -7.59 7.63 -11.06
N LYS E 8 -6.81 7.00 -11.97
CA LYS E 8 -6.75 7.35 -13.35
C LYS E 8 -6.75 6.12 -14.27
N VAL E 9 -7.64 6.08 -15.29
CA VAL E 9 -7.66 4.94 -16.20
C VAL E 9 -7.92 5.75 -17.55
N DPR E 10 -7.10 5.52 -18.64
CA DPR E 10 -7.08 6.39 -19.86
CB DPR E 10 -5.76 6.13 -20.45
CG DPR E 10 -5.44 4.71 -20.05
CD DPR E 10 -6.01 4.48 -18.62
C DPR E 10 -7.37 7.89 -19.73
O DPR E 10 -6.82 8.47 -18.83
HA DPR E 10 -7.90 6.01 -20.45
HB2 DPR E 10 -5.88 6.14 -21.55
HB3 DPR E 10 -5.00 6.85 -20.07
HG2 DPR E 10 -5.83 4.10 -20.89
HG3 DPR E 10 -4.33 4.66 -19.96
HD2 DPR E 10 -6.32 3.44 -18.41
HD3 DPR E 10 -5.30 4.89 -17.85
N PRO E 11 -8.38 8.62 -20.34
CA PRO E 11 -8.67 10.13 -20.13
C PRO E 11 -9.71 10.43 -19.02
N THR E 12 -9.94 9.53 -18.12
CA THR E 12 -10.70 9.71 -16.90
C THR E 12 -9.66 9.75 -15.77
N LYS E 13 -9.71 10.88 -14.97
CA LYS E 13 -8.90 11.16 -13.82
C LYS E 13 -9.92 11.68 -12.74
N VAL E 14 -10.03 10.93 -11.62
CA VAL E 14 -10.91 11.34 -10.54
C VAL E 14 -9.93 11.43 -9.32
N LYS E 15 -10.08 12.49 -8.50
CA LYS E 15 -9.42 12.81 -7.17
C LYS E 15 -10.55 12.99 -6.07
N VAL E 16 -10.46 12.36 -4.95
CA VAL E 16 -11.44 12.41 -3.85
C VAL E 16 -10.72 12.65 -2.50
N LYS E 17 -11.29 13.55 -1.67
CA LYS E 17 -10.83 13.83 -0.34
C LYS E 17 -11.78 13.75 0.74
N VAL E 18 -11.17 13.49 1.94
CA VAL E 18 -11.95 13.38 3.15
C VAL E 18 -11.09 13.96 4.25
N LYS E 19 -11.67 14.59 5.31
CA LYS E 19 -10.91 15.07 6.41
C LYS E 19 -11.86 14.97 7.61
N VAL E 20 -11.41 15.17 8.93
CA VAL E 20 -12.27 15.29 10.08
C VAL E 20 -13.38 16.36 9.98
N NH2 E 21 -14.62 15.92 10.14
HN1 NH2 E 21 -15.36 16.58 10.25
HN2 NH2 E 21 -14.93 14.97 10.12
N VAL F 1 2.82 12.15 11.21
CA VAL F 1 2.71 10.70 10.58
C VAL F 1 2.09 10.81 9.22
N LYS F 2 2.87 10.63 8.13
CA LYS F 2 2.38 10.61 6.76
C LYS F 2 2.81 9.30 6.08
N VAL F 3 1.79 8.71 5.41
CA VAL F 3 1.92 7.48 4.72
C VAL F 3 1.48 7.76 3.30
N LYS F 4 2.23 7.39 2.29
CA LYS F 4 1.74 7.43 0.91
C LYS F 4 1.91 6.14 0.23
N VAL F 5 0.78 5.72 -0.35
CA VAL F 5 0.62 4.36 -0.89
C VAL F 5 0.24 4.54 -2.39
N LYS F 6 1.01 3.97 -3.33
CA LYS F 6 0.83 4.02 -4.83
C LYS F 6 0.82 2.69 -5.43
N VAL F 7 -0.04 2.54 -6.48
CA VAL F 7 -0.24 1.31 -7.15
C VAL F 7 -0.76 1.53 -8.60
N LYS F 8 -0.18 0.75 -9.49
CA LYS F 8 -0.61 0.68 -10.91
C LYS F 8 -0.97 -0.73 -11.22
N VAL F 9 -2.21 -0.97 -11.66
CA VAL F 9 -2.79 -2.23 -11.67
C VAL F 9 -3.48 -2.35 -13.02
N DPR F 10 -3.12 -3.25 -13.98
CA DPR F 10 -3.32 -3.09 -15.42
CB DPR F 10 -2.49 -4.11 -16.13
CG DPR F 10 -2.30 -5.18 -15.12
CD DPR F 10 -2.29 -4.49 -13.76
C DPR F 10 -3.33 -1.68 -15.96
O DPR F 10 -2.34 -0.94 -15.79
HA DPR F 10 -4.34 -3.36 -15.60
HB2 DPR F 10 -2.97 -4.52 -17.05
HB3 DPR F 10 -1.59 -3.62 -16.52
HG2 DPR F 10 -3.19 -5.85 -15.12
HG3 DPR F 10 -1.28 -5.62 -15.16
HD2 DPR F 10 -2.84 -5.17 -13.07
HD3 DPR F 10 -1.29 -4.18 -13.40
N PRO F 11 -4.44 -1.17 -16.51
CA PRO F 11 -4.50 0.25 -16.96
C PRO F 11 -4.75 1.26 -15.77
N THR F 12 -4.76 0.77 -14.49
CA THR F 12 -5.31 1.59 -13.40
C THR F 12 -4.24 2.14 -12.56
N LYS F 13 -3.96 3.42 -12.68
CA LYS F 13 -3.06 4.20 -11.97
C LYS F 13 -3.73 4.81 -10.74
N VAL F 14 -3.32 4.44 -9.50
CA VAL F 14 -3.90 4.91 -8.27
C VAL F 14 -2.84 5.52 -7.33
N LYS F 15 -3.13 6.70 -6.67
CA LYS F 15 -2.39 7.40 -5.59
C LYS F 15 -3.29 7.62 -4.30
N VAL F 16 -2.79 7.10 -3.15
CA VAL F 16 -3.47 7.02 -1.88
C VAL F 16 -2.59 7.78 -0.83
N LYS F 17 -3.08 8.82 -0.12
CA LYS F 17 -2.28 9.70 0.77
C LYS F 17 -2.99 9.79 2.07
N VAL F 18 -2.38 9.41 3.23
CA VAL F 18 -2.84 9.70 4.61
C VAL F 18 -1.85 10.72 5.15
N LYS F 19 -2.39 11.89 5.62
CA LYS F 19 -1.65 13.01 6.32
C LYS F 19 -2.29 13.23 7.63
N VAL F 20 -1.54 12.96 8.77
CA VAL F 20 -1.88 13.06 10.13
C VAL F 20 -0.86 14.00 10.87
N NH2 F 21 -1.24 15.18 11.20
HN1 NH2 F 21 -0.49 15.78 11.45
HN2 NH2 F 21 -2.14 15.46 10.85
N VAL G 1 13.18 10.40 9.96
CA VAL G 1 13.01 8.93 9.72
C VAL G 1 12.04 8.71 8.58
N LYS G 2 12.52 8.08 7.54
CA LYS G 2 11.72 7.61 6.43
C LYS G 2 11.76 6.14 6.14
N VAL G 3 10.60 5.65 5.70
CA VAL G 3 10.66 4.29 5.28
C VAL G 3 10.13 4.28 3.87
N LYS G 4 10.92 3.54 3.06
CA LYS G 4 10.46 3.13 1.72
C LYS G 4 10.42 1.66 1.47
N VAL G 5 9.17 1.05 1.06
CA VAL G 5 8.91 -0.38 0.78
C VAL G 5 8.48 -0.41 -0.62
N LYS G 6 8.99 -1.26 -1.47
CA LYS G 6 8.48 -1.46 -2.75
C LYS G 6 8.73 -2.84 -3.11
N VAL G 7 7.89 -3.30 -4.07
CA VAL G 7 7.86 -4.76 -4.52
C VAL G 7 7.40 -4.65 -5.95
N LYS G 8 7.86 -5.64 -6.79
CA LYS G 8 7.40 -5.78 -8.15
C LYS G 8 6.65 -7.04 -8.16
N VAL G 9 5.37 -7.09 -8.52
CA VAL G 9 4.56 -8.27 -8.53
C VAL G 9 4.01 -8.33 -9.95
N DPR G 10 4.15 -9.42 -10.63
CA DPR G 10 3.75 -9.56 -12.01
CB DPR G 10 4.55 -10.81 -12.54
CG DPR G 10 4.89 -11.65 -11.34
CD DPR G 10 4.84 -10.67 -10.17
C DPR G 10 3.70 -8.29 -12.85
O DPR G 10 4.71 -7.64 -13.03
HA DPR G 10 2.72 -9.86 -11.98
HB2 DPR G 10 4.02 -11.24 -13.43
HB3 DPR G 10 5.51 -10.33 -12.82
HG2 DPR G 10 4.20 -12.49 -11.13
HG3 DPR G 10 5.92 -12.06 -11.46
HD2 DPR G 10 4.37 -11.14 -9.28
HD3 DPR G 10 5.85 -10.28 -9.96
N PRO G 11 2.49 -7.83 -13.36
CA PRO G 11 2.55 -6.56 -14.12
C PRO G 11 1.94 -5.43 -13.19
N THR G 12 2.14 -5.46 -11.85
CA THR G 12 1.68 -4.51 -10.84
C THR G 12 2.81 -4.04 -9.92
N LYS G 13 3.23 -2.76 -10.02
CA LYS G 13 4.27 -2.27 -9.24
C LYS G 13 3.67 -1.64 -8.03
N VAL G 14 4.24 -1.81 -6.86
CA VAL G 14 3.73 -1.24 -5.61
C VAL G 14 4.78 -0.38 -4.94
N LYS G 15 4.42 0.91 -4.56
CA LYS G 15 5.28 1.83 -3.79
C LYS G 15 4.58 2.31 -2.49
N VAL G 16 5.26 2.16 -1.31
CA VAL G 16 4.79 2.65 -0.02
C VAL G 16 5.86 3.51 0.51
N LYS G 17 5.60 4.78 0.63
CA LYS G 17 6.55 5.67 1.30
C LYS G 17 5.97 6.30 2.64
N VAL G 18 6.68 6.11 3.78
CA VAL G 18 6.19 6.61 5.17
C VAL G 18 7.18 7.54 5.73
N LYS G 19 6.64 8.64 6.42
CA LYS G 19 7.35 9.55 7.24
C LYS G 19 6.70 9.32 8.65
N VAL G 20 7.51 9.08 9.70
CA VAL G 20 6.93 8.48 10.87
C VAL G 20 6.60 9.46 12.08
N NH2 G 21 6.75 10.75 11.86
HN1 NH2 G 21 6.47 11.41 12.56
HN2 NH2 G 21 6.85 11.01 10.90
N VAL H 1 20.71 3.56 13.37
CA VAL H 1 19.79 2.57 12.88
C VAL H 1 19.80 2.42 11.38
N LYS H 2 19.73 1.17 10.82
CA LYS H 2 19.41 0.98 9.41
C LYS H 2 18.61 -0.34 9.20
N VAL H 3 17.63 -0.30 8.27
CA VAL H 3 17.20 -1.54 7.64
C VAL H 3 17.34 -1.36 6.17
N LYS H 4 17.89 -2.41 5.55
CA LYS H 4 18.18 -2.53 4.14
C LYS H 4 17.82 -3.93 3.67
N VAL H 5 16.96 -4.15 2.67
CA VAL H 5 16.55 -5.46 2.13
C VAL H 5 16.68 -5.21 0.62
N LYS H 6 17.40 -6.13 -0.13
CA LYS H 6 17.45 -6.28 -1.56
C LYS H 6 17.45 -7.81 -1.84
N VAL H 7 16.35 -8.38 -2.38
CA VAL H 7 16.25 -9.77 -2.78
C VAL H 7 15.29 -9.91 -3.95
N LYS H 8 15.60 -10.84 -4.87
CA LYS H 8 14.59 -11.28 -5.85
C LYS H 8 14.17 -12.71 -5.58
N VAL H 9 12.91 -12.85 -5.26
CA VAL H 9 12.30 -14.13 -4.78
C VAL H 9 11.12 -14.60 -5.69
N DPR H 10 11.02 -15.94 -6.04
CA DPR H 10 10.20 -16.49 -7.18
CB DPR H 10 11.12 -17.74 -7.60
CG DPR H 10 11.73 -18.19 -6.19
CD DPR H 10 12.02 -16.86 -5.56
C DPR H 10 9.87 -15.60 -8.34
O DPR H 10 10.85 -15.32 -9.06
HA DPR H 10 9.31 -16.89 -6.70
HB2 DPR H 10 10.47 -18.53 -8.02
HB3 DPR H 10 11.92 -17.41 -8.30
HG2 DPR H 10 10.95 -18.72 -5.59
HG3 DPR H 10 12.58 -18.89 -6.25
HD2 DPR H 10 12.03 -16.92 -4.46
HD3 DPR H 10 13.01 -16.55 -5.97
N PRO H 11 8.66 -15.08 -8.43
CA PRO H 11 8.28 -14.18 -9.50
C PRO H 11 8.39 -12.72 -9.20
N THR H 12 8.96 -12.36 -8.05
CA THR H 12 8.89 -10.99 -7.47
C THR H 12 10.22 -10.42 -7.32
N LYS H 13 10.33 -9.07 -7.35
CA LYS H 13 11.52 -8.38 -7.06
C LYS H 13 11.28 -7.40 -5.94
N VAL H 14 12.19 -7.41 -4.90
CA VAL H 14 11.93 -6.67 -3.64
C VAL H 14 13.11 -5.78 -3.35
N LYS H 15 12.85 -4.59 -2.78
CA LYS H 15 13.83 -3.70 -2.26
C LYS H 15 13.14 -2.86 -1.09
N VAL H 16 13.78 -2.82 0.10
CA VAL H 16 13.32 -1.95 1.18
C VAL H 16 14.53 -1.09 1.77
N LYS H 17 14.25 0.16 2.00
CA LYS H 17 15.20 1.16 2.41
C LYS H 17 14.60 1.94 3.58
N VAL H 18 15.27 1.89 4.68
CA VAL H 18 14.94 2.80 5.79
C VAL H 18 16.09 3.73 6.14
N LYS H 19 15.84 5.01 5.89
CA LYS H 19 16.86 6.09 6.15
C LYS H 19 16.58 6.92 7.39
N VAL H 20 17.48 6.80 8.43
CA VAL H 20 17.47 7.40 9.78
C VAL H 20 18.41 8.55 9.74
N NH2 H 21 19.68 8.20 9.34
HN1 NH2 H 21 20.37 8.85 9.02
HN2 NH2 H 21 19.89 7.24 9.19
N VAL A 1 -13.54 -0.89 -15.16
CA VAL A 1 -12.73 -0.62 -13.84
C VAL A 1 -13.63 -0.31 -12.66
N LYS A 2 -13.60 -1.11 -11.56
CA LYS A 2 -14.36 -0.83 -10.40
C LYS A 2 -13.44 -0.55 -9.23
N VAL A 3 -13.48 0.57 -8.49
CA VAL A 3 -12.70 0.73 -7.28
C VAL A 3 -13.60 1.03 -6.20
N LYS A 4 -13.37 0.47 -4.98
CA LYS A 4 -14.05 0.76 -3.76
C LYS A 4 -12.95 1.30 -2.88
N VAL A 5 -13.26 2.31 -2.04
CA VAL A 5 -12.47 2.93 -1.03
C VAL A 5 -13.39 3.08 0.15
N LYS A 6 -12.99 2.53 1.38
CA LYS A 6 -13.70 2.66 2.66
C LYS A 6 -12.71 3.05 3.77
N VAL A 7 -13.17 4.07 4.55
CA VAL A 7 -12.31 4.80 5.50
C VAL A 7 -13.02 5.13 6.79
N LYS A 8 -12.41 4.91 7.96
CA LYS A 8 -12.91 5.29 9.31
C LYS A 8 -11.92 6.26 9.93
N VAL A 9 -12.31 7.54 10.05
CA VAL A 9 -11.33 8.64 10.36
C VAL A 9 -11.82 9.58 11.42
N DPR A 10 -11.05 9.90 12.45
CA DPR A 10 -11.62 10.34 13.78
CB DPR A 10 -10.54 10.17 14.77
CG DPR A 10 -9.31 10.45 13.98
CD DPR A 10 -9.63 9.69 12.70
C DPR A 10 -12.95 9.86 14.20
O DPR A 10 -13.02 8.72 14.48
HA DPR A 10 -11.88 11.38 13.64
HB2 DPR A 10 -10.68 10.84 15.65
HB3 DPR A 10 -10.51 9.10 15.09
HG2 DPR A 10 -9.21 11.55 13.83
HG3 DPR A 10 -8.33 10.12 14.38
HD2 DPR A 10 -9.05 10.03 11.81
HD3 DPR A 10 -9.42 8.61 12.89
N PRO A 11 -13.99 10.59 14.35
CA PRO A 11 -15.30 10.10 14.81
C PRO A 11 -16.24 10.18 13.60
N THR A 12 -15.77 9.93 12.32
CA THR A 12 -16.62 9.78 11.18
C THR A 12 -16.24 8.48 10.47
N LYS A 13 -17.06 7.93 9.58
CA LYS A 13 -16.78 6.78 8.70
C LYS A 13 -17.32 7.19 7.32
N VAL A 14 -16.55 6.86 6.24
CA VAL A 14 -16.99 7.30 4.87
C VAL A 14 -16.67 6.04 3.94
N LYS A 15 -17.27 5.91 2.71
CA LYS A 15 -16.92 5.03 1.67
C LYS A 15 -17.40 5.54 0.36
N VAL A 16 -16.80 5.20 -0.73
CA VAL A 16 -17.22 5.71 -2.09
C VAL A 16 -16.74 4.60 -3.08
N LYS A 17 -17.43 4.46 -4.22
CA LYS A 17 -16.95 3.70 -5.40
C LYS A 17 -16.63 4.67 -6.48
N VAL A 18 -15.57 4.37 -7.30
CA VAL A 18 -15.29 4.99 -8.63
C VAL A 18 -15.38 3.92 -9.73
N LYS A 19 -16.33 4.14 -10.72
CA LYS A 19 -16.52 3.22 -11.79
C LYS A 19 -16.27 3.82 -13.13
N VAL A 20 -15.10 3.46 -13.68
CA VAL A 20 -14.63 3.86 -14.99
C VAL A 20 -14.84 2.64 -15.89
N NH2 A 21 -15.82 2.65 -16.75
HN1 NH2 A 21 -15.96 1.85 -17.33
HN2 NH2 A 21 -16.46 3.42 -16.80
N VAL B 1 -5.64 -8.77 -12.57
CA VAL B 1 -4.86 -8.72 -11.30
C VAL B 1 -5.53 -7.86 -10.37
N LYS B 2 -5.66 -8.35 -9.17
CA LYS B 2 -6.56 -7.79 -8.11
C LYS B 2 -5.73 -7.23 -6.96
N VAL B 3 -5.98 -5.96 -6.42
CA VAL B 3 -5.20 -5.41 -5.32
C VAL B 3 -6.07 -5.00 -4.14
N LYS B 4 -5.72 -5.54 -2.92
CA LYS B 4 -6.27 -5.17 -1.69
C LYS B 4 -5.26 -4.31 -0.90
N VAL B 5 -5.51 -3.09 -0.44
CA VAL B 5 -4.59 -2.28 0.32
C VAL B 5 -5.25 -1.88 1.63
N LYS B 6 -4.51 -2.07 2.73
CA LYS B 6 -5.00 -1.59 4.07
C LYS B 6 -3.93 -0.70 4.71
N VAL B 7 -4.43 0.41 5.34
CA VAL B 7 -3.57 1.20 6.06
C VAL B 7 -4.15 1.82 7.33
N LYS B 8 -3.46 1.62 8.48
CA LYS B 8 -3.89 2.08 9.81
C LYS B 8 -2.89 3.01 10.48
N VAL B 9 -3.29 4.24 10.76
CA VAL B 9 -2.41 5.25 11.51
C VAL B 9 -3.14 5.63 12.80
N DPR B 10 -2.83 5.25 14.11
CA DPR B 10 -3.86 5.19 15.20
CB DPR B 10 -3.35 4.00 16.04
CG DPR B 10 -1.86 3.87 15.73
CD DPR B 10 -1.71 4.38 14.32
C DPR B 10 -5.34 4.96 14.79
O DPR B 10 -5.73 3.97 14.12
HA DPR B 10 -3.91 6.10 15.77
HB2 DPR B 10 -3.37 4.12 17.14
HB3 DPR B 10 -3.84 3.04 15.78
HG2 DPR B 10 -1.23 4.24 16.57
HG3 DPR B 10 -1.48 2.82 15.69
HD2 DPR B 10 -0.79 4.97 14.16
HD3 DPR B 10 -1.89 3.47 13.71
N PRO B 11 -6.30 5.84 15.15
CA PRO B 11 -7.71 5.57 14.99
C PRO B 11 -8.20 5.70 13.56
N THR B 12 -7.40 6.46 12.72
CA THR B 12 -7.61 6.41 11.32
C THR B 12 -7.32 5.04 10.67
N LYS B 13 -8.23 4.50 9.86
CA LYS B 13 -7.86 3.46 8.97
C LYS B 13 -8.54 3.54 7.64
N VAL B 14 -7.77 3.31 6.56
CA VAL B 14 -8.32 3.24 5.22
C VAL B 14 -8.05 1.88 4.66
N LYS B 15 -9.07 1.40 3.92
CA LYS B 15 -8.88 0.21 3.06
C LYS B 15 -9.38 0.54 1.64
N VAL B 16 -8.52 0.12 0.67
CA VAL B 16 -8.71 0.51 -0.72
C VAL B 16 -8.77 -0.81 -1.55
N LYS B 17 -9.71 -1.02 -2.45
CA LYS B 17 -9.92 -2.26 -3.16
C LYS B 17 -9.88 -1.83 -4.63
N VAL B 18 -8.86 -2.39 -5.38
CA VAL B 18 -8.74 -2.05 -6.81
C VAL B 18 -9.04 -3.16 -7.76
N LYS B 19 -9.97 -2.98 -8.69
CA LYS B 19 -10.16 -4.07 -9.65
C LYS B 19 -10.24 -3.56 -11.10
N VAL B 20 -9.56 -4.21 -12.07
CA VAL B 20 -9.41 -3.67 -13.42
C VAL B 20 -10.58 -4.31 -14.22
N NH2 B 21 -10.51 -5.63 -14.37
HN1 NH2 B 21 -11.28 -6.06 -14.83
HN2 NH2 B 21 -9.61 -6.00 -14.14
N VAL C 1 -0.38 -17.69 -8.45
CA VAL C 1 0.56 -16.67 -7.92
C VAL C 1 -0.12 -15.58 -6.97
N LYS C 2 0.27 -15.49 -5.70
CA LYS C 2 -0.18 -14.44 -4.75
C LYS C 2 0.99 -13.84 -4.10
N VAL C 3 0.96 -12.49 -3.76
CA VAL C 3 2.00 -11.79 -3.08
C VAL C 3 1.36 -10.99 -1.99
N LYS C 4 1.76 -11.24 -0.72
CA LYS C 4 1.21 -10.48 0.42
C LYS C 4 2.34 -9.67 1.10
N VAL C 5 2.15 -8.35 1.38
CA VAL C 5 3.13 -7.52 2.03
C VAL C 5 2.59 -6.97 3.34
N LYS C 6 3.25 -7.23 4.48
CA LYS C 6 2.80 -6.67 5.69
C LYS C 6 4.08 -6.08 6.35
N VAL C 7 3.90 -4.84 6.74
CA VAL C 7 4.91 -4.00 7.20
C VAL C 7 4.28 -3.15 8.33
N LYS C 8 5.12 -2.97 9.40
CA LYS C 8 4.85 -2.10 10.57
C LYS C 8 6.08 -1.24 10.76
N VAL C 9 5.88 0.09 10.97
CA VAL C 9 6.97 1.10 11.18
C VAL C 9 6.32 2.27 11.94
N DPR C 10 7.01 2.97 12.82
CA DPR C 10 6.38 3.86 13.89
CB DPR C 10 7.45 3.83 14.98
CG DPR C 10 8.75 3.84 14.20
CD DPR C 10 8.48 2.89 13.06
C DPR C 10 4.99 3.55 14.37
O DPR C 10 4.70 2.39 14.72
HA DPR C 10 6.37 4.70 13.22
HB2 DPR C 10 7.45 4.71 15.66
HB3 DPR C 10 7.29 2.84 15.48
HG2 DPR C 10 8.98 4.90 13.95
HG3 DPR C 10 9.57 3.45 14.84
HD2 DPR C 10 9.08 3.13 12.16
HD3 DPR C 10 8.71 1.86 13.39
N PRO C 11 4.10 4.50 14.27
CA PRO C 11 2.66 4.12 14.42
C PRO C 11 2.03 4.18 13.05
N THR C 12 2.17 3.11 12.31
CA THR C 12 1.62 3.00 10.96
C THR C 12 1.80 1.55 10.57
N LYS C 13 0.65 0.89 10.21
CA LYS C 13 0.54 -0.47 9.70
C LYS C 13 0.03 -0.48 8.27
N VAL C 14 0.85 -0.89 7.26
CA VAL C 14 0.49 -0.93 5.89
C VAL C 14 0.50 -2.34 5.34
N LYS C 15 -0.54 -2.80 4.59
CA LYS C 15 -0.72 -4.17 4.20
C LYS C 15 -1.20 -4.11 2.75
N VAL C 16 -0.59 -4.98 1.91
CA VAL C 16 -1.04 -5.33 0.58
C VAL C 16 -1.27 -6.86 0.36
N LYS C 17 -2.39 -7.18 -0.39
CA LYS C 17 -2.36 -8.50 -1.09
C LYS C 17 -2.66 -8.35 -2.56
N VAL C 18 -1.93 -9.09 -3.37
CA VAL C 18 -2.08 -9.07 -4.76
C VAL C 18 -2.21 -10.55 -5.26
N LYS C 19 -3.25 -10.78 -6.05
CA LYS C 19 -3.50 -12.14 -6.63
C LYS C 19 -3.61 -12.00 -8.10
N VAL C 20 -2.90 -12.76 -8.89
CA VAL C 20 -2.56 -12.43 -10.24
C VAL C 20 -3.55 -13.02 -11.26
N NH2 C 21 -3.69 -14.39 -11.39
HN1 NH2 C 21 -4.47 -14.67 -11.94
HN2 NH2 C 21 -3.02 -15.09 -11.11
N VAL D 1 4.52 -24.11 -3.39
CA VAL D 1 5.79 -23.55 -2.83
C VAL D 1 5.45 -22.24 -2.28
N LYS D 2 5.97 -21.97 -1.02
CA LYS D 2 5.94 -20.66 -0.27
C LYS D 2 7.37 -20.21 -0.12
N VAL D 3 7.67 -19.07 -0.72
CA VAL D 3 8.87 -18.28 -0.45
C VAL D 3 8.45 -17.08 0.41
N LYS D 4 9.00 -16.94 1.68
CA LYS D 4 8.58 -15.98 2.63
C LYS D 4 9.85 -15.25 2.99
N VAL D 5 9.81 -13.89 2.98
CA VAL D 5 11.01 -13.01 3.25
C VAL D 5 10.65 -12.12 4.34
N LYS D 6 11.37 -12.19 5.49
CA LYS D 6 11.11 -11.44 6.74
C LYS D 6 12.37 -10.90 7.33
N VAL D 7 12.22 -9.87 8.19
CA VAL D 7 13.30 -9.06 8.71
C VAL D 7 12.69 -8.12 9.71
N LYS D 8 12.93 -8.37 11.02
CA LYS D 8 12.15 -7.70 12.03
C LYS D 8 13.24 -7.23 12.90
N VAL D 9 13.52 -5.87 13.09
CA VAL D 9 14.69 -5.34 13.82
C VAL D 9 14.02 -4.28 14.75
N DPR D 10 13.75 -4.53 16.01
CA DPR D 10 12.87 -3.74 16.83
CB DPR D 10 12.41 -4.64 17.98
CG DPR D 10 13.29 -5.82 17.98
CD DPR D 10 13.95 -5.84 16.63
C DPR D 10 11.71 -2.94 16.17
O DPR D 10 10.80 -3.58 15.74
HA DPR D 10 13.38 -2.91 17.30
HB2 DPR D 10 12.52 -4.16 18.97
HB3 DPR D 10 11.36 -4.94 17.75
HG2 DPR D 10 14.12 -5.76 18.71
HG3 DPR D 10 12.66 -6.71 18.18
HD2 DPR D 10 15.02 -6.09 16.77
HD3 DPR D 10 13.48 -6.54 15.91
N PRO D 11 11.71 -1.57 15.94
CA PRO D 11 10.59 -0.72 15.42
C PRO D 11 10.28 -0.98 13.96
N THR D 12 11.29 -1.56 13.16
CA THR D 12 11.09 -1.98 11.79
C THR D 12 10.69 -3.46 11.55
N LYS D 13 9.46 -3.83 11.10
CA LYS D 13 9.11 -5.21 11.05
C LYS D 13 8.42 -5.52 9.76
N VAL D 14 9.18 -6.25 8.91
CA VAL D 14 8.77 -6.57 7.61
C VAL D 14 8.50 -8.10 7.61
N LYS D 15 7.36 -8.54 7.05
CA LYS D 15 7.25 -9.83 6.38
C LYS D 15 6.52 -9.75 5.05
N VAL D 16 7.13 -10.29 4.03
CA VAL D 16 6.57 -10.33 2.64
C VAL D 16 6.60 -11.81 2.21
N LYS D 17 5.40 -12.37 1.89
CA LYS D 17 5.29 -13.72 1.59
C LYS D 17 4.54 -13.95 0.26
N VAL D 18 5.13 -14.88 -0.64
CA VAL D 18 4.63 -15.15 -1.97
C VAL D 18 4.20 -16.60 -2.05
N LYS D 19 3.08 -16.89 -2.62
CA LYS D 19 2.67 -18.24 -2.89
C LYS D 19 2.83 -18.52 -4.36
N VAL D 20 3.49 -19.71 -4.67
CA VAL D 20 3.61 -20.17 -6.02
C VAL D 20 3.20 -21.69 -6.13
N NH2 D 21 2.45 -22.06 -7.27
HN1 NH2 D 21 2.19 -23.01 -7.39
HN2 NH2 D 21 2.34 -21.35 -7.97
N VAL E 1 -6.64 16.23 10.32
CA VAL E 1 -6.54 15.02 9.46
C VAL E 1 -7.23 14.82 8.19
N LYS E 2 -6.46 14.53 7.13
CA LYS E 2 -6.91 14.67 5.74
C LYS E 2 -6.61 13.41 5.01
N VAL E 3 -7.52 12.85 4.29
CA VAL E 3 -7.33 11.52 3.51
C VAL E 3 -7.65 11.55 2.06
N LYS E 4 -6.84 10.98 1.15
CA LYS E 4 -7.01 11.40 -0.28
C LYS E 4 -6.66 10.29 -1.15
N VAL E 5 -7.48 10.08 -2.21
CA VAL E 5 -7.30 9.14 -3.21
C VAL E 5 -7.43 9.72 -4.71
N LYS E 6 -6.44 9.53 -5.58
CA LYS E 6 -6.53 9.83 -7.00
C LYS E 6 -6.42 8.61 -7.80
N VAL E 7 -7.30 8.29 -8.80
CA VAL E 7 -7.32 7.14 -9.66
C VAL E 7 -7.49 7.64 -11.08
N LYS E 8 -6.56 7.18 -11.98
CA LYS E 8 -6.44 7.67 -13.34
C LYS E 8 -6.52 6.40 -14.27
N VAL E 9 -7.49 6.37 -15.18
CA VAL E 9 -7.48 5.42 -16.21
C VAL E 9 -7.36 6.13 -17.51
N DPR E 10 -6.35 6.18 -18.36
CA DPR E 10 -6.20 7.08 -19.51
CB DPR E 10 -4.73 7.07 -19.87
CG DPR E 10 -4.18 5.76 -19.28
CD DPR E 10 -5.08 5.49 -18.09
C DPR E 10 -6.80 8.46 -19.37
O DPR E 10 -6.14 9.24 -18.66
HA DPR E 10 -6.64 6.61 -20.37
HB2 DPR E 10 -4.62 7.37 -20.94
HB3 DPR E 10 -4.23 7.92 -19.38
HG2 DPR E 10 -4.37 5.03 -20.09
HG3 DPR E 10 -3.10 5.74 -19.01
HD2 DPR E 10 -5.12 4.38 -17.94
HD3 DPR E 10 -4.58 5.84 -17.17
N PRO E 11 -7.96 8.82 -20.06
CA PRO E 11 -8.40 10.20 -20.11
C PRO E 11 -9.34 10.48 -18.97
N THR E 12 -9.74 9.44 -18.19
CA THR E 12 -10.67 9.50 -17.11
C THR E 12 -9.86 9.57 -15.80
N LYS E 13 -9.91 10.76 -15.12
CA LYS E 13 -9.05 11.12 -14.05
C LYS E 13 -9.93 11.61 -12.90
N VAL E 14 -9.78 10.92 -11.73
CA VAL E 14 -10.74 11.02 -10.65
C VAL E 14 -10.06 11.25 -9.31
N LYS E 15 -10.50 12.21 -8.44
CA LYS E 15 -9.84 12.50 -7.14
C LYS E 15 -10.86 12.71 -6.01
N VAL E 16 -10.57 12.19 -4.83
CA VAL E 16 -11.47 12.19 -3.64
C VAL E 16 -10.69 12.72 -2.44
N LYS E 17 -11.32 13.72 -1.74
CA LYS E 17 -10.70 14.37 -0.59
C LYS E 17 -11.56 14.38 0.63
N VAL E 18 -11.04 13.75 1.76
CA VAL E 18 -11.89 13.53 2.97
C VAL E 18 -11.20 14.25 4.03
N LYS E 19 -11.87 15.02 4.93
CA LYS E 19 -11.15 15.49 6.06
C LYS E 19 -11.95 15.49 7.40
N VAL E 20 -11.22 15.43 8.55
CA VAL E 20 -11.86 15.40 9.86
C VAL E 20 -12.14 16.88 10.31
N NH2 E 21 -13.48 17.15 10.58
HN1 NH2 E 21 -13.74 18.04 10.98
HN2 NH2 E 21 -14.11 16.38 10.55
N VAL F 1 2.63 12.21 10.88
CA VAL F 1 2.59 10.93 10.01
C VAL F 1 1.97 11.17 8.68
N LYS F 2 2.75 10.98 7.60
CA LYS F 2 2.39 11.14 6.24
C LYS F 2 2.69 9.90 5.37
N VAL F 3 1.64 9.31 4.70
CA VAL F 3 1.72 8.01 4.11
C VAL F 3 1.32 8.14 2.62
N LYS F 4 2.24 7.77 1.71
CA LYS F 4 1.89 7.84 0.29
C LYS F 4 2.16 6.47 -0.21
N VAL F 5 1.10 5.79 -0.74
CA VAL F 5 1.06 4.42 -1.20
C VAL F 5 0.66 4.52 -2.59
N LYS F 6 1.25 3.85 -3.49
CA LYS F 6 1.00 4.14 -4.90
C LYS F 6 1.01 2.75 -5.66
N VAL F 7 0.13 2.50 -6.59
CA VAL F 7 0.18 1.28 -7.40
C VAL F 7 -0.20 1.67 -8.86
N LYS F 8 0.25 0.76 -9.73
CA LYS F 8 0.04 0.72 -11.14
C LYS F 8 -0.46 -0.63 -11.49
N VAL F 9 -1.74 -0.86 -11.86
CA VAL F 9 -2.33 -2.13 -12.16
C VAL F 9 -2.91 -2.20 -13.60
N DPR F 10 -2.56 -3.07 -14.50
CA DPR F 10 -2.84 -2.80 -15.95
CB DPR F 10 -1.75 -3.57 -16.70
CG DPR F 10 -1.41 -4.75 -15.70
CD DPR F 10 -1.64 -4.19 -14.34
C DPR F 10 -2.91 -1.35 -16.48
O DPR F 10 -1.83 -0.72 -16.27
HA DPR F 10 -3.81 -3.24 -16.09
HB2 DPR F 10 -1.97 -3.73 -17.78
HB3 DPR F 10 -0.81 -3.00 -16.69
HG2 DPR F 10 -2.10 -5.60 -15.85
HG3 DPR F 10 -0.34 -5.04 -15.86
HD2 DPR F 10 -2.19 -5.01 -13.83
HD3 DPR F 10 -0.72 -3.77 -13.88
N PRO F 11 -3.98 -0.66 -16.88
CA PRO F 11 -3.93 0.74 -17.23
C PRO F 11 -4.55 1.60 -16.13
N THR F 12 -4.64 1.06 -14.93
CA THR F 12 -5.24 1.81 -13.87
C THR F 12 -4.21 2.18 -12.88
N LYS F 13 -4.07 3.48 -12.63
CA LYS F 13 -3.13 4.08 -11.71
C LYS F 13 -3.80 4.65 -10.46
N VAL F 14 -3.28 4.19 -9.26
CA VAL F 14 -3.93 4.68 -8.09
C VAL F 14 -2.94 5.33 -7.17
N LYS F 15 -3.28 6.51 -6.63
CA LYS F 15 -2.47 7.28 -5.68
C LYS F 15 -3.24 7.55 -4.40
N VAL F 16 -2.67 7.14 -3.27
CA VAL F 16 -3.30 7.25 -2.01
C VAL F 16 -2.37 8.19 -1.22
N LYS F 17 -2.83 9.28 -0.66
CA LYS F 17 -2.25 10.17 0.38
C LYS F 17 -3.01 10.14 1.73
N VAL F 18 -2.34 9.80 2.88
CA VAL F 18 -2.94 9.79 4.17
C VAL F 18 -2.12 10.85 4.93
N LYS F 19 -2.77 11.98 5.39
CA LYS F 19 -2.01 13.05 6.07
C LYS F 19 -2.53 13.20 7.50
N VAL F 20 -1.75 12.92 8.52
CA VAL F 20 -2.29 12.85 9.86
C VAL F 20 -1.10 13.51 10.63
N NH2 F 21 -1.35 14.75 10.99
HN1 NH2 F 21 -0.69 15.18 11.60
HN2 NH2 F 21 -2.27 15.15 10.97
N VAL G 1 12.12 9.94 10.52
CA VAL G 1 12.40 8.71 9.77
C VAL G 1 11.69 8.73 8.42
N LYS G 2 12.17 7.96 7.38
CA LYS G 2 11.42 7.66 6.18
C LYS G 2 11.63 6.23 5.89
N VAL G 3 10.50 5.60 5.39
CA VAL G 3 10.45 4.21 5.04
C VAL G 3 10.08 4.18 3.61
N LYS G 4 10.80 3.39 2.71
CA LYS G 4 10.50 2.99 1.36
C LYS G 4 10.45 1.50 1.15
N VAL G 5 9.30 0.97 0.62
CA VAL G 5 9.15 -0.42 0.29
C VAL G 5 8.59 -0.56 -1.14
N LYS G 6 9.16 -1.25 -2.06
CA LYS G 6 8.59 -1.43 -3.37
C LYS G 6 8.67 -2.91 -3.78
N VAL G 7 7.61 -3.42 -4.51
CA VAL G 7 7.56 -4.75 -5.01
C VAL G 7 6.87 -4.81 -6.43
N LYS G 8 7.47 -5.68 -7.25
CA LYS G 8 7.03 -6.06 -8.61
C LYS G 8 6.25 -7.43 -8.44
N VAL G 9 4.92 -7.46 -8.67
CA VAL G 9 4.08 -8.60 -8.61
C VAL G 9 3.61 -8.79 -10.11
N DPR G 10 4.18 -9.68 -10.93
CA DPR G 10 4.13 -9.60 -12.38
CB DPR G 10 5.20 -10.52 -12.83
CG DPR G 10 5.08 -11.58 -11.76
CD DPR G 10 4.95 -10.80 -10.49
C DPR G 10 4.05 -8.25 -13.00
O DPR G 10 5.00 -7.54 -12.72
HA DPR G 10 3.24 -10.16 -12.62
HB2 DPR G 10 4.94 -10.89 -13.83
HB3 DPR G 10 6.22 -10.06 -12.81
HG2 DPR G 10 4.20 -12.24 -11.84
HG3 DPR G 10 5.96 -12.23 -11.64
HD2 DPR G 10 4.43 -11.29 -9.64
HD3 DPR G 10 5.90 -10.46 -10.03
N PRO G 11 3.12 -7.78 -13.76
CA PRO G 11 3.12 -6.49 -14.44
C PRO G 11 2.47 -5.43 -13.54
N THR G 12 2.28 -5.70 -12.20
CA THR G 12 1.69 -4.76 -11.29
C THR G 12 2.82 -4.33 -10.36
N LYS G 13 3.05 -3.03 -10.24
CA LYS G 13 4.04 -2.47 -9.33
C LYS G 13 3.38 -1.76 -8.22
N VAL G 14 3.85 -1.94 -7.00
CA VAL G 14 3.31 -1.29 -5.74
C VAL G 14 4.41 -0.56 -5.01
N LYS G 15 4.29 0.67 -4.49
CA LYS G 15 5.28 1.46 -3.77
C LYS G 15 4.63 2.08 -2.55
N VAL G 16 5.21 1.86 -1.30
CA VAL G 16 4.73 2.28 0.02
C VAL G 16 5.83 3.18 0.62
N LYS G 17 5.45 4.51 0.93
CA LYS G 17 6.44 5.38 1.51
C LYS G 17 5.94 6.01 2.77
N VAL G 18 6.60 6.01 3.95
CA VAL G 18 6.10 6.43 5.22
C VAL G 18 7.06 7.36 5.85
N LYS G 19 6.52 8.54 6.25
CA LYS G 19 7.23 9.43 7.18
C LYS G 19 6.41 9.57 8.50
N VAL G 20 7.04 9.22 9.59
CA VAL G 20 6.45 9.08 10.96
C VAL G 20 7.04 10.20 11.88
N NH2 G 21 6.67 11.47 11.58
HN1 NH2 G 21 6.89 12.16 12.26
HN2 NH2 G 21 6.19 11.60 10.71
N VAL H 1 20.70 3.66 13.02
CA VAL H 1 19.49 2.86 12.63
C VAL H 1 19.43 2.68 11.10
N LYS H 2 19.40 1.42 10.54
CA LYS H 2 18.91 1.27 9.17
C LYS H 2 18.48 -0.13 8.98
N VAL H 3 17.61 -0.33 8.01
CA VAL H 3 17.39 -1.65 7.55
C VAL H 3 17.30 -1.42 6.06
N LYS H 4 18.36 -1.90 5.41
CA LYS H 4 18.49 -1.87 3.93
C LYS H 4 18.43 -3.29 3.46
N VAL H 5 17.37 -3.75 2.72
CA VAL H 5 17.24 -5.08 2.23
C VAL H 5 16.78 -5.03 0.77
N LYS H 6 17.58 -5.59 -0.10
CA LYS H 6 17.21 -5.83 -1.48
C LYS H 6 17.17 -7.33 -1.67
N VAL H 7 15.95 -7.80 -2.05
CA VAL H 7 15.71 -9.18 -2.35
C VAL H 7 14.90 -9.47 -3.64
N LYS H 8 15.10 -10.69 -4.14
CA LYS H 8 14.35 -11.44 -5.14
C LYS H 8 14.05 -12.84 -4.63
N VAL H 9 12.73 -13.25 -4.79
CA VAL H 9 12.32 -14.63 -4.59
C VAL H 9 11.28 -15.05 -5.55
N DPR H 10 11.33 -16.31 -6.13
CA DPR H 10 10.62 -16.70 -7.37
CB DPR H 10 11.40 -17.93 -7.90
CG DPR H 10 12.12 -18.45 -6.69
CD DPR H 10 12.46 -17.24 -5.90
C DPR H 10 10.44 -15.54 -8.34
O DPR H 10 11.45 -14.87 -8.65
HA DPR H 10 9.64 -17.07 -7.11
HB2 DPR H 10 10.72 -18.72 -8.30
HB3 DPR H 10 12.20 -17.58 -8.59
HG2 DPR H 10 11.36 -19.08 -6.17
HG3 DPR H 10 12.91 -19.19 -6.92
HD2 DPR H 10 12.63 -17.42 -4.81
HD3 DPR H 10 13.41 -16.76 -6.21
N PRO H 11 9.24 -15.17 -8.72
CA PRO H 11 9.07 -14.13 -9.76
C PRO H 11 8.73 -12.79 -9.12
N THR H 12 9.31 -12.49 -7.94
CA THR H 12 8.95 -11.27 -7.25
C THR H 12 10.14 -10.64 -6.83
N LYS H 13 10.22 -9.30 -6.95
CA LYS H 13 11.43 -8.54 -6.67
C LYS H 13 11.10 -7.34 -5.72
N VAL H 14 11.74 -7.32 -4.50
CA VAL H 14 11.26 -6.58 -3.37
C VAL H 14 12.42 -5.77 -2.75
N LYS H 15 12.38 -4.44 -2.72
CA LYS H 15 13.40 -3.66 -2.08
C LYS H 15 12.86 -2.85 -0.84
N VAL H 16 13.57 -2.72 0.26
CA VAL H 16 13.22 -2.05 1.52
C VAL H 16 14.32 -1.12 1.86
N LYS H 17 13.98 0.16 2.13
CA LYS H 17 14.98 1.10 2.53
C LYS H 17 14.38 1.82 3.67
N VAL H 18 15.01 1.73 4.83
CA VAL H 18 14.63 2.51 6.03
C VAL H 18 15.83 3.35 6.43
N LYS H 19 15.61 4.75 6.49
CA LYS H 19 16.56 5.74 6.65
C LYS H 19 16.14 6.68 7.75
N VAL H 20 17.04 6.89 8.72
CA VAL H 20 16.99 7.97 9.65
C VAL H 20 18.19 8.86 9.29
N NH2 H 21 19.43 8.50 9.79
HN1 NH2 H 21 20.16 9.04 9.39
HN2 NH2 H 21 19.53 7.57 10.12
#